data_3ZHA
#
_entry.id   3ZHA
#
_cell.length_a   102.709
_cell.length_b   104.905
_cell.length_c   171.840
_cell.angle_alpha   90.00
_cell.angle_beta   103.71
_cell.angle_gamma   90.00
#
_symmetry.space_group_name_H-M   'P 1 2 1'
#
loop_
_entity.id
_entity.type
_entity.pdbx_description
1 polymer HSP47
2 polymer 'COLLAGEN MODEL PEPTIDE 18-T8R11'
3 non-polymer 'SUCCINIC ACID'
4 water water
#
loop_
_entity_poly.entity_id
_entity_poly.type
_entity_poly.pdbx_seq_one_letter_code
_entity_poly.pdbx_strand_id
1 'polypeptide(L)'
;MLSPKAATLAERSAGLAFSLYQAMAKDQAVENILLSPVVVASSLGLVSLGGKATTASQAKAVLSAEQLRDEEVHAGLGEL
LRSLSNSTARNVTWKLGSRLYGPSSVSFAEDFVRSSKQHYNCEHSKINFRDKRSALQSINEWAAQTTDGKLPEVTKDVER
TDGALLVNAMFFKPHWDEKFHHKMVDNRGFMVTRSYTVGVTMMHRTGLYNYYDDEKEKLQIVEMPLAHKLSSLIILMPHH
VEPLERLEKLLTKEQLKIWMGKMQKKAVAISLPKGVVEVTHDLQKHLAGLGLTEAIDKNKADLSRMSGKKDLYLASVFHA
TAFEWDTEGNPFDQDIYGREELRSPKLFYADHPFIFLVRDTQSGSLLFIGRLVRPKGDKMRDELLEHHHHHH
;
A,B,C,D,K,L,P,Q
2 'polypeptide(L)' (ACE)PPGPPGPTGPRGPPGPP(NH2) E,F,G,H,I,J,M,N,O,R,S,T
#
loop_
_chem_comp.id
_chem_comp.type
_chem_comp.name
_chem_comp.formula
ACE non-polymer 'ACETYL GROUP' 'C2 H4 O'
NH2 non-polymer 'AMINO GROUP' 'H2 N'
SIN non-polymer 'SUCCINIC ACID' 'C4 H6 O4'
#
# COMPACT_ATOMS: atom_id res chain seq x y z
N MET A 1 90.85 22.16 -24.29
CA MET A 1 91.07 21.82 -22.88
C MET A 1 91.02 23.07 -22.01
N LEU A 2 90.23 22.98 -20.91
CA LEU A 2 89.97 24.08 -19.98
C LEU A 2 91.17 24.51 -19.15
N SER A 3 91.41 25.83 -19.13
CA SER A 3 92.44 26.49 -18.34
C SER A 3 91.97 26.56 -16.87
N PRO A 4 92.85 26.75 -15.86
CA PRO A 4 92.37 26.81 -14.45
C PRO A 4 91.34 27.89 -14.15
N LYS A 5 91.43 29.05 -14.84
CA LYS A 5 90.51 30.17 -14.69
C LYS A 5 89.12 29.86 -15.27
N ALA A 6 89.09 29.23 -16.47
CA ALA A 6 87.86 28.79 -17.13
C ALA A 6 87.18 27.70 -16.31
N ALA A 7 87.98 26.78 -15.74
CA ALA A 7 87.53 25.69 -14.88
C ALA A 7 86.85 26.25 -13.60
N THR A 8 87.42 27.35 -13.03
CA THR A 8 86.91 28.07 -11.85
C THR A 8 85.55 28.71 -12.18
N LEU A 9 85.46 29.39 -13.33
CA LEU A 9 84.23 30.06 -13.80
C LEU A 9 83.13 29.08 -14.17
N ALA A 10 83.51 27.83 -14.53
CA ALA A 10 82.57 26.77 -14.83
C ALA A 10 81.85 26.41 -13.54
N GLU A 11 82.57 26.46 -12.40
CA GLU A 11 82.04 26.17 -11.06
C GLU A 11 81.03 27.25 -10.65
N ARG A 12 81.42 28.54 -10.82
CA ARG A 12 80.64 29.72 -10.49
C ARG A 12 79.35 29.83 -11.31
N SER A 13 79.41 29.46 -12.61
CA SER A 13 78.27 29.45 -13.54
C SER A 13 77.25 28.38 -13.16
N ALA A 14 77.73 27.17 -12.75
CA ALA A 14 76.90 26.05 -12.31
C ALA A 14 76.18 26.40 -10.98
N GLY A 15 76.92 27.04 -10.06
CA GLY A 15 76.39 27.52 -8.78
C GLY A 15 75.26 28.51 -9.00
N LEU A 16 75.46 29.43 -9.95
CA LEU A 16 74.51 30.45 -10.37
C LEU A 16 73.30 29.81 -11.07
N ALA A 17 73.53 28.73 -11.82
CA ALA A 17 72.46 28.00 -12.50
C ALA A 17 71.48 27.44 -11.47
N PHE A 18 71.97 26.76 -10.41
CA PHE A 18 71.13 26.23 -9.35
C PHE A 18 70.37 27.36 -8.67
N SER A 19 71.06 28.49 -8.45
CA SER A 19 70.54 29.70 -7.82
C SER A 19 69.42 30.32 -8.64
N LEU A 20 69.65 30.45 -9.94
CA LEU A 20 68.69 31.03 -10.86
C LEU A 20 67.52 30.08 -11.09
N TYR A 21 67.80 28.77 -11.27
CA TYR A 21 66.76 27.77 -11.47
C TYR A 21 65.77 27.82 -10.30
N GLN A 22 66.29 27.84 -9.06
CA GLN A 22 65.49 27.87 -7.83
C GLN A 22 64.61 29.10 -7.70
N ALA A 23 65.15 30.29 -8.05
CA ALA A 23 64.43 31.56 -8.01
C ALA A 23 63.25 31.54 -8.98
N MET A 24 63.51 31.10 -10.22
CA MET A 24 62.50 30.99 -11.28
C MET A 24 61.45 29.93 -10.97
N ALA A 25 61.87 28.80 -10.37
CA ALA A 25 60.98 27.70 -10.00
C ALA A 25 59.96 28.12 -8.90
N LYS A 26 60.35 29.13 -8.08
CA LYS A 26 59.52 29.71 -7.03
C LYS A 26 58.45 30.66 -7.64
N ASP A 27 58.76 31.26 -8.82
CA ASP A 27 57.87 32.17 -9.53
C ASP A 27 56.75 31.35 -10.20
N GLN A 28 55.52 31.53 -9.71
CA GLN A 28 54.31 30.84 -10.16
C GLN A 28 53.92 31.08 -11.62
N ALA A 29 54.42 32.18 -12.23
CA ALA A 29 54.17 32.52 -13.63
C ALA A 29 55.03 31.70 -14.60
N VAL A 30 56.13 31.11 -14.09
CA VAL A 30 57.08 30.28 -14.85
C VAL A 30 56.58 28.81 -14.96
N GLU A 31 56.47 28.30 -16.20
CA GLU A 31 56.10 26.90 -16.43
C GLU A 31 57.38 26.15 -16.74
N ASN A 32 57.80 26.09 -18.01
CA ASN A 32 59.03 25.42 -18.39
C ASN A 32 60.24 26.30 -18.13
N ILE A 33 61.37 25.68 -17.81
CA ILE A 33 62.64 26.34 -17.52
C ILE A 33 63.71 25.78 -18.44
N LEU A 34 64.50 26.66 -19.03
CA LEU A 34 65.60 26.30 -19.91
C LEU A 34 66.70 27.33 -19.71
N LEU A 35 67.77 26.93 -19.00
CA LEU A 35 68.89 27.81 -18.70
C LEU A 35 70.22 27.23 -19.10
N SER A 36 71.04 28.07 -19.73
CA SER A 36 72.42 27.74 -20.09
C SER A 36 73.33 28.53 -19.15
N PRO A 37 73.89 27.83 -18.13
CA PRO A 37 74.73 28.52 -17.12
C PRO A 37 75.80 29.45 -17.68
N VAL A 38 76.56 29.01 -18.70
CA VAL A 38 77.62 29.80 -19.33
C VAL A 38 77.05 31.07 -19.97
N VAL A 39 75.93 30.93 -20.69
CA VAL A 39 75.24 32.02 -21.36
C VAL A 39 74.71 33.03 -20.31
N VAL A 40 74.15 32.52 -19.20
CA VAL A 40 73.63 33.36 -18.12
C VAL A 40 74.79 34.15 -17.49
N ALA A 41 75.90 33.45 -17.21
CA ALA A 41 77.12 34.02 -16.65
C ALA A 41 77.69 35.11 -17.57
N SER A 42 77.70 34.86 -18.91
CA SER A 42 78.22 35.77 -19.96
C SER A 42 77.48 37.08 -19.95
N SER A 43 76.17 37.04 -19.68
CA SER A 43 75.34 38.24 -19.57
C SER A 43 75.85 39.16 -18.46
N LEU A 44 76.23 38.57 -17.30
CA LEU A 44 76.78 39.33 -16.17
C LEU A 44 78.14 39.89 -16.55
N GLY A 45 78.90 39.10 -17.32
CA GLY A 45 80.20 39.51 -17.86
C GLY A 45 80.08 40.78 -18.68
N LEU A 46 79.05 40.84 -19.54
CA LEU A 46 78.73 41.97 -20.38
C LEU A 46 78.37 43.21 -19.58
N VAL A 47 77.70 43.01 -18.41
CA VAL A 47 77.32 44.09 -17.48
C VAL A 47 78.60 44.57 -16.79
N SER A 48 79.49 43.63 -16.41
CA SER A 48 80.78 43.88 -15.76
C SER A 48 81.77 44.55 -16.74
N LEU A 49 81.61 44.28 -18.05
CA LEU A 49 82.42 44.84 -19.13
C LEU A 49 81.96 46.25 -19.50
N GLY A 50 80.64 46.46 -19.54
CA GLY A 50 80.03 47.73 -19.93
C GLY A 50 79.71 48.70 -18.81
N GLY A 51 79.77 48.22 -17.56
CA GLY A 51 79.45 49.03 -16.39
C GLY A 51 80.63 49.47 -15.56
N LYS A 52 80.39 50.46 -14.71
CA LYS A 52 81.36 51.00 -13.78
C LYS A 52 80.85 50.86 -12.33
N ALA A 53 81.78 50.96 -11.36
CA ALA A 53 81.53 50.94 -9.92
C ALA A 53 80.59 49.83 -9.43
N THR A 54 79.47 50.22 -8.78
CA THR A 54 78.46 49.33 -8.20
C THR A 54 77.65 48.52 -9.21
N THR A 55 77.45 49.06 -10.43
CA THR A 55 76.73 48.34 -11.49
C THR A 55 77.55 47.09 -11.89
N ALA A 56 78.88 47.28 -12.10
CA ALA A 56 79.83 46.24 -12.48
C ALA A 56 80.13 45.25 -11.35
N SER A 57 80.38 45.77 -10.12
CA SER A 57 80.70 44.94 -8.95
C SER A 57 79.55 44.02 -8.55
N GLN A 58 78.29 44.50 -8.68
CA GLN A 58 77.08 43.71 -8.40
C GLN A 58 77.02 42.49 -9.32
N ALA A 59 77.32 42.68 -10.64
CA ALA A 59 77.36 41.62 -11.68
C ALA A 59 78.38 40.52 -11.32
N LYS A 60 79.57 40.95 -10.82
CA LYS A 60 80.66 40.08 -10.37
C LYS A 60 80.23 39.29 -9.11
N ALA A 61 79.50 39.96 -8.19
CA ALA A 61 78.98 39.38 -6.96
C ALA A 61 77.90 38.32 -7.22
N VAL A 62 76.98 38.59 -8.19
CA VAL A 62 75.91 37.66 -8.57
C VAL A 62 76.55 36.36 -9.13
N LEU A 63 77.65 36.54 -9.88
CA LEU A 63 78.46 35.49 -10.47
C LEU A 63 79.31 34.78 -9.42
N SER A 64 79.46 35.40 -8.21
CA SER A 64 80.27 34.92 -7.10
C SER A 64 81.78 34.94 -7.43
N ALA A 65 82.17 35.76 -8.44
CA ALA A 65 83.54 35.95 -8.90
C ALA A 65 84.18 37.23 -8.32
N GLU A 66 83.84 37.54 -7.05
CA GLU A 66 84.32 38.72 -6.31
C GLU A 66 85.84 38.72 -6.18
N GLN A 67 86.41 37.55 -5.82
CA GLN A 67 87.85 37.37 -5.63
C GLN A 67 88.63 37.39 -6.95
N LEU A 68 87.98 36.92 -8.04
CA LEU A 68 88.51 36.92 -9.40
C LEU A 68 88.61 38.35 -9.94
N ARG A 69 89.60 38.60 -10.80
CA ARG A 69 89.78 39.91 -11.44
C ARG A 69 89.02 39.96 -12.76
N ASP A 70 88.65 41.18 -13.21
CA ASP A 70 87.87 41.43 -14.44
C ASP A 70 88.41 40.65 -15.65
N GLU A 71 89.76 40.68 -15.87
CA GLU A 71 90.49 39.99 -16.95
C GLU A 71 90.22 38.51 -17.00
N GLU A 72 90.36 37.79 -15.86
CA GLU A 72 90.14 36.35 -15.79
C GLU A 72 88.66 35.97 -15.96
N VAL A 73 87.74 36.87 -15.55
CA VAL A 73 86.29 36.68 -15.69
C VAL A 73 85.92 36.72 -17.19
N HIS A 74 86.34 37.78 -17.91
CA HIS A 74 86.01 37.92 -19.34
C HIS A 74 86.69 36.86 -20.21
N ALA A 75 88.01 36.63 -19.98
CA ALA A 75 88.79 35.64 -20.72
C ALA A 75 88.34 34.21 -20.41
N GLY A 76 87.99 33.96 -19.15
CA GLY A 76 87.51 32.66 -18.68
C GLY A 76 86.13 32.30 -19.20
N LEU A 77 85.21 33.29 -19.19
CA LEU A 77 83.85 33.07 -19.71
C LEU A 77 83.89 32.90 -21.22
N GLY A 78 84.78 33.67 -21.86
CA GLY A 78 85.00 33.63 -23.29
C GLY A 78 85.50 32.29 -23.77
N GLU A 79 86.42 31.67 -22.98
CA GLU A 79 87.00 30.36 -23.22
C GLU A 79 85.91 29.27 -23.08
N LEU A 80 85.05 29.41 -22.05
CA LEU A 80 83.94 28.49 -21.76
C LEU A 80 82.94 28.47 -22.90
N LEU A 81 82.54 29.67 -23.39
CA LEU A 81 81.61 29.83 -24.51
C LEU A 81 82.17 29.16 -25.77
N ARG A 82 83.46 29.39 -26.06
CA ARG A 82 84.16 28.83 -27.22
C ARG A 82 84.26 27.31 -27.13
N SER A 83 84.45 26.77 -25.91
CA SER A 83 84.55 25.32 -25.64
C SER A 83 83.29 24.55 -26.05
N LEU A 84 82.10 25.17 -25.98
CA LEU A 84 80.88 24.46 -26.41
C LEU A 84 80.63 24.51 -27.94
N SER A 85 81.59 25.05 -28.70
CA SER A 85 81.51 25.13 -30.14
C SER A 85 82.75 24.49 -30.79
N VAL A 92 76.85 16.86 -30.13
CA VAL A 92 75.58 17.57 -29.82
C VAL A 92 75.46 18.91 -30.57
N THR A 93 74.40 19.09 -31.39
CA THR A 93 74.18 20.35 -32.15
C THR A 93 73.71 21.49 -31.29
N TRP A 94 74.46 22.59 -31.37
CA TRP A 94 74.34 23.78 -30.54
C TRP A 94 74.58 25.06 -31.34
N LYS A 95 73.62 25.98 -31.29
CA LYS A 95 73.69 27.26 -31.97
C LYS A 95 73.45 28.35 -30.93
N LEU A 96 74.31 29.37 -30.92
CA LEU A 96 74.17 30.48 -29.98
C LEU A 96 74.45 31.82 -30.62
N GLY A 97 73.62 32.80 -30.26
CA GLY A 97 73.75 34.18 -30.70
C GLY A 97 73.50 35.12 -29.55
N SER A 98 74.30 36.20 -29.48
CA SER A 98 74.21 37.25 -28.46
C SER A 98 74.19 38.61 -29.13
N ARG A 99 73.14 39.37 -28.87
CA ARG A 99 72.98 40.69 -29.46
C ARG A 99 72.48 41.71 -28.45
N LEU A 100 73.15 42.88 -28.42
CA LEU A 100 72.80 44.00 -27.57
C LEU A 100 72.03 45.01 -28.42
N TYR A 101 70.78 45.25 -28.03
CA TYR A 101 69.90 46.20 -28.70
C TYR A 101 69.77 47.45 -27.83
N GLY A 102 70.16 48.59 -28.39
CA GLY A 102 70.06 49.87 -27.72
C GLY A 102 69.19 50.82 -28.51
N PRO A 103 68.70 51.93 -27.89
CA PRO A 103 67.87 52.89 -28.64
C PRO A 103 68.62 53.50 -29.81
N SER A 104 67.88 53.95 -30.85
CA SER A 104 68.44 54.55 -32.07
C SER A 104 69.40 55.71 -31.80
N SER A 105 69.07 56.51 -30.75
CA SER A 105 69.83 57.68 -30.29
C SER A 105 71.25 57.34 -29.81
N VAL A 106 71.39 56.25 -29.04
CA VAL A 106 72.66 55.82 -28.47
C VAL A 106 73.65 55.22 -29.49
N SER A 107 74.94 55.46 -29.25
CA SER A 107 76.06 54.94 -30.03
C SER A 107 76.97 54.22 -29.04
N PHE A 108 77.18 52.91 -29.24
CA PHE A 108 78.01 52.08 -28.36
C PHE A 108 79.47 52.49 -28.43
N ALA A 109 80.20 52.40 -27.30
CA ALA A 109 81.62 52.74 -27.21
C ALA A 109 82.44 51.73 -28.01
N GLU A 110 83.35 52.25 -28.86
CA GLU A 110 84.24 51.48 -29.74
C GLU A 110 85.06 50.40 -29.05
N ASP A 111 85.56 50.71 -27.84
CA ASP A 111 86.35 49.80 -27.01
C ASP A 111 85.48 48.65 -26.48
N PHE A 112 84.23 48.96 -26.06
CA PHE A 112 83.27 47.98 -25.55
C PHE A 112 82.88 47.02 -26.68
N VAL A 113 82.60 47.56 -27.88
CA VAL A 113 82.24 46.80 -29.08
C VAL A 113 83.34 45.79 -29.40
N ARG A 114 84.62 46.21 -29.31
CA ARG A 114 85.80 45.37 -29.54
C ARG A 114 85.88 44.19 -28.51
N SER A 115 85.74 44.51 -27.21
CA SER A 115 85.83 43.55 -26.10
C SER A 115 84.66 42.57 -26.01
N SER A 116 83.42 43.06 -26.18
CA SER A 116 82.20 42.23 -26.12
C SER A 116 82.13 41.26 -27.30
N LYS A 117 82.70 41.64 -28.46
CA LYS A 117 82.78 40.78 -29.63
C LYS A 117 83.92 39.74 -29.46
N GLN A 118 85.03 40.17 -28.80
CA GLN A 118 86.22 39.36 -28.53
C GLN A 118 85.93 38.23 -27.56
N HIS A 119 85.38 38.56 -26.37
CA HIS A 119 85.09 37.58 -25.32
C HIS A 119 83.72 36.94 -25.40
N TYR A 120 82.69 37.71 -25.72
CA TYR A 120 81.32 37.20 -25.71
C TYR A 120 80.65 36.98 -27.05
N ASN A 121 81.35 37.28 -28.17
CA ASN A 121 80.83 37.19 -29.54
C ASN A 121 79.49 37.94 -29.62
N CYS A 122 79.45 39.10 -28.96
CA CYS A 122 78.30 39.96 -28.86
C CYS A 122 78.18 40.87 -30.06
N GLU A 123 76.99 40.89 -30.62
CA GLU A 123 76.62 41.71 -31.77
C GLU A 123 75.96 42.97 -31.23
N HIS A 124 76.04 44.06 -31.97
CA HIS A 124 75.47 45.32 -31.51
C HIS A 124 74.51 45.88 -32.53
N SER A 125 73.33 46.29 -32.08
CA SER A 125 72.29 46.80 -32.96
C SER A 125 71.53 47.98 -32.36
N LYS A 126 71.35 49.03 -33.14
CA LYS A 126 70.61 50.22 -32.72
C LYS A 126 69.19 50.01 -33.23
N ILE A 127 68.19 50.11 -32.35
CA ILE A 127 66.79 49.93 -32.76
C ILE A 127 65.86 51.01 -32.28
N ASN A 128 64.88 51.39 -33.12
CA ASN A 128 63.90 52.39 -32.76
C ASN A 128 62.70 51.67 -32.19
N PHE A 129 62.59 51.71 -30.85
CA PHE A 129 61.54 51.04 -30.10
C PHE A 129 60.16 51.64 -30.32
N ARG A 130 60.08 52.89 -30.84
CA ARG A 130 58.82 53.56 -31.13
C ARG A 130 58.00 52.80 -32.20
N ASP A 131 58.70 52.18 -33.18
CA ASP A 131 58.08 51.35 -34.22
C ASP A 131 58.13 49.91 -33.68
N LYS A 132 57.24 49.64 -32.70
CA LYS A 132 57.11 48.40 -31.96
C LYS A 132 57.11 47.12 -32.81
N ARG A 133 56.25 47.07 -33.86
CA ARG A 133 56.14 45.91 -34.74
C ARG A 133 57.44 45.62 -35.48
N SER A 134 58.12 46.68 -36.00
CA SER A 134 59.39 46.60 -36.71
C SER A 134 60.52 46.13 -35.77
N ALA A 135 60.54 46.67 -34.53
CA ALA A 135 61.53 46.32 -33.51
C ALA A 135 61.44 44.84 -33.15
N LEU A 136 60.21 44.33 -32.88
CA LEU A 136 59.98 42.91 -32.57
C LEU A 136 60.33 42.02 -33.75
N GLN A 137 60.00 42.46 -34.97
CA GLN A 137 60.30 41.75 -36.22
C GLN A 137 61.81 41.56 -36.38
N SER A 138 62.58 42.62 -36.12
CA SER A 138 64.04 42.61 -36.21
C SER A 138 64.65 41.60 -35.23
N ILE A 139 64.22 41.63 -33.94
CA ILE A 139 64.67 40.72 -32.89
C ILE A 139 64.34 39.28 -33.25
N ASN A 140 63.09 39.01 -33.67
CA ASN A 140 62.62 37.68 -34.04
C ASN A 140 63.30 37.09 -35.29
N GLU A 141 63.56 37.94 -36.33
CA GLU A 141 64.28 37.55 -37.54
C GLU A 141 65.72 37.18 -37.19
N TRP A 142 66.36 37.98 -36.31
CA TRP A 142 67.72 37.72 -35.85
C TRP A 142 67.82 36.38 -35.12
N ALA A 143 66.88 36.12 -34.20
CA ALA A 143 66.85 34.86 -33.45
C ALA A 143 66.59 33.68 -34.36
N ALA A 144 65.67 33.85 -35.36
CA ALA A 144 65.30 32.84 -36.33
C ALA A 144 66.51 32.41 -37.16
N GLN A 145 67.29 33.40 -37.66
CA GLN A 145 68.47 33.11 -38.46
C GLN A 145 69.59 32.45 -37.67
N THR A 146 69.77 32.86 -36.41
CA THR A 146 70.76 32.34 -35.47
C THR A 146 70.56 30.83 -35.21
N THR A 147 69.28 30.41 -35.14
CA THR A 147 68.79 29.06 -34.84
C THR A 147 68.23 28.36 -36.04
N ASP A 148 68.49 28.90 -37.25
CA ASP A 148 68.01 28.32 -38.52
C ASP A 148 66.51 27.96 -38.50
N GLY A 149 65.72 28.88 -37.93
CA GLY A 149 64.27 28.77 -37.82
C GLY A 149 63.74 27.93 -36.69
N LYS A 150 64.62 27.32 -35.90
CA LYS A 150 64.23 26.48 -34.75
C LYS A 150 63.61 27.29 -33.62
N LEU A 151 64.00 28.56 -33.51
CA LEU A 151 63.46 29.50 -32.54
C LEU A 151 62.99 30.70 -33.35
N PRO A 152 61.72 30.65 -33.86
CA PRO A 152 61.26 31.72 -34.76
C PRO A 152 60.81 33.02 -34.10
N GLU A 153 60.59 33.00 -32.79
CA GLU A 153 60.11 34.16 -32.05
C GLU A 153 60.74 34.21 -30.66
N VAL A 154 61.17 35.41 -30.22
CA VAL A 154 61.73 35.61 -28.88
C VAL A 154 60.57 36.04 -27.97
N THR A 155 60.07 37.28 -28.15
CA THR A 155 58.97 37.82 -27.38
C THR A 155 57.93 38.48 -28.29
N LYS A 156 56.67 38.52 -27.85
CA LYS A 156 55.58 39.16 -28.58
C LYS A 156 55.46 40.62 -28.12
N ASP A 157 56.17 41.00 -27.03
CA ASP A 157 56.15 42.35 -26.47
C ASP A 157 57.42 42.74 -25.69
N VAL A 158 57.86 44.00 -25.90
CA VAL A 158 58.99 44.63 -25.22
C VAL A 158 58.37 45.72 -24.32
N GLU A 159 58.40 45.48 -22.99
CA GLU A 159 57.83 46.40 -21.97
C GLU A 159 58.67 47.67 -21.86
N ARG A 160 59.97 47.52 -21.52
CA ARG A 160 60.91 48.63 -21.35
C ARG A 160 61.57 48.99 -22.70
N THR A 161 61.21 50.18 -23.20
CA THR A 161 61.59 50.70 -24.50
C THR A 161 62.65 51.85 -24.47
N ASP A 162 63.16 52.17 -23.28
CA ASP A 162 64.14 53.24 -23.09
C ASP A 162 65.55 52.78 -22.70
N GLY A 163 65.74 51.48 -22.55
CA GLY A 163 67.03 50.91 -22.18
C GLY A 163 67.58 49.88 -23.15
N ALA A 164 68.68 49.25 -22.73
CA ALA A 164 69.37 48.21 -23.50
C ALA A 164 68.73 46.83 -23.29
N LEU A 165 68.63 46.07 -24.38
CA LEU A 165 68.12 44.70 -24.35
C LEU A 165 69.24 43.77 -24.73
N LEU A 166 69.47 42.76 -23.90
CA LEU A 166 70.43 41.72 -24.23
C LEU A 166 69.63 40.50 -24.62
N VAL A 167 69.85 40.01 -25.85
CA VAL A 167 69.13 38.85 -26.36
C VAL A 167 70.11 37.70 -26.62
N ASN A 168 69.80 36.52 -26.07
CA ASN A 168 70.57 35.31 -26.28
C ASN A 168 69.60 34.34 -26.91
N ALA A 169 69.88 33.95 -28.16
CA ALA A 169 69.06 33.02 -28.91
C ALA A 169 69.84 31.71 -29.04
N MET A 170 69.23 30.58 -28.60
CA MET A 170 69.87 29.26 -28.59
C MET A 170 69.05 28.12 -29.17
N PHE A 171 69.78 27.17 -29.76
CA PHE A 171 69.24 25.91 -30.21
C PHE A 171 70.16 24.81 -29.71
N PHE A 172 69.58 23.84 -29.00
CA PHE A 172 70.34 22.70 -28.50
C PHE A 172 69.62 21.41 -28.78
N LYS A 173 70.33 20.47 -29.38
CA LYS A 173 69.77 19.17 -29.70
C LYS A 173 70.69 18.06 -29.18
N PRO A 174 70.35 17.39 -28.05
CA PRO A 174 71.22 16.29 -27.54
C PRO A 174 71.33 15.16 -28.54
N HIS A 175 72.56 14.73 -28.81
CA HIS A 175 72.86 13.64 -29.71
C HIS A 175 73.27 12.48 -28.82
N TRP A 176 72.43 11.44 -28.75
CA TRP A 176 72.64 10.30 -27.86
C TRP A 176 73.84 9.45 -28.23
N ASP A 177 74.46 8.82 -27.23
CA ASP A 177 75.57 7.92 -27.47
C ASP A 177 75.04 6.63 -28.07
N GLU A 178 73.77 6.31 -27.73
CA GLU A 178 73.02 5.17 -28.27
C GLU A 178 71.68 5.72 -28.71
N LYS A 179 71.55 5.86 -30.03
CA LYS A 179 70.36 6.39 -30.68
C LYS A 179 69.08 5.61 -30.38
N PHE A 180 67.94 6.28 -30.54
CA PHE A 180 66.63 5.65 -30.45
C PHE A 180 66.32 5.22 -31.89
N HIS A 181 65.56 4.15 -32.07
CA HIS A 181 65.14 3.72 -33.42
C HIS A 181 64.16 4.79 -33.92
N HIS A 182 64.38 5.31 -35.16
CA HIS A 182 63.55 6.36 -35.76
C HIS A 182 62.05 6.05 -35.85
N LYS A 183 61.70 4.76 -35.81
CA LYS A 183 60.32 4.30 -35.89
C LYS A 183 59.69 4.05 -34.53
N MET A 184 60.49 4.12 -33.44
CA MET A 184 60.01 3.91 -32.07
C MET A 184 59.44 5.15 -31.44
N VAL A 185 58.45 5.70 -32.15
CA VAL A 185 57.82 6.97 -31.90
C VAL A 185 56.32 6.76 -32.03
N ASP A 186 55.55 7.26 -31.04
CA ASP A 186 54.08 7.15 -31.03
C ASP A 186 53.44 8.27 -30.21
N ASN A 187 52.11 8.31 -30.23
CA ASN A 187 51.34 9.31 -29.52
C ASN A 187 50.86 8.85 -28.17
N ARG A 188 51.17 9.65 -27.14
CA ARG A 188 50.79 9.38 -25.77
C ARG A 188 50.21 10.65 -25.13
N GLY A 189 49.67 10.51 -23.93
CA GLY A 189 49.14 11.62 -23.16
C GLY A 189 50.14 12.03 -22.10
N PHE A 190 50.44 13.33 -22.03
CA PHE A 190 51.35 13.88 -21.01
C PHE A 190 50.51 14.54 -19.94
N MET A 191 50.68 14.09 -18.72
CA MET A 191 49.94 14.59 -17.58
C MET A 191 50.62 15.82 -16.96
N VAL A 192 50.13 17.02 -17.34
CA VAL A 192 50.63 18.29 -16.83
C VAL A 192 50.28 18.34 -15.34
N THR A 193 49.04 17.94 -15.01
CA THR A 193 48.50 17.71 -13.65
C THR A 193 47.67 16.42 -13.74
N ARG A 194 47.13 15.93 -12.62
CA ARG A 194 46.27 14.74 -12.67
C ARG A 194 44.96 15.00 -13.43
N SER A 195 44.55 16.28 -13.55
CA SER A 195 43.33 16.75 -14.21
C SER A 195 43.57 17.34 -15.59
N TYR A 196 44.84 17.57 -15.97
CA TYR A 196 45.19 18.14 -17.24
C TYR A 196 46.18 17.26 -18.05
N THR A 197 45.70 16.74 -19.18
CA THR A 197 46.46 15.89 -20.11
C THR A 197 46.60 16.56 -21.47
N VAL A 198 47.81 16.54 -22.01
CA VAL A 198 48.17 17.09 -23.31
C VAL A 198 48.71 15.96 -24.20
N GLY A 199 48.26 15.91 -25.45
CA GLY A 199 48.70 14.92 -26.42
C GLY A 199 50.09 15.24 -26.93
N VAL A 200 51.02 14.31 -26.75
CA VAL A 200 52.43 14.45 -27.16
C VAL A 200 52.90 13.28 -28.00
N THR A 201 54.03 13.47 -28.66
CA THR A 201 54.70 12.41 -29.41
C THR A 201 55.75 11.90 -28.44
N MET A 202 55.84 10.57 -28.28
CA MET A 202 56.85 9.98 -27.42
C MET A 202 57.80 9.11 -28.20
N MET A 203 59.08 9.14 -27.79
CA MET A 203 60.14 8.30 -28.35
C MET A 203 60.54 7.30 -27.26
N HIS A 204 60.81 6.06 -27.66
CA HIS A 204 61.06 4.97 -26.73
C HIS A 204 62.34 4.23 -27.01
N ARG A 205 62.98 3.72 -25.94
CA ARG A 205 64.20 2.92 -26.04
C ARG A 205 64.48 2.12 -24.78
N THR A 206 64.84 0.84 -24.96
CA THR A 206 65.29 0.00 -23.88
C THR A 206 66.80 -0.16 -24.10
N GLY A 207 67.57 0.18 -23.09
CA GLY A 207 69.02 0.07 -23.12
C GLY A 207 69.57 -0.05 -21.73
N LEU A 208 70.89 -0.17 -21.60
CA LEU A 208 71.60 -0.20 -20.32
C LEU A 208 71.92 1.24 -19.95
N TYR A 209 71.38 1.70 -18.81
CA TYR A 209 71.59 3.08 -18.32
C TYR A 209 71.87 3.13 -16.84
N ASN A 210 72.59 4.17 -16.40
CA ASN A 210 72.85 4.45 -15.00
C ASN A 210 71.54 4.94 -14.44
N TYR A 211 71.03 4.24 -13.45
CA TYR A 211 69.71 4.46 -12.90
C TYR A 211 69.69 4.31 -11.38
N TYR A 212 68.79 5.06 -10.75
CA TYR A 212 68.53 5.02 -9.33
C TYR A 212 67.06 5.37 -9.05
N ASP A 213 66.42 4.52 -8.22
CA ASP A 213 65.05 4.70 -7.78
C ASP A 213 65.07 4.85 -6.26
N ASP A 214 64.72 6.04 -5.77
CA ASP A 214 64.67 6.35 -4.34
C ASP A 214 63.24 6.07 -3.86
N GLU A 215 62.98 4.88 -3.29
CA GLU A 215 61.62 4.54 -2.82
C GLU A 215 61.17 5.39 -1.64
N LYS A 216 62.14 5.92 -0.86
CA LYS A 216 61.92 6.81 0.27
C LYS A 216 61.49 8.22 -0.20
N GLU A 217 62.29 8.85 -1.09
CA GLU A 217 61.98 10.18 -1.60
C GLU A 217 61.01 10.20 -2.81
N LYS A 218 60.54 8.99 -3.23
CA LYS A 218 59.58 8.73 -4.30
C LYS A 218 59.94 9.40 -5.62
N LEU A 219 61.16 9.14 -6.08
CA LEU A 219 61.69 9.71 -7.33
C LEU A 219 62.58 8.71 -8.09
N GLN A 220 62.77 8.97 -9.39
CA GLN A 220 63.66 8.19 -10.26
C GLN A 220 64.65 9.15 -10.90
N ILE A 221 65.86 8.66 -11.12
CA ILE A 221 66.93 9.41 -11.74
C ILE A 221 67.66 8.53 -12.74
N VAL A 222 67.77 9.01 -13.99
CA VAL A 222 68.44 8.30 -15.09
C VAL A 222 69.50 9.20 -15.76
N GLU A 223 70.63 8.58 -16.15
CA GLU A 223 71.73 9.25 -16.84
C GLU A 223 71.79 8.72 -18.27
N MET A 224 71.61 9.63 -19.23
CA MET A 224 71.62 9.33 -20.64
C MET A 224 72.87 9.92 -21.27
N PRO A 225 73.90 9.08 -21.53
CA PRO A 225 75.15 9.62 -22.12
C PRO A 225 74.93 10.17 -23.51
N LEU A 226 75.59 11.28 -23.80
CA LEU A 226 75.51 11.95 -25.10
C LEU A 226 76.70 11.46 -25.96
N ALA A 227 76.68 11.77 -27.26
CA ALA A 227 77.68 11.33 -28.23
C ALA A 227 79.11 11.32 -27.71
N HIS A 228 79.73 10.13 -27.81
CA HIS A 228 81.11 9.85 -27.42
C HIS A 228 81.41 10.03 -25.92
N LYS A 229 80.35 9.93 -25.08
CA LYS A 229 80.39 10.01 -23.62
C LYS A 229 81.10 11.26 -23.07
N LEU A 230 81.06 12.36 -23.85
CA LEU A 230 81.69 13.64 -23.50
C LEU A 230 80.83 14.45 -22.54
N SER A 231 79.51 14.22 -22.59
CA SER A 231 78.53 14.83 -21.70
C SER A 231 77.38 13.85 -21.51
N SER A 232 76.51 14.11 -20.53
CA SER A 232 75.34 13.30 -20.23
C SER A 232 74.15 14.15 -19.90
N LEU A 233 72.96 13.64 -20.21
CA LEU A 233 71.70 14.27 -19.86
C LEU A 233 71.14 13.47 -18.66
N ILE A 234 70.98 14.15 -17.51
CA ILE A 234 70.43 13.54 -16.30
C ILE A 234 69.00 13.99 -16.15
N ILE A 235 68.05 13.02 -15.98
CA ILE A 235 66.61 13.30 -15.79
C ILE A 235 66.16 12.84 -14.41
N LEU A 236 65.50 13.75 -13.67
CA LEU A 236 64.96 13.57 -12.31
C LEU A 236 63.46 13.67 -12.40
N MET A 237 62.77 12.64 -11.93
CA MET A 237 61.32 12.64 -12.02
C MET A 237 60.68 12.02 -10.80
N PRO A 238 59.59 12.63 -10.26
CA PRO A 238 58.86 11.98 -9.15
C PRO A 238 58.16 10.72 -9.66
N HIS A 239 57.83 9.77 -8.74
CA HIS A 239 57.12 8.55 -9.08
C HIS A 239 55.70 8.90 -9.56
N HIS A 240 55.05 9.82 -8.84
CA HIS A 240 53.69 10.25 -9.12
C HIS A 240 53.64 11.62 -9.80
N VAL A 241 52.51 11.91 -10.49
CA VAL A 241 52.29 13.23 -11.09
C VAL A 241 52.05 14.20 -9.95
N GLU A 242 52.99 15.11 -9.76
CA GLU A 242 52.93 16.09 -8.67
C GLU A 242 53.71 17.33 -9.10
N PRO A 243 53.44 18.52 -8.49
CA PRO A 243 54.24 19.70 -8.83
C PRO A 243 55.69 19.45 -8.41
N LEU A 244 56.63 19.92 -9.24
CA LEU A 244 58.06 19.72 -9.05
C LEU A 244 58.67 20.35 -7.78
N GLU A 245 57.90 21.21 -7.09
CA GLU A 245 58.29 21.94 -5.88
C GLU A 245 59.02 21.06 -4.86
N ARG A 246 58.41 19.92 -4.48
CA ARG A 246 58.98 18.98 -3.49
C ARG A 246 60.35 18.48 -3.91
N LEU A 247 60.47 18.06 -5.17
CA LEU A 247 61.71 17.54 -5.75
C LEU A 247 62.77 18.65 -5.87
N GLU A 248 62.33 19.88 -6.23
CA GLU A 248 63.19 21.07 -6.34
C GLU A 248 63.82 21.47 -5.01
N LYS A 249 63.13 21.18 -3.88
CA LYS A 249 63.64 21.40 -2.53
C LYS A 249 64.82 20.48 -2.25
N LEU A 250 64.82 19.27 -2.82
CA LEU A 250 65.88 18.27 -2.69
C LEU A 250 67.06 18.57 -3.63
N LEU A 251 66.80 19.22 -4.79
CA LEU A 251 67.80 19.52 -5.80
C LEU A 251 68.88 20.54 -5.38
N THR A 252 70.01 20.02 -4.92
CA THR A 252 71.20 20.78 -4.55
C THR A 252 72.39 20.13 -5.25
N LYS A 253 73.53 20.83 -5.33
CA LYS A 253 74.76 20.30 -5.92
C LYS A 253 75.22 19.03 -5.14
N GLU A 254 75.06 19.05 -3.81
CA GLU A 254 75.44 17.96 -2.90
C GLU A 254 74.51 16.75 -3.00
N GLN A 255 73.19 16.97 -3.10
CA GLN A 255 72.20 15.90 -3.23
C GLN A 255 72.30 15.20 -4.59
N LEU A 256 72.63 15.97 -5.64
CA LEU A 256 72.83 15.43 -6.98
C LEU A 256 74.04 14.50 -6.97
N LYS A 257 75.10 14.88 -6.26
CA LYS A 257 76.32 14.07 -6.07
C LYS A 257 75.98 12.76 -5.34
N ILE A 258 75.09 12.81 -4.31
CA ILE A 258 74.64 11.65 -3.56
C ILE A 258 73.91 10.66 -4.47
N TRP A 259 72.90 11.16 -5.22
CA TRP A 259 72.09 10.38 -6.15
C TRP A 259 72.91 9.72 -7.23
N MET A 260 73.88 10.45 -7.78
CA MET A 260 74.74 9.94 -8.84
C MET A 260 75.68 8.84 -8.43
N GLY A 261 76.09 8.83 -7.16
CA GLY A 261 76.93 7.78 -6.59
C GLY A 261 76.14 6.52 -6.30
N LYS A 262 74.80 6.66 -6.13
CA LYS A 262 73.86 5.57 -5.87
C LYS A 262 73.38 4.90 -7.16
N MET A 263 73.60 5.55 -8.32
CA MET A 263 73.19 5.03 -9.63
C MET A 263 73.96 3.79 -10.01
N GLN A 264 73.28 2.85 -10.70
CA GLN A 264 73.86 1.60 -11.19
C GLN A 264 73.37 1.36 -12.61
N LYS A 265 74.23 0.75 -13.46
CA LYS A 265 73.85 0.42 -14.83
C LYS A 265 72.87 -0.73 -14.83
N LYS A 266 71.65 -0.44 -15.28
CA LYS A 266 70.54 -1.39 -15.30
C LYS A 266 69.87 -1.31 -16.65
N ALA A 267 69.03 -2.32 -16.96
CA ALA A 267 68.19 -2.29 -18.15
C ALA A 267 67.07 -1.29 -17.81
N VAL A 268 66.94 -0.21 -18.62
CA VAL A 268 65.92 0.81 -18.41
C VAL A 268 65.13 1.00 -19.71
N ALA A 269 63.80 1.04 -19.60
CA ALA A 269 62.91 1.33 -20.73
C ALA A 269 62.52 2.81 -20.59
N ILE A 270 63.14 3.64 -21.41
CA ILE A 270 62.95 5.09 -21.40
C ILE A 270 61.87 5.48 -22.42
N SER A 271 60.96 6.36 -22.03
CA SER A 271 59.93 6.97 -22.87
C SER A 271 59.97 8.45 -22.58
N LEU A 272 60.32 9.25 -23.59
CA LEU A 272 60.47 10.70 -23.48
C LEU A 272 59.63 11.43 -24.49
N PRO A 273 59.11 12.63 -24.14
CA PRO A 273 58.40 13.42 -25.17
C PRO A 273 59.41 13.82 -26.28
N LYS A 274 58.95 13.76 -27.52
CA LYS A 274 59.73 14.06 -28.70
C LYS A 274 59.23 15.36 -29.30
N GLY A 275 60.17 16.25 -29.62
CA GLY A 275 59.86 17.54 -30.20
C GLY A 275 60.71 18.65 -29.64
N VAL A 276 60.49 19.84 -30.17
CA VAL A 276 61.19 21.04 -29.78
C VAL A 276 60.42 21.70 -28.64
N VAL A 277 61.12 22.08 -27.59
CA VAL A 277 60.57 22.84 -26.48
C VAL A 277 61.14 24.27 -26.64
N GLU A 278 60.25 25.26 -26.84
CA GLU A 278 60.66 26.66 -27.00
C GLU A 278 60.37 27.44 -25.71
N VAL A 279 61.42 27.99 -25.09
CA VAL A 279 61.26 28.77 -23.84
C VAL A 279 61.98 30.11 -23.96
N THR A 280 61.29 31.21 -23.63
CA THR A 280 61.88 32.53 -23.57
C THR A 280 61.72 33.04 -22.14
N HIS A 281 62.86 33.34 -21.50
CA HIS A 281 62.89 33.90 -20.17
C HIS A 281 63.45 35.32 -20.25
N ASP A 282 62.89 36.23 -19.45
CA ASP A 282 63.46 37.57 -19.29
C ASP A 282 64.06 37.45 -17.89
N LEU A 283 65.39 37.32 -17.85
CA LEU A 283 66.11 37.09 -16.62
C LEU A 283 66.27 38.33 -15.76
N GLN A 284 65.83 39.50 -16.29
CA GLN A 284 65.91 40.81 -15.64
C GLN A 284 65.50 40.87 -14.17
N LYS A 285 64.26 40.47 -13.82
CA LYS A 285 63.79 40.49 -12.43
C LYS A 285 64.46 39.45 -11.56
N HIS A 286 64.82 38.30 -12.16
CA HIS A 286 65.46 37.18 -11.47
C HIS A 286 66.90 37.49 -11.08
N LEU A 287 67.65 38.14 -12.01
CA LEU A 287 69.02 38.53 -11.76
C LEU A 287 69.05 39.65 -10.75
N ALA A 288 68.01 40.52 -10.74
CA ALA A 288 67.86 41.62 -9.79
C ALA A 288 67.68 41.06 -8.38
N GLY A 289 66.85 40.02 -8.27
CA GLY A 289 66.57 39.30 -7.03
C GLY A 289 67.81 38.61 -6.46
N LEU A 290 68.75 38.23 -7.35
CA LEU A 290 70.00 37.57 -7.01
C LEU A 290 71.11 38.57 -6.66
N GLY A 291 70.85 39.87 -6.83
CA GLY A 291 71.79 40.93 -6.49
C GLY A 291 72.12 41.96 -7.56
N LEU A 292 71.56 41.84 -8.79
CA LEU A 292 71.82 42.80 -9.88
C LEU A 292 70.70 43.86 -9.94
N THR A 293 70.61 44.67 -8.87
CA THR A 293 69.58 45.71 -8.71
C THR A 293 69.89 47.02 -9.43
N GLU A 294 71.16 47.46 -9.41
CA GLU A 294 71.59 48.72 -10.01
C GLU A 294 71.52 48.76 -11.52
N ALA A 295 71.98 47.69 -12.18
CA ALA A 295 71.99 47.60 -13.64
C ALA A 295 70.61 47.70 -14.28
N ILE A 296 69.57 47.19 -13.60
CA ILE A 296 68.19 47.19 -14.10
C ILE A 296 67.34 48.42 -13.78
N ASP A 297 67.82 49.30 -12.88
CA ASP A 297 67.13 50.53 -12.49
C ASP A 297 67.72 51.72 -13.25
N LYS A 298 66.86 52.43 -14.00
CA LYS A 298 67.20 53.60 -14.82
C LYS A 298 67.96 54.71 -14.09
N ASN A 299 67.64 54.94 -12.81
CA ASN A 299 68.27 56.00 -12.01
C ASN A 299 69.67 55.64 -11.48
N LYS A 300 69.85 54.40 -11.03
CA LYS A 300 71.10 53.92 -10.43
C LYS A 300 72.11 53.35 -11.43
N ALA A 301 71.65 52.88 -12.60
CA ALA A 301 72.49 52.25 -13.61
C ALA A 301 73.65 53.09 -14.11
N ASP A 302 74.84 52.46 -14.18
CA ASP A 302 76.06 53.05 -14.68
C ASP A 302 76.60 52.15 -15.78
N LEU A 303 76.19 52.41 -17.02
CA LEU A 303 76.65 51.65 -18.20
C LEU A 303 77.40 52.62 -19.11
N SER A 304 78.27 53.44 -18.49
CA SER A 304 79.09 54.47 -19.12
C SER A 304 80.19 53.89 -20.01
N ARG A 305 80.70 52.68 -19.66
CA ARG A 305 81.75 52.00 -20.44
C ARG A 305 81.17 51.43 -21.73
N MET A 306 79.85 51.21 -21.72
CA MET A 306 79.08 50.65 -22.82
C MET A 306 78.81 51.67 -23.93
N SER A 307 78.52 52.94 -23.57
CA SER A 307 78.20 53.99 -24.53
C SER A 307 78.81 55.37 -24.21
N GLY A 308 78.54 55.85 -22.99
CA GLY A 308 78.97 57.16 -22.51
C GLY A 308 77.82 57.94 -21.90
N LYS A 309 76.64 57.29 -21.79
CA LYS A 309 75.43 57.87 -21.20
C LYS A 309 74.92 57.09 -19.97
N LYS A 310 74.74 57.81 -18.84
CA LYS A 310 74.28 57.31 -17.54
C LYS A 310 72.82 56.83 -17.59
N ASP A 311 71.98 57.52 -18.40
CA ASP A 311 70.55 57.20 -18.59
C ASP A 311 70.31 55.78 -19.14
N LEU A 312 71.36 55.15 -19.75
CA LEU A 312 71.32 53.79 -20.30
C LEU A 312 71.28 52.75 -19.19
N TYR A 313 70.28 51.87 -19.23
CA TYR A 313 70.09 50.83 -18.24
C TYR A 313 69.74 49.49 -18.90
N LEU A 314 69.79 48.40 -18.13
CA LEU A 314 69.48 47.07 -18.64
C LEU A 314 67.99 46.77 -18.49
N ALA A 315 67.26 46.94 -19.60
CA ALA A 315 65.81 46.75 -19.66
C ALA A 315 65.40 45.28 -19.60
N SER A 316 66.09 44.41 -20.35
CA SER A 316 65.81 42.98 -20.41
C SER A 316 67.05 42.16 -20.68
N VAL A 317 67.00 40.87 -20.26
CA VAL A 317 68.01 39.84 -20.52
C VAL A 317 67.20 38.66 -21.01
N PHE A 318 66.97 38.60 -22.31
CA PHE A 318 66.23 37.51 -22.93
C PHE A 318 67.11 36.29 -23.14
N HIS A 319 66.69 35.17 -22.54
CA HIS A 319 67.34 33.88 -22.63
C HIS A 319 66.31 32.99 -23.35
N ALA A 320 66.41 32.96 -24.68
CA ALA A 320 65.49 32.22 -25.55
C ALA A 320 66.17 30.98 -26.06
N THR A 321 65.57 29.82 -25.77
CA THR A 321 66.11 28.51 -26.14
C THR A 321 65.07 27.65 -26.85
N ALA A 322 65.52 26.90 -27.86
CA ALA A 322 64.78 25.88 -28.58
C ALA A 322 65.56 24.58 -28.30
N PHE A 323 65.04 23.74 -27.39
CA PHE A 323 65.66 22.48 -27.00
C PHE A 323 64.89 21.33 -27.69
N GLU A 324 65.57 20.63 -28.61
CA GLU A 324 64.97 19.54 -29.35
C GLU A 324 65.28 18.15 -28.82
N TRP A 325 64.20 17.39 -28.53
CA TRP A 325 64.25 16.01 -28.11
C TRP A 325 63.95 15.23 -29.38
N ASP A 326 64.96 14.47 -29.83
CA ASP A 326 64.89 13.68 -31.04
C ASP A 326 65.53 12.31 -30.81
N THR A 327 65.28 11.36 -31.73
CA THR A 327 65.77 9.98 -31.70
C THR A 327 67.26 9.84 -32.08
N GLU A 328 67.76 10.81 -32.86
CA GLU A 328 69.12 10.79 -33.41
C GLU A 328 70.24 10.72 -32.41
N GLY A 329 71.21 9.88 -32.72
CA GLY A 329 72.40 9.63 -31.93
C GLY A 329 73.35 8.69 -32.66
N ASN A 330 74.39 8.22 -31.95
CA ASN A 330 75.37 7.32 -32.56
C ASN A 330 74.78 5.92 -32.69
N PRO A 331 75.19 5.14 -33.73
CA PRO A 331 74.69 3.76 -33.83
C PRO A 331 75.33 2.85 -32.78
N PHE A 332 74.68 1.72 -32.50
CA PHE A 332 75.18 0.70 -31.57
C PHE A 332 75.02 -0.72 -32.13
N ASP A 333 75.81 -1.69 -31.59
CA ASP A 333 75.74 -3.09 -31.99
C ASP A 333 74.40 -3.66 -31.54
N GLN A 334 73.64 -4.24 -32.49
CA GLN A 334 72.29 -4.81 -32.25
C GLN A 334 72.21 -6.13 -31.46
N ASP A 335 73.37 -6.77 -31.18
CA ASP A 335 73.40 -8.00 -30.39
C ASP A 335 73.12 -7.74 -28.88
N ILE A 336 73.16 -6.45 -28.47
CA ILE A 336 72.88 -5.94 -27.11
C ILE A 336 71.57 -6.52 -26.53
N TYR A 337 70.53 -6.63 -27.39
CA TYR A 337 69.18 -7.14 -27.11
C TYR A 337 69.07 -8.67 -26.95
N GLY A 338 69.97 -9.41 -27.62
CA GLY A 338 70.07 -10.87 -27.52
C GLY A 338 70.68 -11.29 -26.20
N ARG A 339 71.37 -10.30 -25.54
CA ARG A 339 71.99 -10.41 -24.22
C ARG A 339 70.90 -10.08 -23.17
N GLU A 340 70.55 -11.10 -22.33
CA GLU A 340 69.52 -11.05 -21.25
C GLU A 340 69.70 -9.93 -20.22
N GLU A 341 70.75 -9.12 -20.40
CA GLU A 341 71.08 -7.97 -19.58
C GLU A 341 69.89 -7.00 -19.66
N LEU A 342 69.19 -7.04 -20.81
CA LEU A 342 68.07 -6.17 -21.19
C LEU A 342 66.69 -6.79 -21.01
N ARG A 343 66.63 -7.93 -20.28
CA ARG A 343 65.42 -8.75 -20.02
C ARG A 343 64.15 -8.14 -19.40
N SER A 344 64.18 -7.66 -18.11
CA SER A 344 63.03 -7.07 -17.39
C SER A 344 63.41 -5.67 -16.92
N PRO A 345 63.28 -4.70 -17.84
CA PRO A 345 63.77 -3.35 -17.54
C PRO A 345 62.94 -2.53 -16.55
N LYS A 346 63.59 -1.53 -15.96
CA LYS A 346 62.99 -0.53 -15.10
C LYS A 346 62.32 0.46 -16.03
N LEU A 347 61.23 1.08 -15.60
CA LEU A 347 60.58 2.02 -16.47
C LEU A 347 60.99 3.43 -16.11
N PHE A 348 61.29 4.25 -17.12
CA PHE A 348 61.49 5.67 -16.94
C PHE A 348 60.54 6.30 -17.94
N TYR A 349 59.25 6.31 -17.55
CA TYR A 349 58.15 6.78 -18.39
C TYR A 349 57.84 8.23 -18.08
N ALA A 350 58.46 9.13 -18.85
CA ALA A 350 58.33 10.57 -18.65
C ALA A 350 57.06 11.18 -19.27
N ASP A 351 55.89 10.84 -18.67
CA ASP A 351 54.58 11.34 -19.12
C ASP A 351 54.00 12.38 -18.13
N HIS A 352 54.86 12.92 -17.27
CA HIS A 352 54.52 13.92 -16.27
C HIS A 352 55.77 14.81 -16.00
N PRO A 353 55.63 16.02 -15.38
CA PRO A 353 56.80 16.90 -15.22
C PRO A 353 58.08 16.31 -14.63
N PHE A 354 59.20 16.69 -15.23
CA PHE A 354 60.53 16.27 -14.81
C PHE A 354 61.57 17.41 -14.91
N ILE A 355 62.70 17.23 -14.21
CA ILE A 355 63.85 18.13 -14.20
C ILE A 355 64.96 17.44 -15.00
N PHE A 356 65.73 18.20 -15.76
CA PHE A 356 66.84 17.65 -16.50
C PHE A 356 68.07 18.57 -16.44
N LEU A 357 69.26 17.98 -16.57
CA LEU A 357 70.53 18.69 -16.57
C LEU A 357 71.40 18.08 -17.67
N VAL A 358 72.24 18.92 -18.33
CA VAL A 358 73.22 18.46 -19.31
C VAL A 358 74.53 18.83 -18.66
N ARG A 359 75.33 17.81 -18.37
CA ARG A 359 76.58 17.93 -17.63
C ARG A 359 77.76 17.41 -18.43
N ASP A 360 78.89 18.16 -18.46
CA ASP A 360 80.12 17.72 -19.12
C ASP A 360 80.72 16.64 -18.22
N THR A 361 80.85 15.41 -18.76
CA THR A 361 81.35 14.24 -18.02
C THR A 361 82.72 14.46 -17.37
N GLN A 362 83.63 15.11 -18.11
CA GLN A 362 84.99 15.40 -17.65
C GLN A 362 85.07 16.48 -16.56
N SER A 363 84.73 17.73 -16.91
CA SER A 363 84.79 18.88 -16.00
C SER A 363 83.70 18.89 -14.92
N GLY A 364 82.51 18.39 -15.25
CA GLY A 364 81.38 18.42 -14.34
C GLY A 364 80.56 19.68 -14.53
N SER A 365 81.02 20.55 -15.47
CA SER A 365 80.35 21.81 -15.82
C SER A 365 78.94 21.59 -16.35
N LEU A 366 77.99 22.40 -15.88
CA LEU A 366 76.60 22.37 -16.28
C LEU A 366 76.40 23.15 -17.59
N LEU A 367 75.98 22.43 -18.64
CA LEU A 367 75.69 23.00 -19.96
C LEU A 367 74.26 23.52 -19.97
N PHE A 368 73.37 22.77 -19.30
CA PHE A 368 71.94 23.09 -19.19
C PHE A 368 71.33 22.61 -17.90
N ILE A 369 70.32 23.34 -17.48
CA ILE A 369 69.46 23.01 -16.35
C ILE A 369 68.07 23.48 -16.77
N GLY A 370 67.10 22.62 -16.56
CA GLY A 370 65.74 22.95 -16.92
C GLY A 370 64.70 22.00 -16.39
N ARG A 371 63.47 22.23 -16.82
CA ARG A 371 62.33 21.40 -16.44
C ARG A 371 61.26 21.44 -17.52
N LEU A 372 60.64 20.30 -17.74
CA LEU A 372 59.52 20.22 -18.67
C LEU A 372 58.29 20.02 -17.81
N VAL A 373 57.48 21.07 -17.75
CA VAL A 373 56.20 21.13 -17.03
C VAL A 373 55.01 21.00 -18.03
N ARG A 374 55.04 21.77 -19.11
CA ARG A 374 53.97 21.83 -20.09
C ARG A 374 54.52 21.76 -21.52
N PRO A 375 54.49 20.56 -22.13
CA PRO A 375 54.93 20.46 -23.54
C PRO A 375 53.88 21.03 -24.49
N LYS A 376 54.30 21.38 -25.73
CA LYS A 376 53.37 21.86 -26.74
C LYS A 376 52.50 20.69 -27.24
N GLY A 377 51.20 20.95 -27.32
CA GLY A 377 50.21 19.97 -27.71
C GLY A 377 48.84 20.36 -27.23
N ASP A 378 47.81 19.68 -27.75
CA ASP A 378 46.43 19.99 -27.42
C ASP A 378 45.94 19.20 -26.22
N LYS A 379 45.08 19.86 -25.40
CA LYS A 379 44.45 19.28 -24.22
C LYS A 379 43.55 18.10 -24.64
N MET A 380 43.66 16.97 -23.94
CA MET A 380 42.89 15.75 -24.16
C MET A 380 41.86 15.61 -23.06
N ARG A 381 41.00 14.60 -23.19
CA ARG A 381 40.04 14.27 -22.17
C ARG A 381 40.42 12.86 -21.71
N ASP A 382 40.81 12.71 -20.43
CA ASP A 382 41.10 11.42 -19.83
C ASP A 382 39.70 10.84 -19.55
N GLU A 383 39.23 9.98 -20.47
CA GLU A 383 37.89 9.36 -20.43
C GLU A 383 37.57 8.72 -19.07
N LEU A 384 38.57 8.07 -18.47
CA LEU A 384 38.49 7.37 -17.19
C LEU A 384 38.66 8.25 -15.92
N LEU A 385 38.94 9.58 -16.09
CA LEU A 385 39.12 10.54 -14.98
C LEU A 385 37.81 10.85 -14.23
N GLU A 386 37.89 10.91 -12.89
CA GLU A 386 36.72 11.10 -12.02
C GLU A 386 36.85 12.27 -11.04
N MET B 1 23.41 -15.55 -47.95
CA MET B 1 22.52 -14.56 -47.35
C MET B 1 21.15 -15.18 -46.99
N LEU B 2 20.66 -14.85 -45.79
CA LEU B 2 19.41 -15.29 -45.18
C LEU B 2 18.16 -15.00 -46.02
N SER B 3 17.22 -15.96 -46.04
CA SER B 3 15.93 -15.83 -46.72
C SER B 3 15.01 -14.87 -45.91
N PRO B 4 13.93 -14.28 -46.49
CA PRO B 4 13.08 -13.37 -45.69
C PRO B 4 12.45 -13.96 -44.42
N LYS B 5 12.13 -15.26 -44.45
CA LYS B 5 11.56 -15.99 -43.31
C LYS B 5 12.60 -16.20 -42.18
N ALA B 6 13.84 -16.59 -42.53
CA ALA B 6 14.93 -16.77 -41.57
C ALA B 6 15.31 -15.41 -40.98
N ALA B 7 15.30 -14.35 -41.82
CA ALA B 7 15.61 -12.97 -41.44
C ALA B 7 14.63 -12.49 -40.38
N THR B 8 13.33 -12.81 -40.54
CA THR B 8 12.29 -12.42 -39.58
C THR B 8 12.48 -13.15 -38.25
N LEU B 9 12.81 -14.46 -38.32
CA LEU B 9 13.06 -15.26 -37.12
C LEU B 9 14.32 -14.84 -36.36
N ALA B 10 15.31 -14.28 -37.11
CA ALA B 10 16.58 -13.77 -36.56
C ALA B 10 16.32 -12.60 -35.65
N GLU B 11 15.34 -11.74 -36.01
CA GLU B 11 14.91 -10.56 -35.24
C GLU B 11 14.32 -11.01 -33.90
N ARG B 12 13.40 -11.99 -33.98
CA ARG B 12 12.70 -12.57 -32.85
C ARG B 12 13.58 -13.35 -31.87
N SER B 13 14.63 -14.05 -32.37
CA SER B 13 15.62 -14.78 -31.53
C SER B 13 16.47 -13.82 -30.71
N ALA B 14 16.89 -12.70 -31.37
CA ALA B 14 17.67 -11.63 -30.75
C ALA B 14 16.81 -10.89 -29.70
N GLY B 15 15.53 -10.63 -30.03
CA GLY B 15 14.57 -10.00 -29.12
C GLY B 15 14.37 -10.84 -27.87
N LEU B 16 14.26 -12.16 -28.04
CA LEU B 16 14.12 -13.17 -27.00
C LEU B 16 15.40 -13.25 -26.17
N ALA B 17 16.57 -13.07 -26.81
CA ALA B 17 17.87 -13.08 -26.13
C ALA B 17 17.92 -11.97 -25.11
N PHE B 18 17.53 -10.73 -25.52
CA PHE B 18 17.51 -9.58 -24.61
C PHE B 18 16.55 -9.82 -23.46
N SER B 19 15.37 -10.39 -23.75
CA SER B 19 14.33 -10.72 -22.77
C SER B 19 14.82 -11.78 -21.79
N LEU B 20 15.48 -12.82 -22.29
CA LEU B 20 16.01 -13.89 -21.46
C LEU B 20 17.21 -13.42 -20.64
N TYR B 21 18.15 -12.68 -21.28
CA TYR B 21 19.32 -12.13 -20.58
C TYR B 21 18.85 -11.31 -19.37
N GLN B 22 17.88 -10.39 -19.57
CA GLN B 22 17.32 -9.52 -18.53
C GLN B 22 16.70 -10.29 -17.38
N ALA B 23 15.92 -11.36 -17.67
CA ALA B 23 15.26 -12.19 -16.67
C ALA B 23 16.29 -12.88 -15.77
N MET B 24 17.30 -13.50 -16.39
CA MET B 24 18.40 -14.16 -15.69
C MET B 24 19.28 -13.19 -14.91
N ALA B 25 19.54 -11.97 -15.46
CA ALA B 25 20.37 -10.95 -14.83
C ALA B 25 19.72 -10.44 -13.52
N LYS B 26 18.36 -10.50 -13.45
CA LYS B 26 17.55 -10.13 -12.27
C LYS B 26 17.67 -11.20 -11.17
N ASP B 27 17.89 -12.48 -11.56
CA ASP B 27 18.06 -13.62 -10.66
C ASP B 27 19.43 -13.51 -9.96
N GLN B 28 19.39 -13.29 -8.63
CA GLN B 28 20.57 -13.10 -7.78
C GLN B 28 21.49 -14.33 -7.67
N ALA B 29 20.97 -15.53 -8.00
CA ALA B 29 21.74 -16.77 -7.99
C ALA B 29 22.67 -16.89 -9.22
N VAL B 30 22.36 -16.16 -10.31
CA VAL B 30 23.08 -16.14 -11.58
C VAL B 30 24.30 -15.21 -11.51
N GLU B 31 25.51 -15.74 -11.81
CA GLU B 31 26.74 -14.96 -11.87
C GLU B 31 27.01 -14.70 -13.35
N ASN B 32 27.76 -15.58 -14.02
CA ASN B 32 28.03 -15.43 -15.44
C ASN B 32 26.83 -15.86 -16.29
N ILE B 33 26.67 -15.20 -17.45
CA ILE B 33 25.61 -15.49 -18.41
C ILE B 33 26.24 -15.81 -19.77
N LEU B 34 25.75 -16.86 -20.43
CA LEU B 34 26.18 -17.25 -21.75
C LEU B 34 25.00 -17.83 -22.47
N LEU B 35 24.42 -17.06 -23.41
CA LEU B 35 23.24 -17.47 -24.18
C LEU B 35 23.44 -17.37 -25.69
N SER B 36 23.00 -18.41 -26.42
CA SER B 36 23.02 -18.44 -27.87
C SER B 36 21.56 -18.28 -28.33
N PRO B 37 21.18 -17.05 -28.75
CA PRO B 37 19.80 -16.78 -29.16
C PRO B 37 19.15 -17.79 -30.10
N VAL B 38 19.86 -18.19 -31.16
CA VAL B 38 19.35 -19.16 -32.15
C VAL B 38 19.11 -20.50 -31.48
N VAL B 39 20.04 -20.95 -30.64
CA VAL B 39 19.95 -22.21 -29.90
C VAL B 39 18.78 -22.16 -28.92
N VAL B 40 18.58 -21.02 -28.23
CA VAL B 40 17.46 -20.82 -27.30
C VAL B 40 16.13 -20.86 -28.10
N ALA B 41 16.09 -20.19 -29.27
CA ALA B 41 14.93 -20.14 -30.17
C ALA B 41 14.56 -21.53 -30.66
N SER B 42 15.59 -22.32 -31.04
CA SER B 42 15.45 -23.68 -31.55
C SER B 42 14.81 -24.59 -30.52
N SER B 43 15.13 -24.38 -29.23
CA SER B 43 14.58 -25.13 -28.12
C SER B 43 13.07 -24.94 -28.05
N LEU B 44 12.61 -23.71 -28.31
CA LEU B 44 11.18 -23.40 -28.34
C LEU B 44 10.54 -24.05 -29.59
N GLY B 45 11.28 -24.03 -30.70
CA GLY B 45 10.86 -24.63 -31.96
C GLY B 45 10.58 -26.11 -31.80
N LEU B 46 11.44 -26.80 -31.01
CA LEU B 46 11.31 -28.23 -30.70
C LEU B 46 10.06 -28.51 -29.88
N VAL B 47 9.72 -27.59 -28.95
CA VAL B 47 8.52 -27.67 -28.10
C VAL B 47 7.28 -27.55 -29.00
N SER B 48 7.33 -26.64 -30.00
CA SER B 48 6.25 -26.44 -30.97
C SER B 48 6.11 -27.68 -31.86
N LEU B 49 7.25 -28.30 -32.20
CA LEU B 49 7.32 -29.48 -33.05
C LEU B 49 6.77 -30.71 -32.36
N GLY B 50 7.19 -30.94 -31.11
CA GLY B 50 6.79 -32.10 -30.32
C GLY B 50 5.52 -31.93 -29.50
N GLY B 51 4.97 -30.71 -29.50
CA GLY B 51 3.77 -30.38 -28.74
C GLY B 51 2.53 -30.00 -29.52
N LYS B 52 1.38 -30.06 -28.83
CA LYS B 52 0.04 -29.76 -29.37
C LYS B 52 -0.66 -28.67 -28.55
N ALA B 53 -1.66 -28.02 -29.17
CA ALA B 53 -2.51 -26.98 -28.60
C ALA B 53 -1.74 -25.85 -27.87
N THR B 54 -2.06 -25.64 -26.58
CA THR B 54 -1.49 -24.60 -25.72
C THR B 54 0.00 -24.79 -25.41
N THR B 55 0.49 -26.04 -25.36
CA THR B 55 1.91 -26.33 -25.12
C THR B 55 2.74 -25.75 -26.28
N ALA B 56 2.31 -26.04 -27.52
CA ALA B 56 2.94 -25.61 -28.76
C ALA B 56 2.78 -24.11 -29.03
N SER B 57 1.55 -23.57 -28.86
CA SER B 57 1.25 -22.15 -29.11
C SER B 57 1.99 -21.22 -28.16
N GLN B 58 2.18 -21.64 -26.90
CA GLN B 58 2.93 -20.87 -25.89
C GLN B 58 4.38 -20.70 -26.35
N ALA B 59 5.00 -21.78 -26.89
CA ALA B 59 6.38 -21.80 -27.42
C ALA B 59 6.52 -20.77 -28.55
N LYS B 60 5.54 -20.73 -29.48
CA LYS B 60 5.45 -19.82 -30.61
C LYS B 60 5.30 -18.36 -30.12
N ALA B 61 4.50 -18.16 -29.05
CA ALA B 61 4.25 -16.86 -28.43
C ALA B 61 5.51 -16.30 -27.74
N VAL B 62 6.28 -17.16 -27.01
CA VAL B 62 7.54 -16.79 -26.32
C VAL B 62 8.55 -16.32 -27.37
N LEU B 63 8.54 -16.98 -28.53
CA LEU B 63 9.38 -16.68 -29.68
C LEU B 63 8.88 -15.45 -30.44
N SER B 64 7.62 -15.02 -30.17
CA SER B 64 6.92 -13.90 -30.80
C SER B 64 6.64 -14.18 -32.29
N ALA B 65 6.60 -15.47 -32.67
CA ALA B 65 6.34 -15.94 -34.03
C ALA B 65 4.90 -16.47 -34.19
N GLU B 66 3.95 -15.88 -33.44
CA GLU B 66 2.53 -16.28 -33.44
C GLU B 66 1.88 -16.08 -34.84
N GLN B 67 2.27 -15.01 -35.55
CA GLN B 67 1.80 -14.64 -36.89
C GLN B 67 2.22 -15.66 -37.97
N LEU B 68 3.38 -16.31 -37.77
CA LEU B 68 3.95 -17.30 -38.67
C LEU B 68 3.29 -18.68 -38.60
N ARG B 69 3.52 -19.49 -39.64
CA ARG B 69 3.04 -20.87 -39.79
C ARG B 69 4.09 -21.79 -39.16
N ASP B 70 3.65 -22.91 -38.52
CA ASP B 70 4.54 -23.91 -37.89
C ASP B 70 5.73 -24.29 -38.78
N GLU B 71 5.46 -24.65 -40.04
CA GLU B 71 6.47 -25.00 -41.03
C GLU B 71 7.49 -23.86 -41.27
N GLU B 72 6.99 -22.61 -41.44
CA GLU B 72 7.79 -21.40 -41.67
C GLU B 72 8.75 -21.13 -40.53
N VAL B 73 8.30 -21.42 -39.29
CA VAL B 73 9.06 -21.27 -38.05
C VAL B 73 10.18 -22.30 -38.04
N HIS B 74 9.84 -23.59 -38.24
CA HIS B 74 10.80 -24.70 -38.26
C HIS B 74 11.87 -24.57 -39.34
N ALA B 75 11.47 -24.23 -40.57
CA ALA B 75 12.36 -24.06 -41.71
C ALA B 75 13.29 -22.83 -41.58
N GLY B 76 12.77 -21.74 -41.03
CA GLY B 76 13.49 -20.48 -40.83
C GLY B 76 14.52 -20.51 -39.71
N LEU B 77 14.20 -21.21 -38.60
CA LEU B 77 15.15 -21.36 -37.49
C LEU B 77 16.22 -22.36 -37.93
N GLY B 78 15.78 -23.41 -38.62
CA GLY B 78 16.68 -24.43 -39.17
C GLY B 78 17.73 -23.84 -40.07
N GLU B 79 17.32 -22.88 -40.95
CA GLU B 79 18.18 -22.14 -41.87
C GLU B 79 19.16 -21.28 -41.06
N LEU B 80 18.66 -20.63 -39.96
CA LEU B 80 19.46 -19.80 -39.08
C LEU B 80 20.56 -20.57 -38.41
N LEU B 81 20.24 -21.73 -37.83
CA LEU B 81 21.20 -22.62 -37.19
C LEU B 81 22.30 -23.03 -38.16
N ARG B 82 21.90 -23.44 -39.38
CA ARG B 82 22.79 -23.90 -40.43
C ARG B 82 23.72 -22.79 -40.93
N SER B 83 23.20 -21.55 -41.03
CA SER B 83 23.94 -20.37 -41.49
C SER B 83 25.08 -20.01 -40.56
N LEU B 84 24.87 -20.27 -39.26
CA LEU B 84 25.83 -20.07 -38.19
C LEU B 84 26.55 -21.44 -37.99
N SER B 85 27.21 -21.90 -39.09
CA SER B 85 27.97 -23.13 -39.27
C SER B 85 28.59 -23.15 -40.69
N ARG B 90 32.73 -18.57 -39.64
CA ARG B 90 33.32 -19.49 -40.61
C ARG B 90 34.69 -20.01 -40.14
N ASN B 91 35.72 -19.12 -40.06
CA ASN B 91 37.09 -19.42 -39.59
C ASN B 91 37.18 -19.45 -38.03
N VAL B 92 36.02 -19.20 -37.40
CA VAL B 92 35.84 -19.19 -35.95
C VAL B 92 35.40 -20.59 -35.50
N THR B 93 35.93 -21.07 -34.34
CA THR B 93 35.59 -22.38 -33.79
C THR B 93 34.26 -22.32 -33.06
N TRP B 94 33.37 -23.17 -33.51
CA TRP B 94 32.03 -23.30 -32.99
C TRP B 94 31.56 -24.74 -33.12
N LYS B 95 31.23 -25.32 -31.99
CA LYS B 95 30.74 -26.69 -31.90
C LYS B 95 29.40 -26.65 -31.18
N LEU B 96 28.39 -27.30 -31.75
CA LEU B 96 27.06 -27.32 -31.18
C LEU B 96 26.44 -28.70 -31.30
N GLY B 97 25.82 -29.10 -30.20
CA GLY B 97 25.09 -30.36 -30.08
C GLY B 97 23.77 -30.15 -29.37
N SER B 98 22.73 -30.83 -29.86
CA SER B 98 21.38 -30.80 -29.29
C SER B 98 20.89 -32.23 -29.11
N ARG B 99 20.54 -32.59 -27.87
CA ARG B 99 20.08 -33.93 -27.56
C ARG B 99 18.90 -33.91 -26.60
N LEU B 100 17.86 -34.69 -26.95
CA LEU B 100 16.66 -34.88 -26.16
C LEU B 100 16.79 -36.18 -25.39
N TYR B 101 16.78 -36.09 -24.06
CA TYR B 101 16.87 -37.23 -23.16
C TYR B 101 15.52 -37.49 -22.52
N GLY B 102 15.00 -38.68 -22.75
CA GLY B 102 13.72 -39.10 -22.19
C GLY B 102 13.89 -40.33 -21.32
N PRO B 103 12.90 -40.66 -20.45
CA PRO B 103 13.01 -41.88 -19.62
C PRO B 103 13.14 -43.15 -20.45
N SER B 104 13.78 -44.20 -19.89
CA SER B 104 14.00 -45.50 -20.54
C SER B 104 12.74 -46.13 -21.10
N SER B 105 11.61 -45.95 -20.39
CA SER B 105 10.28 -46.46 -20.74
C SER B 105 9.72 -45.89 -22.05
N VAL B 106 9.88 -44.56 -22.26
CA VAL B 106 9.38 -43.85 -23.43
C VAL B 106 10.14 -44.14 -24.74
N SER B 107 9.39 -44.15 -25.85
CA SER B 107 9.88 -44.34 -27.22
C SER B 107 9.41 -43.12 -28.01
N PHE B 108 10.35 -42.34 -28.57
CA PHE B 108 10.04 -41.14 -29.34
C PHE B 108 9.32 -41.48 -30.64
N ALA B 109 8.39 -40.60 -31.08
CA ALA B 109 7.64 -40.75 -32.33
C ALA B 109 8.58 -40.60 -33.54
N GLU B 110 8.54 -41.58 -34.48
CA GLU B 110 9.37 -41.66 -35.68
C GLU B 110 9.36 -40.39 -36.53
N ASP B 111 8.17 -39.77 -36.70
CA ASP B 111 7.98 -38.55 -37.48
C ASP B 111 8.66 -37.35 -36.80
N PHE B 112 8.56 -37.26 -35.45
CA PHE B 112 9.18 -36.21 -34.64
C PHE B 112 10.69 -36.31 -34.75
N VAL B 113 11.23 -37.54 -34.61
CA VAL B 113 12.67 -37.84 -34.70
C VAL B 113 13.21 -37.36 -36.04
N ARG B 114 12.45 -37.58 -37.13
CA ARG B 114 12.80 -37.18 -38.48
C ARG B 114 12.87 -35.64 -38.63
N SER B 115 11.82 -34.94 -38.17
CA SER B 115 11.69 -33.48 -38.23
C SER B 115 12.68 -32.71 -37.32
N SER B 116 12.88 -33.20 -36.07
CA SER B 116 13.80 -32.57 -35.10
C SER B 116 15.26 -32.68 -35.56
N LYS B 117 15.61 -33.76 -36.29
CA LYS B 117 16.94 -33.98 -36.86
C LYS B 117 17.10 -33.09 -38.09
N GLN B 118 16.02 -32.99 -38.90
CA GLN B 118 15.97 -32.22 -40.15
C GLN B 118 16.19 -30.74 -39.92
N HIS B 119 15.37 -30.14 -39.05
CA HIS B 119 15.40 -28.70 -38.77
C HIS B 119 16.36 -28.30 -37.66
N TYR B 120 16.41 -29.08 -36.58
CA TYR B 120 17.20 -28.72 -35.42
C TYR B 120 18.45 -29.53 -35.13
N ASN B 121 18.76 -30.55 -35.97
CA ASN B 121 19.90 -31.46 -35.80
C ASN B 121 19.87 -32.04 -34.38
N CYS B 122 18.67 -32.34 -33.90
CA CYS B 122 18.42 -32.88 -32.58
C CYS B 122 18.60 -34.38 -32.55
N GLU B 123 19.37 -34.82 -31.56
CA GLU B 123 19.67 -36.23 -31.31
C GLU B 123 18.68 -36.72 -30.26
N HIS B 124 18.44 -38.04 -30.20
CA HIS B 124 17.49 -38.62 -29.27
C HIS B 124 18.12 -39.73 -28.48
N SER B 125 17.88 -39.71 -27.17
CA SER B 125 18.46 -40.69 -26.27
C SER B 125 17.53 -41.09 -25.13
N LYS B 126 17.42 -42.40 -24.88
CA LYS B 126 16.60 -42.93 -23.78
C LYS B 126 17.57 -43.10 -22.61
N ILE B 127 17.25 -42.57 -21.42
CA ILE B 127 18.12 -42.71 -20.25
C ILE B 127 17.39 -43.13 -19.00
N ASN B 128 18.01 -44.01 -18.22
CA ASN B 128 17.45 -44.46 -16.95
C ASN B 128 17.96 -43.55 -15.85
N PHE B 129 17.10 -42.61 -15.43
CA PHE B 129 17.43 -41.61 -14.41
C PHE B 129 17.63 -42.20 -13.01
N ARG B 130 17.14 -43.44 -12.77
CA ARG B 130 17.27 -44.15 -11.50
C ARG B 130 18.74 -44.43 -11.15
N ASP B 131 19.58 -44.70 -12.18
CA ASP B 131 21.03 -44.90 -12.02
C ASP B 131 21.65 -43.52 -12.27
N LYS B 132 21.52 -42.64 -11.26
CA LYS B 132 21.95 -41.25 -11.26
C LYS B 132 23.36 -40.98 -11.79
N ARG B 133 24.37 -41.70 -11.26
CA ARG B 133 25.77 -41.55 -11.68
C ARG B 133 25.99 -41.90 -13.16
N SER B 134 25.37 -43.00 -13.64
CA SER B 134 25.41 -43.45 -15.04
C SER B 134 24.73 -42.45 -15.97
N ALA B 135 23.55 -41.92 -15.56
CA ALA B 135 22.79 -40.95 -16.33
C ALA B 135 23.59 -39.65 -16.52
N LEU B 136 24.18 -39.10 -15.43
CA LEU B 136 25.00 -37.89 -15.48
C LEU B 136 26.24 -38.13 -16.33
N GLN B 137 26.87 -39.33 -16.20
CA GLN B 137 28.05 -39.75 -16.97
C GLN B 137 27.75 -39.73 -18.47
N SER B 138 26.58 -40.26 -18.87
CA SER B 138 26.13 -40.30 -20.26
C SER B 138 25.98 -38.90 -20.86
N ILE B 139 25.28 -37.99 -20.13
CA ILE B 139 25.06 -36.60 -20.53
C ILE B 139 26.38 -35.86 -20.65
N ASN B 140 27.25 -35.98 -19.63
CA ASN B 140 28.54 -35.32 -19.59
C ASN B 140 29.52 -35.81 -20.67
N GLU B 141 29.53 -37.14 -20.96
CA GLU B 141 30.37 -37.73 -22.00
C GLU B 141 29.91 -37.22 -23.38
N TRP B 142 28.58 -37.14 -23.58
CA TRP B 142 28.03 -36.64 -24.83
C TRP B 142 28.43 -35.18 -25.05
N ALA B 143 28.32 -34.33 -24.01
CA ALA B 143 28.69 -32.92 -24.08
C ALA B 143 30.19 -32.76 -24.34
N ALA B 144 31.03 -33.59 -23.69
CA ALA B 144 32.48 -33.55 -23.88
C ALA B 144 32.84 -33.89 -25.32
N GLN B 145 32.30 -35.01 -25.90
CA GLN B 145 32.57 -35.42 -27.28
C GLN B 145 32.15 -34.36 -28.29
N THR B 146 31.00 -33.73 -28.05
CA THR B 146 30.42 -32.65 -28.87
C THR B 146 31.37 -31.44 -28.92
N THR B 147 31.99 -31.09 -27.78
CA THR B 147 32.88 -29.93 -27.61
C THR B 147 34.37 -30.30 -27.59
N ASP B 148 34.70 -31.57 -27.91
CA ASP B 148 36.07 -32.11 -27.88
C ASP B 148 36.78 -31.85 -26.53
N GLY B 149 36.03 -32.11 -25.45
CA GLY B 149 36.49 -31.98 -24.07
C GLY B 149 36.52 -30.60 -23.48
N LYS B 150 36.15 -29.57 -24.26
CA LYS B 150 36.16 -28.18 -23.78
C LYS B 150 35.08 -27.89 -22.75
N LEU B 151 33.99 -28.65 -22.83
CA LEU B 151 32.88 -28.60 -21.89
C LEU B 151 32.74 -30.03 -21.35
N PRO B 152 33.52 -30.37 -20.29
CA PRO B 152 33.52 -31.75 -19.81
C PRO B 152 32.33 -32.17 -18.96
N GLU B 153 31.59 -31.20 -18.42
CA GLU B 153 30.47 -31.46 -17.54
C GLU B 153 29.35 -30.47 -17.78
N VAL B 154 28.10 -30.99 -17.83
CA VAL B 154 26.91 -30.14 -18.00
C VAL B 154 26.40 -29.78 -16.60
N THR B 155 25.84 -30.77 -15.88
CA THR B 155 25.31 -30.62 -14.52
C THR B 155 25.83 -31.72 -13.61
N LYS B 156 25.92 -31.42 -12.31
CA LYS B 156 26.34 -32.38 -11.28
C LYS B 156 25.12 -33.10 -10.73
N ASP B 157 23.90 -32.57 -11.04
CA ASP B 157 22.63 -33.13 -10.57
C ASP B 157 21.44 -32.80 -11.47
N VAL B 158 20.57 -33.80 -11.67
CA VAL B 158 19.31 -33.72 -12.41
C VAL B 158 18.19 -33.82 -11.34
N GLU B 159 17.49 -32.70 -11.10
CA GLU B 159 16.41 -32.60 -10.09
C GLU B 159 15.19 -33.42 -10.48
N ARG B 160 14.59 -33.06 -11.64
CA ARG B 160 13.42 -33.71 -12.21
C ARG B 160 13.86 -34.86 -13.12
N THR B 161 13.51 -36.07 -12.69
CA THR B 161 13.90 -37.34 -13.26
C THR B 161 12.77 -38.10 -14.00
N ASP B 162 11.60 -37.46 -14.15
CA ASP B 162 10.42 -38.07 -14.78
C ASP B 162 10.01 -37.48 -16.14
N GLY B 163 10.72 -36.46 -16.59
CA GLY B 163 10.42 -35.82 -17.87
C GLY B 163 11.56 -35.82 -18.86
N ALA B 164 11.35 -35.13 -20.00
CA ALA B 164 12.38 -35.00 -21.04
C ALA B 164 13.32 -33.85 -20.71
N LEU B 165 14.62 -34.06 -20.98
CA LEU B 165 15.68 -33.07 -20.81
C LEU B 165 16.20 -32.69 -22.17
N LEU B 166 16.27 -31.39 -22.43
CA LEU B 166 16.86 -30.91 -23.66
C LEU B 166 18.21 -30.34 -23.29
N VAL B 167 19.26 -30.89 -23.89
CA VAL B 167 20.63 -30.46 -23.61
C VAL B 167 21.26 -29.86 -24.87
N ASN B 168 21.77 -28.65 -24.72
CA ASN B 168 22.50 -27.94 -25.77
C ASN B 168 23.90 -27.74 -25.25
N ALA B 169 24.88 -28.39 -25.89
CA ALA B 169 26.30 -28.33 -25.52
C ALA B 169 27.04 -27.55 -26.58
N MET B 170 27.77 -26.53 -26.14
CA MET B 170 28.47 -25.64 -27.05
C MET B 170 29.87 -25.32 -26.66
N PHE B 171 30.69 -25.05 -27.70
CA PHE B 171 32.03 -24.55 -27.60
C PHE B 171 32.18 -23.43 -28.59
N PHE B 172 32.58 -22.25 -28.10
CA PHE B 172 32.78 -21.10 -28.97
C PHE B 172 34.11 -20.43 -28.65
N LYS B 173 34.94 -20.25 -29.67
CA LYS B 173 36.22 -19.59 -29.51
C LYS B 173 36.35 -18.48 -30.55
N PRO B 174 36.19 -17.18 -30.15
CA PRO B 174 36.37 -16.11 -31.14
C PRO B 174 37.78 -16.08 -31.72
N HIS B 175 37.89 -16.05 -33.04
CA HIS B 175 39.15 -15.98 -33.77
C HIS B 175 39.19 -14.55 -34.29
N TRP B 176 40.10 -13.72 -33.74
CA TRP B 176 40.20 -12.31 -34.05
C TRP B 176 40.62 -12.02 -35.47
N ASP B 177 40.18 -10.89 -36.02
CA ASP B 177 40.57 -10.46 -37.36
C ASP B 177 42.03 -9.99 -37.29
N GLU B 178 42.42 -9.48 -36.13
CA GLU B 178 43.76 -9.02 -35.82
C GLU B 178 44.13 -9.68 -34.50
N LYS B 179 44.96 -10.71 -34.59
CA LYS B 179 45.43 -11.50 -33.45
C LYS B 179 46.18 -10.68 -32.39
N PHE B 180 46.22 -11.23 -31.17
CA PHE B 180 46.99 -10.67 -30.07
C PHE B 180 48.35 -11.36 -30.17
N HIS B 181 49.45 -10.65 -29.79
CA HIS B 181 50.78 -11.25 -29.78
C HIS B 181 50.75 -12.35 -28.70
N HIS B 182 51.18 -13.57 -29.06
CA HIS B 182 51.19 -14.74 -28.15
C HIS B 182 51.94 -14.54 -26.84
N LYS B 183 52.88 -13.57 -26.81
CA LYS B 183 53.69 -13.29 -25.63
C LYS B 183 53.12 -12.16 -24.79
N MET B 184 52.10 -11.44 -25.31
CA MET B 184 51.48 -10.29 -24.59
C MET B 184 50.36 -10.73 -23.65
N VAL B 185 50.76 -11.61 -22.75
CA VAL B 185 49.93 -12.31 -21.77
C VAL B 185 50.63 -12.23 -20.42
N ASP B 186 49.88 -11.87 -19.38
CA ASP B 186 50.41 -11.76 -18.01
C ASP B 186 49.34 -11.91 -16.95
N ASN B 187 49.74 -11.94 -15.68
CA ASN B 187 48.83 -12.08 -14.56
C ASN B 187 48.41 -10.76 -13.96
N ARG B 188 47.10 -10.57 -13.86
CA ARG B 188 46.51 -9.38 -13.28
C ARG B 188 45.40 -9.80 -12.30
N GLY B 189 44.90 -8.82 -11.55
CA GLY B 189 43.79 -9.00 -10.64
C GLY B 189 42.50 -8.56 -11.29
N PHE B 190 41.48 -9.41 -11.27
CA PHE B 190 40.14 -9.11 -11.79
C PHE B 190 39.25 -8.75 -10.60
N MET B 191 38.71 -7.54 -10.65
CA MET B 191 37.85 -7.04 -9.59
C MET B 191 36.40 -7.48 -9.78
N VAL B 192 36.01 -8.55 -9.10
CA VAL B 192 34.66 -9.12 -9.13
C VAL B 192 33.74 -8.06 -8.51
N THR B 193 34.17 -7.50 -7.37
CA THR B 193 33.54 -6.39 -6.65
C THR B 193 34.68 -5.46 -6.25
N ARG B 194 34.36 -4.30 -5.68
CA ARG B 194 35.36 -3.36 -5.18
C ARG B 194 36.16 -3.98 -3.99
N SER B 195 35.61 -5.02 -3.32
CA SER B 195 36.23 -5.69 -2.18
C SER B 195 36.77 -7.08 -2.52
N TYR B 196 36.43 -7.62 -3.71
CA TYR B 196 36.83 -8.95 -4.12
C TYR B 196 37.61 -8.97 -5.42
N THR B 197 38.88 -9.42 -5.34
CA THR B 197 39.81 -9.55 -6.46
C THR B 197 40.23 -11.01 -6.66
N VAL B 198 40.14 -11.49 -7.91
CA VAL B 198 40.53 -12.82 -8.35
C VAL B 198 41.70 -12.72 -9.34
N GLY B 199 42.70 -13.59 -9.16
CA GLY B 199 43.86 -13.64 -10.05
C GLY B 199 43.52 -14.28 -11.38
N VAL B 200 43.74 -13.55 -12.46
CA VAL B 200 43.45 -14.01 -13.83
C VAL B 200 44.67 -13.81 -14.74
N THR B 201 44.60 -14.41 -15.90
CA THR B 201 45.60 -14.22 -16.94
C THR B 201 44.95 -13.20 -17.88
N MET B 202 45.71 -12.19 -18.27
CA MET B 202 45.21 -11.18 -19.20
C MET B 202 46.01 -11.14 -20.47
N MET B 203 45.33 -10.92 -21.59
CA MET B 203 45.94 -10.75 -22.91
C MET B 203 45.76 -9.29 -23.30
N HIS B 204 46.78 -8.72 -23.97
CA HIS B 204 46.80 -7.29 -24.30
C HIS B 204 47.11 -7.00 -25.74
N ARG B 205 46.54 -5.89 -26.26
CA ARG B 205 46.74 -5.45 -27.66
C ARG B 205 46.34 -4.01 -27.89
N THR B 206 47.18 -3.25 -28.61
CA THR B 206 46.84 -1.89 -29.03
C THR B 206 46.56 -1.98 -30.54
N GLY B 207 45.40 -1.48 -30.94
CA GLY B 207 45.00 -1.46 -32.34
C GLY B 207 43.89 -0.48 -32.63
N LEU B 208 43.45 -0.43 -33.90
CA LEU B 208 42.36 0.41 -34.35
C LEU B 208 41.06 -0.35 -34.20
N TYR B 209 40.16 0.17 -33.35
CA TYR B 209 38.87 -0.46 -33.09
C TYR B 209 37.76 0.58 -33.06
N ASN B 210 36.53 0.13 -33.39
CA ASN B 210 35.33 0.94 -33.30
C ASN B 210 35.06 1.07 -31.80
N TYR B 211 35.04 2.31 -31.32
CA TYR B 211 34.95 2.60 -29.91
C TYR B 211 34.06 3.80 -29.64
N TYR B 212 33.43 3.79 -28.47
CA TYR B 212 32.59 4.86 -27.96
C TYR B 212 32.63 4.89 -26.44
N ASP B 213 32.84 6.09 -25.91
CA ASP B 213 32.90 6.37 -24.49
C ASP B 213 31.75 7.34 -24.14
N ASP B 214 30.77 6.86 -23.37
CA ASP B 214 29.62 7.66 -22.93
C ASP B 214 30.00 8.31 -21.59
N GLU B 215 30.39 9.59 -21.62
CA GLU B 215 30.80 10.33 -20.43
C GLU B 215 29.67 10.48 -19.43
N LYS B 216 28.43 10.59 -19.96
CA LYS B 216 27.19 10.75 -19.19
C LYS B 216 26.85 9.47 -18.48
N GLU B 217 26.76 8.35 -19.21
CA GLU B 217 26.38 7.07 -18.64
C GLU B 217 27.54 6.27 -18.01
N LYS B 218 28.76 6.84 -18.04
CA LYS B 218 30.00 6.31 -17.46
C LYS B 218 30.30 4.87 -17.88
N LEU B 219 30.28 4.64 -19.20
CA LEU B 219 30.53 3.33 -19.80
C LEU B 219 31.35 3.44 -21.09
N GLN B 220 31.96 2.32 -21.49
CA GLN B 220 32.75 2.21 -22.71
C GLN B 220 32.19 1.04 -23.50
N ILE B 221 32.24 1.17 -24.81
CA ILE B 221 31.81 0.13 -25.72
C ILE B 221 32.83 -0.01 -26.86
N VAL B 222 33.33 -1.25 -27.09
CA VAL B 222 34.31 -1.58 -28.12
C VAL B 222 33.82 -2.70 -29.01
N GLU B 223 34.12 -2.62 -30.31
CA GLU B 223 33.78 -3.62 -31.31
C GLU B 223 35.08 -4.29 -31.77
N MET B 224 35.16 -5.60 -31.54
CA MET B 224 36.34 -6.41 -31.91
C MET B 224 35.94 -7.33 -33.05
N PRO B 225 36.34 -6.98 -34.29
CA PRO B 225 35.98 -7.82 -35.43
C PRO B 225 36.61 -9.20 -35.35
N LEU B 226 35.82 -10.21 -35.76
CA LEU B 226 36.28 -11.59 -35.79
C LEU B 226 36.81 -11.90 -37.18
N ALA B 227 37.48 -13.05 -37.35
CA ALA B 227 38.11 -13.45 -38.61
C ALA B 227 37.29 -13.13 -39.86
N HIS B 228 37.94 -12.38 -40.77
CA HIS B 228 37.41 -11.95 -42.06
C HIS B 228 36.18 -11.02 -41.99
N LYS B 229 36.05 -10.32 -40.85
CA LYS B 229 35.01 -9.32 -40.55
C LYS B 229 33.57 -9.84 -40.79
N LEU B 230 33.36 -11.16 -40.62
CA LEU B 230 32.07 -11.82 -40.81
C LEU B 230 31.15 -11.67 -39.61
N SER B 231 31.77 -11.49 -38.45
CA SER B 231 31.09 -11.23 -37.18
C SER B 231 32.01 -10.38 -36.31
N SER B 232 31.47 -9.84 -35.21
CA SER B 232 32.19 -9.02 -34.27
C SER B 232 31.78 -9.31 -32.87
N LEU B 233 32.71 -9.12 -31.94
CA LEU B 233 32.46 -9.26 -30.53
C LEU B 233 32.39 -7.84 -29.97
N ILE B 234 31.24 -7.47 -29.41
CA ILE B 234 31.02 -6.15 -28.82
C ILE B 234 31.10 -6.29 -27.30
N ILE B 235 31.95 -5.48 -26.65
CA ILE B 235 32.11 -5.48 -25.19
C ILE B 235 31.63 -4.14 -24.61
N LEU B 236 30.73 -4.20 -23.60
CA LEU B 236 30.12 -3.08 -22.88
C LEU B 236 30.60 -3.15 -21.47
N MET B 237 31.20 -2.06 -21.01
CA MET B 237 31.75 -2.08 -19.66
C MET B 237 31.62 -0.73 -18.97
N PRO B 238 31.25 -0.71 -17.67
CA PRO B 238 31.24 0.57 -16.93
C PRO B 238 32.68 1.09 -16.77
N HIS B 239 32.89 2.40 -16.61
CA HIS B 239 34.26 2.96 -16.48
C HIS B 239 35.04 2.29 -15.34
N HIS B 240 34.40 2.12 -14.19
CA HIS B 240 35.01 1.49 -13.05
C HIS B 240 34.17 0.30 -12.59
N VAL B 241 34.62 -0.35 -11.52
CA VAL B 241 33.99 -1.51 -10.93
C VAL B 241 32.69 -1.14 -10.27
N GLU B 242 31.63 -1.77 -10.75
CA GLU B 242 30.30 -1.61 -10.21
C GLU B 242 29.43 -2.79 -10.62
N PRO B 243 28.34 -3.09 -9.87
CA PRO B 243 27.44 -4.18 -10.32
C PRO B 243 26.83 -3.81 -11.68
N LEU B 244 26.70 -4.80 -12.57
CA LEU B 244 26.21 -4.61 -13.94
C LEU B 244 24.75 -4.14 -14.07
N GLU B 245 23.98 -4.19 -12.96
CA GLU B 245 22.57 -3.82 -12.89
C GLU B 245 22.24 -2.49 -13.59
N ARG B 246 22.98 -1.40 -13.25
CA ARG B 246 22.80 -0.07 -13.82
C ARG B 246 22.94 -0.08 -15.34
N LEU B 247 24.01 -0.72 -15.83
CA LEU B 247 24.29 -0.85 -17.25
C LEU B 247 23.26 -1.73 -17.98
N GLU B 248 22.80 -2.81 -17.31
CA GLU B 248 21.78 -3.74 -17.82
C GLU B 248 20.43 -3.06 -18.04
N LYS B 249 20.14 -2.01 -17.25
CA LYS B 249 18.93 -1.19 -17.36
C LYS B 249 18.97 -0.42 -18.69
N LEU B 250 20.19 -0.02 -19.14
CA LEU B 250 20.41 0.71 -20.38
C LEU B 250 20.43 -0.22 -21.61
N LEU B 251 20.81 -1.50 -21.42
CA LEU B 251 20.91 -2.48 -22.48
C LEU B 251 19.59 -2.91 -23.12
N THR B 252 19.24 -2.26 -24.23
CA THR B 252 18.06 -2.57 -25.05
C THR B 252 18.54 -2.68 -26.50
N LYS B 253 17.70 -3.25 -27.39
CA LYS B 253 18.01 -3.40 -28.81
C LYS B 253 18.22 -2.03 -29.45
N GLU B 254 17.41 -1.05 -29.04
CA GLU B 254 17.40 0.35 -29.49
C GLU B 254 18.63 1.11 -29.01
N GLN B 255 19.01 0.94 -27.73
CA GLN B 255 20.17 1.62 -27.14
C GLN B 255 21.48 1.09 -27.72
N LEU B 256 21.53 -0.22 -28.00
CA LEU B 256 22.70 -0.84 -28.62
C LEU B 256 22.91 -0.26 -30.02
N LYS B 257 21.80 -0.05 -30.76
CA LYS B 257 21.81 0.56 -32.08
C LYS B 257 22.32 2.01 -32.01
N ILE B 258 21.92 2.76 -30.96
CA ILE B 258 22.36 4.14 -30.72
C ILE B 258 23.88 4.18 -30.49
N TRP B 259 24.36 3.35 -29.56
CA TRP B 259 25.77 3.23 -29.21
C TRP B 259 26.65 2.86 -30.39
N MET B 260 26.19 1.90 -31.21
CA MET B 260 26.94 1.43 -32.37
C MET B 260 27.08 2.44 -33.51
N GLY B 261 26.11 3.34 -33.63
CA GLY B 261 26.15 4.43 -34.59
C GLY B 261 27.06 5.55 -34.15
N LYS B 262 27.30 5.66 -32.82
CA LYS B 262 28.15 6.67 -32.18
C LYS B 262 29.62 6.23 -32.14
N MET B 263 29.89 4.94 -32.40
CA MET B 263 31.25 4.38 -32.41
C MET B 263 32.07 4.92 -33.55
N GLN B 264 33.37 5.09 -33.31
CA GLN B 264 34.34 5.60 -34.27
C GLN B 264 35.61 4.76 -34.15
N LYS B 265 36.32 4.55 -35.27
CA LYS B 265 37.57 3.82 -35.27
C LYS B 265 38.66 4.66 -34.62
N LYS B 266 39.15 4.18 -33.49
CA LYS B 266 40.17 4.87 -32.69
C LYS B 266 41.23 3.87 -32.29
N ALA B 267 42.40 4.38 -31.87
CA ALA B 267 43.45 3.57 -31.28
C ALA B 267 42.93 3.20 -29.88
N VAL B 268 42.86 1.89 -29.60
CA VAL B 268 42.38 1.38 -28.32
C VAL B 268 43.40 0.35 -27.79
N ALA B 269 43.75 0.47 -26.49
CA ALA B 269 44.62 -0.46 -25.80
C ALA B 269 43.69 -1.38 -25.02
N ILE B 270 43.50 -2.60 -25.56
CA ILE B 270 42.60 -3.61 -24.99
C ILE B 270 43.38 -4.54 -24.07
N SER B 271 42.77 -4.89 -22.92
CA SER B 271 43.26 -5.89 -21.97
C SER B 271 42.04 -6.72 -21.57
N LEU B 272 42.06 -8.01 -21.88
CA LEU B 272 40.96 -8.93 -21.64
C LEU B 272 41.40 -10.16 -20.87
N PRO B 273 40.53 -10.74 -20.03
CA PRO B 273 40.91 -12.00 -19.35
C PRO B 273 41.06 -13.09 -20.41
N LYS B 274 42.07 -13.95 -20.23
CA LYS B 274 42.39 -15.04 -21.14
C LYS B 274 42.05 -16.38 -20.45
N GLY B 275 41.31 -17.22 -21.16
CA GLY B 275 40.90 -18.54 -20.71
C GLY B 275 39.51 -18.98 -21.17
N VAL B 276 39.09 -20.16 -20.69
CA VAL B 276 37.78 -20.75 -20.98
C VAL B 276 36.80 -20.40 -19.85
N VAL B 277 35.62 -19.89 -20.22
CA VAL B 277 34.53 -19.60 -19.29
C VAL B 277 33.48 -20.71 -19.53
N GLU B 278 33.20 -21.53 -18.51
CA GLU B 278 32.20 -22.59 -18.59
C GLU B 278 30.92 -22.19 -17.86
N VAL B 279 29.79 -22.11 -18.58
CA VAL B 279 28.50 -21.74 -17.97
C VAL B 279 27.41 -22.73 -18.37
N THR B 280 26.67 -23.26 -17.38
CA THR B 280 25.52 -24.14 -17.61
C THR B 280 24.31 -23.47 -16.99
N HIS B 281 23.31 -23.22 -17.83
CA HIS B 281 22.06 -22.64 -17.42
C HIS B 281 20.96 -23.67 -17.64
N ASP B 282 19.97 -23.71 -16.74
CA ASP B 282 18.78 -24.49 -16.92
C ASP B 282 17.75 -23.40 -17.19
N LEU B 283 17.39 -23.27 -18.47
CA LEU B 283 16.50 -22.21 -18.93
C LEU B 283 15.03 -22.46 -18.61
N GLN B 284 14.71 -23.66 -18.08
CA GLN B 284 13.37 -24.10 -17.72
C GLN B 284 12.51 -23.05 -16.99
N LYS B 285 12.99 -22.54 -15.84
CA LYS B 285 12.26 -21.57 -15.03
C LYS B 285 12.17 -20.19 -15.67
N HIS B 286 13.19 -19.84 -16.46
CA HIS B 286 13.28 -18.56 -17.16
C HIS B 286 12.37 -18.50 -18.38
N LEU B 287 12.28 -19.59 -19.15
CA LEU B 287 11.40 -19.69 -20.32
C LEU B 287 9.96 -19.73 -19.85
N ALA B 288 9.71 -20.31 -18.66
CA ALA B 288 8.40 -20.39 -17.99
C ALA B 288 7.92 -18.98 -17.63
N GLY B 289 8.85 -18.18 -17.11
CA GLY B 289 8.63 -16.78 -16.73
C GLY B 289 8.36 -15.89 -17.92
N LEU B 290 8.82 -16.29 -19.12
CA LEU B 290 8.62 -15.59 -20.38
C LEU B 290 7.31 -16.05 -21.08
N GLY B 291 6.65 -17.08 -20.54
CA GLY B 291 5.39 -17.58 -21.09
C GLY B 291 5.26 -19.06 -21.42
N LEU B 292 6.33 -19.86 -21.22
CA LEU B 292 6.30 -21.30 -21.50
C LEU B 292 5.98 -22.08 -20.20
N THR B 293 4.76 -21.91 -19.68
CA THR B 293 4.30 -22.50 -18.42
C THR B 293 3.78 -23.92 -18.54
N GLU B 294 3.06 -24.23 -19.65
CA GLU B 294 2.45 -25.53 -19.89
C GLU B 294 3.42 -26.67 -20.16
N ALA B 295 4.46 -26.45 -21.00
CA ALA B 295 5.46 -27.49 -21.34
C ALA B 295 6.29 -27.98 -20.12
N ILE B 296 6.47 -27.07 -19.14
CA ILE B 296 7.24 -27.18 -17.89
C ILE B 296 6.48 -27.87 -16.73
N ASP B 297 5.16 -27.97 -16.84
CA ASP B 297 4.31 -28.57 -15.82
C ASP B 297 3.81 -29.94 -16.26
N LYS B 298 4.12 -30.97 -15.46
CA LYS B 298 3.75 -32.38 -15.69
C LYS B 298 2.26 -32.64 -15.97
N ASN B 299 1.37 -31.88 -15.31
CA ASN B 299 -0.09 -32.05 -15.45
C ASN B 299 -0.67 -31.41 -16.72
N LYS B 300 -0.18 -30.22 -17.08
CA LYS B 300 -0.67 -29.46 -18.24
C LYS B 300 0.02 -29.78 -19.58
N ALA B 301 1.26 -30.29 -19.52
CA ALA B 301 2.07 -30.60 -20.71
C ALA B 301 1.44 -31.55 -21.70
N ASP B 302 1.52 -31.17 -22.98
CA ASP B 302 1.03 -31.93 -24.11
C ASP B 302 2.18 -32.10 -25.08
N LEU B 303 2.97 -33.18 -24.92
CA LEU B 303 4.08 -33.51 -25.81
C LEU B 303 3.78 -34.85 -26.49
N SER B 304 2.52 -34.98 -26.96
CA SER B 304 1.96 -36.16 -27.63
C SER B 304 2.58 -36.39 -29.01
N ARG B 305 2.98 -35.31 -29.71
CA ARG B 305 3.61 -35.36 -31.04
C ARG B 305 5.04 -35.88 -30.93
N MET B 306 5.62 -35.75 -29.73
CA MET B 306 6.98 -36.16 -29.39
C MET B 306 7.12 -37.67 -29.17
N SER B 307 6.12 -38.30 -28.51
CA SER B 307 6.17 -39.71 -28.17
C SER B 307 4.82 -40.44 -28.33
N GLY B 308 3.78 -39.90 -27.70
CA GLY B 308 2.43 -40.45 -27.65
C GLY B 308 1.96 -40.53 -26.20
N LYS B 309 2.77 -39.94 -25.30
CA LYS B 309 2.66 -39.86 -23.84
C LYS B 309 2.30 -38.42 -23.36
N LYS B 310 1.14 -38.26 -22.65
CA LYS B 310 0.69 -36.97 -22.09
C LYS B 310 1.52 -36.64 -20.84
N ASP B 311 1.86 -37.68 -20.05
CA ASP B 311 2.68 -37.58 -18.83
C ASP B 311 4.02 -36.87 -19.07
N LEU B 312 4.58 -37.04 -20.30
CA LEU B 312 5.84 -36.46 -20.77
C LEU B 312 5.80 -34.93 -20.74
N TYR B 313 6.77 -34.34 -20.04
CA TYR B 313 6.88 -32.90 -19.86
C TYR B 313 8.34 -32.46 -20.01
N LEU B 314 8.56 -31.14 -20.15
CA LEU B 314 9.89 -30.57 -20.29
C LEU B 314 10.49 -30.28 -18.91
N ALA B 315 11.34 -31.20 -18.43
CA ALA B 315 11.97 -31.13 -17.12
C ALA B 315 13.06 -30.06 -17.04
N SER B 316 13.94 -30.00 -18.05
CA SER B 316 15.03 -29.04 -18.12
C SER B 316 15.37 -28.66 -19.56
N VAL B 317 16.00 -27.47 -19.71
CA VAL B 317 16.53 -26.93 -20.96
C VAL B 317 17.92 -26.47 -20.60
N PHE B 318 18.89 -27.38 -20.68
CA PHE B 318 20.28 -27.09 -20.37
C PHE B 318 20.99 -26.42 -21.52
N HIS B 319 21.48 -25.21 -21.26
CA HIS B 319 22.21 -24.38 -22.19
C HIS B 319 23.62 -24.30 -21.60
N ALA B 320 24.49 -25.25 -22.03
CA ALA B 320 25.85 -25.39 -21.53
C ALA B 320 26.83 -24.92 -22.57
N THR B 321 27.64 -23.91 -22.20
CA THR B 321 28.60 -23.27 -23.11
C THR B 321 29.99 -23.19 -22.48
N ALA B 322 31.04 -23.43 -23.30
CA ALA B 322 32.43 -23.21 -22.97
C ALA B 322 32.86 -22.11 -23.98
N PHE B 323 33.13 -20.93 -23.47
CA PHE B 323 33.54 -19.77 -24.29
C PHE B 323 35.02 -19.45 -23.99
N GLU B 324 35.89 -19.62 -24.99
CA GLU B 324 37.34 -19.41 -24.85
C GLU B 324 37.92 -18.08 -25.38
N TRP B 325 38.55 -17.36 -24.46
CA TRP B 325 39.22 -16.11 -24.76
C TRP B 325 40.69 -16.45 -24.92
N ASP B 326 41.19 -16.32 -26.17
CA ASP B 326 42.57 -16.64 -26.53
C ASP B 326 43.15 -15.57 -27.45
N THR B 327 44.51 -15.57 -27.62
CA THR B 327 45.25 -14.60 -28.43
C THR B 327 45.13 -14.84 -29.95
N GLU B 328 44.86 -16.09 -30.35
CA GLU B 328 44.75 -16.53 -31.74
C GLU B 328 43.75 -15.79 -32.60
N GLY B 329 44.21 -15.46 -33.80
CA GLY B 329 43.46 -14.75 -34.83
C GLY B 329 44.25 -14.64 -36.11
N ASN B 330 43.78 -13.85 -37.07
CA ASN B 330 44.48 -13.66 -38.35
C ASN B 330 45.70 -12.76 -38.15
N PRO B 331 46.80 -12.95 -38.91
CA PRO B 331 47.96 -12.04 -38.77
C PRO B 331 47.67 -10.62 -39.29
N PHE B 332 48.33 -9.60 -38.70
CA PHE B 332 48.14 -8.21 -39.13
C PHE B 332 49.37 -7.60 -39.80
N ARG B 343 46.97 7.89 -32.97
CA ARG B 343 46.52 8.75 -31.85
C ARG B 343 46.61 8.05 -30.48
N SER B 344 46.83 8.80 -29.38
CA SER B 344 47.01 8.30 -28.02
C SER B 344 45.90 7.32 -27.67
N PRO B 345 46.19 6.02 -27.43
CA PRO B 345 45.09 5.08 -27.27
C PRO B 345 44.22 5.22 -26.05
N LYS B 346 42.96 4.89 -26.26
CA LYS B 346 41.94 4.80 -25.23
C LYS B 346 42.18 3.48 -24.54
N LEU B 347 41.87 3.39 -23.26
CA LEU B 347 42.06 2.14 -22.55
C LEU B 347 40.75 1.39 -22.47
N PHE B 348 40.78 0.12 -22.81
CA PHE B 348 39.65 -0.77 -22.60
C PHE B 348 40.22 -1.89 -21.74
N TYR B 349 40.33 -1.60 -20.43
CA TYR B 349 40.94 -2.46 -19.43
C TYR B 349 39.88 -3.27 -18.72
N ALA B 350 39.60 -4.48 -19.25
CA ALA B 350 38.54 -5.35 -18.73
C ALA B 350 38.94 -6.17 -17.51
N ASP B 351 39.17 -5.48 -16.37
CA ASP B 351 39.54 -6.08 -15.09
C ASP B 351 38.39 -6.08 -14.10
N HIS B 352 37.17 -5.89 -14.61
CA HIS B 352 35.93 -5.83 -13.84
C HIS B 352 34.76 -6.31 -14.70
N PRO B 353 33.58 -6.69 -14.10
CA PRO B 353 32.49 -7.22 -14.92
C PRO B 353 32.05 -6.42 -16.14
N PHE B 354 31.84 -7.14 -17.21
CA PHE B 354 31.42 -6.58 -18.50
C PHE B 354 30.37 -7.47 -19.18
N ILE B 355 29.66 -6.87 -20.14
CA ILE B 355 28.65 -7.51 -20.99
C ILE B 355 29.28 -7.65 -22.37
N PHE B 356 29.00 -8.75 -23.05
CA PHE B 356 29.50 -8.96 -24.40
C PHE B 356 28.45 -9.60 -25.30
N LEU B 357 28.55 -9.32 -26.60
CA LEU B 357 27.65 -9.81 -27.63
C LEU B 357 28.49 -10.22 -28.82
N VAL B 358 28.06 -11.27 -29.53
CA VAL B 358 28.68 -11.72 -30.77
C VAL B 358 27.58 -11.53 -31.79
N ARG B 359 27.84 -10.68 -32.77
CA ARG B 359 26.89 -10.26 -33.78
C ARG B 359 27.41 -10.56 -35.16
N ASP B 360 26.61 -11.20 -36.03
CA ASP B 360 26.96 -11.45 -37.43
C ASP B 360 26.89 -10.07 -38.11
N THR B 361 28.02 -9.57 -38.63
CA THR B 361 28.16 -8.24 -39.26
C THR B 361 27.13 -7.98 -40.36
N GLN B 362 26.77 -9.03 -41.12
CA GLN B 362 25.81 -8.98 -42.21
C GLN B 362 24.36 -8.86 -41.75
N SER B 363 23.79 -9.94 -41.15
CA SER B 363 22.38 -9.99 -40.74
C SER B 363 22.02 -9.16 -39.52
N GLY B 364 22.98 -8.95 -38.65
CA GLY B 364 22.76 -8.24 -37.38
C GLY B 364 22.33 -9.21 -36.29
N SER B 365 22.10 -10.48 -36.68
CA SER B 365 21.67 -11.53 -35.77
C SER B 365 22.67 -11.78 -34.67
N LEU B 366 22.13 -11.94 -33.49
CA LEU B 366 22.91 -12.18 -32.30
C LEU B 366 23.27 -13.65 -32.21
N LEU B 367 24.58 -13.95 -32.22
CA LEU B 367 25.12 -15.30 -32.06
C LEU B 367 25.23 -15.58 -30.57
N PHE B 368 25.62 -14.56 -29.78
CA PHE B 368 25.82 -14.66 -28.34
C PHE B 368 25.49 -13.40 -27.64
N ILE B 369 25.05 -13.56 -26.39
CA ILE B 369 24.81 -12.51 -25.42
C ILE B 369 25.22 -13.11 -24.08
N GLY B 370 26.04 -12.37 -23.35
CA GLY B 370 26.50 -12.83 -22.05
C GLY B 370 27.12 -11.75 -21.21
N ARG B 371 27.66 -12.18 -20.07
CA ARG B 371 28.37 -11.33 -19.15
C ARG B 371 29.42 -12.12 -18.37
N LEU B 372 30.58 -11.50 -18.16
CA LEU B 372 31.63 -12.09 -17.34
C LEU B 372 31.67 -11.30 -16.04
N VAL B 373 31.24 -11.96 -14.98
CA VAL B 373 31.15 -11.39 -13.64
C VAL B 373 32.22 -12.01 -12.73
N ARG B 374 32.38 -13.33 -12.81
CA ARG B 374 33.33 -14.06 -11.98
C ARG B 374 34.13 -15.07 -12.80
N PRO B 375 35.36 -14.68 -13.20
CA PRO B 375 36.23 -15.65 -13.91
C PRO B 375 36.83 -16.67 -12.95
N LYS B 376 37.30 -17.81 -13.49
CA LYS B 376 37.93 -18.87 -12.71
C LYS B 376 39.35 -18.39 -12.25
N GLY B 377 39.63 -18.56 -10.95
CA GLY B 377 40.88 -18.15 -10.34
C GLY B 377 40.75 -17.98 -8.84
N ASP B 378 41.91 -17.82 -8.15
CA ASP B 378 41.98 -17.66 -6.69
C ASP B 378 42.00 -16.18 -6.31
N LEU C 2 5.81 40.52 -20.40
CA LEU C 2 5.54 41.74 -19.65
C LEU C 2 6.73 42.17 -18.79
N SER C 3 7.02 43.47 -18.79
CA SER C 3 8.07 44.09 -17.99
C SER C 3 7.62 44.16 -16.52
N PRO C 4 8.52 44.29 -15.50
CA PRO C 4 8.06 44.35 -14.09
C PRO C 4 7.08 45.49 -13.77
N LYS C 5 7.22 46.65 -14.45
CA LYS C 5 6.34 47.82 -14.27
C LYS C 5 4.94 47.56 -14.85
N ALA C 6 4.87 46.95 -16.05
CA ALA C 6 3.62 46.59 -16.72
C ALA C 6 2.89 45.51 -15.91
N ALA C 7 3.66 44.55 -15.35
CA ALA C 7 3.18 43.45 -14.50
C ALA C 7 2.51 44.01 -13.23
N THR C 8 3.12 45.04 -12.61
CA THR C 8 2.57 45.70 -11.43
C THR C 8 1.27 46.44 -11.73
N LEU C 9 1.22 47.15 -12.87
CA LEU C 9 0.04 47.90 -13.32
C LEU C 9 -1.12 46.93 -13.68
N ALA C 10 -0.78 45.71 -14.17
CA ALA C 10 -1.76 44.66 -14.50
C ALA C 10 -2.54 44.27 -13.26
N GLU C 11 -1.85 44.18 -12.11
CA GLU C 11 -2.42 43.83 -10.81
C GLU C 11 -3.38 44.94 -10.34
N ARG C 12 -3.01 46.21 -10.55
CA ARG C 12 -3.80 47.37 -10.16
C ARG C 12 -4.98 47.66 -11.09
N SER C 13 -4.93 47.17 -12.34
CA SER C 13 -6.04 47.31 -13.30
C SER C 13 -7.13 46.29 -12.97
N ALA C 14 -6.71 45.09 -12.52
CA ALA C 14 -7.58 43.98 -12.11
C ALA C 14 -8.29 44.35 -10.79
N GLY C 15 -7.55 44.94 -9.83
CA GLY C 15 -8.10 45.41 -8.57
C GLY C 15 -9.18 46.45 -8.78
N LEU C 16 -8.92 47.39 -9.69
CA LEU C 16 -9.83 48.45 -10.13
C LEU C 16 -11.05 47.85 -10.87
N ALA C 17 -10.85 46.76 -11.63
CA ALA C 17 -11.94 46.07 -12.33
C ALA C 17 -12.94 45.53 -11.33
N PHE C 18 -12.47 44.84 -10.26
CA PHE C 18 -13.34 44.32 -9.21
C PHE C 18 -14.09 45.45 -8.53
N SER C 19 -13.40 46.55 -8.24
CA SER C 19 -13.95 47.75 -7.59
C SER C 19 -15.01 48.40 -8.45
N LEU C 20 -14.74 48.54 -9.74
CA LEU C 20 -15.67 49.14 -10.69
C LEU C 20 -16.87 48.21 -10.96
N TYR C 21 -16.62 46.90 -11.17
CA TYR C 21 -17.67 45.91 -11.37
C TYR C 21 -18.67 45.97 -10.20
N GLN C 22 -18.17 45.97 -8.95
CA GLN C 22 -18.97 46.01 -7.73
C GLN C 22 -19.83 47.26 -7.61
N ALA C 23 -19.27 48.44 -7.95
CA ALA C 23 -19.95 49.73 -7.90
C ALA C 23 -21.14 49.72 -8.90
N MET C 24 -20.89 49.27 -10.14
CA MET C 24 -21.91 49.18 -11.18
C MET C 24 -22.97 48.13 -10.86
N ALA C 25 -22.57 46.98 -10.27
CA ALA C 25 -23.48 45.89 -9.91
C ALA C 25 -24.48 46.33 -8.83
N LYS C 26 -24.08 47.33 -8.00
CA LYS C 26 -24.91 47.94 -6.95
C LYS C 26 -25.95 48.90 -7.56
N ASP C 27 -25.64 49.48 -8.75
CA ASP C 27 -26.53 50.39 -9.47
C ASP C 27 -27.65 49.57 -10.13
N GLN C 28 -28.89 49.78 -9.66
CA GLN C 28 -30.10 49.07 -10.09
C GLN C 28 -30.49 49.30 -11.55
N ALA C 29 -29.99 50.39 -12.17
CA ALA C 29 -30.26 50.73 -13.57
C ALA C 29 -29.40 49.87 -14.53
N VAL C 30 -28.30 49.28 -14.01
CA VAL C 30 -27.35 48.45 -14.77
C VAL C 30 -27.87 47.00 -14.88
N GLU C 31 -27.98 46.48 -16.11
CA GLU C 31 -28.36 45.10 -16.36
C GLU C 31 -27.07 44.35 -16.66
N ASN C 32 -26.67 44.28 -17.94
CA ASN C 32 -25.44 43.60 -18.31
C ASN C 32 -24.22 44.48 -18.03
N ILE C 33 -23.09 43.85 -17.71
CA ILE C 33 -21.82 44.50 -17.43
C ILE C 33 -20.77 43.93 -18.37
N LEU C 34 -19.96 44.82 -18.96
CA LEU C 34 -18.85 44.47 -19.81
C LEU C 34 -17.74 45.47 -19.62
N LEU C 35 -16.66 45.05 -18.94
CA LEU C 35 -15.53 45.92 -18.66
C LEU C 35 -14.22 45.31 -19.04
N SER C 36 -13.35 46.16 -19.62
CA SER C 36 -11.99 45.79 -19.95
C SER C 36 -11.07 46.55 -18.99
N PRO C 37 -10.54 45.85 -17.95
CA PRO C 37 -9.68 46.52 -16.95
C PRO C 37 -8.58 47.42 -17.51
N VAL C 38 -7.82 46.96 -18.53
CA VAL C 38 -6.74 47.73 -19.14
C VAL C 38 -7.28 49.00 -19.81
N VAL C 39 -8.39 48.88 -20.53
CA VAL C 39 -9.05 49.99 -21.20
C VAL C 39 -9.56 51.01 -20.16
N VAL C 40 -10.13 50.53 -19.04
CA VAL C 40 -10.62 51.38 -17.95
C VAL C 40 -9.40 52.12 -17.32
N ALA C 41 -8.31 51.39 -17.09
CA ALA C 41 -7.06 51.92 -16.53
C ALA C 41 -6.45 52.99 -17.43
N SER C 42 -6.45 52.74 -18.76
CA SER C 42 -5.93 53.64 -19.80
C SER C 42 -6.66 54.96 -19.81
N SER C 43 -7.98 54.93 -19.54
CA SER C 43 -8.82 56.12 -19.46
C SER C 43 -8.34 57.03 -18.34
N LEU C 44 -7.92 56.42 -17.21
CA LEU C 44 -7.38 57.16 -16.08
C LEU C 44 -6.01 57.71 -16.44
N GLY C 45 -5.23 56.91 -17.18
CA GLY C 45 -3.91 57.28 -17.68
C GLY C 45 -3.95 58.53 -18.53
N LEU C 46 -4.99 58.63 -19.40
CA LEU C 46 -5.24 59.78 -20.27
C LEU C 46 -5.56 61.03 -19.45
N VAL C 47 -6.32 60.86 -18.34
CA VAL C 47 -6.67 61.95 -17.43
C VAL C 47 -5.39 62.47 -16.74
N SER C 48 -4.49 61.55 -16.36
CA SER C 48 -3.19 61.87 -15.75
C SER C 48 -2.30 62.59 -16.78
N LEU C 49 -2.41 62.19 -18.07
CA LEU C 49 -1.64 62.74 -19.17
C LEU C 49 -2.10 64.14 -19.56
N GLY C 50 -3.42 64.32 -19.67
CA GLY C 50 -4.04 65.58 -20.08
C GLY C 50 -4.29 66.60 -18.99
N GLY C 51 -4.14 66.19 -17.73
CA GLY C 51 -4.35 67.07 -16.59
C GLY C 51 -3.17 67.27 -15.67
N LYS C 52 -3.26 68.28 -14.81
CA LYS C 52 -2.25 68.60 -13.80
C LYS C 52 -2.86 68.76 -12.41
N ALA C 53 -1.99 68.78 -11.37
CA ALA C 53 -2.32 68.88 -9.95
C ALA C 53 -3.27 67.78 -9.47
N THR C 54 -4.38 68.19 -8.81
CA THR C 54 -5.39 67.30 -8.21
C THR C 54 -6.21 66.48 -9.22
N THR C 55 -6.42 67.01 -10.43
CA THR C 55 -7.15 66.30 -11.48
C THR C 55 -6.35 65.04 -11.88
N ALA C 56 -5.02 65.22 -12.10
CA ALA C 56 -4.08 64.16 -12.49
C ALA C 56 -3.77 63.19 -11.35
N SER C 57 -3.51 63.71 -10.14
CA SER C 57 -3.18 62.88 -8.96
C SER C 57 -4.35 61.98 -8.53
N GLN C 58 -5.61 62.46 -8.67
CA GLN C 58 -6.81 61.69 -8.35
C GLN C 58 -6.89 60.47 -9.27
N ALA C 59 -6.58 60.65 -10.58
CA ALA C 59 -6.56 59.58 -11.60
C ALA C 59 -5.58 58.48 -11.21
N LYS C 60 -4.37 58.89 -10.76
CA LYS C 60 -3.30 58.02 -10.30
C LYS C 60 -3.71 57.25 -9.02
N ALA C 61 -4.44 57.94 -8.12
CA ALA C 61 -4.95 57.38 -6.87
C ALA C 61 -6.04 56.32 -7.12
N VAL C 62 -6.97 56.58 -8.08
CA VAL C 62 -8.07 55.65 -8.45
C VAL C 62 -7.45 54.35 -8.98
N LEU C 63 -6.35 54.50 -9.72
CA LEU C 63 -5.57 53.42 -10.30
C LEU C 63 -4.68 52.74 -9.25
N SER C 64 -4.51 53.38 -8.08
CA SER C 64 -3.69 52.92 -6.95
C SER C 64 -2.17 52.95 -7.29
N ALA C 65 -1.79 53.74 -8.32
CA ALA C 65 -0.42 53.89 -8.81
C ALA C 65 0.24 55.21 -8.34
N GLU C 66 -0.13 55.72 -7.15
CA GLU C 66 0.41 56.97 -6.59
C GLU C 66 1.92 56.96 -6.32
N GLN C 67 2.45 55.78 -5.96
CA GLN C 67 3.86 55.57 -5.62
C GLN C 67 4.81 55.67 -6.82
N LEU C 68 4.28 55.39 -8.03
CA LEU C 68 5.02 55.39 -9.30
C LEU C 68 5.07 56.77 -9.94
N ARG C 69 6.02 56.96 -10.91
CA ARG C 69 6.17 58.19 -11.69
C ARG C 69 5.18 58.16 -12.86
N ASP C 70 4.77 59.34 -13.36
CA ASP C 70 3.86 59.53 -14.50
C ASP C 70 4.40 58.77 -15.72
N GLU C 71 5.73 58.90 -15.93
CA GLU C 71 6.59 58.26 -16.92
C GLU C 71 6.32 56.76 -16.90
N GLU C 72 6.63 56.11 -15.76
CA GLU C 72 6.45 54.68 -15.50
C GLU C 72 5.01 54.19 -15.77
N VAL C 73 4.01 55.03 -15.40
CA VAL C 73 2.57 54.76 -15.55
C VAL C 73 2.10 54.67 -17.03
N HIS C 74 2.34 55.73 -17.84
CA HIS C 74 1.94 55.82 -19.26
C HIS C 74 2.57 54.72 -20.12
N ALA C 75 3.85 54.39 -19.86
CA ALA C 75 4.58 53.34 -20.57
C ALA C 75 4.07 51.95 -20.17
N GLY C 76 3.84 51.76 -18.87
CA GLY C 76 3.31 50.53 -18.29
C GLY C 76 1.93 50.17 -18.79
N LEU C 77 1.04 51.19 -18.94
CA LEU C 77 -0.32 50.98 -19.46
C LEU C 77 -0.29 50.79 -20.97
N GLY C 78 0.62 51.52 -21.63
CA GLY C 78 0.85 51.46 -23.07
C GLY C 78 1.28 50.08 -23.51
N GLU C 79 2.17 49.45 -22.71
CA GLU C 79 2.72 48.10 -22.91
C GLU C 79 1.61 47.04 -22.73
N LEU C 80 0.76 47.24 -21.70
CA LEU C 80 -0.36 46.37 -21.37
C LEU C 80 -1.37 46.33 -22.50
N LEU C 81 -1.76 47.51 -23.03
CA LEU C 81 -2.69 47.66 -24.15
C LEU C 81 -2.16 46.93 -25.39
N ARG C 82 -0.86 47.12 -25.69
CA ARG C 82 -0.17 46.51 -26.83
C ARG C 82 -0.10 45.00 -26.71
N SER C 83 0.10 44.49 -25.48
CA SER C 83 0.13 43.05 -25.17
C SER C 83 -1.21 42.33 -25.53
N LEU C 84 -2.32 43.10 -25.59
CA LEU C 84 -3.64 42.59 -25.97
C LEU C 84 -3.85 42.56 -27.50
N SER C 85 -2.79 42.80 -28.27
CA SER C 85 -2.84 42.80 -29.72
C SER C 85 -1.60 42.10 -30.30
N VAL C 92 -7.17 35.05 -30.72
CA VAL C 92 -8.46 35.60 -30.26
C VAL C 92 -8.76 36.98 -30.90
N THR C 93 -10.01 37.17 -31.39
CA THR C 93 -10.43 38.40 -32.06
C THR C 93 -10.76 39.51 -31.10
N TRP C 94 -10.08 40.63 -31.31
CA TRP C 94 -10.14 41.80 -30.46
C TRP C 94 -9.87 43.06 -31.27
N LYS C 95 -10.82 43.99 -31.21
CA LYS C 95 -10.75 45.28 -31.89
C LYS C 95 -10.96 46.35 -30.85
N LEU C 96 -10.09 47.35 -30.82
CA LEU C 96 -10.19 48.45 -29.85
C LEU C 96 -9.88 49.79 -30.49
N GLY C 97 -10.72 50.76 -30.16
CA GLY C 97 -10.59 52.14 -30.60
C GLY C 97 -10.82 53.09 -29.45
N SER C 98 -10.00 54.14 -29.39
CA SER C 98 -10.07 55.19 -28.36
C SER C 98 -10.07 56.54 -29.03
N ARG C 99 -11.12 57.34 -28.78
CA ARG C 99 -11.26 58.66 -29.38
C ARG C 99 -11.75 59.68 -28.38
N LEU C 100 -11.06 60.84 -28.35
CA LEU C 100 -11.40 61.97 -27.51
C LEU C 100 -12.15 62.98 -28.34
N TYR C 101 -13.41 63.25 -27.95
CA TYR C 101 -14.29 64.21 -28.61
C TYR C 101 -14.40 65.45 -27.76
N GLY C 102 -14.02 66.59 -28.34
CA GLY C 102 -14.10 67.88 -27.67
C GLY C 102 -14.97 68.83 -28.45
N PRO C 103 -15.44 69.94 -27.82
CA PRO C 103 -16.26 70.93 -28.56
C PRO C 103 -15.52 71.53 -29.75
N SER C 104 -16.27 71.99 -30.78
CA SER C 104 -15.72 72.58 -32.01
C SER C 104 -14.76 73.74 -31.74
N SER C 105 -15.05 74.53 -30.69
CA SER C 105 -14.26 75.69 -30.25
C SER C 105 -12.84 75.32 -29.79
N VAL C 106 -12.70 74.23 -29.02
CA VAL C 106 -11.42 73.78 -28.48
C VAL C 106 -10.46 73.17 -29.52
N SER C 107 -9.15 73.37 -29.30
CA SER C 107 -8.05 72.84 -30.09
C SER C 107 -7.14 72.10 -29.12
N PHE C 108 -6.94 70.78 -29.32
CA PHE C 108 -6.10 69.95 -28.44
C PHE C 108 -4.63 70.35 -28.53
N ALA C 109 -3.89 70.23 -27.41
CA ALA C 109 -2.47 70.54 -27.34
C ALA C 109 -1.65 69.50 -28.13
N GLU C 110 -0.75 70.00 -29.00
CA GLU C 110 0.13 69.24 -29.90
C GLU C 110 0.91 68.13 -29.19
N ASP C 111 1.48 68.43 -28.01
CA ASP C 111 2.25 67.48 -27.19
C ASP C 111 1.36 66.36 -26.64
N PHE C 112 0.13 66.71 -26.19
CA PHE C 112 -0.84 65.76 -25.64
C PHE C 112 -1.24 64.80 -26.75
N VAL C 113 -1.56 65.34 -27.95
CA VAL C 113 -1.94 64.57 -29.14
C VAL C 113 -0.87 63.52 -29.45
N ARG C 114 0.44 63.91 -29.42
CA ARG C 114 1.51 62.93 -29.68
C ARG C 114 1.65 61.86 -28.59
N SER C 115 1.58 62.25 -27.30
CA SER C 115 1.70 61.32 -26.18
C SER C 115 0.51 60.35 -26.04
N SER C 116 -0.73 60.85 -26.24
CA SER C 116 -1.96 60.04 -26.14
C SER C 116 -2.03 59.03 -27.26
N LYS C 117 -1.49 59.38 -28.45
CA LYS C 117 -1.43 58.50 -29.61
C LYS C 117 -0.30 57.46 -29.42
N GLN C 118 0.82 57.87 -28.79
CA GLN C 118 2.00 57.04 -28.52
C GLN C 118 1.71 55.94 -27.52
N HIS C 119 1.17 56.30 -26.33
CA HIS C 119 0.88 55.35 -25.25
C HIS C 119 -0.49 54.72 -25.31
N TYR C 120 -1.52 55.50 -25.63
CA TYR C 120 -2.89 55.00 -25.59
C TYR C 120 -3.60 54.78 -26.93
N ASN C 121 -2.92 55.07 -28.06
CA ASN C 121 -3.46 54.99 -29.43
C ASN C 121 -4.78 55.75 -29.50
N CYS C 122 -4.79 56.93 -28.84
CA CYS C 122 -5.93 57.80 -28.76
C CYS C 122 -6.05 58.70 -29.97
N GLU C 123 -7.24 58.77 -30.54
CA GLU C 123 -7.60 59.59 -31.68
C GLU C 123 -8.25 60.87 -31.16
N HIS C 124 -8.22 61.96 -31.92
CA HIS C 124 -8.77 63.24 -31.45
C HIS C 124 -9.71 63.85 -32.46
N SER C 125 -10.91 64.24 -32.01
CA SER C 125 -11.93 64.77 -32.90
C SER C 125 -12.68 65.95 -32.29
N LYS C 126 -12.87 67.01 -33.08
CA LYS C 126 -13.61 68.20 -32.66
C LYS C 126 -15.03 68.00 -33.16
N ILE C 127 -16.02 68.12 -32.27
CA ILE C 127 -17.43 67.95 -32.66
C ILE C 127 -18.35 69.06 -32.17
N ASN C 128 -19.32 69.43 -33.01
CA ASN C 128 -20.31 70.43 -32.64
C ASN C 128 -21.52 69.71 -32.07
N PHE C 129 -21.61 69.74 -30.74
CA PHE C 129 -22.66 69.09 -29.97
C PHE C 129 -24.06 69.71 -30.17
N ARG C 130 -24.13 70.95 -30.71
CA ARG C 130 -25.39 71.65 -31.00
C ARG C 130 -26.21 70.89 -32.06
N ASP C 131 -25.53 70.26 -33.05
CA ASP C 131 -26.16 69.43 -34.08
C ASP C 131 -26.13 67.99 -33.54
N LYS C 132 -27.02 67.74 -32.57
CA LYS C 132 -27.17 66.49 -31.82
C LYS C 132 -27.18 65.21 -32.67
N ARG C 133 -28.02 65.16 -33.71
CA ARG C 133 -28.16 64.00 -34.61
C ARG C 133 -26.85 63.71 -35.35
N SER C 134 -26.18 64.77 -35.87
CA SER C 134 -24.90 64.69 -36.59
C SER C 134 -23.77 64.23 -35.66
N ALA C 135 -23.75 64.76 -34.41
CA ALA C 135 -22.74 64.41 -33.41
C ALA C 135 -22.83 62.92 -33.05
N LEU C 136 -24.06 62.42 -32.77
CA LEU C 136 -24.30 61.01 -32.45
C LEU C 136 -23.95 60.11 -33.64
N GLN C 137 -24.29 60.55 -34.86
CA GLN C 137 -23.99 59.84 -36.11
C GLN C 137 -22.49 59.66 -36.28
N SER C 138 -21.69 60.72 -35.99
CA SER C 138 -20.24 60.64 -36.10
C SER C 138 -19.63 59.65 -35.11
N ILE C 139 -20.06 59.71 -33.84
CA ILE C 139 -19.60 58.80 -32.79
C ILE C 139 -19.93 57.36 -33.14
N ASN C 140 -21.19 57.12 -33.56
CA ASN C 140 -21.67 55.78 -33.93
C ASN C 140 -21.01 55.19 -35.18
N GLU C 141 -20.73 56.05 -36.21
CA GLU C 141 -20.03 55.66 -37.44
C GLU C 141 -18.60 55.27 -37.09
N TRP C 142 -17.94 56.06 -36.23
CA TRP C 142 -16.57 55.77 -35.79
C TRP C 142 -16.50 54.43 -35.05
N ALA C 143 -17.42 54.18 -34.11
CA ALA C 143 -17.48 52.93 -33.37
C ALA C 143 -17.74 51.74 -34.29
N ALA C 144 -18.66 51.90 -35.26
CA ALA C 144 -19.03 50.85 -36.20
C ALA C 144 -17.82 50.47 -37.06
N GLN C 145 -17.07 51.47 -37.60
CA GLN C 145 -15.90 51.20 -38.42
C GLN C 145 -14.79 50.51 -37.64
N THR C 146 -14.57 50.93 -36.37
CA THR C 146 -13.59 50.38 -35.44
C THR C 146 -13.82 48.88 -35.21
N THR C 147 -15.10 48.49 -35.18
CA THR C 147 -15.57 47.15 -34.84
C THR C 147 -16.13 46.43 -36.02
N ASP C 148 -15.95 46.98 -37.22
CA ASP C 148 -16.46 46.38 -38.48
C ASP C 148 -17.96 46.04 -38.41
N GLY C 149 -18.72 46.98 -37.84
CA GLY C 149 -20.17 46.89 -37.73
C GLY C 149 -20.71 46.07 -36.59
N LYS C 150 -19.83 45.41 -35.81
CA LYS C 150 -20.23 44.59 -34.65
C LYS C 150 -20.82 45.41 -33.52
N LEU C 151 -20.40 46.68 -33.42
CA LEU C 151 -20.92 47.63 -32.44
C LEU C 151 -21.39 48.83 -33.24
N PRO C 152 -22.66 48.81 -33.71
CA PRO C 152 -23.12 49.88 -34.62
C PRO C 152 -23.54 51.18 -33.95
N GLU C 153 -23.77 51.14 -32.64
CA GLU C 153 -24.22 52.32 -31.89
C GLU C 153 -23.58 52.35 -30.51
N VAL C 154 -23.13 53.55 -30.08
CA VAL C 154 -22.56 53.73 -28.75
C VAL C 154 -23.69 54.18 -27.83
N THR C 155 -24.15 55.44 -28.00
CA THR C 155 -25.24 56.01 -27.23
C THR C 155 -26.29 56.66 -28.13
N LYS C 156 -27.53 56.70 -27.65
CA LYS C 156 -28.66 57.32 -28.34
C LYS C 156 -28.76 58.79 -27.90
N ASP C 157 -28.03 59.17 -26.82
CA ASP C 157 -28.03 60.53 -26.28
C ASP C 157 -26.77 60.89 -25.49
N VAL C 158 -26.29 62.13 -25.71
CA VAL C 158 -25.15 62.74 -25.04
C VAL C 158 -25.74 63.82 -24.10
N GLU C 159 -25.70 63.58 -22.78
CA GLU C 159 -26.24 64.49 -21.77
C GLU C 159 -25.42 65.78 -21.64
N ARG C 160 -24.12 65.63 -21.32
CA ARG C 160 -23.17 66.74 -21.16
C ARG C 160 -22.52 67.08 -22.51
N THR C 161 -22.88 68.27 -23.02
CA THR C 161 -22.50 68.78 -24.33
C THR C 161 -21.43 69.90 -24.32
N ASP C 162 -20.89 70.22 -23.13
CA ASP C 162 -19.90 71.29 -22.96
C ASP C 162 -18.48 70.82 -22.59
N GLY C 163 -18.31 69.51 -22.43
CA GLY C 163 -17.01 68.94 -22.08
C GLY C 163 -16.49 67.91 -23.05
N ALA C 164 -15.38 67.27 -22.66
CA ALA C 164 -14.72 66.22 -23.43
C ALA C 164 -15.36 64.85 -23.19
N LEU C 165 -15.52 64.09 -24.29
CA LEU C 165 -16.05 62.73 -24.25
C LEU C 165 -14.93 61.79 -24.66
N LEU C 166 -14.71 60.73 -23.88
CA LEU C 166 -13.74 59.72 -24.21
C LEU C 166 -14.51 58.46 -24.55
N VAL C 167 -14.41 58.03 -25.79
CA VAL C 167 -15.13 56.86 -26.26
C VAL C 167 -14.18 55.72 -26.53
N ASN C 168 -14.48 54.55 -25.96
CA ASN C 168 -13.74 53.32 -26.15
C ASN C 168 -14.71 52.38 -26.79
N ALA C 169 -14.44 51.98 -28.05
CA ALA C 169 -15.27 51.05 -28.82
C ALA C 169 -14.53 49.73 -28.95
N MET C 170 -15.16 48.61 -28.51
CA MET C 170 -14.53 47.31 -28.50
C MET C 170 -15.36 46.18 -29.07
N PHE C 171 -14.66 45.21 -29.65
CA PHE C 171 -15.21 43.96 -30.11
C PHE C 171 -14.30 42.87 -29.61
N PHE C 172 -14.89 41.90 -28.89
CA PHE C 172 -14.15 40.75 -28.39
C PHE C 172 -14.88 39.47 -28.67
N LYS C 173 -14.19 38.52 -29.28
CA LYS C 173 -14.77 37.22 -29.57
C LYS C 173 -13.85 36.12 -29.07
N PRO C 174 -14.18 35.45 -27.92
CA PRO C 174 -13.33 34.35 -27.43
C PRO C 174 -13.25 33.22 -28.44
N HIS C 175 -12.03 32.77 -28.72
CA HIS C 175 -11.76 31.68 -29.64
C HIS C 175 -11.34 30.51 -28.75
N TRP C 176 -12.18 29.48 -28.65
CA TRP C 176 -11.98 28.33 -27.77
C TRP C 176 -10.80 27.48 -28.15
N ASP C 177 -10.18 26.84 -27.16
CA ASP C 177 -9.07 25.92 -27.39
C ASP C 177 -9.63 24.64 -28.01
N GLU C 178 -10.88 24.33 -27.67
CA GLU C 178 -11.64 23.19 -28.20
C GLU C 178 -12.97 23.76 -28.64
N LYS C 179 -13.12 23.89 -29.96
CA LYS C 179 -14.31 24.45 -30.60
C LYS C 179 -15.58 23.68 -30.29
N PHE C 180 -16.72 24.36 -30.43
CA PHE C 180 -18.04 23.75 -30.31
C PHE C 180 -18.38 23.31 -31.74
N HIS C 181 -19.13 22.21 -31.91
CA HIS C 181 -19.58 21.77 -33.24
C HIS C 181 -20.54 22.86 -33.75
N HIS C 182 -20.32 23.34 -34.98
CA HIS C 182 -21.12 24.42 -35.58
C HIS C 182 -22.63 24.13 -35.67
N LYS C 183 -23.00 22.83 -35.64
CA LYS C 183 -24.39 22.39 -35.72
C LYS C 183 -25.02 22.15 -34.36
N MET C 184 -24.22 22.21 -33.27
CA MET C 184 -24.70 22.01 -31.91
C MET C 184 -25.25 23.26 -31.28
N VAL C 185 -26.22 23.83 -32.00
CA VAL C 185 -26.85 25.12 -31.75
C VAL C 185 -28.34 24.95 -31.89
N ASP C 186 -29.10 25.42 -30.90
CA ASP C 186 -30.57 25.34 -30.90
C ASP C 186 -31.21 26.44 -30.07
N ASN C 187 -32.54 26.49 -30.08
CA ASN C 187 -33.31 27.50 -29.35
C ASN C 187 -33.79 27.02 -28.00
N ARG C 188 -33.45 27.80 -26.96
CA ARG C 188 -33.85 27.54 -25.58
C ARG C 188 -34.40 28.81 -24.96
N GLY C 189 -34.99 28.67 -23.77
CA GLY C 189 -35.48 29.81 -22.99
C GLY C 189 -34.48 30.21 -21.94
N PHE C 190 -34.13 31.51 -21.88
CA PHE C 190 -33.21 32.05 -20.88
C PHE C 190 -34.03 32.74 -19.81
N MET C 191 -33.87 32.28 -18.58
CA MET C 191 -34.62 32.82 -17.44
C MET C 191 -33.92 34.04 -16.85
N VAL C 192 -34.40 35.24 -17.22
CA VAL C 192 -33.90 36.51 -16.74
C VAL C 192 -34.24 36.56 -15.22
N THR C 193 -35.48 36.19 -14.90
CA THR C 193 -36.01 35.99 -13.54
C THR C 193 -36.84 34.71 -13.60
N ARG C 194 -37.37 34.22 -12.46
CA ARG C 194 -38.24 33.04 -12.50
C ARG C 194 -39.55 33.29 -13.26
N SER C 195 -39.96 34.58 -13.41
CA SER C 195 -41.18 35.01 -14.09
C SER C 195 -40.94 35.61 -15.48
N TYR C 196 -39.68 35.82 -15.85
CA TYR C 196 -39.33 36.41 -17.14
C TYR C 196 -38.35 35.54 -17.92
N THR C 197 -38.81 35.01 -19.05
CA THR C 197 -38.05 34.13 -19.96
C THR C 197 -37.93 34.78 -21.33
N VAL C 198 -36.72 34.73 -21.88
CA VAL C 198 -36.36 35.28 -23.18
C VAL C 198 -35.85 34.14 -24.06
N GLY C 199 -36.33 34.11 -25.30
CA GLY C 199 -35.91 33.10 -26.28
C GLY C 199 -34.51 33.40 -26.80
N VAL C 200 -33.57 32.46 -26.59
CA VAL C 200 -32.18 32.61 -27.02
C VAL C 200 -31.72 31.44 -27.87
N THR C 201 -30.58 31.62 -28.52
CA THR C 201 -29.91 30.57 -29.24
C THR C 201 -28.87 30.04 -28.29
N MET C 202 -28.79 28.72 -28.14
CA MET C 202 -27.78 28.12 -27.28
C MET C 202 -26.82 27.25 -28.06
N MET C 203 -25.54 27.27 -27.66
CA MET C 203 -24.51 26.41 -28.22
C MET C 203 -24.11 25.41 -27.14
N HIS C 204 -23.85 24.17 -27.53
CA HIS C 204 -23.59 23.07 -26.60
C HIS C 204 -22.32 22.31 -26.88
N ARG C 205 -21.68 21.79 -25.82
CA ARG C 205 -20.46 21.00 -25.91
C ARG C 205 -20.16 20.20 -24.67
N THR C 206 -19.83 18.92 -24.84
CA THR C 206 -19.39 18.05 -23.76
C THR C 206 -17.89 17.89 -23.96
N GLY C 207 -17.13 18.19 -22.92
CA GLY C 207 -15.69 18.09 -22.92
C GLY C 207 -15.12 18.02 -21.52
N LEU C 208 -13.80 17.92 -21.44
CA LEU C 208 -13.09 17.90 -20.18
C LEU C 208 -12.75 19.33 -19.81
N TYR C 209 -13.28 19.79 -18.67
CA TYR C 209 -13.06 21.16 -18.20
C TYR C 209 -12.78 21.19 -16.71
N ASN C 210 -12.04 22.23 -16.28
CA ASN C 210 -11.76 22.52 -14.88
C ASN C 210 -13.10 23.03 -14.32
N TYR C 211 -13.59 22.32 -13.31
CA TYR C 211 -14.91 22.56 -12.77
C TYR C 211 -14.94 22.41 -11.27
N TYR C 212 -15.84 23.18 -10.64
CA TYR C 212 -16.10 23.15 -9.22
C TYR C 212 -17.54 23.50 -8.95
N ASP C 213 -18.20 22.67 -8.11
CA ASP C 213 -19.57 22.85 -7.68
C ASP C 213 -19.59 23.03 -6.16
N ASP C 214 -20.02 24.19 -5.69
CA ASP C 214 -20.12 24.36 -4.24
C ASP C 214 -21.54 24.07 -3.81
N GLU C 215 -21.67 23.06 -2.96
CA GLU C 215 -22.97 22.65 -2.42
C GLU C 215 -23.49 23.59 -1.34
N LYS C 216 -22.57 24.12 -0.51
CA LYS C 216 -22.92 25.08 0.52
C LYS C 216 -23.24 26.47 -0.11
N GLU C 217 -22.29 27.08 -0.89
CA GLU C 217 -22.53 28.39 -1.51
C GLU C 217 -23.52 28.39 -2.69
N LYS C 218 -24.00 27.17 -3.10
CA LYS C 218 -24.97 26.91 -4.17
C LYS C 218 -24.61 27.58 -5.49
N LEU C 219 -23.38 27.28 -5.95
CA LEU C 219 -22.79 27.84 -7.16
C LEU C 219 -21.93 26.86 -7.97
N GLN C 220 -21.77 27.14 -9.26
CA GLN C 220 -20.90 26.37 -10.14
C GLN C 220 -19.92 27.32 -10.79
N ILE C 221 -18.71 26.81 -11.01
CA ILE C 221 -17.66 27.56 -11.66
C ILE C 221 -16.94 26.65 -12.66
N VAL C 222 -16.83 27.11 -13.90
CA VAL C 222 -16.15 26.40 -14.99
C VAL C 222 -15.10 27.27 -15.67
N GLU C 223 -13.98 26.65 -16.06
CA GLU C 223 -12.87 27.30 -16.75
C GLU C 223 -12.83 26.78 -18.16
N MET C 224 -13.00 27.69 -19.13
CA MET C 224 -12.99 27.39 -20.56
C MET C 224 -11.73 27.97 -21.19
N PRO C 225 -10.71 27.13 -21.44
CA PRO C 225 -9.46 27.64 -22.04
C PRO C 225 -9.67 28.21 -23.42
N LEU C 226 -9.00 29.31 -23.72
CA LEU C 226 -9.07 29.96 -25.02
C LEU C 226 -7.92 29.45 -25.88
N ALA C 227 -7.93 29.79 -27.17
CA ALA C 227 -6.93 29.33 -28.15
C ALA C 227 -5.51 29.32 -27.64
N HIS C 228 -4.89 28.13 -27.73
CA HIS C 228 -3.51 27.83 -27.34
C HIS C 228 -3.20 28.01 -25.86
N LYS C 229 -4.25 27.91 -25.01
CA LYS C 229 -4.22 27.98 -23.55
C LYS C 229 -3.48 29.22 -23.00
N LEU C 230 -3.51 30.33 -23.77
CA LEU C 230 -2.86 31.60 -23.41
C LEU C 230 -3.70 32.40 -22.43
N SER C 231 -5.04 32.19 -22.47
CA SER C 231 -6.01 32.79 -21.58
C SER C 231 -7.17 31.81 -21.39
N SER C 232 -8.04 32.10 -20.42
CA SER C 232 -9.22 31.31 -20.13
C SER C 232 -10.40 32.18 -19.79
N LEU C 233 -11.60 31.70 -20.12
CA LEU C 233 -12.83 32.35 -19.76
C LEU C 233 -13.40 31.54 -18.57
N ILE C 234 -13.57 32.22 -17.43
CA ILE C 234 -14.13 31.61 -16.22
C ILE C 234 -15.57 32.06 -16.07
N ILE C 235 -16.52 31.11 -15.92
CA ILE C 235 -17.94 31.41 -15.73
C ILE C 235 -18.40 30.95 -14.33
N LEU C 236 -19.07 31.89 -13.61
CA LEU C 236 -19.60 31.73 -12.25
C LEU C 236 -21.10 31.84 -12.32
N MET C 237 -21.78 30.82 -11.82
CA MET C 237 -23.24 30.81 -11.93
C MET C 237 -23.89 30.18 -10.71
N PRO C 238 -24.96 30.81 -10.16
CA PRO C 238 -25.71 30.15 -9.06
C PRO C 238 -26.41 28.89 -9.55
N HIS C 239 -26.75 27.97 -8.61
CA HIS C 239 -27.48 26.75 -8.95
C HIS C 239 -28.89 27.10 -9.42
N HIS C 240 -29.52 28.03 -8.70
CA HIS C 240 -30.89 28.47 -8.97
C HIS C 240 -30.96 29.81 -9.67
N VAL C 241 -32.08 30.08 -10.36
CA VAL C 241 -32.32 31.39 -10.97
C VAL C 241 -32.55 32.38 -9.81
N GLU C 242 -31.60 33.28 -9.66
CA GLU C 242 -31.63 34.27 -8.57
C GLU C 242 -30.85 35.50 -9.01
N PRO C 243 -31.11 36.68 -8.40
CA PRO C 243 -30.30 37.86 -8.74
C PRO C 243 -28.84 37.60 -8.34
N LEU C 244 -27.91 38.07 -9.16
CA LEU C 244 -26.48 37.88 -8.96
C LEU C 244 -25.87 38.53 -7.70
N GLU C 245 -26.64 39.41 -7.02
CA GLU C 245 -26.25 40.13 -5.81
C GLU C 245 -25.54 39.24 -4.77
N ARG C 246 -26.14 38.09 -4.41
CA ARG C 246 -25.59 37.15 -3.42
C ARG C 246 -24.22 36.64 -3.83
N LEU C 247 -24.09 36.22 -5.09
CA LEU C 247 -22.85 35.72 -5.65
C LEU C 247 -21.78 36.82 -5.78
N GLU C 248 -22.21 38.05 -6.12
CA GLU C 248 -21.35 39.23 -6.25
C GLU C 248 -20.73 39.63 -4.91
N LYS C 249 -21.43 39.34 -3.79
CA LYS C 249 -20.94 39.58 -2.43
C LYS C 249 -19.75 38.67 -2.14
N LEU C 250 -19.76 37.45 -2.70
CA LEU C 250 -18.69 36.45 -2.55
C LEU C 250 -17.51 36.73 -3.51
N LEU C 251 -17.77 37.38 -4.66
CA LEU C 251 -16.75 37.67 -5.69
C LEU C 251 -15.68 38.68 -5.27
N THR C 252 -14.56 38.15 -4.80
CA THR C 252 -13.36 38.91 -4.43
C THR C 252 -12.17 38.25 -5.15
N LYS C 253 -11.04 38.95 -5.23
CA LYS C 253 -9.81 38.42 -5.84
C LYS C 253 -9.35 37.14 -5.08
N GLU C 254 -9.49 37.16 -3.74
CA GLU C 254 -9.11 36.09 -2.82
C GLU C 254 -10.04 34.87 -2.94
N GLN C 255 -11.36 35.09 -3.04
CA GLN C 255 -12.35 34.02 -3.16
C GLN C 255 -12.25 33.33 -4.51
N LEU C 256 -11.95 34.09 -5.57
CA LEU C 256 -11.75 33.56 -6.90
C LEU C 256 -10.53 32.61 -6.90
N LYS C 257 -9.46 32.99 -6.19
CA LYS C 257 -8.25 32.18 -6.02
C LYS C 257 -8.59 30.88 -5.28
N ILE C 258 -9.47 30.93 -4.25
CA ILE C 258 -9.94 29.77 -3.48
C ILE C 258 -10.69 28.79 -4.40
N TRP C 259 -11.69 29.30 -5.15
CA TRP C 259 -12.50 28.54 -6.08
C TRP C 259 -11.68 27.86 -7.16
N MET C 260 -10.72 28.59 -7.73
CA MET C 260 -9.85 28.07 -8.78
C MET C 260 -8.92 26.94 -8.35
N GLY C 261 -8.52 26.93 -7.07
CA GLY C 261 -7.69 25.88 -6.48
C GLY C 261 -8.51 24.64 -6.19
N LYS C 262 -9.84 24.80 -6.03
CA LYS C 262 -10.78 23.72 -5.76
C LYS C 262 -11.27 23.04 -7.05
N MET C 263 -11.04 23.67 -8.21
CA MET C 263 -11.45 23.14 -9.52
C MET C 263 -10.67 21.90 -9.90
N GLN C 264 -11.34 20.96 -10.58
CA GLN C 264 -10.78 19.70 -11.06
C GLN C 264 -11.27 19.45 -12.48
N LYS C 265 -10.41 18.82 -13.32
CA LYS C 265 -10.80 18.48 -14.69
C LYS C 265 -11.82 17.35 -14.69
N LYS C 266 -13.02 17.66 -15.15
CA LYS C 266 -14.15 16.72 -15.16
C LYS C 266 -14.84 16.80 -16.51
N ALA C 267 -15.66 15.79 -16.82
CA ALA C 267 -16.51 15.82 -18.01
C ALA C 267 -17.62 16.83 -17.66
N VAL C 268 -17.75 17.89 -18.48
CA VAL C 268 -18.76 18.93 -18.28
C VAL C 268 -19.53 19.13 -19.58
N ALA C 269 -20.87 19.17 -19.47
CA ALA C 269 -21.76 19.46 -20.60
C ALA C 269 -22.13 20.94 -20.46
N ILE C 270 -21.50 21.77 -21.30
CA ILE C 270 -21.67 23.21 -21.31
C ILE C 270 -22.74 23.61 -22.31
N SER C 271 -23.65 24.50 -21.90
CA SER C 271 -24.68 25.11 -22.75
C SER C 271 -24.65 26.59 -22.45
N LEU C 272 -24.29 27.37 -23.47
CA LEU C 272 -24.14 28.83 -23.36
C LEU C 272 -24.98 29.56 -24.35
N PRO C 273 -25.48 30.76 -24.02
CA PRO C 273 -26.19 31.56 -25.04
C PRO C 273 -25.19 31.97 -26.13
N LYS C 274 -25.65 31.89 -27.38
CA LYS C 274 -24.86 32.21 -28.55
C LYS C 274 -25.35 33.52 -29.14
N GLY C 275 -24.41 34.39 -29.46
CA GLY C 275 -24.70 35.68 -30.06
C GLY C 275 -23.83 36.79 -29.51
N VAL C 276 -24.05 38.00 -30.04
CA VAL C 276 -23.34 39.20 -29.64
C VAL C 276 -24.10 39.86 -28.48
N VAL C 277 -23.35 40.24 -27.45
CA VAL C 277 -23.88 41.02 -26.33
C VAL C 277 -23.30 42.45 -26.49
N GLU C 278 -24.17 43.45 -26.69
CA GLU C 278 -23.77 44.84 -26.87
C GLU C 278 -24.05 45.64 -25.58
N VAL C 279 -23.00 46.19 -24.96
CA VAL C 279 -23.14 46.96 -23.72
C VAL C 279 -22.38 48.28 -23.82
N THR C 280 -23.06 49.38 -23.45
CA THR C 280 -22.46 50.71 -23.40
C THR C 280 -22.60 51.23 -21.99
N HIS C 281 -21.46 51.51 -21.34
CA HIS C 281 -21.41 52.07 -20.01
C HIS C 281 -20.84 53.47 -20.10
N ASP C 282 -21.36 54.38 -19.28
CA ASP C 282 -20.77 55.70 -19.11
C ASP C 282 -20.14 55.57 -17.73
N LEU C 283 -18.82 55.42 -17.70
CA LEU C 283 -18.08 55.18 -16.47
C LEU C 283 -17.89 56.42 -15.62
N GLN C 284 -18.30 57.60 -16.14
CA GLN C 284 -18.18 58.91 -15.51
C GLN C 284 -18.59 58.97 -14.02
N LYS C 285 -19.85 58.60 -13.68
CA LYS C 285 -20.29 58.64 -12.26
C LYS C 285 -19.62 57.60 -11.39
N HIS C 286 -19.30 56.44 -11.98
CA HIS C 286 -18.66 55.32 -11.31
C HIS C 286 -17.20 55.60 -10.95
N LEU C 287 -16.45 56.22 -11.89
CA LEU C 287 -15.05 56.59 -11.66
C LEU C 287 -14.96 57.72 -10.64
N ALA C 288 -15.98 58.61 -10.63
CA ALA C 288 -16.10 59.72 -9.68
C ALA C 288 -16.28 59.16 -8.27
N GLY C 289 -17.14 58.14 -8.15
CA GLY C 289 -17.42 57.44 -6.90
C GLY C 289 -16.19 56.72 -6.35
N LEU C 290 -15.28 56.32 -7.24
CA LEU C 290 -14.03 55.64 -6.91
C LEU C 290 -12.89 56.62 -6.55
N GLY C 291 -13.14 57.92 -6.75
CA GLY C 291 -12.18 58.97 -6.42
C GLY C 291 -11.82 59.99 -7.49
N LEU C 292 -12.39 59.88 -8.71
CA LEU C 292 -12.11 60.82 -9.81
C LEU C 292 -13.22 61.91 -9.87
N THR C 293 -13.28 62.73 -8.80
CA THR C 293 -14.30 63.78 -8.64
C THR C 293 -13.99 65.08 -9.37
N GLU C 294 -12.71 65.51 -9.35
CA GLU C 294 -12.27 66.76 -9.96
C GLU C 294 -12.36 66.79 -11.47
N ALA C 295 -11.92 65.71 -12.13
CA ALA C 295 -11.92 65.60 -13.60
C ALA C 295 -13.32 65.72 -14.22
N ILE C 296 -14.35 65.23 -13.53
CA ILE C 296 -15.74 65.24 -14.01
C ILE C 296 -16.58 66.49 -13.67
N ASP C 297 -16.07 67.37 -12.79
CA ASP C 297 -16.73 68.60 -12.40
C ASP C 297 -16.14 69.79 -13.17
N LYS C 298 -17.00 70.50 -13.92
CA LYS C 298 -16.66 71.66 -14.75
C LYS C 298 -15.87 72.78 -14.04
N ASN C 299 -16.16 73.02 -12.74
CA ASN C 299 -15.51 74.07 -11.96
C ASN C 299 -14.13 73.69 -11.45
N LYS C 300 -13.95 72.44 -10.99
CA LYS C 300 -12.70 71.96 -10.41
C LYS C 300 -11.70 71.36 -11.42
N ALA C 301 -12.19 70.91 -12.59
CA ALA C 301 -11.37 70.25 -13.61
C ALA C 301 -10.21 71.06 -14.13
N ASP C 302 -9.05 70.43 -14.21
CA ASP C 302 -7.82 71.00 -14.74
C ASP C 302 -7.31 70.06 -15.84
N LEU C 303 -7.73 70.34 -17.08
CA LEU C 303 -7.31 69.58 -18.25
C LEU C 303 -6.57 70.54 -19.20
N SER C 304 -5.68 71.33 -18.59
CA SER C 304 -4.86 72.34 -19.24
C SER C 304 -3.79 71.75 -20.14
N ARG C 305 -3.28 70.55 -19.79
CA ARG C 305 -2.26 69.88 -20.59
C ARG C 305 -2.85 69.28 -21.86
N MET C 306 -4.17 69.06 -21.87
CA MET C 306 -4.94 68.51 -22.98
C MET C 306 -5.20 69.55 -24.07
N SER C 307 -5.52 70.81 -23.68
CA SER C 307 -5.85 71.87 -24.63
C SER C 307 -5.22 73.24 -24.32
N GLY C 308 -5.45 73.73 -23.11
CA GLY C 308 -5.00 75.03 -22.63
C GLY C 308 -6.12 75.83 -22.00
N LYS C 309 -7.32 75.20 -21.87
CA LYS C 309 -8.51 75.79 -21.26
C LYS C 309 -9.00 75.03 -20.02
N LYS C 310 -9.17 75.76 -18.90
CA LYS C 310 -9.62 75.27 -17.58
C LYS C 310 -11.09 74.80 -17.61
N ASP C 311 -11.94 75.49 -18.41
CA ASP C 311 -13.37 75.18 -18.58
C ASP C 311 -13.63 73.76 -19.14
N LEU C 312 -12.59 73.13 -19.75
CA LEU C 312 -12.64 71.77 -20.29
C LEU C 312 -12.67 70.73 -19.16
N TYR C 313 -13.68 69.86 -19.19
CA TYR C 313 -13.87 68.82 -18.18
C TYR C 313 -14.24 67.48 -18.84
N LEU C 314 -14.19 66.39 -18.08
CA LEU C 314 -14.53 65.07 -18.56
C LEU C 314 -16.03 64.80 -18.40
N ALA C 315 -16.78 64.99 -19.49
CA ALA C 315 -18.23 64.83 -19.53
C ALA C 315 -18.68 63.37 -19.45
N SER C 316 -18.02 62.49 -20.22
CA SER C 316 -18.33 61.07 -20.25
C SER C 316 -17.10 60.23 -20.56
N VAL C 317 -17.18 58.95 -20.12
CA VAL C 317 -16.19 57.91 -20.37
C VAL C 317 -17.02 56.73 -20.87
N PHE C 318 -17.26 56.67 -22.19
CA PHE C 318 -18.02 55.59 -22.78
C PHE C 318 -17.17 54.36 -23.01
N HIS C 319 -17.60 53.26 -22.40
CA HIS C 319 -16.98 51.94 -22.50
C HIS C 319 -18.02 51.08 -23.21
N ALA C 320 -17.94 51.02 -24.55
CA ALA C 320 -18.86 50.30 -25.43
C ALA C 320 -18.18 49.05 -25.89
N THR C 321 -18.82 47.92 -25.65
CA THR C 321 -18.30 46.60 -26.02
C THR C 321 -19.35 45.76 -26.73
N ALA C 322 -18.89 44.99 -27.73
CA ALA C 322 -19.66 43.97 -28.46
C ALA C 322 -18.90 42.67 -28.16
N PHE C 323 -19.44 41.84 -27.27
CA PHE C 323 -18.83 40.58 -26.88
C PHE C 323 -19.60 39.44 -27.56
N GLU C 324 -18.94 38.74 -28.47
CA GLU C 324 -19.58 37.64 -29.21
C GLU C 324 -19.28 36.27 -28.68
N TRP C 325 -20.35 35.52 -28.38
CA TRP C 325 -20.32 34.13 -27.97
C TRP C 325 -20.63 33.33 -29.23
N ASP C 326 -19.62 32.58 -29.69
CA ASP C 326 -19.72 31.77 -30.91
C ASP C 326 -19.09 30.39 -30.70
N THR C 327 -19.35 29.46 -31.62
CA THR C 327 -18.86 28.07 -31.59
C THR C 327 -17.38 27.93 -31.98
N GLU C 328 -16.86 28.88 -32.74
CA GLU C 328 -15.52 28.87 -33.30
C GLU C 328 -14.39 28.79 -32.32
N GLY C 329 -13.44 27.93 -32.64
CA GLY C 329 -12.24 27.66 -31.85
C GLY C 329 -11.31 26.73 -32.60
N ASN C 330 -10.27 26.23 -31.89
CA ASN C 330 -9.30 25.33 -32.50
C ASN C 330 -9.89 23.93 -32.63
N PRO C 331 -9.51 23.17 -33.69
CA PRO C 331 -10.01 21.77 -33.78
C PRO C 331 -9.29 20.89 -32.75
N PHE C 332 -9.91 19.81 -32.34
CA PHE C 332 -9.26 18.90 -31.39
C PHE C 332 -9.26 17.50 -31.95
N ASP C 333 -8.33 16.65 -31.47
CA ASP C 333 -8.22 15.24 -31.86
C ASP C 333 -9.57 14.60 -31.50
N GLN C 334 -10.37 14.27 -32.52
CA GLN C 334 -11.74 13.76 -32.39
C GLN C 334 -11.95 12.47 -31.57
N ASP C 335 -10.84 11.81 -31.17
CA ASP C 335 -10.86 10.63 -30.31
C ASP C 335 -11.15 10.97 -28.81
N ILE C 336 -11.43 12.27 -28.47
CA ILE C 336 -11.77 12.63 -27.07
C ILE C 336 -13.08 11.93 -26.67
N TYR C 337 -13.90 11.62 -27.70
CA TYR C 337 -15.17 10.93 -27.64
C TYR C 337 -14.97 9.40 -27.84
N GLY C 338 -13.71 9.01 -28.05
CA GLY C 338 -13.27 7.62 -28.16
C GLY C 338 -12.71 7.21 -26.82
N ARG C 339 -11.73 7.99 -26.30
CA ARG C 339 -11.13 7.85 -24.98
C ARG C 339 -12.01 8.70 -24.08
N GLU C 340 -13.33 8.48 -24.22
CA GLU C 340 -14.40 9.21 -23.57
C GLU C 340 -14.74 8.75 -22.18
N GLU C 341 -14.49 9.64 -21.24
CA GLU C 341 -14.94 9.51 -19.88
C GLU C 341 -15.73 10.77 -19.67
N LEU C 342 -16.56 11.02 -20.68
CA LEU C 342 -17.51 12.10 -20.86
C LEU C 342 -18.89 11.44 -20.79
N ARG C 343 -18.90 10.20 -20.24
CA ARG C 343 -20.05 9.31 -20.09
C ARG C 343 -21.21 9.87 -19.26
N SER C 344 -20.92 10.49 -18.10
CA SER C 344 -21.93 11.12 -17.24
C SER C 344 -21.41 12.49 -16.77
N PRO C 345 -21.49 13.47 -17.69
CA PRO C 345 -20.95 14.79 -17.40
C PRO C 345 -21.76 15.62 -16.40
N LYS C 346 -21.10 16.62 -15.80
CA LYS C 346 -21.70 17.62 -14.95
C LYS C 346 -22.34 18.63 -15.89
N LEU C 347 -23.41 19.27 -15.47
CA LEU C 347 -24.06 20.23 -16.33
C LEU C 347 -23.64 21.62 -15.99
N PHE C 348 -23.31 22.41 -17.00
CA PHE C 348 -23.12 23.82 -16.81
C PHE C 348 -24.07 24.46 -17.82
N TYR C 349 -25.35 24.51 -17.41
CA TYR C 349 -26.46 24.95 -18.24
C TYR C 349 -26.76 26.39 -17.95
N ALA C 350 -26.14 27.28 -18.73
CA ALA C 350 -26.27 28.72 -18.54
C ALA C 350 -27.55 29.32 -19.16
N ASP C 351 -28.72 28.97 -18.57
CA ASP C 351 -30.02 29.48 -18.99
C ASP C 351 -30.59 30.53 -18.00
N HIS C 352 -29.71 31.09 -17.15
CA HIS C 352 -30.03 32.09 -16.16
C HIS C 352 -28.79 32.98 -15.90
N PRO C 353 -28.93 34.18 -15.26
CA PRO C 353 -27.76 35.07 -15.13
C PRO C 353 -26.47 34.48 -14.54
N PHE C 354 -25.35 34.86 -15.13
CA PHE C 354 -24.01 34.44 -14.72
C PHE C 354 -22.98 35.57 -14.82
N ILE C 355 -21.84 35.38 -14.13
CA ILE C 355 -20.68 36.28 -14.13
C ILE C 355 -19.58 35.57 -14.93
N PHE C 356 -18.81 36.32 -15.71
CA PHE C 356 -17.70 35.74 -16.47
C PHE C 356 -16.47 36.64 -16.39
N LEU C 357 -15.31 36.04 -16.57
CA LEU C 357 -14.01 36.74 -16.56
C LEU C 357 -13.14 36.14 -17.65
N VAL C 358 -12.28 36.97 -18.25
CA VAL C 358 -11.28 36.52 -19.20
C VAL C 358 -9.96 36.87 -18.54
N ARG C 359 -9.18 35.83 -18.24
CA ARG C 359 -7.93 35.94 -17.50
C ARG C 359 -6.77 35.39 -18.31
N ASP C 360 -5.63 36.12 -18.33
CA ASP C 360 -4.41 35.67 -18.99
C ASP C 360 -3.82 34.58 -18.09
N THR C 361 -3.69 33.34 -18.63
CA THR C 361 -3.18 32.16 -17.91
C THR C 361 -1.82 32.40 -17.24
N GLN C 362 -0.90 33.06 -17.96
CA GLN C 362 0.47 33.33 -17.51
C GLN C 362 0.54 34.40 -16.40
N SER C 363 0.20 35.65 -16.75
CA SER C 363 0.26 36.81 -15.85
C SER C 363 -0.83 36.82 -14.77
N GLY C 364 -2.02 36.33 -15.10
CA GLY C 364 -3.16 36.36 -14.19
C GLY C 364 -3.97 37.63 -14.38
N SER C 365 -3.51 38.49 -15.31
CA SER C 365 -4.15 39.76 -15.66
C SER C 365 -5.54 39.57 -16.22
N LEU C 366 -6.48 40.39 -15.75
CA LEU C 366 -7.88 40.37 -16.16
C LEU C 366 -8.06 41.16 -17.44
N LEU C 367 -8.48 40.44 -18.50
CA LEU C 367 -8.76 41.03 -19.82
C LEU C 367 -10.19 41.56 -19.83
N PHE C 368 -11.10 40.83 -19.15
CA PHE C 368 -12.51 41.17 -19.05
C PHE C 368 -13.13 40.68 -17.76
N ILE C 369 -14.17 41.39 -17.33
CA ILE C 369 -15.03 41.02 -16.21
C ILE C 369 -16.43 41.47 -16.62
N GLY C 370 -17.39 40.60 -16.45
CA GLY C 370 -18.74 40.97 -16.84
C GLY C 370 -19.81 40.11 -16.27
N ARG C 371 -21.03 40.36 -16.73
CA ARG C 371 -22.19 39.57 -16.34
C ARG C 371 -23.26 39.61 -17.41
N LEU C 372 -23.88 38.46 -17.65
CA LEU C 372 -24.99 38.37 -18.59
C LEU C 372 -26.24 38.16 -17.76
N VAL C 373 -27.08 39.18 -17.76
CA VAL C 373 -28.33 39.23 -17.01
C VAL C 373 -29.53 39.15 -17.97
N ARG C 374 -29.46 39.93 -19.05
CA ARG C 374 -30.53 40.02 -20.04
C ARG C 374 -29.97 39.94 -21.46
N PRO C 375 -30.00 38.73 -22.06
CA PRO C 375 -29.56 38.60 -23.46
C PRO C 375 -30.61 39.17 -24.42
N LYS C 376 -30.19 39.45 -25.67
CA LYS C 376 -31.11 39.94 -26.70
C LYS C 376 -32.01 38.79 -27.18
N GLY C 377 -33.31 39.08 -27.22
CA GLY C 377 -34.33 38.12 -27.61
C GLY C 377 -35.70 38.54 -27.12
N ASP C 378 -36.75 37.90 -27.63
CA ASP C 378 -38.13 38.23 -27.25
C ASP C 378 -38.62 37.43 -26.05
N LYS C 379 -39.46 38.08 -25.22
CA LYS C 379 -40.10 37.49 -24.05
C LYS C 379 -41.02 36.31 -24.47
N MET C 380 -40.92 35.19 -23.75
CA MET C 380 -41.69 33.97 -23.96
C MET C 380 -42.74 33.80 -22.85
N ARG C 381 -43.50 32.67 -22.89
CA ARG C 381 -44.52 32.28 -21.90
C ARG C 381 -44.16 31.03 -20.98
N ASP C 382 -45.07 30.67 -20.02
CA ASP C 382 -44.93 29.63 -18.99
C ASP C 382 -45.70 28.26 -19.09
N GLU C 383 -45.46 27.40 -18.05
CA GLU C 383 -46.03 26.07 -17.80
C GLU C 383 -46.56 25.99 -16.36
N MET D 1 -60.51 2.45 -48.16
CA MET D 1 -61.45 3.39 -47.56
C MET D 1 -62.83 2.75 -47.24
N LEU D 2 -63.36 3.07 -46.04
CA LEU D 2 -64.63 2.62 -45.48
C LEU D 2 -65.85 2.91 -46.35
N SER D 3 -66.79 1.96 -46.37
CA SER D 3 -68.08 2.08 -47.08
C SER D 3 -69.00 3.08 -46.33
N PRO D 4 -70.06 3.67 -46.94
CA PRO D 4 -70.90 4.63 -46.21
C PRO D 4 -71.57 4.10 -44.94
N LYS D 5 -71.95 2.81 -44.94
CA LYS D 5 -72.56 2.13 -43.80
C LYS D 5 -71.58 1.96 -42.64
N ALA D 6 -70.34 1.52 -42.95
CA ALA D 6 -69.26 1.32 -41.99
C ALA D 6 -68.84 2.68 -41.40
N ALA D 7 -68.81 3.73 -42.24
CA ALA D 7 -68.47 5.10 -41.88
C ALA D 7 -69.46 5.66 -40.86
N THR D 8 -70.76 5.39 -41.06
CA THR D 8 -71.82 5.84 -40.16
C THR D 8 -71.74 5.07 -38.84
N LEU D 9 -71.53 3.74 -38.96
CA LEU D 9 -71.37 2.81 -37.84
C LEU D 9 -70.24 3.31 -36.93
N ALA D 10 -69.11 3.72 -37.56
CA ALA D 10 -67.89 4.23 -36.91
C ALA D 10 -68.13 5.40 -35.96
N GLU D 11 -68.98 6.35 -36.39
CA GLU D 11 -69.35 7.55 -35.64
C GLU D 11 -69.93 7.17 -34.26
N ARG D 12 -70.85 6.20 -34.27
CA ARG D 12 -71.53 5.69 -33.09
C ARG D 12 -70.67 4.92 -32.13
N SER D 13 -69.69 4.13 -32.63
CA SER D 13 -68.73 3.37 -31.79
C SER D 13 -67.89 4.34 -30.94
N ALA D 14 -67.49 5.47 -31.55
CA ALA D 14 -66.74 6.54 -30.91
C ALA D 14 -67.64 7.27 -29.87
N GLY D 15 -68.89 7.60 -30.22
CA GLY D 15 -69.86 8.19 -29.29
C GLY D 15 -70.08 7.33 -28.06
N LEU D 16 -70.17 6.00 -28.26
CA LEU D 16 -70.32 4.96 -27.24
C LEU D 16 -69.06 4.87 -26.37
N ALA D 17 -67.89 5.08 -26.98
CA ALA D 17 -66.61 5.06 -26.27
C ALA D 17 -66.57 6.16 -25.23
N PHE D 18 -66.97 7.39 -25.61
CA PHE D 18 -67.04 8.53 -24.70
C PHE D 18 -68.02 8.27 -23.57
N SER D 19 -69.18 7.69 -23.90
CA SER D 19 -70.23 7.34 -22.95
C SER D 19 -69.75 6.30 -21.96
N LEU D 20 -69.07 5.27 -22.46
CA LEU D 20 -68.56 4.19 -21.63
C LEU D 20 -67.37 4.66 -20.78
N TYR D 21 -66.43 5.42 -21.39
CA TYR D 21 -65.29 5.97 -20.67
C TYR D 21 -65.78 6.79 -19.45
N GLN D 22 -66.76 7.70 -19.67
CA GLN D 22 -67.33 8.56 -18.64
C GLN D 22 -67.98 7.80 -17.50
N ALA D 23 -68.73 6.72 -17.82
CA ALA D 23 -69.41 5.89 -16.84
C ALA D 23 -68.40 5.20 -15.92
N MET D 24 -67.37 4.60 -16.51
CA MET D 24 -66.28 3.93 -15.81
C MET D 24 -65.43 4.90 -14.99
N ALA D 25 -65.16 6.12 -15.54
CA ALA D 25 -64.36 7.15 -14.87
C ALA D 25 -65.04 7.64 -13.58
N LYS D 26 -66.39 7.56 -13.53
CA LYS D 26 -67.22 7.91 -12.37
C LYS D 26 -67.12 6.83 -11.27
N ASP D 27 -66.90 5.56 -11.66
CA ASP D 27 -66.75 4.41 -10.77
C ASP D 27 -65.40 4.51 -10.04
N GLN D 28 -65.46 4.73 -8.72
CA GLN D 28 -64.30 4.90 -7.83
C GLN D 28 -63.38 3.69 -7.71
N ALA D 29 -63.88 2.49 -8.07
CA ALA D 29 -63.10 1.24 -8.05
C ALA D 29 -62.12 1.15 -9.25
N VAL D 30 -62.42 1.91 -10.33
CA VAL D 30 -61.66 1.96 -11.57
C VAL D 30 -60.45 2.91 -11.46
N GLU D 31 -59.22 2.40 -11.72
CA GLU D 31 -58.00 3.20 -11.76
C GLU D 31 -57.70 3.48 -13.24
N ASN D 32 -56.94 2.60 -13.90
CA ASN D 32 -56.65 2.74 -15.32
C ASN D 32 -57.85 2.31 -16.19
N ILE D 33 -57.99 2.95 -17.35
CA ILE D 33 -59.04 2.65 -18.35
C ILE D 33 -58.38 2.33 -19.69
N LEU D 34 -58.86 1.28 -20.35
CA LEU D 34 -58.39 0.88 -21.66
C LEU D 34 -59.57 0.29 -22.40
N LEU D 35 -60.12 1.05 -23.36
CA LEU D 35 -61.30 0.65 -24.14
C LEU D 35 -61.06 0.73 -25.64
N SER D 36 -61.52 -0.29 -26.36
CA SER D 36 -61.48 -0.33 -27.80
C SER D 36 -62.93 -0.17 -28.29
N PRO D 37 -63.30 1.07 -28.73
CA PRO D 37 -64.68 1.33 -29.18
C PRO D 37 -65.26 0.34 -30.16
N VAL D 38 -64.50 -0.06 -31.20
CA VAL D 38 -64.97 -1.02 -32.20
C VAL D 38 -65.23 -2.39 -31.56
N VAL D 39 -64.32 -2.85 -30.68
CA VAL D 39 -64.44 -4.10 -29.94
C VAL D 39 -65.66 -4.05 -29.01
N VAL D 40 -65.87 -2.93 -28.32
CA VAL D 40 -67.04 -2.74 -27.44
C VAL D 40 -68.33 -2.74 -28.30
N ALA D 41 -68.31 -2.07 -29.48
CA ALA D 41 -69.44 -2.01 -30.42
C ALA D 41 -69.79 -3.41 -30.94
N SER D 42 -68.76 -4.20 -31.30
CA SER D 42 -68.91 -5.54 -31.81
C SER D 42 -69.58 -6.47 -30.79
N SER D 43 -69.30 -6.25 -29.49
CA SER D 43 -69.88 -7.01 -28.38
C SER D 43 -71.37 -6.80 -28.36
N LEU D 44 -71.82 -5.58 -28.64
CA LEU D 44 -73.24 -5.26 -28.72
C LEU D 44 -73.84 -5.90 -29.97
N GLY D 45 -73.08 -5.88 -31.07
CA GLY D 45 -73.47 -6.49 -32.33
C GLY D 45 -73.76 -7.96 -32.18
N LEU D 46 -72.92 -8.68 -31.38
CA LEU D 46 -73.06 -10.10 -31.05
C LEU D 46 -74.31 -10.38 -30.27
N VAL D 47 -74.69 -9.45 -29.35
CA VAL D 47 -75.90 -9.52 -28.53
C VAL D 47 -77.09 -9.41 -29.46
N SER D 48 -77.01 -8.50 -30.44
CA SER D 48 -78.06 -8.28 -31.44
C SER D 48 -78.19 -9.49 -32.38
N LEU D 49 -77.05 -10.18 -32.65
CA LEU D 49 -76.97 -11.34 -33.52
C LEU D 49 -77.53 -12.58 -32.84
N GLY D 50 -77.08 -12.85 -31.62
CA GLY D 50 -77.51 -14.00 -30.86
C GLY D 50 -78.80 -13.80 -30.10
N GLY D 51 -79.34 -12.58 -30.17
CA GLY D 51 -80.56 -12.21 -29.48
C GLY D 51 -81.77 -11.84 -30.31
N LYS D 52 -82.93 -11.93 -29.68
CA LYS D 52 -84.18 -11.51 -30.30
C LYS D 52 -84.94 -10.51 -29.43
N ALA D 53 -85.97 -9.88 -30.02
CA ALA D 53 -86.86 -8.89 -29.42
C ALA D 53 -86.14 -7.75 -28.69
N THR D 54 -86.49 -7.53 -27.39
CA THR D 54 -85.97 -6.46 -26.55
C THR D 54 -84.49 -6.62 -26.17
N THR D 55 -83.99 -7.87 -26.09
CA THR D 55 -82.58 -8.13 -25.79
C THR D 55 -81.72 -7.57 -26.94
N ALA D 56 -82.12 -7.86 -28.20
CA ALA D 56 -81.43 -7.42 -29.42
C ALA D 56 -81.61 -5.94 -29.71
N SER D 57 -82.85 -5.40 -29.57
CA SER D 57 -83.15 -3.99 -29.83
C SER D 57 -82.43 -3.05 -28.87
N GLN D 58 -82.26 -3.47 -27.60
CA GLN D 58 -81.54 -2.71 -26.59
C GLN D 58 -80.08 -2.53 -27.00
N ALA D 59 -79.45 -3.63 -27.51
CA ALA D 59 -78.07 -3.64 -28.01
C ALA D 59 -77.88 -2.62 -29.14
N LYS D 60 -78.85 -2.58 -30.08
CA LYS D 60 -78.90 -1.65 -31.23
C LYS D 60 -79.04 -0.20 -30.75
N ALA D 61 -79.87 0.02 -29.70
CA ALA D 61 -80.12 1.31 -29.09
C ALA D 61 -78.88 1.88 -28.37
N VAL D 62 -78.14 1.02 -27.60
CA VAL D 62 -76.90 1.37 -26.87
C VAL D 62 -75.86 1.85 -27.90
N LEU D 63 -75.83 1.17 -29.04
CA LEU D 63 -74.95 1.46 -30.16
C LEU D 63 -75.43 2.68 -30.96
N SER D 64 -76.69 3.10 -30.75
CA SER D 64 -77.36 4.21 -31.44
C SER D 64 -77.64 3.88 -32.94
N ALA D 65 -77.68 2.56 -33.27
CA ALA D 65 -77.96 2.07 -34.62
C ALA D 65 -79.43 1.63 -34.76
N GLU D 66 -80.36 2.43 -34.20
CA GLU D 66 -81.81 2.17 -34.20
C GLU D 66 -82.40 2.22 -35.60
N GLN D 67 -82.02 3.28 -36.36
CA GLN D 67 -82.44 3.60 -37.73
C GLN D 67 -81.98 2.55 -38.77
N LEU D 68 -80.81 1.92 -38.53
CA LEU D 68 -80.17 0.92 -39.38
C LEU D 68 -80.76 -0.47 -39.23
N ARG D 69 -80.74 -1.26 -40.34
CA ARG D 69 -81.18 -2.66 -40.42
C ARG D 69 -80.12 -3.55 -39.73
N ASP D 70 -80.57 -4.71 -39.17
CA ASP D 70 -79.68 -5.69 -38.51
C ASP D 70 -78.51 -6.05 -39.42
N GLU D 71 -78.80 -6.36 -40.70
CA GLU D 71 -77.82 -6.70 -41.74
C GLU D 71 -76.73 -5.63 -41.92
N GLU D 72 -77.13 -4.33 -41.99
CA GLU D 72 -76.20 -3.23 -42.16
C GLU D 72 -75.37 -2.90 -40.93
N VAL D 73 -75.82 -3.37 -39.74
CA VAL D 73 -75.12 -3.23 -38.45
C VAL D 73 -74.02 -4.28 -38.38
N HIS D 74 -74.36 -5.57 -38.65
CA HIS D 74 -73.41 -6.68 -38.62
C HIS D 74 -72.31 -6.56 -39.67
N ALA D 75 -72.69 -6.25 -40.92
CA ALA D 75 -71.76 -6.04 -42.04
C ALA D 75 -70.90 -4.78 -41.85
N GLY D 76 -71.52 -3.71 -41.29
CA GLY D 76 -70.88 -2.44 -40.99
C GLY D 76 -69.86 -2.51 -39.87
N LEU D 77 -70.16 -3.26 -38.80
CA LEU D 77 -69.25 -3.46 -37.69
C LEU D 77 -68.11 -4.40 -38.06
N GLY D 78 -68.46 -5.41 -38.86
CA GLY D 78 -67.53 -6.40 -39.37
C GLY D 78 -66.45 -5.78 -40.23
N GLU D 79 -66.87 -4.85 -41.12
CA GLU D 79 -65.98 -4.10 -42.00
C GLU D 79 -65.05 -3.20 -41.18
N LEU D 80 -65.60 -2.56 -40.13
CA LEU D 80 -64.92 -1.66 -39.21
C LEU D 80 -63.82 -2.37 -38.45
N LEU D 81 -64.09 -3.59 -37.94
CA LEU D 81 -63.13 -4.44 -37.24
C LEU D 81 -61.98 -4.83 -38.18
N ARG D 82 -62.32 -5.29 -39.39
CA ARG D 82 -61.37 -5.73 -40.40
C ARG D 82 -60.47 -4.60 -40.88
N SER D 83 -61.03 -3.39 -41.04
CA SER D 83 -60.30 -2.23 -41.51
C SER D 83 -59.37 -1.68 -40.44
N LEU D 84 -59.86 -1.68 -39.20
CA LEU D 84 -59.13 -1.14 -38.07
C LEU D 84 -58.11 -2.10 -37.46
N SER D 85 -57.85 -3.23 -38.15
CA SER D 85 -56.86 -4.26 -37.77
C SER D 85 -55.80 -4.43 -38.87
N ASN D 86 -56.21 -4.43 -40.16
CA ASN D 86 -55.28 -4.55 -41.29
C ASN D 86 -54.72 -3.18 -41.74
N ALA D 89 -54.69 -0.26 -39.74
CA ALA D 89 -53.71 -0.29 -38.65
C ALA D 89 -52.64 -1.35 -38.94
N ARG D 90 -52.09 -1.24 -40.16
CA ARG D 90 -51.11 -2.12 -40.77
C ARG D 90 -49.77 -2.42 -40.03
N ASN D 91 -48.84 -1.40 -39.96
CA ASN D 91 -47.47 -1.46 -39.37
C ASN D 91 -47.43 -1.45 -37.79
N VAL D 92 -48.59 -1.22 -37.20
CA VAL D 92 -48.78 -1.19 -35.76
C VAL D 92 -49.24 -2.57 -35.28
N THR D 93 -48.66 -3.07 -34.16
CA THR D 93 -48.99 -4.37 -33.56
C THR D 93 -50.33 -4.29 -32.84
N TRP D 94 -51.31 -5.07 -33.34
CA TRP D 94 -52.69 -5.09 -32.89
C TRP D 94 -53.20 -6.54 -32.91
N LYS D 95 -53.15 -7.21 -31.76
CA LYS D 95 -53.65 -8.58 -31.65
C LYS D 95 -54.99 -8.55 -30.95
N LEU D 96 -56.01 -9.17 -31.57
CA LEU D 96 -57.35 -9.19 -31.01
C LEU D 96 -57.98 -10.57 -31.12
N GLY D 97 -58.61 -10.97 -30.02
CA GLY D 97 -59.33 -12.23 -29.90
C GLY D 97 -60.67 -12.02 -29.25
N SER D 98 -61.69 -12.72 -29.76
CA SER D 98 -63.05 -12.69 -29.23
C SER D 98 -63.54 -14.11 -29.04
N ARG D 99 -63.93 -14.46 -27.81
CA ARG D 99 -64.41 -15.78 -27.49
C ARG D 99 -65.63 -15.75 -26.58
N LEU D 100 -66.67 -16.53 -26.96
CA LEU D 100 -67.87 -16.71 -26.18
C LEU D 100 -67.78 -18.01 -25.39
N TYR D 101 -67.83 -17.89 -24.07
CA TYR D 101 -67.77 -19.02 -23.14
C TYR D 101 -69.14 -19.28 -22.55
N GLY D 102 -69.66 -20.46 -22.78
CA GLY D 102 -70.95 -20.87 -22.25
C GLY D 102 -70.82 -22.08 -21.35
N PRO D 103 -71.83 -22.39 -20.50
CA PRO D 103 -71.75 -23.59 -19.65
C PRO D 103 -71.62 -24.87 -20.46
N SER D 104 -71.01 -25.92 -19.86
CA SER D 104 -70.78 -27.23 -20.50
C SER D 104 -72.05 -27.86 -21.08
N SER D 105 -73.19 -27.64 -20.40
CA SER D 105 -74.52 -28.14 -20.78
C SER D 105 -75.02 -27.58 -22.12
N VAL D 106 -74.82 -26.27 -22.36
CA VAL D 106 -75.26 -25.58 -23.57
C VAL D 106 -74.47 -25.91 -24.84
N SER D 107 -75.16 -25.92 -26.00
CA SER D 107 -74.61 -26.14 -27.32
C SER D 107 -75.04 -24.94 -28.17
N PHE D 108 -74.06 -24.19 -28.71
CA PHE D 108 -74.34 -22.99 -29.52
C PHE D 108 -75.00 -23.35 -30.84
N ALA D 109 -75.89 -22.48 -31.34
CA ALA D 109 -76.60 -22.66 -32.61
C ALA D 109 -75.60 -22.53 -33.79
N GLU D 110 -75.62 -23.53 -34.72
CA GLU D 110 -74.73 -23.60 -35.89
C GLU D 110 -74.74 -22.33 -36.75
N ASP D 111 -75.93 -21.73 -36.96
CA ASP D 111 -76.10 -20.52 -37.76
C ASP D 111 -75.46 -19.33 -37.07
N PHE D 112 -75.57 -19.25 -35.72
CA PHE D 112 -75.00 -18.18 -34.91
C PHE D 112 -73.50 -18.27 -34.96
N VAL D 113 -72.96 -19.47 -34.79
CA VAL D 113 -71.52 -19.75 -34.84
C VAL D 113 -70.95 -19.27 -36.19
N ARG D 114 -71.67 -19.52 -37.29
CA ARG D 114 -71.29 -19.11 -38.64
C ARG D 114 -71.23 -17.58 -38.80
N SER D 115 -72.29 -16.88 -38.38
CA SER D 115 -72.43 -15.44 -38.48
C SER D 115 -71.49 -14.65 -37.54
N SER D 116 -71.33 -15.11 -36.29
CA SER D 116 -70.46 -14.47 -35.29
C SER D 116 -69.00 -14.58 -35.69
N LYS D 117 -68.63 -15.69 -36.37
CA LYS D 117 -67.27 -15.92 -36.89
C LYS D 117 -67.04 -15.08 -38.15
N GLN D 118 -68.10 -14.93 -38.99
CA GLN D 118 -68.08 -14.19 -40.25
C GLN D 118 -67.91 -12.68 -40.03
N HIS D 119 -68.76 -12.08 -39.21
CA HIS D 119 -68.76 -10.64 -38.95
C HIS D 119 -67.85 -10.21 -37.82
N TYR D 120 -67.83 -10.98 -36.72
CA TYR D 120 -67.08 -10.59 -35.53
C TYR D 120 -65.83 -11.38 -35.17
N ASN D 121 -65.49 -12.41 -35.98
CA ASN D 121 -64.35 -13.33 -35.76
C ASN D 121 -64.41 -13.91 -34.34
N CYS D 122 -65.63 -14.23 -33.92
CA CYS D 122 -65.96 -14.74 -32.61
C CYS D 122 -65.74 -16.25 -32.55
N GLU D 123 -65.02 -16.70 -31.52
CA GLU D 123 -64.73 -18.11 -31.24
C GLU D 123 -65.75 -18.60 -30.20
N HIS D 124 -65.99 -19.92 -30.14
CA HIS D 124 -66.99 -20.45 -29.20
C HIS D 124 -66.45 -21.60 -28.40
N SER D 125 -66.63 -21.55 -27.07
CA SER D 125 -66.10 -22.56 -26.17
C SER D 125 -67.07 -22.91 -25.05
N LYS D 126 -67.21 -24.22 -24.79
CA LYS D 126 -68.06 -24.72 -23.71
C LYS D 126 -67.14 -24.92 -22.52
N ILE D 127 -67.48 -24.33 -21.36
CA ILE D 127 -66.66 -24.49 -20.16
C ILE D 127 -67.42 -24.89 -18.92
N ASN D 128 -66.81 -25.76 -18.09
CA ASN D 128 -67.42 -26.19 -16.84
C ASN D 128 -66.93 -25.27 -15.73
N PHE D 129 -67.80 -24.32 -15.35
CA PHE D 129 -67.50 -23.31 -14.34
C PHE D 129 -67.34 -23.88 -12.92
N ARG D 130 -67.83 -25.12 -12.70
CA ARG D 130 -67.73 -25.82 -11.40
C ARG D 130 -66.26 -26.09 -11.02
N ASP D 131 -65.40 -26.37 -12.02
CA ASP D 131 -63.97 -26.57 -11.83
C ASP D 131 -63.33 -25.18 -12.09
N LYS D 132 -63.50 -24.29 -11.11
CA LYS D 132 -63.07 -22.89 -11.11
C LYS D 132 -61.64 -22.66 -11.60
N ARG D 133 -60.65 -23.38 -11.03
CA ARG D 133 -59.24 -23.24 -11.40
C ARG D 133 -58.96 -23.60 -12.86
N SER D 134 -59.58 -24.71 -13.35
CA SER D 134 -59.49 -25.19 -14.73
C SER D 134 -60.15 -24.21 -15.71
N ALA D 135 -61.32 -23.67 -15.34
CA ALA D 135 -62.06 -22.70 -16.15
C ALA D 135 -61.24 -21.42 -16.34
N LEU D 136 -60.67 -20.87 -15.24
CA LEU D 136 -59.83 -19.67 -15.29
C LEU D 136 -58.56 -19.91 -16.10
N GLN D 137 -57.96 -21.12 -15.95
CA GLN D 137 -56.77 -21.55 -16.68
C GLN D 137 -57.04 -21.53 -18.19
N SER D 138 -58.22 -22.04 -18.60
CA SER D 138 -58.63 -22.09 -20.01
C SER D 138 -58.75 -20.69 -20.60
N ILE D 139 -59.45 -19.78 -19.88
CA ILE D 139 -59.65 -18.38 -20.30
C ILE D 139 -58.29 -17.66 -20.40
N ASN D 140 -57.45 -17.80 -19.37
CA ASN D 140 -56.16 -17.15 -19.30
C ASN D 140 -55.16 -17.65 -20.35
N GLU D 141 -55.16 -18.98 -20.63
CA GLU D 141 -54.31 -19.60 -21.66
C GLU D 141 -54.73 -19.09 -23.04
N TRP D 142 -56.06 -19.00 -23.28
CA TRP D 142 -56.59 -18.49 -24.54
C TRP D 142 -56.16 -17.05 -24.77
N ALA D 143 -56.29 -16.19 -23.74
CA ALA D 143 -55.90 -14.78 -23.82
C ALA D 143 -54.40 -14.64 -24.06
N ALA D 144 -53.61 -15.49 -23.38
CA ALA D 144 -52.16 -15.45 -23.53
C ALA D 144 -51.75 -15.78 -24.96
N GLN D 145 -52.27 -16.90 -25.53
CA GLN D 145 -51.95 -17.32 -26.89
C GLN D 145 -52.37 -16.28 -27.94
N THR D 146 -53.53 -15.63 -27.72
CA THR D 146 -54.08 -14.57 -28.57
C THR D 146 -53.13 -13.36 -28.63
N THR D 147 -52.55 -12.98 -27.48
CA THR D 147 -51.66 -11.82 -27.31
C THR D 147 -50.16 -12.20 -27.26
N ASP D 148 -49.83 -13.47 -27.55
CA ASP D 148 -48.46 -14.00 -27.50
C ASP D 148 -47.78 -13.72 -26.13
N GLY D 149 -48.53 -13.96 -25.06
CA GLY D 149 -48.10 -13.83 -23.68
C GLY D 149 -48.09 -12.43 -23.10
N LYS D 150 -48.44 -11.42 -23.90
CA LYS D 150 -48.45 -10.03 -23.44
C LYS D 150 -49.55 -9.73 -22.44
N LEU D 151 -50.64 -10.50 -22.52
CA LEU D 151 -51.76 -10.45 -21.59
C LEU D 151 -51.91 -11.87 -21.05
N PRO D 152 -51.15 -12.19 -19.96
CA PRO D 152 -51.16 -13.59 -19.46
C PRO D 152 -52.36 -13.99 -18.62
N GLU D 153 -53.12 -13.00 -18.12
CA GLU D 153 -54.27 -13.26 -17.25
C GLU D 153 -55.39 -12.28 -17.54
N VAL D 154 -56.64 -12.78 -17.59
CA VAL D 154 -57.82 -11.95 -17.81
C VAL D 154 -58.36 -11.58 -16.43
N THR D 155 -58.97 -12.54 -15.73
CA THR D 155 -59.53 -12.35 -14.38
C THR D 155 -59.05 -13.42 -13.42
N LYS D 156 -59.00 -13.07 -12.14
CA LYS D 156 -58.60 -13.98 -11.07
C LYS D 156 -59.85 -14.67 -10.52
N ASP D 157 -61.07 -14.15 -10.88
CA ASP D 157 -62.34 -14.70 -10.44
C ASP D 157 -63.52 -14.39 -11.37
N VAL D 158 -64.38 -15.41 -11.56
CA VAL D 158 -65.62 -15.36 -12.35
C VAL D 158 -66.77 -15.45 -11.32
N GLU D 159 -67.49 -14.33 -11.11
CA GLU D 159 -68.60 -14.23 -10.15
C GLU D 159 -69.82 -15.03 -10.63
N ARG D 160 -70.35 -14.69 -11.83
CA ARG D 160 -71.51 -15.34 -12.46
C ARG D 160 -71.06 -16.55 -13.29
N THR D 161 -71.43 -17.73 -12.80
CA THR D 161 -71.04 -19.03 -13.33
C THR D 161 -72.15 -19.79 -14.09
N ASP D 162 -73.33 -19.16 -14.26
CA ASP D 162 -74.49 -19.77 -14.91
C ASP D 162 -74.86 -19.20 -16.29
N GLY D 163 -74.14 -18.17 -16.73
CA GLY D 163 -74.40 -17.54 -18.02
C GLY D 163 -73.22 -17.53 -18.97
N ALA D 164 -73.39 -16.82 -20.08
CA ALA D 164 -72.38 -16.65 -21.11
C ALA D 164 -71.38 -15.56 -20.77
N LEU D 165 -70.10 -15.82 -21.06
CA LEU D 165 -69.02 -14.86 -20.88
C LEU D 165 -68.48 -14.49 -22.23
N LEU D 166 -68.36 -13.19 -22.49
CA LEU D 166 -67.75 -12.73 -23.71
C LEU D 166 -66.40 -12.17 -23.30
N VAL D 167 -65.34 -12.73 -23.87
CA VAL D 167 -63.99 -12.30 -23.55
C VAL D 167 -63.32 -11.70 -24.80
N ASN D 168 -62.81 -10.48 -24.66
CA ASN D 168 -62.04 -9.79 -25.69
C ASN D 168 -60.66 -9.61 -25.12
N ALA D 169 -59.66 -10.26 -25.74
CA ALA D 169 -58.26 -10.18 -25.34
C ALA D 169 -57.49 -9.40 -26.38
N MET D 170 -56.79 -8.34 -25.94
CA MET D 170 -56.06 -7.46 -26.85
C MET D 170 -54.64 -7.14 -26.44
N PHE D 171 -53.82 -6.94 -27.47
CA PHE D 171 -52.47 -6.43 -27.32
C PHE D 171 -52.31 -5.33 -28.32
N PHE D 172 -51.93 -4.15 -27.86
CA PHE D 172 -51.72 -3.02 -28.74
C PHE D 172 -50.41 -2.34 -28.44
N LYS D 173 -49.59 -2.19 -29.47
CA LYS D 173 -48.32 -1.50 -29.33
C LYS D 173 -48.20 -0.40 -30.39
N PRO D 174 -48.38 0.89 -30.02
CA PRO D 174 -48.21 1.98 -31.02
C PRO D 174 -46.80 1.99 -31.60
N HIS D 175 -46.72 2.04 -32.92
CA HIS D 175 -45.46 2.11 -33.65
C HIS D 175 -45.40 3.54 -34.18
N TRP D 176 -44.49 4.35 -33.62
CA TRP D 176 -44.40 5.77 -33.94
C TRP D 176 -43.98 6.06 -35.36
N ASP D 177 -44.43 7.18 -35.91
CA ASP D 177 -44.02 7.60 -37.25
C ASP D 177 -42.56 8.09 -37.17
N GLU D 178 -42.18 8.62 -36.00
CA GLU D 178 -40.84 9.07 -35.69
C GLU D 178 -40.48 8.41 -34.37
N LYS D 179 -39.63 7.37 -34.46
CA LYS D 179 -39.19 6.59 -33.32
C LYS D 179 -38.45 7.41 -32.26
N PHE D 180 -38.42 6.87 -31.04
CA PHE D 180 -37.65 7.45 -29.94
C PHE D 180 -36.29 6.75 -30.04
N HIS D 181 -35.20 7.44 -29.67
CA HIS D 181 -33.88 6.82 -29.66
C HIS D 181 -33.92 5.74 -28.57
N HIS D 182 -33.49 4.52 -28.92
CA HIS D 182 -33.50 3.36 -28.01
C HIS D 182 -32.75 3.56 -26.69
N LYS D 183 -31.81 4.52 -26.66
CA LYS D 183 -31.00 4.80 -25.47
C LYS D 183 -31.56 5.92 -24.64
N MET D 184 -32.58 6.67 -25.16
CA MET D 184 -33.19 7.81 -24.45
C MET D 184 -34.30 7.39 -23.48
N VAL D 185 -33.91 6.52 -22.57
CA VAL D 185 -34.74 5.83 -21.60
C VAL D 185 -34.05 5.91 -20.25
N ASP D 186 -34.80 6.27 -19.20
CA ASP D 186 -34.27 6.39 -17.82
C ASP D 186 -35.35 6.25 -16.75
N ASN D 187 -34.94 6.23 -15.47
CA ASN D 187 -35.86 6.08 -14.36
C ASN D 187 -36.27 7.41 -13.75
N ARG D 188 -37.60 7.61 -13.67
CA ARG D 188 -38.20 8.80 -13.10
C ARG D 188 -39.31 8.40 -12.15
N GLY D 189 -39.78 9.37 -11.38
CA GLY D 189 -40.90 9.22 -10.47
C GLY D 189 -42.18 9.67 -11.13
N PHE D 190 -43.21 8.80 -11.11
CA PHE D 190 -44.53 9.10 -11.65
C PHE D 190 -45.42 9.48 -10.47
N MET D 191 -45.98 10.67 -10.52
CA MET D 191 -46.84 11.17 -9.46
C MET D 191 -48.28 10.73 -9.66
N VAL D 192 -48.67 9.65 -8.97
CA VAL D 192 -50.03 9.09 -8.99
C VAL D 192 -50.96 10.15 -8.38
N THR D 193 -50.54 10.72 -7.25
CA THR D 193 -51.18 11.83 -6.57
C THR D 193 -50.05 12.76 -6.16
N ARG D 194 -50.40 13.92 -5.57
CA ARG D 194 -49.43 14.87 -5.05
C ARG D 194 -48.62 14.29 -3.90
N SER D 195 -49.14 13.24 -3.22
CA SER D 195 -48.51 12.59 -2.08
C SER D 195 -47.98 11.20 -2.41
N TYR D 196 -48.32 10.64 -3.58
CA TYR D 196 -47.89 9.30 -3.99
C TYR D 196 -47.10 9.27 -5.28
N THR D 197 -45.83 8.82 -5.19
CA THR D 197 -44.90 8.69 -6.32
C THR D 197 -44.47 7.22 -6.50
N VAL D 198 -44.52 6.75 -7.76
CA VAL D 198 -44.16 5.40 -8.18
C VAL D 198 -43.00 5.50 -9.18
N GLY D 199 -42.00 4.64 -9.00
CA GLY D 199 -40.85 4.58 -9.88
C GLY D 199 -41.19 3.92 -11.21
N VAL D 200 -40.96 4.65 -12.30
CA VAL D 200 -41.25 4.18 -13.66
C VAL D 200 -40.03 4.37 -14.55
N THR D 201 -40.08 3.75 -15.72
CA THR D 201 -39.10 3.95 -16.76
C THR D 201 -39.73 4.98 -17.70
N MET D 202 -38.96 5.99 -18.08
CA MET D 202 -39.45 6.99 -19.03
C MET D 202 -38.65 7.02 -20.30
N MET D 203 -39.32 7.23 -21.41
CA MET D 203 -38.71 7.38 -22.74
C MET D 203 -38.88 8.86 -23.14
N HIS D 204 -37.86 9.41 -23.81
CA HIS D 204 -37.81 10.85 -24.15
C HIS D 204 -37.52 11.11 -25.60
N ARG D 205 -38.08 12.22 -26.12
CA ARG D 205 -37.88 12.66 -27.51
C ARG D 205 -38.29 14.10 -27.74
N THR D 206 -37.43 14.86 -28.42
CA THR D 206 -37.76 16.20 -28.86
C THR D 206 -38.03 16.11 -30.37
N GLY D 207 -39.20 16.58 -30.78
CA GLY D 207 -39.60 16.55 -32.18
C GLY D 207 -40.67 17.58 -32.48
N LEU D 208 -41.08 17.63 -33.73
CA LEU D 208 -42.16 18.51 -34.19
C LEU D 208 -43.47 17.74 -34.04
N TYR D 209 -44.39 18.27 -33.21
CA TYR D 209 -45.68 17.64 -32.94
C TYR D 209 -46.79 18.68 -32.94
N ASN D 210 -48.02 18.22 -33.28
CA ASN D 210 -49.23 19.05 -33.21
C ASN D 210 -49.50 19.18 -31.73
N TYR D 211 -49.53 20.42 -31.25
CA TYR D 211 -49.63 20.72 -29.86
C TYR D 211 -50.54 21.91 -29.60
N TYR D 212 -51.17 21.89 -28.43
CA TYR D 212 -52.01 22.97 -27.94
C TYR D 212 -51.99 23.00 -26.42
N ASP D 213 -51.79 24.19 -25.88
CA ASP D 213 -51.75 24.46 -24.45
C ASP D 213 -52.88 25.44 -24.12
N ASP D 214 -53.88 24.96 -23.36
CA ASP D 214 -55.02 25.77 -22.95
C ASP D 214 -54.67 26.41 -21.61
N GLU D 215 -54.23 27.67 -21.68
CA GLU D 215 -53.82 28.46 -20.50
C GLU D 215 -54.99 28.57 -19.49
N LYS D 216 -56.23 28.72 -20.01
CA LYS D 216 -57.47 28.89 -19.25
C LYS D 216 -57.83 27.61 -18.53
N GLU D 217 -57.93 26.50 -19.26
CA GLU D 217 -58.32 25.22 -18.69
C GLU D 217 -57.16 24.42 -18.04
N LYS D 218 -55.95 24.99 -18.05
CA LYS D 218 -54.72 24.45 -17.44
C LYS D 218 -54.42 23.01 -17.86
N LEU D 219 -54.40 22.78 -19.18
CA LEU D 219 -54.14 21.47 -19.76
C LEU D 219 -53.32 21.57 -21.05
N GLN D 220 -52.69 20.45 -21.43
CA GLN D 220 -51.91 20.33 -22.65
C GLN D 220 -52.45 19.15 -23.45
N ILE D 221 -52.38 19.28 -24.76
CA ILE D 221 -52.80 18.23 -25.68
C ILE D 221 -51.77 18.09 -26.80
N VAL D 222 -51.26 16.86 -27.01
CA VAL D 222 -50.27 16.53 -28.03
C VAL D 222 -50.76 15.39 -28.90
N GLU D 223 -50.46 15.48 -30.21
CA GLU D 223 -50.80 14.48 -31.21
C GLU D 223 -49.50 13.81 -31.66
N MET D 224 -49.41 12.49 -31.43
CA MET D 224 -48.23 11.69 -31.79
C MET D 224 -48.62 10.76 -32.93
N PRO D 225 -48.23 11.12 -34.19
CA PRO D 225 -48.59 10.29 -35.34
C PRO D 225 -47.98 8.90 -35.25
N LEU D 226 -48.80 7.91 -35.63
CA LEU D 226 -48.38 6.51 -35.65
C LEU D 226 -47.84 6.20 -37.05
N ALA D 227 -47.14 5.04 -37.23
CA ALA D 227 -46.50 4.63 -38.48
C ALA D 227 -47.31 4.94 -39.73
N HIS D 228 -46.65 5.68 -40.65
CA HIS D 228 -47.18 6.13 -41.94
C HIS D 228 -48.39 7.05 -41.88
N LYS D 229 -48.53 7.76 -40.73
CA LYS D 229 -49.57 8.76 -40.45
C LYS D 229 -50.99 8.24 -40.69
N LEU D 230 -51.21 6.91 -40.52
CA LEU D 230 -52.49 6.24 -40.71
C LEU D 230 -53.40 6.40 -39.53
N SER D 231 -52.80 6.58 -38.36
CA SER D 231 -53.45 6.85 -37.10
C SER D 231 -52.54 7.72 -36.23
N SER D 232 -53.07 8.25 -35.14
CA SER D 232 -52.35 9.08 -34.19
C SER D 232 -52.76 8.77 -32.77
N LEU D 233 -51.85 8.96 -31.84
CA LEU D 233 -52.11 8.84 -30.42
C LEU D 233 -52.18 10.27 -29.85
N ILE D 234 -53.33 10.63 -29.31
CA ILE D 234 -53.56 11.95 -28.72
C ILE D 234 -53.51 11.81 -27.21
N ILE D 235 -52.66 12.63 -26.55
CA ILE D 235 -52.52 12.63 -25.10
C ILE D 235 -53.01 13.98 -24.53
N LEU D 236 -53.90 13.92 -23.52
CA LEU D 236 -54.53 15.03 -22.82
C LEU D 236 -54.05 14.99 -21.38
N MET D 237 -53.47 16.07 -20.91
CA MET D 237 -52.93 16.06 -19.58
C MET D 237 -53.07 17.42 -18.90
N PRO D 238 -53.45 17.45 -17.60
CA PRO D 238 -53.44 18.73 -16.86
C PRO D 238 -52.02 19.26 -16.68
N HIS D 239 -51.86 20.58 -16.47
CA HIS D 239 -50.53 21.20 -16.30
C HIS D 239 -49.71 20.58 -15.18
N HIS D 240 -50.33 20.34 -14.04
CA HIS D 240 -49.67 19.72 -12.90
C HIS D 240 -50.52 18.55 -12.40
N VAL D 241 -50.03 17.86 -11.38
CA VAL D 241 -50.68 16.70 -10.80
C VAL D 241 -52.01 17.02 -10.14
N GLU D 242 -53.05 16.42 -10.68
CA GLU D 242 -54.40 16.58 -10.17
C GLU D 242 -55.27 15.42 -10.57
N PRO D 243 -56.38 15.13 -9.84
CA PRO D 243 -57.29 14.04 -10.28
C PRO D 243 -57.88 14.40 -11.65
N LEU D 244 -58.03 13.39 -12.51
CA LEU D 244 -58.52 13.53 -13.88
C LEU D 244 -59.97 13.99 -14.04
N GLU D 245 -60.75 13.93 -12.94
CA GLU D 245 -62.15 14.31 -12.86
C GLU D 245 -62.48 15.63 -13.58
N ARG D 246 -61.75 16.72 -13.23
CA ARG D 246 -61.94 18.06 -13.80
C ARG D 246 -61.80 18.05 -15.33
N LEU D 247 -60.72 17.42 -15.81
CA LEU D 247 -60.41 17.30 -17.23
C LEU D 247 -61.43 16.40 -17.95
N GLU D 248 -61.90 15.32 -17.28
CA GLU D 248 -62.90 14.38 -17.81
C GLU D 248 -64.25 15.05 -18.05
N LYS D 249 -64.56 16.10 -17.26
CA LYS D 249 -65.77 16.91 -17.40
C LYS D 249 -65.73 17.70 -18.72
N LEU D 250 -64.50 18.10 -19.16
CA LEU D 250 -64.26 18.83 -20.40
C LEU D 250 -64.23 17.90 -21.63
N LEU D 251 -63.86 16.63 -21.42
CA LEU D 251 -63.72 15.65 -22.49
C LEU D 251 -65.02 15.20 -23.14
N THR D 252 -65.37 15.86 -24.26
CA THR D 252 -66.53 15.52 -25.10
C THR D 252 -66.03 15.40 -26.54
N LYS D 253 -66.86 14.81 -27.44
CA LYS D 253 -66.51 14.64 -28.87
C LYS D 253 -66.30 16.02 -29.51
N GLU D 254 -67.13 17.00 -29.12
CA GLU D 254 -67.15 18.38 -29.58
C GLU D 254 -65.95 19.16 -29.08
N GLN D 255 -65.59 19.01 -27.80
CA GLN D 255 -64.43 19.71 -27.20
C GLN D 255 -63.12 19.19 -27.76
N LEU D 256 -63.04 17.87 -28.03
CA LEU D 256 -61.86 17.25 -28.64
C LEU D 256 -61.65 17.83 -30.05
N LYS D 257 -62.75 18.04 -30.80
CA LYS D 257 -62.73 18.64 -32.13
C LYS D 257 -62.23 20.08 -32.04
N ILE D 258 -62.65 20.84 -31.00
CA ILE D 258 -62.22 22.23 -30.77
C ILE D 258 -60.70 22.27 -30.53
N TRP D 259 -60.21 21.45 -29.59
CA TRP D 259 -58.81 21.33 -29.22
C TRP D 259 -57.92 20.96 -30.40
N MET D 260 -58.37 20.00 -31.21
CA MET D 260 -57.62 19.53 -32.37
C MET D 260 -57.46 20.53 -33.49
N GLY D 261 -58.43 21.44 -33.63
CA GLY D 261 -58.40 22.52 -34.61
C GLY D 261 -57.51 23.66 -34.16
N LYS D 262 -57.27 23.77 -32.83
CA LYS D 262 -56.41 24.78 -32.21
C LYS D 262 -54.95 24.33 -32.15
N MET D 263 -54.67 23.03 -32.41
CA MET D 263 -53.31 22.48 -32.39
C MET D 263 -52.48 23.02 -33.53
N GLN D 264 -51.17 23.19 -33.27
CA GLN D 264 -50.19 23.69 -34.22
C GLN D 264 -48.91 22.87 -34.09
N LYS D 265 -48.19 22.65 -35.20
CA LYS D 265 -46.94 21.92 -35.19
C LYS D 265 -45.86 22.74 -34.53
N LYS D 266 -45.37 22.26 -33.37
CA LYS D 266 -44.38 22.97 -32.57
C LYS D 266 -43.32 21.97 -32.14
N ALA D 267 -42.15 22.48 -31.71
CA ALA D 267 -41.10 21.68 -31.12
C ALA D 267 -41.64 21.31 -29.72
N VAL D 268 -41.71 20.00 -29.44
CA VAL D 268 -42.21 19.50 -28.16
C VAL D 268 -41.20 18.49 -27.63
N ALA D 269 -40.85 18.62 -26.32
CA ALA D 269 -39.99 17.67 -25.63
C ALA D 269 -40.92 16.74 -24.85
N ILE D 270 -41.12 15.54 -25.41
CA ILE D 270 -42.02 14.53 -24.84
C ILE D 270 -41.26 13.58 -23.92
N SER D 271 -41.86 13.25 -22.79
CA SER D 271 -41.42 12.25 -21.84
C SER D 271 -42.67 11.46 -21.50
N LEU D 272 -42.58 10.13 -21.73
CA LEU D 272 -43.69 9.21 -21.50
C LEU D 272 -43.25 8.01 -20.71
N PRO D 273 -44.13 7.43 -19.86
CA PRO D 273 -43.76 6.18 -19.20
C PRO D 273 -43.60 5.07 -20.25
N LYS D 274 -42.61 4.21 -20.05
CA LYS D 274 -42.29 3.12 -20.94
C LYS D 274 -42.65 1.79 -20.25
N GLY D 275 -43.32 0.91 -20.98
CA GLY D 275 -43.75 -0.39 -20.44
C GLY D 275 -45.15 -0.79 -20.83
N VAL D 276 -45.55 -1.99 -20.39
CA VAL D 276 -46.86 -2.58 -20.68
C VAL D 276 -47.85 -2.20 -19.60
N VAL D 277 -49.03 -1.70 -19.98
CA VAL D 277 -50.11 -1.40 -19.06
C VAL D 277 -51.17 -2.50 -19.31
N GLU D 278 -51.47 -3.33 -18.29
CA GLU D 278 -52.46 -4.40 -18.36
C GLU D 278 -53.74 -3.99 -17.65
N VAL D 279 -54.87 -3.93 -18.38
CA VAL D 279 -56.17 -3.57 -17.79
C VAL D 279 -57.25 -4.58 -18.21
N THR D 280 -58.02 -5.09 -17.22
CA THR D 280 -59.18 -5.95 -17.48
C THR D 280 -60.42 -5.28 -16.90
N HIS D 281 -61.40 -5.03 -17.77
CA HIS D 281 -62.68 -4.45 -17.40
C HIS D 281 -63.78 -5.47 -17.62
N ASP D 282 -64.77 -5.48 -16.75
CA ASP D 282 -65.98 -6.27 -16.97
C ASP D 282 -66.99 -5.19 -17.29
N LEU D 283 -67.33 -5.09 -18.58
CA LEU D 283 -68.21 -4.04 -19.09
C LEU D 283 -69.68 -4.28 -18.82
N GLN D 284 -70.02 -5.46 -18.26
CA GLN D 284 -71.38 -5.90 -17.92
C GLN D 284 -72.27 -4.85 -17.23
N LYS D 285 -71.85 -4.32 -16.05
CA LYS D 285 -72.66 -3.34 -15.32
C LYS D 285 -72.72 -1.99 -16.04
N HIS D 286 -71.62 -1.64 -16.74
CA HIS D 286 -71.49 -0.38 -17.46
C HIS D 286 -72.37 -0.33 -18.72
N LEU D 287 -72.44 -1.45 -19.47
CA LEU D 287 -73.29 -1.56 -20.67
C LEU D 287 -74.75 -1.58 -20.29
N ALA D 288 -75.09 -2.20 -19.15
CA ALA D 288 -76.46 -2.23 -18.62
C ALA D 288 -76.91 -0.80 -18.29
N GLY D 289 -76.01 -0.03 -17.64
CA GLY D 289 -76.20 1.37 -17.27
C GLY D 289 -76.47 2.25 -18.48
N LEU D 290 -75.90 1.86 -19.63
CA LEU D 290 -76.04 2.55 -20.91
C LEU D 290 -77.30 2.13 -21.68
N GLY D 291 -78.02 1.12 -21.18
CA GLY D 291 -79.26 0.63 -21.79
C GLY D 291 -79.39 -0.86 -22.09
N LEU D 292 -78.34 -1.65 -21.83
CA LEU D 292 -78.36 -3.12 -22.09
C LEU D 292 -78.74 -3.87 -20.79
N THR D 293 -79.97 -3.67 -20.31
CA THR D 293 -80.47 -4.22 -19.06
C THR D 293 -81.00 -5.64 -19.16
N GLU D 294 -81.72 -5.95 -20.27
CA GLU D 294 -82.33 -7.27 -20.50
C GLU D 294 -81.33 -8.39 -20.73
N ALA D 295 -80.28 -8.14 -21.55
CA ALA D 295 -79.25 -9.13 -21.87
C ALA D 295 -78.48 -9.65 -20.65
N ILE D 296 -78.26 -8.77 -19.64
CA ILE D 296 -77.51 -9.12 -18.43
C ILE D 296 -78.34 -9.75 -17.28
N ASP D 297 -79.70 -9.70 -17.36
CA ASP D 297 -80.61 -10.26 -16.36
C ASP D 297 -81.09 -11.63 -16.79
N LYS D 298 -80.81 -12.65 -15.98
CA LYS D 298 -81.16 -14.06 -16.21
C LYS D 298 -82.64 -14.34 -16.55
N ASN D 299 -83.57 -13.57 -15.95
CA ASN D 299 -85.02 -13.74 -16.16
C ASN D 299 -85.53 -13.13 -17.45
N LYS D 300 -85.04 -11.93 -17.81
CA LYS D 300 -85.48 -11.19 -18.99
C LYS D 300 -84.72 -11.52 -20.29
N ALA D 301 -83.48 -12.02 -20.17
CA ALA D 301 -82.61 -12.33 -21.30
C ALA D 301 -83.19 -13.28 -22.33
N ASP D 302 -83.02 -12.90 -23.59
CA ASP D 302 -83.45 -13.66 -24.73
C ASP D 302 -82.25 -13.84 -25.65
N LEU D 303 -81.50 -14.94 -25.47
CA LEU D 303 -80.36 -15.29 -26.30
C LEU D 303 -80.64 -16.64 -26.98
N SER D 304 -81.86 -16.74 -27.52
CA SER D 304 -82.40 -17.92 -28.20
C SER D 304 -81.74 -18.19 -29.56
N ARG D 305 -81.31 -17.14 -30.28
CA ARG D 305 -80.64 -17.31 -31.58
C ARG D 305 -79.22 -17.83 -31.36
N MET D 306 -78.68 -17.59 -30.17
CA MET D 306 -77.34 -17.98 -29.77
C MET D 306 -77.22 -19.49 -29.51
N SER D 307 -78.24 -20.10 -28.87
CA SER D 307 -78.22 -21.52 -28.52
C SER D 307 -79.57 -22.24 -28.74
N GLY D 308 -80.63 -21.68 -28.15
CA GLY D 308 -81.97 -22.23 -28.18
C GLY D 308 -82.58 -22.31 -26.79
N LYS D 309 -81.86 -21.77 -25.78
CA LYS D 309 -82.30 -21.73 -24.39
C LYS D 309 -82.43 -20.29 -23.83
N LYS D 310 -83.62 -19.97 -23.30
CA LYS D 310 -84.01 -18.68 -22.72
C LYS D 310 -83.23 -18.37 -21.43
N ASP D 311 -82.93 -19.40 -20.60
CA ASP D 311 -82.19 -19.22 -19.35
C ASP D 311 -80.76 -18.69 -19.52
N LEU D 312 -80.22 -18.74 -20.77
CA LEU D 312 -78.89 -18.22 -21.14
C LEU D 312 -78.92 -16.69 -21.12
N TYR D 313 -77.97 -16.10 -20.36
CA TYR D 313 -77.87 -14.66 -20.20
C TYR D 313 -76.41 -14.21 -20.28
N LEU D 314 -76.20 -12.88 -20.35
CA LEU D 314 -74.87 -12.29 -20.45
C LEU D 314 -74.31 -12.01 -19.06
N ALA D 315 -73.45 -12.93 -18.59
CA ALA D 315 -72.85 -12.86 -17.27
C ALA D 315 -71.74 -11.81 -17.18
N SER D 316 -70.85 -11.78 -18.18
CA SER D 316 -69.74 -10.83 -18.24
C SER D 316 -69.34 -10.46 -19.67
N VAL D 317 -68.71 -9.29 -19.81
CA VAL D 317 -68.14 -8.76 -21.05
C VAL D 317 -66.76 -8.30 -20.65
N PHE D 318 -65.79 -9.21 -20.70
CA PHE D 318 -64.41 -8.90 -20.36
C PHE D 318 -63.67 -8.24 -21.48
N HIS D 319 -63.16 -7.05 -21.21
CA HIS D 319 -62.41 -6.23 -22.13
C HIS D 319 -61.01 -6.15 -21.51
N ALA D 320 -60.14 -7.09 -21.91
CA ALA D 320 -58.79 -7.24 -21.38
C ALA D 320 -57.78 -6.78 -22.41
N THR D 321 -56.97 -5.76 -22.03
CA THR D 321 -56.00 -5.14 -22.92
C THR D 321 -54.62 -5.04 -22.28
N ALA D 322 -53.58 -5.25 -23.10
CA ALA D 322 -52.16 -5.06 -22.78
C ALA D 322 -51.72 -3.99 -23.76
N PHE D 323 -51.49 -2.78 -23.27
CA PHE D 323 -51.06 -1.65 -24.08
C PHE D 323 -49.60 -1.33 -23.76
N GLU D 324 -48.71 -1.61 -24.74
CA GLU D 324 -47.27 -1.37 -24.62
C GLU D 324 -46.78 0.00 -25.14
N TRP D 325 -46.08 0.74 -24.26
CA TRP D 325 -45.44 2.00 -24.58
C TRP D 325 -43.97 1.68 -24.74
N ASP D 326 -43.46 1.82 -25.97
CA ASP D 326 -42.08 1.53 -26.36
C ASP D 326 -41.50 2.60 -27.28
N THR D 327 -40.15 2.58 -27.47
CA THR D 327 -39.41 3.55 -28.29
C THR D 327 -39.53 3.29 -29.81
N GLU D 328 -39.82 2.03 -30.19
CA GLU D 328 -39.91 1.57 -31.57
C GLU D 328 -40.87 2.31 -32.47
N GLY D 329 -40.40 2.61 -33.68
CA GLY D 329 -41.14 3.32 -34.70
C GLY D 329 -40.34 3.43 -35.98
N ASN D 330 -40.83 4.22 -36.95
CA ASN D 330 -40.12 4.40 -38.23
C ASN D 330 -38.90 5.31 -38.03
N PRO D 331 -37.82 5.11 -38.81
CA PRO D 331 -36.66 6.01 -38.68
C PRO D 331 -36.96 7.42 -39.21
N PHE D 332 -36.37 8.43 -38.56
CA PHE D 332 -36.50 9.82 -38.96
C PHE D 332 -35.14 10.48 -39.11
N ASP D 333 -34.93 11.22 -40.22
CA ASP D 333 -33.68 11.96 -40.49
C ASP D 333 -33.57 13.22 -39.58
N GLN D 334 -32.63 13.16 -38.62
CA GLN D 334 -32.34 14.22 -37.66
C GLN D 334 -31.40 15.23 -38.31
N ARG D 343 -37.60 25.97 -32.91
CA ARG D 343 -38.02 26.82 -31.79
C ARG D 343 -37.89 26.13 -30.41
N SER D 344 -37.91 26.93 -29.31
CA SER D 344 -37.71 26.50 -27.92
C SER D 344 -38.75 25.44 -27.58
N PRO D 345 -38.42 24.17 -27.22
CA PRO D 345 -39.53 23.23 -27.09
C PRO D 345 -40.43 23.40 -25.89
N LYS D 346 -41.67 23.02 -26.11
CA LYS D 346 -42.69 22.94 -25.10
C LYS D 346 -42.44 21.61 -24.38
N LEU D 347 -42.78 21.53 -23.11
CA LEU D 347 -42.60 20.29 -22.37
C LEU D 347 -43.90 19.53 -22.33
N PHE D 348 -43.86 18.26 -22.67
CA PHE D 348 -44.99 17.37 -22.48
C PHE D 348 -44.41 16.23 -21.62
N TYR D 349 -44.28 16.52 -20.33
CA TYR D 349 -43.68 15.67 -19.32
C TYR D 349 -44.75 14.87 -18.62
N ALA D 350 -45.07 13.68 -19.14
CA ALA D 350 -46.13 12.83 -18.60
C ALA D 350 -45.73 12.01 -17.37
N ASP D 351 -45.48 12.72 -16.25
CA ASP D 351 -45.11 12.11 -14.97
C ASP D 351 -46.27 12.11 -13.97
N HIS D 352 -47.48 12.29 -14.49
CA HIS D 352 -48.73 12.35 -13.71
C HIS D 352 -49.90 11.87 -14.56
N PRO D 353 -51.08 11.49 -13.97
CA PRO D 353 -52.17 10.94 -14.80
C PRO D 353 -52.61 11.74 -16.02
N PHE D 354 -52.83 11.00 -17.11
CA PHE D 354 -53.24 11.55 -18.39
C PHE D 354 -54.28 10.68 -19.07
N ILE D 355 -55.00 11.28 -20.03
CA ILE D 355 -55.97 10.63 -20.88
C ILE D 355 -55.33 10.48 -22.27
N PHE D 356 -55.61 9.38 -22.96
CA PHE D 356 -55.09 9.17 -24.30
C PHE D 356 -56.17 8.54 -25.21
N LEU D 357 -56.03 8.77 -26.53
CA LEU D 357 -56.92 8.27 -27.56
C LEU D 357 -56.05 7.85 -28.73
N VAL D 358 -56.47 6.79 -29.45
CA VAL D 358 -55.83 6.36 -30.69
C VAL D 358 -56.92 6.53 -31.72
N ARG D 359 -56.66 7.41 -32.68
CA ARG D 359 -57.63 7.81 -33.69
C ARG D 359 -57.12 7.50 -35.09
N ASP D 360 -57.97 6.96 -35.95
CA ASP D 360 -57.65 6.71 -37.36
C ASP D 360 -57.68 8.10 -38.05
N THR D 361 -56.53 8.53 -38.61
CA THR D 361 -56.37 9.83 -39.27
C THR D 361 -57.42 10.11 -40.36
N GLN D 362 -57.71 9.08 -41.19
CA GLN D 362 -58.64 9.17 -42.31
C GLN D 362 -60.11 9.24 -41.88
N SER D 363 -60.63 8.17 -41.26
CA SER D 363 -62.03 8.05 -40.84
C SER D 363 -62.38 8.88 -39.60
N GLY D 364 -61.43 9.04 -38.70
CA GLY D 364 -61.63 9.75 -37.44
C GLY D 364 -62.10 8.80 -36.37
N SER D 365 -62.27 7.50 -36.74
CA SER D 365 -62.72 6.42 -35.85
C SER D 365 -61.75 6.22 -34.70
N LEU D 366 -62.32 6.07 -33.52
CA LEU D 366 -61.56 5.87 -32.30
C LEU D 366 -61.18 4.41 -32.16
N LEU D 367 -59.87 4.11 -32.16
CA LEU D 367 -59.34 2.76 -31.99
C LEU D 367 -59.24 2.47 -30.50
N PHE D 368 -58.86 3.50 -29.71
CA PHE D 368 -58.70 3.39 -28.27
C PHE D 368 -59.03 4.67 -27.57
N ILE D 369 -59.51 4.52 -26.34
CA ILE D 369 -59.75 5.59 -25.38
C ILE D 369 -59.35 5.01 -24.03
N GLY D 370 -58.55 5.76 -23.28
CA GLY D 370 -58.10 5.30 -21.98
C GLY D 370 -57.49 6.38 -21.14
N ARG D 371 -56.95 5.94 -19.99
CA ARG D 371 -56.26 6.82 -19.06
C ARG D 371 -55.23 6.02 -18.26
N LEU D 372 -54.07 6.65 -18.04
CA LEU D 372 -53.04 6.07 -17.20
C LEU D 372 -53.02 6.86 -15.91
N VAL D 373 -53.44 6.21 -14.84
CA VAL D 373 -53.56 6.79 -13.50
C VAL D 373 -52.47 6.20 -12.59
N ARG D 374 -52.31 4.88 -12.63
CA ARG D 374 -51.37 4.17 -11.79
C ARG D 374 -50.57 3.15 -12.61
N PRO D 375 -49.34 3.52 -13.02
CA PRO D 375 -48.48 2.56 -13.73
C PRO D 375 -47.89 1.52 -12.75
N LYS D 376 -47.42 0.39 -13.29
CA LYS D 376 -46.78 -0.67 -12.50
C LYS D 376 -45.37 -0.18 -12.06
N GLY D 377 -45.08 -0.35 -10.77
CA GLY D 377 -43.83 0.08 -10.16
C GLY D 377 -43.94 0.25 -8.66
N ASP D 378 -42.77 0.40 -8.00
CA ASP D 378 -42.66 0.54 -6.55
C ASP D 378 -42.80 1.99 -6.07
C ACE E 1 69.81 -10.71 -37.81
O ACE E 1 68.86 -11.47 -37.59
CH3 ACE E 1 70.45 -10.71 -39.16
N PRO E 2 70.31 -9.87 -36.90
CA PRO E 2 69.77 -9.78 -35.53
C PRO E 2 68.33 -9.24 -35.46
N PRO E 3 67.55 -9.67 -34.46
CA PRO E 3 66.17 -9.18 -34.37
C PRO E 3 66.11 -7.69 -34.07
N GLY E 4 64.94 -7.12 -34.33
CA GLY E 4 64.64 -5.73 -34.05
C GLY E 4 64.60 -5.43 -32.56
N PRO E 5 64.59 -4.13 -32.19
CA PRO E 5 64.61 -3.80 -30.77
C PRO E 5 63.29 -4.16 -30.08
N PRO E 6 63.25 -4.31 -28.73
CA PRO E 6 61.94 -4.46 -28.05
C PRO E 6 61.13 -3.20 -28.31
N GLY E 7 59.82 -3.38 -28.40
CA GLY E 7 58.91 -2.30 -28.69
C GLY E 7 58.83 -1.26 -27.59
N PRO E 8 58.00 -0.21 -27.85
CA PRO E 8 57.79 0.82 -26.85
C PRO E 8 57.15 0.30 -25.58
N THR E 9 57.40 1.00 -24.45
CA THR E 9 56.75 0.71 -23.16
C THR E 9 55.21 0.75 -23.40
N GLY E 10 54.47 -0.11 -22.72
CA GLY E 10 53.02 -0.09 -22.82
C GLY E 10 52.41 1.20 -22.32
N PRO E 11 51.11 1.45 -22.59
CA PRO E 11 50.50 2.67 -22.03
C PRO E 11 50.33 2.56 -20.50
N ARG E 12 50.31 3.71 -19.79
CA ARG E 12 50.09 3.75 -18.34
C ARG E 12 48.71 3.11 -18.02
N GLY E 13 48.63 2.43 -16.88
CA GLY E 13 47.41 1.76 -16.49
C GLY E 13 46.23 2.70 -16.25
N PRO E 14 45.01 2.13 -16.08
CA PRO E 14 43.85 2.97 -15.75
C PRO E 14 43.93 3.50 -14.30
N PRO E 15 43.17 4.56 -13.96
CA PRO E 15 43.22 5.06 -12.57
C PRO E 15 42.61 4.09 -11.58
N GLY E 16 43.00 4.25 -10.33
CA GLY E 16 42.45 3.44 -9.26
C GLY E 16 41.04 3.87 -8.88
N PRO E 17 40.38 3.10 -7.99
CA PRO E 17 39.02 3.48 -7.56
C PRO E 17 38.96 4.73 -6.65
N PRO E 18 37.81 5.45 -6.55
CA PRO E 18 37.75 6.66 -5.73
C PRO E 18 37.93 6.40 -4.23
C ACE F 1 64.13 -9.27 -39.18
O ACE F 1 63.13 -8.62 -39.53
CH3 ACE F 1 65.50 -9.02 -39.87
N PRO F 2 64.09 -10.22 -38.23
CA PRO F 2 62.83 -10.54 -37.52
C PRO F 2 62.32 -9.41 -36.65
N PRO F 3 60.98 -9.28 -36.45
CA PRO F 3 60.47 -8.20 -35.57
C PRO F 3 60.91 -8.40 -34.14
N GLY F 4 61.04 -7.29 -33.42
CA GLY F 4 61.48 -7.33 -32.03
C GLY F 4 60.45 -7.93 -31.10
N PRO F 5 60.82 -8.16 -29.83
CA PRO F 5 59.84 -8.64 -28.86
C PRO F 5 58.84 -7.53 -28.49
N PRO F 6 57.67 -7.85 -27.90
CA PRO F 6 56.78 -6.76 -27.44
C PRO F 6 57.51 -5.92 -26.40
N GLY F 7 57.15 -4.63 -26.32
CA GLY F 7 57.73 -3.70 -25.37
C GLY F 7 57.42 -4.02 -23.92
N PRO F 8 57.99 -3.27 -22.98
CA PRO F 8 57.69 -3.53 -21.56
C PRO F 8 56.25 -3.15 -21.21
N THR F 9 55.72 -3.76 -20.14
CA THR F 9 54.39 -3.43 -19.60
C THR F 9 54.46 -1.96 -19.15
N GLY F 10 53.38 -1.22 -19.35
CA GLY F 10 53.34 0.17 -18.97
C GLY F 10 53.43 0.41 -17.48
N PRO F 11 53.61 1.69 -17.07
CA PRO F 11 53.63 1.98 -15.62
C PRO F 11 52.23 1.86 -15.00
N ARG F 12 52.17 1.71 -13.67
CA ARG F 12 50.92 1.58 -12.92
C ARG F 12 50.12 2.86 -13.07
N GLY F 13 48.79 2.71 -13.19
CA GLY F 13 47.87 3.82 -13.32
C GLY F 13 47.90 4.79 -12.14
N PRO F 14 47.30 5.98 -12.30
CA PRO F 14 47.32 6.94 -11.18
C PRO F 14 46.34 6.52 -10.09
N PRO F 15 46.48 6.98 -8.83
CA PRO F 15 45.47 6.63 -7.82
C PRO F 15 44.12 7.29 -8.13
N GLY F 16 43.05 6.71 -7.58
CA GLY F 16 41.72 7.26 -7.75
C GLY F 16 41.51 8.59 -7.05
N PRO F 17 40.39 9.30 -7.34
CA PRO F 17 40.14 10.59 -6.68
C PRO F 17 39.72 10.47 -5.21
C ACE G 1 63.91 -4.78 -37.28
O ACE G 1 64.35 -3.93 -36.50
CH3 ACE G 1 64.83 -5.86 -37.83
N PRO G 2 62.61 -4.82 -37.66
CA PRO G 2 61.63 -3.83 -37.16
C PRO G 2 61.39 -3.91 -35.65
N PRO G 3 61.03 -2.80 -34.98
CA PRO G 3 60.75 -2.88 -33.54
C PRO G 3 59.51 -3.73 -33.23
N GLY G 4 59.45 -4.24 -32.01
CA GLY G 4 58.30 -5.02 -31.57
C GLY G 4 57.08 -4.15 -31.33
N PRO G 5 55.93 -4.76 -30.99
CA PRO G 5 54.74 -3.96 -30.69
C PRO G 5 54.86 -3.21 -29.35
N PRO G 6 54.06 -2.15 -29.07
CA PRO G 6 54.12 -1.54 -27.72
C PRO G 6 53.67 -2.58 -26.69
N GLY G 7 54.22 -2.48 -25.50
CA GLY G 7 53.91 -3.45 -24.46
C GLY G 7 52.51 -3.36 -23.90
N PRO G 8 52.20 -4.29 -22.96
CA PRO G 8 50.85 -4.31 -22.36
C PRO G 8 50.57 -3.06 -21.54
N THR G 9 49.26 -2.75 -21.36
CA THR G 9 48.82 -1.64 -20.52
C THR G 9 49.27 -1.95 -19.11
N GLY G 10 49.72 -0.91 -18.39
CA GLY G 10 50.16 -1.02 -17.00
C GLY G 10 49.05 -1.47 -16.07
N PRO G 11 49.36 -1.90 -14.83
CA PRO G 11 48.28 -2.32 -13.92
C PRO G 11 47.45 -1.13 -13.43
N ARG G 12 46.24 -1.39 -12.94
CA ARG G 12 45.33 -0.37 -12.40
C ARG G 12 45.97 0.31 -11.19
N GLY G 13 45.73 1.61 -11.08
CA GLY G 13 46.26 2.41 -9.99
C GLY G 13 45.68 2.05 -8.64
N PRO G 14 46.33 2.52 -7.54
CA PRO G 14 45.80 2.19 -6.21
C PRO G 14 44.56 3.04 -5.88
N PRO G 15 43.73 2.66 -4.89
CA PRO G 15 42.59 3.52 -4.52
C PRO G 15 43.05 4.83 -3.87
N GLY G 16 42.18 5.84 -3.91
CA GLY G 16 42.45 7.14 -3.31
C GLY G 16 42.39 7.11 -1.79
C ACE H 1 -15.13 7.37 -37.90
O ACE H 1 -16.13 6.68 -37.71
CH3 ACE H 1 -14.53 7.39 -39.26
N PRO H 2 -14.55 8.13 -36.97
CA PRO H 2 -15.06 8.18 -35.57
C PRO H 2 -16.45 8.77 -35.42
N PRO H 3 -17.24 8.29 -34.42
CA PRO H 3 -18.58 8.82 -34.23
C PRO H 3 -18.63 10.30 -33.90
N GLY H 4 -19.79 10.88 -34.14
CA GLY H 4 -20.07 12.27 -33.87
C GLY H 4 -20.06 12.61 -32.40
N PRO H 5 -20.13 13.92 -32.08
CA PRO H 5 -20.13 14.30 -30.66
C PRO H 5 -21.42 13.93 -29.96
N PRO H 6 -21.46 13.82 -28.61
CA PRO H 6 -22.75 13.64 -27.92
C PRO H 6 -23.63 14.85 -28.21
N GLY H 7 -24.94 14.65 -28.23
CA GLY H 7 -25.87 15.72 -28.54
C GLY H 7 -25.92 16.83 -27.52
N PRO H 8 -26.75 17.87 -27.78
CA PRO H 8 -26.89 18.95 -26.81
C PRO H 8 -27.56 18.46 -25.53
N THR H 9 -27.29 19.16 -24.40
CA THR H 9 -27.92 18.91 -23.12
C THR H 9 -29.44 18.99 -23.33
N GLY H 10 -30.19 18.13 -22.65
CA GLY H 10 -31.64 18.15 -22.74
C GLY H 10 -32.25 19.43 -22.19
N PRO H 11 -33.54 19.68 -22.43
CA PRO H 11 -34.13 20.91 -21.85
C PRO H 11 -34.30 20.79 -20.33
N ARG H 12 -34.38 21.94 -19.62
CA ARG H 12 -34.60 21.98 -18.18
C ARG H 12 -35.95 21.29 -17.85
N GLY H 13 -36.02 20.61 -16.72
CA GLY H 13 -37.25 19.95 -16.31
C GLY H 13 -38.43 20.87 -16.09
N PRO H 14 -39.65 20.30 -15.94
CA PRO H 14 -40.82 21.16 -15.67
C PRO H 14 -40.79 21.72 -14.24
N PRO H 15 -41.58 22.76 -13.92
CA PRO H 15 -41.56 23.26 -12.53
C PRO H 15 -42.18 22.28 -11.55
N GLY H 16 -41.84 22.45 -10.28
CA GLY H 16 -42.41 21.64 -9.21
C GLY H 16 -43.83 22.09 -8.89
N PRO H 17 -44.59 21.30 -8.12
CA PRO H 17 -45.95 21.74 -7.75
C PRO H 17 -45.96 22.86 -6.68
N PRO H 18 -47.06 23.64 -6.51
CA PRO H 18 -47.04 24.72 -5.50
C PRO H 18 -47.06 24.20 -4.07
C ACE I 1 -20.44 8.63 -38.96
O ACE I 1 -21.46 9.25 -39.34
CH3 ACE I 1 -19.09 8.92 -39.65
N PRO I 2 -20.47 7.71 -37.99
CA PRO I 2 -21.73 7.41 -37.27
C PRO I 2 -22.23 8.57 -36.42
N PRO I 3 -23.56 8.71 -36.19
CA PRO I 3 -24.05 9.80 -35.33
C PRO I 3 -23.60 9.65 -33.88
N GLY I 4 -23.49 10.77 -33.19
CA GLY I 4 -23.08 10.78 -31.79
C GLY I 4 -24.14 10.21 -30.85
N PRO I 5 -23.77 9.97 -29.58
CA PRO I 5 -24.77 9.51 -28.61
C PRO I 5 -25.76 10.61 -28.25
N PRO I 6 -26.95 10.30 -27.67
CA PRO I 6 -27.85 11.38 -27.23
C PRO I 6 -27.14 12.27 -26.20
N GLY I 7 -27.54 13.53 -26.12
CA GLY I 7 -26.98 14.46 -25.17
C GLY I 7 -27.30 14.16 -23.73
N PRO I 8 -26.70 14.88 -22.77
CA PRO I 8 -27.01 14.60 -21.35
C PRO I 8 -28.43 15.01 -20.99
N THR I 9 -28.98 14.39 -19.96
CA THR I 9 -30.29 14.72 -19.40
C THR I 9 -30.20 16.17 -18.92
N GLY I 10 -31.28 16.91 -19.15
CA GLY I 10 -31.36 18.31 -18.77
C GLY I 10 -31.28 18.55 -17.28
N PRO I 11 -31.09 19.81 -16.87
CA PRO I 11 -31.08 20.11 -15.43
C PRO I 11 -32.47 20.00 -14.80
N ARG I 12 -32.52 19.88 -13.47
CA ARG I 12 -33.79 19.79 -12.72
C ARG I 12 -34.58 21.09 -12.87
N GLY I 13 -35.91 20.94 -12.98
CA GLY I 13 -36.81 22.07 -13.11
C GLY I 13 -36.78 23.02 -11.93
N PRO I 14 -37.38 24.22 -12.07
CA PRO I 14 -37.39 25.17 -10.95
C PRO I 14 -38.38 24.72 -9.86
N PRO I 15 -38.26 25.22 -8.61
CA PRO I 15 -39.29 24.88 -7.60
C PRO I 15 -40.64 25.51 -7.97
N GLY I 16 -41.71 24.98 -7.40
CA GLY I 16 -43.05 25.51 -7.61
C GLY I 16 -43.27 26.88 -6.99
N PRO I 17 -44.39 27.55 -7.33
CA PRO I 17 -44.66 28.88 -6.74
C PRO I 17 -45.08 28.81 -5.26
C ACE J 1 -20.89 13.21 -37.13
O ACE J 1 -20.42 14.09 -36.36
CH3 ACE J 1 -19.97 12.08 -37.63
N PRO J 2 -22.17 13.18 -37.53
CA PRO J 2 -23.15 14.18 -37.05
C PRO J 2 -23.38 14.13 -35.52
N PRO J 3 -23.73 15.26 -34.88
CA PRO J 3 -23.99 15.22 -33.44
C PRO J 3 -25.20 14.35 -33.09
N GLY J 4 -25.24 13.91 -31.83
CA GLY J 4 -26.36 13.12 -31.35
C GLY J 4 -27.61 13.96 -31.16
N PRO J 5 -28.77 13.33 -30.88
CA PRO J 5 -29.98 14.09 -30.60
C PRO J 5 -29.89 14.85 -29.26
N PRO J 6 -30.70 15.91 -29.02
CA PRO J 6 -30.69 16.55 -27.68
C PRO J 6 -31.11 15.54 -26.63
N GLY J 7 -30.57 15.67 -25.44
CA GLY J 7 -30.86 14.76 -24.34
C GLY J 7 -32.28 14.81 -23.80
N PRO J 8 -32.54 13.91 -22.85
CA PRO J 8 -33.86 13.87 -22.20
C PRO J 8 -34.13 15.14 -21.38
N THR J 9 -35.41 15.48 -21.20
CA THR J 9 -35.84 16.59 -20.36
C THR J 9 -35.34 16.29 -18.95
N GLY J 10 -34.94 17.32 -18.23
CA GLY J 10 -34.49 17.18 -16.84
C GLY J 10 -35.62 16.75 -15.91
N PRO J 11 -35.31 16.27 -14.68
CA PRO J 11 -36.40 15.86 -13.77
C PRO J 11 -37.23 17.04 -13.26
N ARG J 12 -38.43 16.77 -12.77
CA ARG J 12 -39.36 17.78 -12.24
C ARG J 12 -38.73 18.48 -11.03
N GLY J 13 -38.99 19.79 -10.93
CA GLY J 13 -38.51 20.63 -9.85
C GLY J 13 -39.10 20.27 -8.51
N PRO J 14 -38.48 20.74 -7.40
CA PRO J 14 -39.04 20.45 -6.07
C PRO J 14 -40.30 21.30 -5.80
N PRO J 15 -41.14 20.96 -4.81
CA PRO J 15 -42.31 21.82 -4.55
C PRO J 15 -41.93 23.18 -3.98
N GLY J 16 -42.85 24.14 -4.10
CA GLY J 16 -42.68 25.49 -3.59
C GLY J 16 -42.67 25.55 -2.08
N MET K 1 70.65 -42.87 49.60
CA MET K 1 71.39 -42.88 48.34
C MET K 1 71.51 -44.30 47.76
N LEU K 2 71.25 -44.44 46.44
CA LEU K 2 71.29 -45.70 45.70
C LEU K 2 72.66 -46.35 45.70
N SER K 3 72.70 -47.68 45.85
CA SER K 3 73.92 -48.49 45.79
C SER K 3 74.43 -48.57 44.34
N PRO K 4 75.73 -48.89 44.06
CA PRO K 4 76.19 -48.94 42.65
C PRO K 4 75.45 -49.94 41.76
N LYS K 5 74.98 -51.07 42.33
CA LYS K 5 74.23 -52.10 41.62
C LYS K 5 72.81 -51.62 41.24
N ALA K 6 72.13 -50.94 42.19
CA ALA K 6 70.80 -50.36 41.99
C ALA K 6 70.88 -49.22 40.96
N ALA K 7 71.95 -48.41 41.03
CA ALA K 7 72.25 -47.30 40.12
C ALA K 7 72.41 -47.81 38.67
N THR K 8 73.13 -48.93 38.50
CA THR K 8 73.34 -49.53 37.19
C THR K 8 72.03 -50.07 36.60
N LEU K 9 71.20 -50.72 37.44
CA LEU K 9 69.90 -51.25 37.03
C LEU K 9 68.91 -50.13 36.68
N ALA K 10 69.04 -48.93 37.31
CA ALA K 10 68.23 -47.73 37.04
C ALA K 10 68.47 -47.28 35.59
N GLU K 11 69.74 -47.37 35.12
CA GLU K 11 70.15 -47.00 33.76
C GLU K 11 69.54 -47.95 32.75
N ARG K 12 69.62 -49.27 33.04
CA ARG K 12 69.09 -50.36 32.21
C ARG K 12 67.58 -50.24 32.05
N SER K 13 66.86 -50.04 33.18
CA SER K 13 65.40 -49.90 33.20
C SER K 13 64.92 -48.69 32.35
N ALA K 14 65.67 -47.56 32.36
CA ALA K 14 65.39 -46.35 31.56
C ALA K 14 65.63 -46.64 30.07
N GLY K 15 66.73 -47.34 29.78
CA GLY K 15 67.08 -47.74 28.41
C GLY K 15 66.02 -48.65 27.83
N LEU K 16 65.56 -49.62 28.64
CA LEU K 16 64.51 -50.58 28.31
C LEU K 16 63.19 -49.84 28.14
N ALA K 17 62.94 -48.78 28.95
CA ALA K 17 61.73 -47.99 28.86
C ALA K 17 61.63 -47.31 27.52
N PHE K 18 62.74 -46.65 27.01
CA PHE K 18 62.79 -46.02 25.68
C PHE K 18 62.53 -47.08 24.62
N SER K 19 63.13 -48.28 24.75
CA SER K 19 62.98 -49.41 23.82
C SER K 19 61.55 -49.92 23.79
N LEU K 20 60.94 -50.07 24.95
CA LEU K 20 59.56 -50.52 25.07
C LEU K 20 58.58 -49.44 24.59
N TYR K 21 58.79 -48.14 24.98
CA TYR K 21 57.96 -47.03 24.52
C TYR K 21 57.91 -47.01 22.99
N GLN K 22 59.08 -47.13 22.33
CA GLN K 22 59.22 -47.10 20.88
C GLN K 22 58.48 -48.23 20.18
N ALA K 23 58.55 -49.44 20.74
CA ALA K 23 57.89 -50.64 20.22
C ALA K 23 56.38 -50.48 20.24
N MET K 24 55.86 -50.04 21.37
CA MET K 24 54.43 -49.78 21.59
C MET K 24 53.91 -48.63 20.72
N ALA K 25 54.73 -47.56 20.57
CA ALA K 25 54.36 -46.39 19.77
C ALA K 25 54.18 -46.76 18.28
N LYS K 26 54.90 -47.80 17.81
CA LYS K 26 54.85 -48.35 16.46
C LYS K 26 53.57 -49.16 16.23
N ASP K 27 53.02 -49.76 17.31
CA ASP K 27 51.78 -50.54 17.29
C ASP K 27 50.58 -49.56 17.18
N GLN K 28 49.89 -49.63 16.03
CA GLN K 28 48.76 -48.77 15.67
C GLN K 28 47.52 -48.93 16.56
N ALA K 29 47.42 -50.04 17.29
CA ALA K 29 46.32 -50.30 18.21
C ALA K 29 46.49 -49.54 19.55
N VAL K 30 47.72 -49.09 19.85
CA VAL K 30 48.09 -48.35 21.08
C VAL K 30 47.78 -46.86 20.93
N GLU K 31 46.98 -46.29 21.85
CA GLU K 31 46.68 -44.87 21.86
C GLU K 31 47.58 -44.23 22.92
N ASN K 32 47.12 -44.14 24.18
CA ASN K 32 47.93 -43.59 25.26
C ASN K 32 48.97 -44.58 25.75
N ILE K 33 50.11 -44.07 26.24
CA ILE K 33 51.21 -44.88 26.78
C ILE K 33 51.55 -44.39 28.18
N LEU K 34 51.72 -45.33 29.10
CA LEU K 34 52.08 -45.05 30.47
C LEU K 34 52.94 -46.19 30.97
N LEU K 35 54.27 -45.94 31.07
CA LEU K 35 55.24 -46.94 31.50
C LEU K 35 56.11 -46.49 32.67
N SER K 36 56.26 -47.40 33.67
CA SER K 36 57.13 -47.22 34.82
C SER K 36 58.34 -48.14 34.64
N PRO K 37 59.51 -47.53 34.30
CA PRO K 37 60.73 -48.32 34.00
C PRO K 37 61.12 -49.38 35.01
N VAL K 38 61.02 -49.05 36.31
CA VAL K 38 61.38 -49.96 37.40
C VAL K 38 60.39 -51.11 37.48
N VAL K 39 59.09 -50.81 37.34
CA VAL K 39 58.01 -51.78 37.39
C VAL K 39 58.13 -52.77 36.20
N VAL K 40 58.45 -52.24 35.01
CA VAL K 40 58.66 -53.06 33.82
C VAL K 40 59.87 -54.00 34.02
N ALA K 41 60.95 -53.45 34.60
CA ALA K 41 62.19 -54.16 34.88
C ALA K 41 61.94 -55.28 35.89
N SER K 42 61.15 -54.97 36.96
CA SER K 42 60.78 -55.92 38.03
C SER K 42 60.06 -57.13 37.49
N SER K 43 59.23 -56.93 36.46
CA SER K 43 58.46 -57.98 35.81
C SER K 43 59.42 -58.99 35.20
N LEU K 44 60.51 -58.49 34.60
CA LEU K 44 61.54 -59.35 34.00
C LEU K 44 62.32 -60.05 35.12
N GLY K 45 62.57 -59.33 36.22
CA GLY K 45 63.24 -59.86 37.41
C GLY K 45 62.50 -61.05 37.98
N LEU K 46 61.16 -60.93 37.99
CA LEU K 46 60.25 -61.97 38.45
C LEU K 46 60.32 -63.21 37.58
N VAL K 47 60.47 -63.04 36.24
CA VAL K 47 60.62 -64.12 35.25
C VAL K 47 61.96 -64.84 35.49
N SER K 48 63.02 -64.07 35.79
CA SER K 48 64.36 -64.60 36.10
C SER K 48 64.31 -65.39 37.43
N LEU K 49 63.52 -64.92 38.39
CA LEU K 49 63.37 -65.55 39.70
C LEU K 49 62.57 -66.85 39.63
N GLY K 50 61.46 -66.85 38.90
CA GLY K 50 60.59 -68.01 38.77
C GLY K 50 60.91 -68.95 37.63
N GLY K 51 61.83 -68.56 36.75
CA GLY K 51 62.22 -69.35 35.60
C GLY K 51 63.61 -69.96 35.66
N LYS K 52 63.85 -70.94 34.78
CA LYS K 52 65.12 -71.66 34.65
C LYS K 52 65.65 -71.59 33.21
N ALA K 53 66.96 -71.84 33.06
CA ALA K 53 67.68 -71.87 31.78
C ALA K 53 67.40 -70.69 30.85
N THR K 54 66.90 -70.96 29.62
CA THR K 54 66.64 -69.98 28.57
C THR K 54 65.49 -69.03 28.88
N THR K 55 64.49 -69.48 29.67
CA THR K 55 63.37 -68.63 30.05
C THR K 55 63.90 -67.48 30.94
N ALA K 56 64.75 -67.81 31.94
CA ALA K 56 65.37 -66.88 32.88
C ALA K 56 66.45 -66.01 32.24
N SER K 57 67.34 -66.61 31.43
CA SER K 57 68.43 -65.88 30.77
C SER K 57 67.93 -64.85 29.76
N GLN K 58 66.83 -65.15 29.05
CA GLN K 58 66.20 -64.24 28.08
C GLN K 58 65.72 -62.98 28.81
N ALA K 59 65.09 -63.15 30.02
CA ALA K 59 64.61 -62.05 30.88
C ALA K 59 65.76 -61.12 31.25
N LYS K 60 66.91 -61.70 31.65
CA LYS K 60 68.14 -61.01 32.02
C LYS K 60 68.71 -60.24 30.81
N ALA K 61 68.64 -60.85 29.60
CA ALA K 61 69.11 -60.27 28.35
C ALA K 61 68.26 -59.07 27.91
N VAL K 62 66.92 -59.15 28.04
CA VAL K 62 65.96 -58.07 27.70
C VAL K 62 66.28 -56.85 28.59
N LEU K 63 66.63 -57.12 29.85
CA LEU K 63 67.00 -56.14 30.86
C LEU K 63 68.42 -55.62 30.64
N SER K 64 69.21 -56.33 29.81
CA SER K 64 70.61 -56.03 29.49
C SER K 64 71.54 -56.23 30.71
N ALA K 65 71.08 -57.06 31.67
CA ALA K 65 71.79 -57.39 32.90
C ALA K 65 72.46 -58.78 32.82
N GLU K 66 72.98 -59.12 31.62
CA GLU K 66 73.67 -60.39 31.30
C GLU K 66 74.92 -60.57 32.17
N GLN K 67 75.75 -59.50 32.27
CA GLN K 67 76.99 -59.49 33.06
C GLN K 67 76.71 -59.49 34.57
N LEU K 68 75.52 -59.04 34.98
CA LEU K 68 75.10 -59.01 36.38
C LEU K 68 74.71 -60.41 36.85
N ARG K 69 74.84 -60.66 38.16
CA ARG K 69 74.47 -61.93 38.80
C ARG K 69 72.99 -61.90 39.19
N ASP K 70 72.30 -63.08 39.27
CA ASP K 70 70.89 -63.17 39.64
C ASP K 70 70.60 -62.39 40.93
N GLU K 71 71.40 -62.64 41.98
CA GLU K 71 71.31 -61.97 43.28
C GLU K 71 71.38 -60.43 43.19
N GLU K 72 72.29 -59.90 42.35
CA GLU K 72 72.50 -58.46 42.13
C GLU K 72 71.30 -57.83 41.44
N VAL K 73 70.68 -58.59 40.51
CA VAL K 73 69.52 -58.16 39.75
C VAL K 73 68.32 -58.03 40.68
N HIS K 74 68.04 -59.09 41.45
CA HIS K 74 66.89 -59.11 42.37
C HIS K 74 67.00 -58.09 43.50
N ALA K 75 68.18 -58.01 44.15
CA ALA K 75 68.43 -57.06 45.23
C ALA K 75 68.46 -55.62 44.74
N GLY K 76 69.01 -55.40 43.55
CA GLY K 76 69.12 -54.08 42.92
C GLY K 76 67.80 -53.52 42.43
N LEU K 77 66.93 -54.41 41.89
CA LEU K 77 65.59 -54.01 41.45
C LEU K 77 64.70 -53.76 42.66
N GLY K 78 64.86 -54.57 43.71
CA GLY K 78 64.12 -54.44 44.96
C GLY K 78 64.41 -53.14 45.67
N GLU K 79 65.70 -52.72 45.67
CA GLU K 79 66.18 -51.47 46.26
C GLU K 79 65.55 -50.28 45.51
N LEU K 80 65.51 -50.40 44.16
CA LEU K 80 64.94 -49.38 43.27
C LEU K 80 63.47 -49.19 43.54
N LEU K 81 62.71 -50.30 43.63
CA LEU K 81 61.27 -50.30 43.91
C LEU K 81 60.98 -49.65 45.26
N ARG K 82 61.78 -50.00 46.28
CA ARG K 82 61.65 -49.46 47.64
C ARG K 82 61.95 -47.97 47.70
N SER K 83 62.94 -47.51 46.89
CA SER K 83 63.36 -46.11 46.78
C SER K 83 62.22 -45.20 46.28
N LEU K 84 61.30 -45.75 45.47
CA LEU K 84 60.13 -45.07 44.91
C LEU K 84 59.07 -44.77 45.99
N SER K 85 59.22 -45.33 47.21
CA SER K 85 58.28 -45.21 48.33
C SER K 85 58.90 -44.70 49.69
N ASN K 86 59.71 -43.60 49.65
CA ASN K 86 60.35 -43.02 50.84
C ASN K 86 59.33 -42.45 51.85
N THR K 93 50.65 -39.62 46.33
CA THR K 93 51.59 -39.47 45.23
C THR K 93 51.89 -40.76 44.41
N TRP K 94 52.16 -41.91 45.07
CA TRP K 94 52.52 -43.13 44.36
C TRP K 94 52.08 -44.39 45.08
N LYS K 95 51.27 -45.21 44.40
CA LYS K 95 50.74 -46.47 44.92
C LYS K 95 51.07 -47.56 43.92
N LEU K 96 51.59 -48.67 44.41
CA LEU K 96 51.97 -49.78 43.54
C LEU K 96 51.63 -51.12 44.16
N GLY K 97 51.06 -51.99 43.33
CA GLY K 97 50.71 -53.35 43.69
C GLY K 97 51.14 -54.30 42.62
N SER K 98 51.68 -55.46 43.03
CA SER K 98 52.13 -56.52 42.14
C SER K 98 51.52 -57.84 42.59
N ARG K 99 50.79 -58.50 41.68
CA ARG K 99 50.15 -59.77 41.96
C ARG K 99 50.29 -60.75 40.82
N LEU K 100 50.66 -61.98 41.16
CA LEU K 100 50.79 -63.09 40.23
C LEU K 100 49.55 -63.97 40.33
N TYR K 101 48.81 -64.06 39.22
CA TYR K 101 47.60 -64.86 39.12
C TYR K 101 47.88 -66.12 38.32
N GLY K 102 47.65 -67.26 38.94
CA GLY K 102 47.81 -68.55 38.29
C GLY K 102 46.52 -69.34 38.30
N PRO K 103 46.40 -70.40 37.45
CA PRO K 103 45.17 -71.21 37.46
C PRO K 103 44.91 -71.86 38.81
N SER K 104 43.62 -72.15 39.11
CA SER K 104 43.19 -72.75 40.38
C SER K 104 43.93 -74.05 40.73
N SER K 105 44.26 -74.85 39.69
CA SER K 105 44.98 -76.12 39.79
C SER K 105 46.40 -75.98 40.35
N VAL K 106 47.16 -74.96 39.89
CA VAL K 106 48.54 -74.72 40.30
C VAL K 106 48.71 -74.21 41.73
N SER K 107 49.84 -74.58 42.36
CA SER K 107 50.25 -74.18 43.71
C SER K 107 51.68 -73.63 43.55
N PHE K 108 51.88 -72.35 43.92
CA PHE K 108 53.18 -71.69 43.81
C PHE K 108 54.21 -72.29 44.77
N ALA K 109 55.50 -72.32 44.35
CA ALA K 109 56.60 -72.83 45.16
C ALA K 109 56.89 -71.88 46.33
N GLU K 110 56.98 -72.46 47.55
CA GLU K 110 57.23 -71.79 48.84
C GLU K 110 58.42 -70.84 48.80
N ASP K 111 59.54 -71.28 48.20
CA ASP K 111 60.79 -70.52 48.06
C ASP K 111 60.60 -69.29 47.16
N PHE K 112 59.85 -69.46 46.04
CA PHE K 112 59.56 -68.40 45.08
C PHE K 112 58.70 -67.34 45.74
N VAL K 113 57.65 -67.78 46.48
CA VAL K 113 56.71 -66.91 47.21
C VAL K 113 57.50 -66.00 48.17
N ARG K 114 58.49 -66.55 48.88
CA ARG K 114 59.31 -65.79 49.82
C ARG K 114 60.14 -64.74 49.10
N SER K 115 60.90 -65.17 48.07
CA SER K 115 61.79 -64.30 47.31
C SER K 115 61.08 -63.19 46.53
N SER K 116 59.94 -63.51 45.87
CA SER K 116 59.14 -62.54 45.12
C SER K 116 58.51 -61.49 46.04
N LYS K 117 58.16 -61.88 47.27
CA LYS K 117 57.60 -60.98 48.29
C LYS K 117 58.72 -60.12 48.88
N GLN K 118 59.94 -60.71 49.03
CA GLN K 118 61.12 -60.07 49.60
C GLN K 118 61.67 -58.96 48.70
N HIS K 119 61.92 -59.28 47.42
CA HIS K 119 62.49 -58.33 46.45
C HIS K 119 61.46 -57.50 45.70
N TYR K 120 60.37 -58.11 45.28
CA TYR K 120 59.39 -57.43 44.43
C TYR K 120 58.05 -57.08 45.07
N ASN K 121 57.84 -57.41 46.37
CA ASN K 121 56.59 -57.22 47.11
C ASN K 121 55.40 -57.79 46.31
N CYS K 122 55.65 -58.98 45.74
CA CYS K 122 54.72 -59.68 44.90
C CYS K 122 53.76 -60.52 45.72
N GLU K 123 52.47 -60.38 45.39
CA GLU K 123 51.37 -61.11 46.00
C GLU K 123 51.05 -62.31 45.10
N HIS K 124 50.45 -63.37 45.66
CA HIS K 124 50.16 -64.58 44.87
C HIS K 124 48.72 -65.02 45.03
N SER K 125 48.03 -65.24 43.90
CA SER K 125 46.61 -65.59 43.92
C SER K 125 46.27 -66.67 42.90
N LYS K 126 45.49 -67.65 43.32
CA LYS K 126 45.03 -68.74 42.46
C LYS K 126 43.66 -68.30 41.96
N ILE K 127 43.43 -68.32 40.64
CA ILE K 127 42.13 -67.93 40.10
C ILE K 127 41.56 -68.90 39.08
N ASN K 128 40.23 -69.10 39.12
CA ASN K 128 39.55 -69.96 38.17
C ASN K 128 39.06 -69.11 37.01
N PHE K 129 39.82 -69.16 35.91
CA PHE K 129 39.57 -68.39 34.69
C PHE K 129 38.27 -68.81 33.97
N ARG K 130 37.72 -70.02 34.28
CA ARG K 130 36.48 -70.52 33.70
C ARG K 130 35.28 -69.64 34.06
N ASP K 131 35.27 -69.06 35.28
CA ASP K 131 34.25 -68.12 35.74
C ASP K 131 34.80 -66.72 35.42
N LYS K 132 34.76 -66.37 34.12
CA LYS K 132 35.28 -65.15 33.52
C LYS K 132 34.90 -63.86 34.25
N ARG K 133 33.61 -63.65 34.51
CA ARG K 133 33.11 -62.45 35.20
C ARG K 133 33.68 -62.31 36.62
N SER K 134 33.70 -63.42 37.39
CA SER K 134 34.23 -63.48 38.75
C SER K 134 35.75 -63.24 38.77
N ALA K 135 36.46 -63.81 37.77
CA ALA K 135 37.90 -63.69 37.62
C ALA K 135 38.29 -62.24 37.37
N LEU K 136 37.60 -61.58 36.42
CA LEU K 136 37.85 -60.16 36.08
C LEU K 136 37.51 -59.27 37.28
N GLN K 137 36.42 -59.60 38.01
CA GLN K 137 35.98 -58.88 39.21
C GLN K 137 37.05 -58.92 40.29
N SER K 138 37.68 -60.09 40.51
CA SER K 138 38.75 -60.28 41.49
C SER K 138 39.97 -59.42 41.19
N ILE K 139 40.43 -59.44 39.91
CA ILE K 139 41.58 -58.65 39.44
C ILE K 139 41.27 -57.14 39.59
N ASN K 140 40.09 -56.71 39.12
CA ASN K 140 39.68 -55.31 39.18
C ASN K 140 39.49 -54.77 40.61
N GLU K 141 38.92 -55.59 41.53
CA GLU K 141 38.74 -55.24 42.95
C GLU K 141 40.11 -55.07 43.61
N TRP K 142 41.07 -55.99 43.30
CA TRP K 142 42.42 -55.92 43.82
C TRP K 142 43.12 -54.63 43.37
N ALA K 143 43.00 -54.28 42.08
CA ALA K 143 43.61 -53.07 41.53
C ALA K 143 43.00 -51.81 42.14
N ALA K 144 41.66 -51.80 42.32
CA ALA K 144 40.97 -50.64 42.89
C ALA K 144 41.38 -50.44 44.36
N GLN K 145 41.48 -51.52 45.17
CA GLN K 145 41.91 -51.35 46.56
C GLN K 145 43.37 -50.87 46.67
N THR K 146 44.24 -51.34 45.76
CA THR K 146 45.65 -51.00 45.68
C THR K 146 45.83 -49.49 45.41
N THR K 147 44.97 -48.94 44.54
CA THR K 147 45.00 -47.54 44.09
C THR K 147 43.92 -46.67 44.72
N ASP K 148 43.22 -47.21 45.75
CA ASP K 148 42.13 -46.52 46.46
C ASP K 148 41.02 -46.01 45.51
N GLY K 149 40.66 -46.87 44.56
CA GLY K 149 39.62 -46.61 43.56
C GLY K 149 40.01 -45.76 42.37
N LYS K 150 41.26 -45.29 42.31
CA LYS K 150 41.76 -44.45 41.22
C LYS K 150 41.87 -45.24 39.90
N LEU K 151 42.07 -46.55 39.98
CA LEU K 151 42.16 -47.43 38.81
C LEU K 151 41.16 -48.56 39.11
N PRO K 152 39.87 -48.32 38.81
CA PRO K 152 38.84 -49.30 39.17
C PRO K 152 38.79 -50.54 38.29
N GLU K 153 39.45 -50.51 37.14
CA GLU K 153 39.44 -51.63 36.20
C GLU K 153 40.79 -51.81 35.53
N VAL K 154 41.24 -53.08 35.39
CA VAL K 154 42.51 -53.41 34.71
C VAL K 154 42.15 -53.73 33.26
N THR K 155 41.51 -54.88 33.02
CA THR K 155 41.10 -55.29 31.68
C THR K 155 39.65 -55.76 31.68
N LYS K 156 38.99 -55.62 30.52
CA LYS K 156 37.61 -56.07 30.32
C LYS K 156 37.60 -57.54 29.85
N ASP K 157 38.78 -58.06 29.45
CA ASP K 157 38.93 -59.41 28.96
C ASP K 157 40.35 -59.98 29.12
N VAL K 158 40.42 -61.26 29.52
CA VAL K 158 41.63 -62.06 29.67
C VAL K 158 41.61 -63.09 28.52
N GLU K 159 42.51 -62.90 27.53
CA GLU K 159 42.62 -63.74 26.34
C GLU K 159 43.15 -65.14 26.69
N ARG K 160 44.37 -65.20 27.25
CA ARG K 160 45.03 -66.44 27.65
C ARG K 160 44.64 -66.83 29.10
N THR K 161 43.88 -67.92 29.20
CA THR K 161 43.24 -68.45 30.41
C THR K 161 43.94 -69.69 31.03
N ASP K 162 45.06 -70.14 30.42
CA ASP K 162 45.79 -71.33 30.86
C ASP K 162 47.17 -71.08 31.47
N GLY K 163 47.58 -69.81 31.52
CA GLY K 163 48.88 -69.44 32.07
C GLY K 163 48.83 -68.45 33.20
N ALA K 164 50.03 -67.98 33.60
CA ALA K 164 50.21 -67.00 34.66
C ALA K 164 50.03 -65.58 34.17
N LEU K 165 49.34 -64.75 34.98
CA LEU K 165 49.14 -63.34 34.71
C LEU K 165 49.88 -62.56 35.76
N LEU K 166 50.69 -61.61 35.31
CA LEU K 166 51.36 -60.71 36.24
C LEU K 166 50.63 -59.38 36.09
N VAL K 167 50.10 -58.88 37.21
CA VAL K 167 49.36 -57.61 37.21
C VAL K 167 50.07 -56.58 38.09
N ASN K 168 50.35 -55.42 37.51
CA ASN K 168 50.94 -54.29 38.19
C ASN K 168 49.91 -53.19 38.13
N ALA K 169 49.37 -52.79 39.29
CA ALA K 169 48.37 -51.73 39.41
C ALA K 169 49.05 -50.52 40.06
N MET K 170 48.97 -49.35 39.38
CA MET K 170 49.65 -48.15 39.84
C MET K 170 48.81 -46.90 39.84
N PHE K 171 49.13 -46.01 40.76
CA PHE K 171 48.57 -44.68 40.84
C PHE K 171 49.71 -43.72 41.03
N PHE K 172 49.82 -42.72 40.16
CA PHE K 172 50.82 -41.67 40.26
C PHE K 172 50.23 -40.30 40.09
N LYS K 173 50.51 -39.41 41.03
CA LYS K 173 50.02 -38.04 40.96
C LYS K 173 51.19 -37.04 41.16
N PRO K 174 51.69 -36.37 40.09
CA PRO K 174 52.78 -35.39 40.27
C PRO K 174 52.35 -34.22 41.15
N HIS K 175 53.18 -33.89 42.12
CA HIS K 175 52.98 -32.77 43.05
C HIS K 175 53.97 -31.69 42.62
N TRP K 176 53.46 -30.59 42.09
CA TRP K 176 54.27 -29.48 41.56
C TRP K 176 55.06 -28.73 42.60
N ASP K 177 56.21 -28.19 42.20
CA ASP K 177 57.02 -27.37 43.10
C ASP K 177 56.34 -26.02 43.29
N GLU K 178 55.56 -25.60 42.27
CA GLU K 178 54.75 -24.39 42.27
C GLU K 178 53.38 -24.81 41.80
N LYS K 179 52.45 -24.88 42.74
CA LYS K 179 51.08 -25.31 42.51
C LYS K 179 50.32 -24.43 41.52
N PHE K 180 49.26 -25.01 40.94
CA PHE K 180 48.32 -24.30 40.09
C PHE K 180 47.23 -23.79 41.03
N HIS K 181 46.63 -22.63 40.71
CA HIS K 181 45.54 -22.10 41.53
C HIS K 181 44.34 -23.05 41.33
N HIS K 182 43.73 -23.52 42.44
CA HIS K 182 42.61 -24.48 42.41
C HIS K 182 41.40 -24.02 41.57
N LYS K 183 41.27 -22.72 41.35
CA LYS K 183 40.17 -22.12 40.59
C LYS K 183 40.52 -21.92 39.13
N MET K 184 41.80 -22.08 38.76
CA MET K 184 42.27 -21.88 37.38
C MET K 184 42.10 -23.10 36.49
N VAL K 185 40.87 -23.57 36.47
CA VAL K 185 40.39 -24.78 35.84
C VAL K 185 39.12 -24.47 35.03
N ASP K 186 39.08 -24.92 33.78
CA ASP K 186 37.96 -24.69 32.87
C ASP K 186 37.88 -25.76 31.78
N ASN K 187 36.84 -25.70 30.95
CA ASN K 187 36.62 -26.66 29.88
C ASN K 187 37.10 -26.16 28.55
N ARG K 188 37.92 -26.99 27.90
CA ARG K 188 38.50 -26.72 26.58
C ARG K 188 38.36 -27.95 25.69
N GLY K 189 38.63 -27.78 24.40
CA GLY K 189 38.58 -28.85 23.43
C GLY K 189 39.98 -29.37 23.17
N PHE K 190 40.15 -30.69 23.26
CA PHE K 190 41.42 -31.36 22.99
C PHE K 190 41.36 -31.96 21.60
N MET K 191 42.28 -31.55 20.73
CA MET K 191 42.34 -32.04 19.37
C MET K 191 43.15 -33.34 19.27
N VAL K 192 42.44 -34.47 19.23
CA VAL K 192 43.01 -35.81 19.10
C VAL K 192 43.65 -35.88 17.72
N THR K 193 42.93 -35.39 16.71
CA THR K 193 43.37 -35.20 15.31
C THR K 193 42.82 -33.84 14.87
N ARG K 194 43.16 -33.39 13.67
CA ARG K 194 42.64 -32.14 13.10
C ARG K 194 41.10 -32.21 12.94
N SER K 195 40.55 -33.43 12.77
CA SER K 195 39.13 -33.69 12.55
C SER K 195 38.40 -34.26 13.78
N TYR K 196 39.14 -34.60 14.84
CA TYR K 196 38.54 -35.15 16.05
C TYR K 196 38.90 -34.35 17.31
N THR K 197 37.86 -33.75 17.95
CA THR K 197 37.99 -32.95 19.17
C THR K 197 37.18 -33.56 20.30
N VAL K 198 37.79 -33.63 21.48
CA VAL K 198 37.20 -34.17 22.70
C VAL K 198 37.17 -33.07 23.78
N GLY K 199 36.06 -32.98 24.49
CA GLY K 199 35.91 -32.00 25.57
C GLY K 199 36.63 -32.43 26.83
N VAL K 200 37.59 -31.63 27.29
CA VAL K 200 38.43 -31.90 28.49
C VAL K 200 38.38 -30.76 29.49
N THR K 201 38.86 -31.02 30.70
CA THR K 201 39.01 -30.00 31.74
C THR K 201 40.47 -29.61 31.66
N MET K 202 40.74 -28.30 31.66
CA MET K 202 42.12 -27.82 31.62
C MET K 202 42.47 -27.01 32.83
N MET K 203 43.71 -27.15 33.29
CA MET K 203 44.26 -26.39 34.39
C MET K 203 45.32 -25.48 33.81
N HIS K 204 45.41 -24.24 34.33
CA HIS K 204 46.29 -23.22 33.78
C HIS K 204 47.17 -22.56 34.82
N ARG K 205 48.37 -22.14 34.39
CA ARG K 205 49.34 -21.45 35.25
C ARG K 205 50.40 -20.71 34.44
N THR K 206 50.69 -19.47 34.85
CA THR K 206 51.80 -18.70 34.31
C THR K 206 52.91 -18.71 35.36
N GLY K 207 54.09 -19.15 34.98
CA GLY K 207 55.23 -19.19 35.86
C GLY K 207 56.54 -19.17 35.12
N LEU K 208 57.63 -19.19 35.86
CA LEU K 208 58.96 -19.26 35.30
C LEU K 208 59.32 -20.74 35.16
N TYR K 209 59.58 -21.18 33.92
CA TYR K 209 59.92 -22.57 33.62
C TYR K 209 61.02 -22.65 32.64
N ASN K 210 61.79 -23.78 32.69
CA ASN K 210 62.83 -24.10 31.74
C ASN K 210 62.10 -24.50 30.48
N TYR K 211 62.37 -23.77 29.41
CA TYR K 211 61.63 -23.89 28.16
C TYR K 211 62.54 -23.77 26.97
N TYR K 212 62.16 -24.45 25.89
CA TYR K 212 62.82 -24.40 24.60
C TYR K 212 61.83 -24.65 23.48
N ASP K 213 61.90 -23.80 22.45
CA ASP K 213 61.10 -23.90 21.24
C ASP K 213 62.04 -24.18 20.04
N ASP K 214 61.97 -25.40 19.46
CA ASP K 214 62.80 -25.83 18.33
C ASP K 214 62.10 -25.44 17.04
N GLU K 215 62.51 -24.31 16.44
CA GLU K 215 61.91 -23.81 15.20
C GLU K 215 62.16 -24.76 14.03
N LYS K 216 63.30 -25.47 14.07
CA LYS K 216 63.77 -26.43 13.07
C LYS K 216 62.93 -27.72 13.14
N GLU K 217 62.83 -28.33 14.32
CA GLU K 217 62.08 -29.57 14.48
C GLU K 217 60.58 -29.38 14.79
N LYS K 218 60.10 -28.11 14.83
CA LYS K 218 58.71 -27.70 15.05
C LYS K 218 58.06 -28.33 16.28
N LEU K 219 58.73 -28.17 17.43
CA LEU K 219 58.28 -28.69 18.70
C LEU K 219 58.61 -27.73 19.87
N GLN K 220 57.92 -27.92 21.01
CA GLN K 220 58.18 -27.17 22.25
C GLN K 220 58.48 -28.18 23.33
N ILE K 221 59.35 -27.79 24.25
CA ILE K 221 59.73 -28.61 25.38
C ILE K 221 59.77 -27.77 26.65
N VAL K 222 59.06 -28.23 27.69
CA VAL K 222 58.96 -27.55 28.98
C VAL K 222 59.31 -28.52 30.12
N GLU K 223 60.04 -28.01 31.13
CA GLU K 223 60.42 -28.75 32.32
C GLU K 223 59.63 -28.18 33.50
N MET K 224 58.80 -29.04 34.10
CA MET K 224 57.97 -28.70 35.25
C MET K 224 58.53 -29.40 36.49
N PRO K 225 59.26 -28.66 37.35
CA PRO K 225 59.83 -29.27 38.56
C PRO K 225 58.73 -29.76 39.51
N LEU K 226 59.00 -30.91 40.13
CA LEU K 226 58.08 -31.49 41.09
C LEU K 226 58.51 -31.05 42.48
N ALA K 227 57.67 -31.32 43.51
CA ALA K 227 57.89 -30.91 44.90
C ALA K 227 59.32 -31.03 45.38
N HIS K 228 59.87 -29.90 45.85
CA HIS K 228 61.22 -29.76 46.38
C HIS K 228 62.35 -30.04 45.38
N LYS K 229 62.04 -29.89 44.07
CA LYS K 229 62.96 -30.05 42.93
C LYS K 229 63.72 -31.40 42.92
N LEU K 230 63.10 -32.44 43.49
CA LEU K 230 63.68 -33.79 43.59
C LEU K 230 63.53 -34.56 42.28
N SER K 231 62.52 -34.20 41.50
CA SER K 231 62.23 -34.75 40.18
C SER K 231 61.57 -33.66 39.33
N SER K 232 61.45 -33.91 38.00
CA SER K 232 60.80 -33.00 37.08
C SER K 232 59.99 -33.77 36.07
N LEU K 233 58.91 -33.14 35.59
CA LEU K 233 58.08 -33.66 34.53
C LEU K 233 58.45 -32.85 33.28
N ILE K 234 58.93 -33.55 32.26
CA ILE K 234 59.29 -32.92 30.99
C ILE K 234 58.19 -33.23 29.97
N ILE K 235 57.64 -32.19 29.30
CA ILE K 235 56.61 -32.32 28.26
C ILE K 235 57.15 -31.86 26.92
N LEU K 236 56.98 -32.74 25.90
CA LEU K 236 57.40 -32.57 24.50
C LEU K 236 56.16 -32.53 23.66
N MET K 237 56.00 -31.46 22.89
CA MET K 237 54.81 -31.31 22.08
C MET K 237 55.09 -30.67 20.73
N PRO K 238 54.53 -31.21 19.61
CA PRO K 238 54.72 -30.55 18.31
C PRO K 238 53.98 -29.22 18.29
N HIS K 239 54.40 -28.31 17.37
CA HIS K 239 53.78 -27.00 17.22
C HIS K 239 52.33 -27.16 16.73
N HIS K 240 52.14 -27.98 15.68
CA HIS K 240 50.84 -28.28 15.13
C HIS K 240 50.33 -29.66 15.54
N VAL K 241 49.00 -29.87 15.42
CA VAL K 241 48.31 -31.12 15.72
C VAL K 241 48.75 -32.12 14.66
N GLU K 242 49.53 -33.12 15.06
CA GLU K 242 50.07 -34.12 14.15
C GLU K 242 50.29 -35.43 14.91
N PRO K 243 50.37 -36.60 14.20
CA PRO K 243 50.66 -37.86 14.92
C PRO K 243 52.06 -37.77 15.52
N LEU K 244 52.21 -38.33 16.73
CA LEU K 244 53.47 -38.25 17.47
C LEU K 244 54.66 -38.98 16.85
N GLU K 245 54.42 -39.81 15.81
CA GLU K 245 55.41 -40.60 15.08
C GLU K 245 56.70 -39.83 14.75
N ARG K 246 56.57 -38.65 14.11
CA ARG K 246 57.70 -37.81 13.72
C ARG K 246 58.55 -37.40 14.93
N LEU K 247 57.89 -36.94 16.01
CA LEU K 247 58.53 -36.54 17.26
C LEU K 247 59.18 -37.74 17.97
N GLU K 248 58.52 -38.92 17.93
CA GLU K 248 59.01 -40.17 18.54
C GLU K 248 60.30 -40.67 17.89
N LYS K 249 60.50 -40.36 16.60
CA LYS K 249 61.71 -40.69 15.85
C LYS K 249 62.89 -39.88 16.41
N LEU K 250 62.61 -38.64 16.89
CA LEU K 250 63.59 -37.71 17.49
C LEU K 250 63.88 -38.04 18.94
N LEU K 251 62.93 -38.67 19.65
CA LEU K 251 63.06 -39.02 21.07
C LEU K 251 64.06 -40.12 21.39
N THR K 252 65.28 -39.69 21.70
CA THR K 252 66.38 -40.55 22.11
C THR K 252 66.94 -39.98 23.41
N LYS K 253 67.73 -40.78 24.13
CA LYS K 253 68.39 -40.35 25.36
C LYS K 253 69.35 -39.15 25.06
N GLU K 254 70.03 -39.20 23.90
CA GLU K 254 71.00 -38.19 23.41
C GLU K 254 70.32 -36.89 22.98
N GLN K 255 69.18 -36.99 22.26
CA GLN K 255 68.44 -35.82 21.79
C GLN K 255 67.78 -35.08 22.95
N LEU K 256 67.30 -35.84 23.96
CA LEU K 256 66.72 -35.27 25.16
C LEU K 256 67.77 -34.44 25.90
N LYS K 257 69.01 -34.93 25.95
CA LYS K 257 70.16 -34.26 26.55
C LYS K 257 70.47 -32.94 25.82
N ILE K 258 70.37 -32.95 24.47
CA ILE K 258 70.59 -31.77 23.62
C ILE K 258 69.54 -30.68 23.93
N TRP K 259 68.25 -31.09 23.91
CA TRP K 259 67.11 -30.21 24.19
C TRP K 259 67.20 -29.57 25.56
N MET K 260 67.58 -30.36 26.57
CA MET K 260 67.69 -29.89 27.94
C MET K 260 68.76 -28.87 28.20
N GLY K 261 69.83 -28.93 27.42
CA GLY K 261 70.92 -27.95 27.47
C GLY K 261 70.56 -26.64 26.78
N LYS K 262 69.57 -26.68 25.86
CA LYS K 262 69.11 -25.53 25.10
C LYS K 262 67.98 -24.78 25.84
N MET K 263 67.40 -25.42 26.90
CA MET K 263 66.32 -24.83 27.70
C MET K 263 66.80 -23.64 28.50
N GLN K 264 65.92 -22.65 28.67
CA GLN K 264 66.17 -21.43 29.43
C GLN K 264 64.94 -21.11 30.26
N LYS K 265 65.15 -20.55 31.46
CA LYS K 265 64.03 -20.16 32.33
C LYS K 265 63.34 -18.94 31.74
N LYS K 266 62.08 -19.13 31.35
CA LYS K 266 61.29 -18.10 30.71
C LYS K 266 59.92 -18.09 31.38
N ALA K 267 59.17 -16.99 31.17
CA ALA K 267 57.78 -16.92 31.61
C ALA K 267 57.01 -17.81 30.62
N VAL K 268 56.29 -18.83 31.14
CA VAL K 268 55.53 -19.76 30.31
C VAL K 268 54.12 -19.86 30.86
N ALA K 269 53.13 -19.76 29.98
CA ALA K 269 51.72 -19.91 30.31
C ALA K 269 51.36 -21.35 29.91
N ILE K 270 51.27 -22.21 30.92
CA ILE K 270 50.99 -23.63 30.75
C ILE K 270 49.49 -23.88 30.86
N SER K 271 48.94 -24.70 29.95
CA SER K 271 47.57 -25.20 29.98
C SER K 271 47.65 -26.70 29.73
N LEU K 272 47.25 -27.50 30.71
CA LEU K 272 47.31 -28.97 30.67
C LEU K 272 45.96 -29.59 30.93
N PRO K 273 45.65 -30.74 30.29
CA PRO K 273 44.41 -31.44 30.64
C PRO K 273 44.47 -31.90 32.12
N LYS K 274 43.36 -31.76 32.83
CA LYS K 274 43.22 -32.10 34.25
C LYS K 274 42.33 -33.32 34.38
N GLY K 275 42.78 -34.24 35.20
CA GLY K 275 42.04 -35.47 35.43
C GLY K 275 42.96 -36.66 35.47
N VAL K 276 42.35 -37.80 35.72
CA VAL K 276 43.03 -39.07 35.76
C VAL K 276 43.04 -39.68 34.37
N VAL K 277 44.22 -40.15 33.95
CA VAL K 277 44.38 -40.88 32.69
C VAL K 277 44.61 -42.34 33.09
N GLU K 278 43.70 -43.24 32.68
CA GLU K 278 43.79 -44.67 32.98
C GLU K 278 44.29 -45.44 31.77
N VAL K 279 45.45 -46.11 31.90
CA VAL K 279 46.04 -46.89 30.79
C VAL K 279 46.39 -48.28 31.25
N THR K 280 45.95 -49.29 30.49
CA THR K 280 46.31 -50.67 30.76
C THR K 280 47.01 -51.25 29.53
N HIS K 281 48.24 -51.68 29.73
CA HIS K 281 49.04 -52.29 28.68
C HIS K 281 49.26 -53.74 29.03
N ASP K 282 49.25 -54.60 28.02
CA ASP K 282 49.63 -56.00 28.18
C ASP K 282 50.99 -56.04 27.46
N LEU K 283 52.07 -56.11 28.24
CA LEU K 283 53.42 -56.03 27.70
C LEU K 283 53.93 -57.31 27.07
N GLN K 284 53.18 -58.44 27.21
CA GLN K 284 53.61 -59.75 26.69
C GLN K 284 54.15 -59.78 25.27
N LYS K 285 53.39 -59.23 24.30
CA LYS K 285 53.88 -59.25 22.92
C LYS K 285 55.06 -58.33 22.68
N HIS K 286 55.12 -57.22 23.41
CA HIS K 286 56.16 -56.22 23.31
C HIS K 286 57.47 -56.69 23.93
N LEU K 287 57.38 -57.37 25.10
CA LEU K 287 58.53 -57.94 25.78
C LEU K 287 59.08 -59.11 24.99
N ALA K 288 58.19 -59.86 24.30
CA ALA K 288 58.59 -60.98 23.44
C ALA K 288 59.39 -60.47 22.23
N GLY K 289 58.93 -59.35 21.67
CA GLY K 289 59.58 -58.67 20.54
C GLY K 289 60.96 -58.18 20.91
N LEU K 290 61.16 -57.82 22.20
CA LEU K 290 62.41 -57.35 22.78
C LEU K 290 63.37 -58.51 23.15
N GLY K 291 62.89 -59.75 23.07
CA GLY K 291 63.68 -60.94 23.35
C GLY K 291 63.15 -61.95 24.35
N LEU K 292 61.97 -61.71 24.94
CA LEU K 292 61.36 -62.63 25.91
C LEU K 292 60.33 -63.55 25.20
N THR K 293 60.85 -64.40 24.29
CA THR K 293 60.04 -65.32 23.47
C THR K 293 59.64 -66.63 24.15
N GLU K 294 60.56 -67.23 24.93
CA GLU K 294 60.36 -68.51 25.61
C GLU K 294 59.35 -68.45 26.73
N ALA K 295 59.40 -67.38 27.57
CA ALA K 295 58.51 -67.22 28.71
C ALA K 295 57.03 -67.14 28.33
N ILE K 296 56.73 -66.55 27.16
CA ILE K 296 55.36 -66.35 26.67
C ILE K 296 54.76 -67.50 25.83
N ASP K 297 55.59 -68.47 25.43
CA ASP K 297 55.15 -69.63 24.65
C ASP K 297 54.97 -70.84 25.58
N LYS K 298 53.73 -71.40 25.61
CA LYS K 298 53.32 -72.55 26.44
C LYS K 298 54.23 -73.79 26.33
N ASN K 299 54.76 -74.06 25.12
CA ASN K 299 55.61 -75.23 24.88
C ASN K 299 57.06 -75.07 25.35
N LYS K 300 57.65 -73.87 25.15
CA LYS K 300 59.04 -73.59 25.51
C LYS K 300 59.26 -73.08 26.93
N ALA K 301 58.22 -72.48 27.54
CA ALA K 301 58.30 -71.88 28.89
C ALA K 301 58.74 -72.82 29.98
N ASP K 302 59.67 -72.33 30.81
CA ASP K 302 60.22 -73.05 31.94
C ASP K 302 60.06 -72.16 33.16
N LEU K 303 58.93 -72.30 33.87
CA LEU K 303 58.65 -71.56 35.10
C LEU K 303 58.51 -72.58 36.25
N SER K 304 59.44 -73.54 36.26
CA SER K 304 59.54 -74.63 37.23
C SER K 304 59.91 -74.15 38.63
N ARG K 305 60.67 -73.04 38.73
CA ARG K 305 61.09 -72.47 40.02
C ARG K 305 59.90 -71.79 40.70
N MET K 306 58.92 -71.38 39.88
CA MET K 306 57.70 -70.66 40.26
C MET K 306 56.65 -71.58 40.89
N SER K 307 56.50 -72.83 40.38
CA SER K 307 55.51 -73.78 40.86
C SER K 307 55.98 -75.23 40.94
N GLY K 308 56.52 -75.74 39.83
CA GLY K 308 57.00 -77.10 39.66
C GLY K 308 56.41 -77.76 38.42
N LYS K 309 55.66 -76.97 37.62
CA LYS K 309 55.03 -77.42 36.37
C LYS K 309 55.51 -76.64 35.15
N LYS K 310 55.98 -77.38 34.13
CA LYS K 310 56.51 -76.89 32.84
C LYS K 310 55.41 -76.24 32.00
N ASP K 311 54.16 -76.77 32.13
CA ASP K 311 52.93 -76.33 31.45
C ASP K 311 52.49 -74.88 31.84
N LEU K 312 53.19 -74.26 32.82
CA LEU K 312 52.97 -72.89 33.28
C LEU K 312 53.79 -71.93 32.42
N TYR K 313 53.12 -70.93 31.84
CA TYR K 313 53.74 -69.95 30.97
C TYR K 313 53.24 -68.55 31.31
N LEU K 314 53.89 -67.51 30.77
CA LEU K 314 53.51 -66.12 31.01
C LEU K 314 52.49 -65.67 29.97
N ALA K 315 51.21 -65.69 30.37
CA ALA K 315 50.08 -65.34 29.53
C ALA K 315 49.99 -63.84 29.29
N SER K 316 50.14 -63.04 30.35
CA SER K 316 50.06 -61.58 30.28
C SER K 316 50.94 -60.90 31.31
N VAL K 317 51.31 -59.64 30.99
CA VAL K 317 52.06 -58.74 31.86
C VAL K 317 51.28 -57.42 31.82
N PHE K 318 50.29 -57.29 32.72
CA PHE K 318 49.47 -56.11 32.78
C PHE K 318 50.16 -55.01 33.55
N HIS K 319 50.35 -53.86 32.87
CA HIS K 319 50.94 -52.65 33.39
C HIS K 319 49.80 -51.64 33.34
N ALA K 320 49.05 -51.56 34.45
CA ALA K 320 47.87 -50.69 34.58
C ALA K 320 48.19 -49.53 35.47
N THR K 321 48.05 -48.32 34.91
CA THR K 321 48.38 -47.07 35.59
C THR K 321 47.23 -46.07 35.54
N ALA K 322 47.04 -45.36 36.64
CA ALA K 322 46.13 -44.24 36.78
C ALA K 322 47.07 -43.04 37.08
N PHE K 323 47.26 -42.18 36.07
CA PHE K 323 48.12 -41.01 36.20
C PHE K 323 47.23 -39.79 36.30
N GLU K 324 47.25 -39.13 37.48
CA GLU K 324 46.42 -37.96 37.74
C GLU K 324 47.12 -36.64 37.55
N TRP K 325 46.53 -35.80 36.70
CA TRP K 325 46.95 -34.43 36.45
C TRP K 325 46.03 -33.57 37.31
N ASP K 326 46.62 -32.92 38.32
CA ASP K 326 45.91 -32.07 39.26
C ASP K 326 46.68 -30.76 39.53
N THR K 327 45.99 -29.78 40.13
CA THR K 327 46.53 -28.47 40.46
C THR K 327 47.49 -28.44 41.66
N GLU K 328 47.33 -29.42 42.57
CA GLU K 328 48.07 -29.51 43.81
C GLU K 328 49.58 -29.55 43.69
N GLY K 329 50.22 -28.79 44.55
CA GLY K 329 51.66 -28.64 44.64
C GLY K 329 52.04 -27.77 45.83
N ASN K 330 53.34 -27.40 45.94
CA ASN K 330 53.80 -26.55 47.02
C ASN K 330 53.37 -25.09 46.81
N PRO K 331 53.10 -24.32 47.89
CA PRO K 331 52.75 -22.89 47.68
C PRO K 331 53.98 -22.07 47.28
N PHE K 332 53.77 -20.91 46.65
CA PHE K 332 54.90 -20.06 46.24
C PHE K 332 54.64 -18.55 46.49
N ASP K 333 55.69 -17.72 46.41
CA ASP K 333 55.54 -16.28 46.60
C ASP K 333 54.69 -15.64 45.50
N GLN K 334 53.49 -15.17 45.88
CA GLN K 334 52.53 -14.58 44.94
C GLN K 334 52.97 -13.29 44.23
N ASP K 335 53.90 -12.53 44.85
CA ASP K 335 54.39 -11.26 44.27
C ASP K 335 55.24 -11.41 42.99
N ILE K 336 55.47 -12.67 42.52
CA ILE K 336 56.24 -12.95 41.32
C ILE K 336 55.63 -12.34 40.06
N TYR K 337 54.29 -12.23 40.06
CA TYR K 337 53.50 -11.70 38.94
C TYR K 337 53.74 -10.22 38.62
N GLY K 338 54.12 -9.45 39.63
CA GLY K 338 54.44 -8.03 39.49
C GLY K 338 55.88 -7.77 39.03
N ARG K 339 56.64 -8.85 38.77
CA ARG K 339 58.02 -8.78 38.29
C ARG K 339 58.06 -8.75 36.77
N GLU K 340 59.10 -8.07 36.24
CA GLU K 340 59.39 -7.96 34.80
C GLU K 340 59.50 -9.37 34.17
N GLU K 341 60.04 -10.33 34.96
CA GLU K 341 60.27 -11.71 34.60
C GLU K 341 59.01 -12.44 34.13
N LEU K 342 57.83 -12.11 34.72
CA LEU K 342 56.60 -12.81 34.37
C LEU K 342 55.74 -12.27 33.25
N ARG K 343 56.13 -11.11 32.72
CA ARG K 343 55.48 -10.45 31.62
C ARG K 343 55.75 -11.20 30.29
N SER K 344 54.82 -11.10 29.33
CA SER K 344 54.88 -11.64 27.98
C SER K 344 55.26 -13.12 27.88
N PRO K 345 54.48 -14.01 28.51
CA PRO K 345 54.84 -15.43 28.51
C PRO K 345 54.69 -16.17 27.18
N LYS K 346 55.44 -17.26 27.05
CA LYS K 346 55.37 -18.21 25.95
C LYS K 346 54.18 -19.10 26.25
N LEU K 347 53.53 -19.62 25.23
CA LEU K 347 52.40 -20.50 25.47
C LEU K 347 52.82 -21.94 25.37
N PHE K 348 52.40 -22.75 26.33
CA PHE K 348 52.56 -24.19 26.28
C PHE K 348 51.12 -24.70 26.49
N TYR K 349 50.34 -24.62 25.41
CA TYR K 349 48.93 -24.96 25.38
C TYR K 349 48.75 -26.41 24.90
N ALA K 350 48.67 -27.33 25.86
CA ALA K 350 48.57 -28.75 25.57
C ALA K 350 47.15 -29.24 25.23
N ASP K 351 46.64 -28.81 24.05
CA ASP K 351 45.32 -29.17 23.56
C ASP K 351 45.38 -30.16 22.38
N HIS K 352 46.53 -30.80 22.21
CA HIS K 352 46.78 -31.81 21.17
C HIS K 352 47.85 -32.82 21.73
N PRO K 353 48.00 -34.04 21.11
CA PRO K 353 48.92 -35.04 21.68
C PRO K 353 50.34 -34.60 22.00
N PHE K 354 50.82 -35.05 23.16
CA PHE K 354 52.16 -34.76 23.67
C PHE K 354 52.81 -35.98 24.33
N ILE K 355 54.13 -35.94 24.48
CA ILE K 355 54.95 -36.95 25.16
C ILE K 355 55.41 -36.33 26.48
N PHE K 356 55.51 -37.16 27.51
CA PHE K 356 55.99 -36.69 28.81
C PHE K 356 56.91 -37.73 29.49
N LEU K 357 57.83 -37.22 30.32
CA LEU K 357 58.76 -38.05 31.11
C LEU K 357 58.83 -37.50 32.50
N VAL K 358 58.98 -38.38 33.52
CA VAL K 358 59.19 -38.01 34.92
C VAL K 358 60.58 -38.52 35.20
N ARG K 359 61.49 -37.59 35.51
CA ARG K 359 62.89 -37.87 35.71
C ARG K 359 63.36 -37.42 37.08
N ASP K 360 64.14 -38.28 37.79
CA ASP K 360 64.73 -37.93 39.08
C ASP K 360 65.89 -36.95 38.80
N THR K 361 65.80 -35.71 39.32
CA THR K 361 66.79 -34.65 39.13
C THR K 361 68.23 -35.07 39.48
N GLN K 362 68.39 -35.79 40.59
CA GLN K 362 69.68 -36.24 41.10
C GLN K 362 70.31 -37.38 40.26
N SER K 363 69.67 -38.57 40.24
CA SER K 363 70.16 -39.75 39.54
C SER K 363 70.00 -39.70 38.02
N GLY K 364 68.94 -39.03 37.54
CA GLY K 364 68.59 -38.97 36.13
C GLY K 364 67.70 -40.14 35.73
N SER K 365 67.38 -41.02 36.70
CA SER K 365 66.54 -42.20 36.53
C SER K 365 65.13 -41.81 36.08
N LEU K 366 64.61 -42.54 35.10
CA LEU K 366 63.27 -42.35 34.55
C LEU K 366 62.25 -43.03 35.43
N LEU K 367 61.34 -42.24 36.00
CA LEU K 367 60.25 -42.73 36.84
C LEU K 367 59.08 -43.13 35.95
N PHE K 368 58.86 -42.33 34.90
CA PHE K 368 57.80 -42.50 33.92
C PHE K 368 58.14 -42.00 32.55
N ILE K 369 57.54 -42.65 31.57
CA ILE K 369 57.59 -42.29 30.17
C ILE K 369 56.21 -42.62 29.63
N GLY K 370 55.64 -41.67 28.90
CA GLY K 370 54.32 -41.85 28.33
C GLY K 370 53.95 -40.82 27.28
N ARG K 371 52.68 -40.89 26.87
CA ARG K 371 52.10 -39.99 25.90
C ARG K 371 50.59 -39.88 26.09
N LEU K 372 50.07 -38.68 25.93
CA LEU K 372 48.64 -38.45 25.97
C LEU K 372 48.18 -38.14 24.56
N VAL K 373 47.43 -39.07 24.00
CA VAL K 373 46.92 -39.00 22.63
C VAL K 373 45.39 -38.80 22.65
N ARG K 374 44.69 -39.56 23.50
CA ARG K 374 43.25 -39.52 23.60
C ARG K 374 42.81 -39.45 25.05
N PRO K 375 42.51 -38.24 25.57
CA PRO K 375 42.02 -38.14 26.94
C PRO K 375 40.57 -38.58 27.04
N LYS K 376 40.10 -38.86 28.28
CA LYS K 376 38.70 -39.25 28.50
C LYS K 376 37.81 -38.02 28.35
N GLY K 377 36.75 -38.18 27.57
CA GLY K 377 35.79 -37.11 27.29
C GLY K 377 34.98 -37.39 26.06
N ASP K 378 33.91 -36.61 25.86
CA ASP K 378 33.01 -36.78 24.72
C ASP K 378 33.45 -35.97 23.50
N LYS K 379 33.24 -36.57 22.30
CA LYS K 379 33.53 -35.96 21.00
C LYS K 379 32.67 -34.67 20.80
N MET K 380 33.31 -33.59 20.35
CA MET K 380 32.69 -32.29 20.11
C MET K 380 32.43 -32.10 18.62
N MET L 1 5.70 -1.91 31.16
CA MET L 1 4.42 -1.84 30.47
C MET L 1 4.44 -0.78 29.34
N LEU L 2 3.46 -0.87 28.40
CA LEU L 2 3.24 0.00 27.22
C LEU L 2 1.71 0.05 26.93
N SER L 3 1.23 0.95 26.03
CA SER L 3 -0.22 0.96 25.76
C SER L 3 -0.57 -0.09 24.69
N PRO L 4 -1.82 -0.63 24.63
CA PRO L 4 -2.14 -1.65 23.61
C PRO L 4 -1.88 -1.27 22.15
N LYS L 5 -2.11 0.01 21.80
CA LYS L 5 -1.90 0.49 20.44
C LYS L 5 -0.45 0.83 20.09
N ALA L 6 0.38 1.17 21.12
CA ALA L 6 1.83 1.37 20.92
C ALA L 6 2.43 -0.01 20.72
N ALA L 7 1.90 -1.02 21.46
CA ALA L 7 2.28 -2.42 21.38
C ALA L 7 1.92 -3.02 20.01
N THR L 8 0.78 -2.59 19.42
CA THR L 8 0.34 -3.06 18.11
C THR L 8 1.11 -2.40 16.95
N LEU L 9 1.55 -1.14 17.15
CA LEU L 9 2.37 -0.42 16.16
C LEU L 9 3.81 -0.97 16.20
N ALA L 10 4.21 -1.43 17.40
CA ALA L 10 5.52 -2.00 17.70
C ALA L 10 5.85 -3.23 16.87
N GLU L 11 4.87 -4.16 16.73
CA GLU L 11 5.08 -5.39 15.95
C GLU L 11 5.19 -5.10 14.45
N ARG L 12 4.34 -4.17 13.96
CA ARG L 12 4.28 -3.77 12.56
C ARG L 12 5.59 -3.15 12.13
N SER L 13 6.22 -2.37 13.03
CA SER L 13 7.53 -1.73 12.87
C SER L 13 8.66 -2.78 12.69
N ALA L 14 8.65 -3.85 13.52
CA ALA L 14 9.59 -4.99 13.45
C ALA L 14 9.35 -5.75 12.16
N GLY L 15 8.08 -5.92 11.78
CA GLY L 15 7.70 -6.53 10.52
C GLY L 15 8.26 -5.71 9.38
N LEU L 16 8.15 -4.37 9.50
CA LEU L 16 8.65 -3.40 8.55
C LEU L 16 10.19 -3.43 8.52
N ALA L 17 10.82 -3.66 9.68
CA ALA L 17 12.27 -3.73 9.86
C ALA L 17 12.89 -4.77 8.95
N PHE L 18 12.26 -5.93 8.90
CA PHE L 18 12.69 -7.09 8.14
C PHE L 18 12.52 -6.86 6.65
N SER L 19 11.38 -6.26 6.26
CA SER L 19 11.06 -5.92 4.89
C SER L 19 12.04 -4.91 4.32
N LEU L 20 12.39 -3.89 5.11
CA LEU L 20 13.34 -2.86 4.68
C LEU L 20 14.76 -3.40 4.63
N TYR L 21 15.17 -4.16 5.66
CA TYR L 21 16.50 -4.79 5.70
C TYR L 21 16.72 -5.63 4.45
N GLN L 22 15.74 -6.48 4.10
CA GLN L 22 15.78 -7.37 2.94
C GLN L 22 15.90 -6.64 1.62
N ALA L 23 15.18 -5.54 1.47
CA ALA L 23 15.18 -4.72 0.26
C ALA L 23 16.56 -4.12 0.03
N MET L 24 17.14 -3.54 1.09
CA MET L 24 18.47 -2.94 1.08
C MET L 24 19.57 -3.96 0.90
N ALA L 25 19.43 -5.15 1.52
CA ALA L 25 20.40 -6.25 1.41
C ALA L 25 20.51 -6.78 -0.04
N LYS L 26 19.41 -6.64 -0.82
CA LYS L 26 19.31 -7.03 -2.23
C LYS L 26 20.04 -6.00 -3.13
N ASP L 27 20.11 -4.72 -2.68
CA ASP L 27 20.80 -3.64 -3.38
C ASP L 27 22.32 -3.83 -3.23
N GLN L 28 22.99 -4.15 -4.36
CA GLN L 28 24.42 -4.42 -4.42
C GLN L 28 25.32 -3.23 -4.10
N ALA L 29 24.77 -2.01 -4.12
CA ALA L 29 25.54 -0.80 -3.76
C ALA L 29 25.68 -0.63 -2.23
N VAL L 30 24.80 -1.31 -1.45
CA VAL L 30 24.74 -1.27 0.01
C VAL L 30 25.77 -2.24 0.63
N GLU L 31 26.64 -1.71 1.51
CA GLU L 31 27.62 -2.51 2.26
C GLU L 31 27.03 -2.73 3.66
N ASN L 32 27.33 -1.84 4.61
CA ASN L 32 26.79 -1.94 5.97
C ASN L 32 25.36 -1.46 6.05
N ILE L 33 24.56 -2.06 6.95
CA ILE L 33 23.16 -1.72 7.19
C ILE L 33 22.97 -1.37 8.68
N LEU L 34 22.26 -0.28 8.94
CA LEU L 34 21.92 0.17 10.29
C LEU L 34 20.56 0.81 10.23
N LEU L 35 19.54 0.11 10.72
CA LEU L 35 18.16 0.59 10.70
C LEU L 35 17.52 0.56 12.07
N SER L 36 16.81 1.64 12.39
CA SER L 36 16.04 1.75 13.63
C SER L 36 14.59 1.67 13.23
N PRO L 37 13.98 0.48 13.37
CA PRO L 37 12.58 0.30 12.95
C PRO L 37 11.61 1.38 13.41
N VAL L 38 11.66 1.80 14.71
CA VAL L 38 10.77 2.86 15.25
C VAL L 38 11.00 4.19 14.53
N VAL L 39 12.27 4.54 14.29
CA VAL L 39 12.66 5.77 13.58
C VAL L 39 12.16 5.70 12.12
N VAL L 40 12.28 4.54 11.47
CA VAL L 40 11.79 4.33 10.11
C VAL L 40 10.24 4.49 10.10
N ALA L 41 9.56 3.93 11.10
CA ALA L 41 8.12 4.01 11.26
C ALA L 41 7.67 5.45 11.46
N SER L 42 8.40 6.21 12.31
CA SER L 42 8.12 7.61 12.62
C SER L 42 8.17 8.49 11.38
N SER L 43 9.11 8.18 10.45
CA SER L 43 9.29 8.89 9.19
C SER L 43 8.02 8.76 8.36
N LEU L 44 7.41 7.57 8.36
CA LEU L 44 6.15 7.32 7.67
C LEU L 44 5.01 8.07 8.38
N GLY L 45 5.05 8.08 9.71
CA GLY L 45 4.09 8.78 10.57
C GLY L 45 4.03 10.25 10.24
N LEU L 46 5.22 10.89 9.99
CA LEU L 46 5.38 12.30 9.60
C LEU L 46 4.78 12.56 8.22
N VAL L 47 4.93 11.60 7.28
CA VAL L 47 4.38 11.68 5.92
C VAL L 47 2.84 11.66 6.03
N SER L 48 2.30 10.83 6.95
CA SER L 48 0.86 10.73 7.24
C SER L 48 0.35 12.03 7.87
N LEU L 49 1.18 12.67 8.71
CA LEU L 49 0.86 13.91 9.41
C LEU L 49 0.86 15.12 8.46
N GLY L 50 1.91 15.25 7.66
CA GLY L 50 2.08 16.34 6.71
C GLY L 50 1.58 16.04 5.31
N GLY L 51 0.77 14.99 5.18
CA GLY L 51 0.22 14.58 3.89
C GLY L 51 -1.27 14.39 3.85
N LYS L 52 -1.85 14.41 2.64
CA LYS L 52 -3.27 14.22 2.41
C LYS L 52 -3.54 13.09 1.43
N ALA L 53 -4.77 12.53 1.48
CA ALA L 53 -5.29 11.48 0.62
C ALA L 53 -4.37 10.27 0.44
N THR L 54 -3.96 9.95 -0.82
CA THR L 54 -3.12 8.82 -1.20
C THR L 54 -1.67 8.91 -0.70
N THR L 55 -1.12 10.14 -0.54
CA THR L 55 0.22 10.34 -0.03
C THR L 55 0.27 9.84 1.43
N ALA L 56 -0.73 10.25 2.24
CA ALA L 56 -0.86 9.89 3.65
C ALA L 56 -1.27 8.43 3.87
N SER L 57 -2.26 7.93 3.10
CA SER L 57 -2.75 6.55 3.23
C SER L 57 -1.67 5.51 2.86
N GLN L 58 -0.81 5.81 1.85
CA GLN L 58 0.29 4.95 1.43
C GLN L 58 1.26 4.75 2.57
N ALA L 59 1.59 5.84 3.30
CA ALA L 59 2.47 5.84 4.48
C ALA L 59 1.92 4.89 5.56
N LYS L 60 0.58 4.95 5.83
CA LYS L 60 -0.15 4.09 6.76
C LYS L 60 -0.17 2.63 6.31
N ALA L 61 -0.23 2.40 4.98
CA ALA L 61 -0.22 1.06 4.37
C ALA L 61 1.16 0.40 4.50
N VAL L 62 2.27 1.17 4.26
CA VAL L 62 3.66 0.69 4.36
C VAL L 62 3.91 0.25 5.80
N LEU L 63 3.36 1.00 6.75
CA LEU L 63 3.43 0.76 8.18
C LEU L 63 2.50 -0.37 8.61
N SER L 64 1.53 -0.74 7.73
CA SER L 64 0.48 -1.74 7.96
C SER L 64 -0.54 -1.29 9.02
N ALA L 65 -0.66 0.04 9.22
CA ALA L 65 -1.57 0.65 10.19
C ALA L 65 -2.67 1.48 9.49
N GLU L 66 -3.04 1.10 8.25
CA GLU L 66 -4.07 1.78 7.47
C GLU L 66 -5.43 1.74 8.17
N GLN L 67 -5.77 0.57 8.76
CA GLN L 67 -7.04 0.36 9.48
C GLN L 67 -7.15 1.17 10.78
N LEU L 68 -5.99 1.55 11.36
CA LEU L 68 -5.91 2.29 12.62
C LEU L 68 -6.45 3.71 12.61
N ARG L 69 -6.96 4.14 13.79
CA ARG L 69 -7.65 5.38 14.13
C ARG L 69 -6.99 6.75 13.85
N ASP L 70 -5.88 6.81 13.05
CA ASP L 70 -5.11 8.03 12.75
C ASP L 70 -4.48 8.50 14.04
N GLU L 71 -4.52 9.81 14.43
CA GLU L 71 -3.96 10.41 15.68
C GLU L 71 -3.35 9.43 16.70
N GLU L 72 -4.05 8.30 16.97
CA GLU L 72 -3.63 7.14 17.80
C GLU L 72 -2.34 6.49 17.20
N VAL L 73 -2.16 6.61 15.88
CA VAL L 73 -0.98 6.16 15.13
C VAL L 73 0.14 7.14 15.50
N HIS L 74 -0.15 8.46 15.45
CA HIS L 74 0.80 9.49 15.80
C HIS L 74 1.17 9.41 17.28
N ALA L 75 0.17 9.18 18.15
CA ALA L 75 0.37 9.02 19.59
C ALA L 75 1.12 7.71 19.90
N GLY L 76 0.76 6.63 19.21
CA GLY L 76 1.37 5.30 19.34
C GLY L 76 2.83 5.24 18.92
N LEU L 77 3.17 5.94 17.82
CA LEU L 77 4.56 6.01 17.37
C LEU L 77 5.37 6.94 18.29
N GLY L 78 4.74 8.02 18.73
CA GLY L 78 5.31 8.98 19.66
C GLY L 78 5.67 8.35 20.98
N GLU L 79 4.76 7.48 21.50
CA GLU L 79 4.93 6.72 22.74
C GLU L 79 6.08 5.73 22.59
N LEU L 80 6.17 5.03 21.44
CA LEU L 80 7.22 4.05 21.12
C LEU L 80 8.58 4.69 21.15
N LEU L 81 8.73 5.83 20.44
CA LEU L 81 9.96 6.62 20.35
C LEU L 81 10.43 6.99 21.76
N ARG L 82 9.51 7.55 22.58
CA ARG L 82 9.78 8.00 23.95
C ARG L 82 10.18 6.85 24.87
N SER L 83 9.52 5.69 24.71
CA SER L 83 9.76 4.50 25.52
C SER L 83 11.12 3.85 25.35
N LEU L 84 11.50 3.57 24.10
CA LEU L 84 12.74 2.85 23.82
C LEU L 84 13.96 3.80 23.74
N SER L 85 13.76 5.02 24.25
CA SER L 85 14.73 6.09 24.38
C SER L 85 14.81 6.53 25.84
N ASN L 86 15.76 5.91 26.61
CA ASN L 86 16.02 6.17 28.05
C ASN L 86 17.51 5.90 28.42
N ARG L 90 16.96 3.14 30.97
CA ARG L 90 17.45 2.03 30.13
C ARG L 90 18.94 1.70 30.33
N ASN L 91 19.74 2.70 30.78
CA ASN L 91 21.19 2.62 31.02
C ASN L 91 22.06 2.59 29.72
N VAL L 92 21.42 2.43 28.56
CA VAL L 92 22.16 2.47 27.28
C VAL L 92 22.10 3.89 26.72
N THR L 93 23.15 4.29 26.01
CA THR L 93 23.26 5.58 25.37
C THR L 93 22.59 5.55 24.02
N TRP L 94 21.67 6.47 23.87
CA TRP L 94 20.86 6.63 22.68
C TRP L 94 20.50 8.08 22.49
N LYS L 95 20.91 8.63 21.35
CA LYS L 95 20.65 10.00 20.94
C LYS L 95 19.95 9.99 19.61
N LEU L 96 18.85 10.73 19.50
CA LEU L 96 18.08 10.79 18.27
C LEU L 96 17.63 12.21 17.95
N GLY L 97 17.75 12.55 16.67
CA GLY L 97 17.32 13.83 16.12
C GLY L 97 16.59 13.63 14.81
N SER L 98 15.52 14.42 14.61
CA SER L 98 14.70 14.42 13.40
C SER L 98 14.51 15.86 12.91
N ARG L 99 14.90 16.11 11.67
CA ARG L 99 14.81 17.45 11.09
C ARG L 99 14.34 17.39 9.65
N LEU L 100 13.37 18.24 9.34
CA LEU L 100 12.81 18.41 8.01
C LEU L 100 13.44 19.64 7.36
N TYR L 101 14.17 19.40 6.24
CA TYR L 101 14.83 20.44 5.47
C TYR L 101 14.07 20.70 4.20
N GLY L 102 13.60 21.93 4.04
CA GLY L 102 12.87 22.33 2.85
C GLY L 102 13.59 23.43 2.12
N PRO L 103 13.36 23.63 0.79
CA PRO L 103 14.01 24.75 0.08
C PRO L 103 13.70 26.10 0.73
N SER L 104 14.61 27.07 0.57
CA SER L 104 14.57 28.42 1.14
C SER L 104 13.27 29.17 0.93
N SER L 105 12.61 28.92 -0.22
CA SER L 105 11.34 29.53 -0.62
C SER L 105 10.16 29.12 0.27
N VAL L 106 10.04 27.81 0.60
CA VAL L 106 8.96 27.20 1.37
C VAL L 106 8.89 27.57 2.88
N SER L 107 7.66 27.81 3.39
CA SER L 107 7.36 28.11 4.79
C SER L 107 6.42 27.01 5.29
N PHE L 108 6.85 26.27 6.32
CA PHE L 108 6.09 25.15 6.88
C PHE L 108 4.82 25.64 7.59
N ALA L 109 3.74 24.83 7.53
CA ALA L 109 2.46 25.13 8.19
C ALA L 109 2.60 25.04 9.70
N GLU L 110 2.12 26.10 10.40
CA GLU L 110 2.18 26.27 11.87
C GLU L 110 1.61 25.08 12.64
N ASP L 111 0.48 24.51 12.18
CA ASP L 111 -0.19 23.38 12.82
C ASP L 111 0.65 22.10 12.70
N PHE L 112 1.25 21.87 11.51
CA PHE L 112 2.12 20.72 11.25
C PHE L 112 3.35 20.78 12.15
N VAL L 113 3.98 21.99 12.23
CA VAL L 113 5.17 22.26 13.06
C VAL L 113 4.88 21.86 14.52
N ARG L 114 3.70 22.24 15.05
CA ARG L 114 3.26 21.93 16.42
C ARG L 114 3.06 20.43 16.67
N SER L 115 2.38 19.70 15.74
CA SER L 115 2.11 18.25 15.84
C SER L 115 3.35 17.34 15.63
N SER L 116 4.20 17.69 14.65
CA SER L 116 5.44 16.97 14.32
C SER L 116 6.43 17.09 15.46
N LYS L 117 6.44 18.23 16.17
CA LYS L 117 7.30 18.46 17.33
C LYS L 117 6.74 17.71 18.55
N GLN L 118 5.41 17.61 18.66
CA GLN L 118 4.71 16.95 19.77
C GLN L 118 4.90 15.43 19.77
N HIS L 119 4.62 14.78 18.63
CA HIS L 119 4.69 13.32 18.48
C HIS L 119 6.05 12.76 18.08
N TYR L 120 6.70 13.41 17.11
CA TYR L 120 7.96 12.91 16.57
C TYR L 120 9.20 13.72 16.92
N ASN L 121 9.06 14.81 17.71
CA ASN L 121 10.16 15.70 18.11
C ASN L 121 10.91 16.16 16.85
N CYS L 122 10.13 16.52 15.80
CA CYS L 122 10.65 16.95 14.52
C CYS L 122 10.96 18.42 14.51
N GLU L 123 12.16 18.75 14.03
CA GLU L 123 12.68 20.11 13.90
C GLU L 123 12.45 20.56 12.44
N HIS L 124 12.39 21.87 12.18
CA HIS L 124 12.13 22.37 10.83
C HIS L 124 13.12 23.43 10.41
N SER L 125 13.74 23.25 9.22
CA SER L 125 14.78 24.15 8.73
C SER L 125 14.66 24.45 7.24
N LYS L 126 14.80 25.73 6.88
CA LYS L 126 14.78 26.18 5.48
C LYS L 126 16.24 26.21 5.01
N ILE L 127 16.56 25.55 3.89
CA ILE L 127 17.92 25.53 3.36
C ILE L 127 17.99 25.78 1.85
N ASN L 128 19.03 26.50 1.39
CA ASN L 128 19.21 26.69 -0.05
C ASN L 128 20.20 25.64 -0.52
N PHE L 129 19.67 24.58 -1.18
CA PHE L 129 20.46 23.43 -1.67
C PHE L 129 21.45 23.79 -2.77
N ARG L 130 21.24 24.95 -3.44
CA ARG L 130 22.10 25.46 -4.51
C ARG L 130 23.51 25.83 -4.01
N ASP L 131 23.64 26.28 -2.75
CA ASP L 131 24.92 26.55 -2.10
C ASP L 131 25.29 25.23 -1.41
N LYS L 132 25.74 24.27 -2.25
CA LYS L 132 26.05 22.89 -1.92
C LYS L 132 26.87 22.69 -0.67
N ARG L 133 28.04 23.34 -0.59
CA ARG L 133 28.93 23.20 0.56
C ARG L 133 28.32 23.67 1.86
N SER L 134 27.61 24.84 1.82
CA SER L 134 26.92 25.43 2.97
C SER L 134 25.76 24.55 3.45
N ALA L 135 24.97 24.00 2.49
CA ALA L 135 23.83 23.12 2.77
C ALA L 135 24.28 21.84 3.47
N LEU L 136 25.34 21.18 2.93
CA LEU L 136 25.91 19.97 3.52
C LEU L 136 26.51 20.24 4.88
N GLN L 137 27.18 21.40 5.05
CA GLN L 137 27.77 21.85 6.32
C GLN L 137 26.68 22.00 7.39
N SER L 138 25.52 22.59 7.05
CA SER L 138 24.40 22.79 7.96
C SER L 138 23.82 21.47 8.46
N ILE L 139 23.58 20.52 7.52
CA ILE L 139 23.04 19.20 7.82
C ILE L 139 24.02 18.43 8.72
N ASN L 140 25.32 18.43 8.35
CA ASN L 140 26.35 17.74 9.08
C ASN L 140 26.60 18.31 10.48
N GLU L 141 26.57 19.64 10.65
CA GLU L 141 26.73 20.32 11.94
C GLU L 141 25.56 19.95 12.87
N TRP L 142 24.32 19.92 12.30
CA TRP L 142 23.14 19.55 13.06
C TRP L 142 23.23 18.10 13.57
N ALA L 143 23.63 17.18 12.70
CA ALA L 143 23.78 15.76 13.04
C ALA L 143 24.85 15.57 14.10
N ALA L 144 25.97 16.31 14.00
CA ALA L 144 27.07 16.25 14.97
C ALA L 144 26.62 16.77 16.35
N GLN L 145 25.81 17.86 16.37
CA GLN L 145 25.27 18.47 17.60
C GLN L 145 24.36 17.47 18.34
N THR L 146 23.54 16.76 17.55
CA THR L 146 22.54 15.78 17.97
C THR L 146 23.16 14.56 18.66
N THR L 147 24.26 14.04 18.10
CA THR L 147 24.97 12.85 18.56
C THR L 147 26.23 13.17 19.40
N ASP L 148 26.44 14.46 19.75
CA ASP L 148 27.62 14.94 20.47
C ASP L 148 28.92 14.57 19.74
N GLY L 149 28.91 14.77 18.44
CA GLY L 149 30.03 14.55 17.53
C GLY L 149 30.30 13.13 17.09
N LYS L 150 29.47 12.17 17.58
CA LYS L 150 29.67 10.75 17.24
C LYS L 150 29.35 10.43 15.79
N LEU L 151 28.47 11.24 15.20
CA LEU L 151 28.09 11.16 13.80
C LEU L 151 28.37 12.54 13.22
N PRO L 152 29.62 12.79 12.76
CA PRO L 152 29.98 14.13 12.30
C PRO L 152 29.55 14.47 10.88
N GLU L 153 29.19 13.46 10.08
CA GLU L 153 28.76 13.66 8.70
C GLU L 153 27.60 12.76 8.30
N VAL L 154 26.60 13.33 7.60
CA VAL L 154 25.43 12.57 7.13
C VAL L 154 25.75 12.12 5.71
N THR L 155 25.70 13.05 4.74
CA THR L 155 25.98 12.73 3.33
C THR L 155 27.01 13.69 2.76
N LYS L 156 27.73 13.21 1.74
CA LYS L 156 28.74 13.96 1.02
C LYS L 156 28.08 14.68 -0.16
N ASP L 157 26.82 14.28 -0.49
CA ASP L 157 26.06 14.85 -1.61
C ASP L 157 24.54 14.73 -1.47
N VAL L 158 23.85 15.81 -1.86
CA VAL L 158 22.38 15.93 -1.91
C VAL L 158 22.02 16.00 -3.40
N GLU L 159 21.37 14.93 -3.91
CA GLU L 159 21.00 14.83 -5.34
C GLU L 159 19.99 15.89 -5.83
N ARG L 160 18.79 15.99 -5.22
CA ARG L 160 17.75 16.95 -5.63
C ARG L 160 17.71 18.26 -4.80
N THR L 161 17.30 19.39 -5.43
CA THR L 161 17.24 20.74 -4.84
C THR L 161 15.79 21.24 -4.60
N ASP L 162 14.85 20.71 -5.38
CA ASP L 162 13.43 21.08 -5.36
C ASP L 162 12.56 20.57 -4.21
N GLY L 163 12.93 19.46 -3.57
CA GLY L 163 12.12 18.85 -2.52
C GLY L 163 12.61 18.85 -1.09
N ALA L 164 11.77 18.28 -0.19
CA ALA L 164 12.00 18.15 1.25
C ALA L 164 12.89 16.96 1.62
N LEU L 165 13.81 17.18 2.56
CA LEU L 165 14.71 16.14 3.08
C LEU L 165 14.35 15.88 4.51
N LEU L 166 14.19 14.61 4.85
CA LEU L 166 13.96 14.22 6.23
C LEU L 166 15.25 13.58 6.68
N VAL L 167 15.85 14.13 7.73
CA VAL L 167 17.11 13.62 8.27
C VAL L 167 16.90 13.10 9.68
N ASN L 168 17.31 11.84 9.90
CA ASN L 168 17.31 11.21 11.22
C ASN L 168 18.73 10.92 11.55
N ALA L 169 19.26 11.55 12.61
CA ALA L 169 20.64 11.39 13.08
C ALA L 169 20.60 10.64 14.41
N MET L 170 21.33 9.52 14.50
CA MET L 170 21.35 8.67 15.68
C MET L 170 22.71 8.24 16.19
N PHE L 171 22.80 8.08 17.50
CA PHE L 171 23.96 7.51 18.19
C PHE L 171 23.44 6.47 19.13
N PHE L 172 23.95 5.25 19.00
CA PHE L 172 23.58 4.15 19.87
C PHE L 172 24.81 3.42 20.36
N LYS L 173 24.90 3.26 21.69
CA LYS L 173 26.00 2.54 22.28
C LYS L 173 25.47 1.47 23.24
N PRO L 174 25.49 0.18 22.84
CA PRO L 174 25.03 -0.88 23.77
C PRO L 174 25.89 -0.94 25.03
N HIS L 175 25.23 -0.96 26.17
CA HIS L 175 25.89 -1.06 27.47
C HIS L 175 25.60 -2.49 27.93
N TRP L 176 26.64 -3.33 27.98
CA TRP L 176 26.51 -4.76 28.29
C TRP L 176 26.08 -5.01 29.70
N ASP L 177 25.37 -6.13 29.93
CA ASP L 177 24.97 -6.54 31.26
C ASP L 177 26.21 -7.05 32.01
N GLU L 178 27.17 -7.59 31.26
CA GLU L 178 28.45 -8.08 31.73
C GLU L 178 29.50 -7.47 30.83
N LYS L 179 30.18 -6.45 31.38
CA LYS L 179 31.21 -5.68 30.67
C LYS L 179 32.40 -6.54 30.19
N PHE L 180 33.11 -6.04 29.19
CA PHE L 180 34.33 -6.64 28.71
C PHE L 180 35.45 -5.98 29.52
N HIS L 181 36.54 -6.70 29.80
CA HIS L 181 37.69 -6.15 30.50
C HIS L 181 38.31 -5.12 29.58
N HIS L 182 38.55 -3.90 30.13
CA HIS L 182 39.11 -2.77 29.37
C HIS L 182 40.44 -3.05 28.67
N LYS L 183 41.20 -4.04 29.16
CA LYS L 183 42.51 -4.43 28.61
C LYS L 183 42.43 -5.55 27.61
N MET L 184 41.26 -6.21 27.49
CA MET L 184 41.08 -7.34 26.56
C MET L 184 40.71 -6.88 25.16
N VAL L 185 41.57 -6.01 24.63
CA VAL L 185 41.43 -5.31 23.36
C VAL L 185 42.74 -5.42 22.62
N ASP L 186 42.68 -5.83 21.35
CA ASP L 186 43.88 -5.99 20.50
C ASP L 186 43.56 -5.83 19.01
N ASN L 187 44.59 -5.87 18.16
CA ASN L 187 44.44 -5.71 16.73
C ASN L 187 44.38 -7.02 16.01
N ARG L 188 43.33 -7.18 15.21
CA ARG L 188 43.08 -8.37 14.40
C ARG L 188 42.66 -7.97 13.01
N GLY L 189 42.63 -8.93 12.11
CA GLY L 189 42.20 -8.72 10.74
C GLY L 189 40.76 -9.11 10.55
N PHE L 190 39.96 -8.25 9.97
CA PHE L 190 38.56 -8.55 9.65
C PHE L 190 38.48 -8.90 8.17
N MET L 191 37.99 -10.10 7.84
CA MET L 191 37.88 -10.58 6.46
C MET L 191 36.59 -10.11 5.82
N VAL L 192 36.71 -9.01 5.06
CA VAL L 192 35.61 -8.39 4.33
C VAL L 192 35.19 -9.38 3.26
N THR L 193 36.20 -9.91 2.53
CA THR L 193 36.08 -10.93 1.50
C THR L 193 37.23 -11.90 1.71
N ARG L 194 37.26 -12.95 0.86
CA ARG L 194 38.31 -13.95 0.83
C ARG L 194 39.65 -13.32 0.41
N SER L 195 39.61 -12.19 -0.32
CA SER L 195 40.80 -11.48 -0.80
C SER L 195 41.12 -10.21 -0.01
N TYR L 196 40.14 -9.71 0.77
CA TYR L 196 40.27 -8.45 1.46
C TYR L 196 40.15 -8.53 2.97
N THR L 197 41.24 -8.15 3.65
CA THR L 197 41.36 -8.08 5.11
C THR L 197 41.70 -6.64 5.52
N VAL L 198 40.91 -6.12 6.48
CA VAL L 198 41.03 -4.79 7.06
C VAL L 198 41.50 -4.95 8.52
N GLY L 199 42.47 -4.15 8.93
CA GLY L 199 42.95 -4.13 10.30
C GLY L 199 41.95 -3.42 11.20
N VAL L 200 41.40 -4.17 12.19
CA VAL L 200 40.45 -3.66 13.17
C VAL L 200 40.95 -3.86 14.61
N THR L 201 40.30 -3.20 15.55
CA THR L 201 40.54 -3.39 16.96
C THR L 201 39.45 -4.37 17.38
N MET L 202 39.82 -5.41 18.13
CA MET L 202 38.87 -6.37 18.64
C MET L 202 38.84 -6.39 20.13
N MET L 203 37.63 -6.57 20.69
CA MET L 203 37.42 -6.72 22.12
C MET L 203 37.01 -8.17 22.38
N HIS L 204 37.48 -8.74 23.48
CA HIS L 204 37.26 -10.16 23.78
C HIS L 204 36.67 -10.41 25.16
N ARG L 205 35.86 -11.49 25.28
CA ARG L 205 35.26 -11.90 26.54
C ARG L 205 34.75 -13.35 26.49
N THR L 206 35.06 -14.11 27.53
CA THR L 206 34.50 -15.44 27.72
C THR L 206 33.48 -15.31 28.84
N GLY L 207 32.25 -15.73 28.55
CA GLY L 207 31.17 -15.71 29.52
C GLY L 207 30.07 -16.69 29.18
N LEU L 208 29.04 -16.70 30.01
CA LEU L 208 27.87 -17.54 29.80
C LEU L 208 26.86 -16.76 28.95
N TYR L 209 26.54 -17.29 27.78
CA TYR L 209 25.62 -16.63 26.85
C TYR L 209 24.69 -17.63 26.23
N ASN L 210 23.49 -17.15 25.84
CA ASN L 210 22.49 -17.93 25.12
C ASN L 210 23.06 -18.08 23.75
N TYR L 211 23.22 -19.33 23.33
CA TYR L 211 23.90 -19.66 22.10
C TYR L 211 23.22 -20.83 21.40
N TYR L 212 23.31 -20.82 20.07
CA TYR L 212 22.81 -21.87 19.23
C TYR L 212 23.65 -21.98 17.97
N ASP L 213 23.98 -23.24 17.66
CA ASP L 213 24.72 -23.62 16.49
C ASP L 213 23.80 -24.43 15.59
N ASP L 214 23.51 -23.90 14.41
CA ASP L 214 22.68 -24.63 13.44
C ASP L 214 23.64 -25.37 12.52
N GLU L 215 23.83 -26.67 12.81
CA GLU L 215 24.74 -27.53 12.04
C GLU L 215 24.27 -27.71 10.61
N LYS L 216 22.94 -27.69 10.41
CA LYS L 216 22.27 -27.82 9.13
C LYS L 216 22.46 -26.57 8.26
N GLU L 217 22.11 -25.40 8.81
CA GLU L 217 22.21 -24.13 8.09
C GLU L 217 23.58 -23.44 8.17
N LYS L 218 24.56 -24.08 8.86
CA LYS L 218 25.95 -23.63 9.02
C LYS L 218 26.11 -22.17 9.49
N LEU L 219 25.43 -21.87 10.60
CA LEU L 219 25.45 -20.54 11.22
C LEU L 219 25.47 -20.61 12.75
N GLN L 220 25.89 -19.52 13.41
CA GLN L 220 25.92 -19.38 14.87
C GLN L 220 25.10 -18.18 15.22
N ILE L 221 24.46 -18.25 16.39
CA ILE L 221 23.62 -17.20 16.90
C ILE L 221 23.86 -17.05 18.38
N VAL L 222 24.21 -15.83 18.82
CA VAL L 222 24.51 -15.52 20.21
C VAL L 222 23.67 -14.34 20.67
N GLU L 223 23.21 -14.41 21.93
CA GLU L 223 22.42 -13.36 22.56
C GLU L 223 23.26 -12.72 23.65
N MET L 224 23.51 -11.40 23.48
CA MET L 224 24.30 -10.62 24.41
C MET L 224 23.39 -9.66 25.15
N PRO L 225 23.02 -10.01 26.42
CA PRO L 225 22.11 -9.12 27.18
C PRO L 225 22.72 -7.77 27.44
N LEU L 226 21.91 -6.73 27.33
CA LEU L 226 22.34 -5.37 27.60
C LEU L 226 22.02 -5.07 29.05
N ALA L 227 22.45 -3.90 29.55
CA ALA L 227 22.28 -3.46 30.92
C ALA L 227 20.91 -3.74 31.52
N HIS L 228 20.93 -4.47 32.66
CA HIS L 228 19.78 -4.86 33.46
C HIS L 228 18.77 -5.77 32.73
N LYS L 229 19.25 -6.49 31.70
CA LYS L 229 18.51 -7.47 30.89
C LYS L 229 17.19 -6.92 30.30
N LEU L 230 17.15 -5.60 30.05
CA LEU L 230 15.99 -4.89 29.51
C LEU L 230 15.88 -5.04 28.00
N SER L 231 17.01 -5.30 27.36
CA SER L 231 17.15 -5.56 25.93
C SER L 231 18.36 -6.48 25.72
N SER L 232 18.49 -7.00 24.51
CA SER L 232 19.62 -7.86 24.13
C SER L 232 20.06 -7.57 22.72
N LEU L 233 21.35 -7.79 22.46
CA LEU L 233 21.92 -7.70 21.14
C LEU L 233 22.11 -9.14 20.65
N ILE L 234 21.45 -9.49 19.54
CA ILE L 234 21.54 -10.82 18.95
C ILE L 234 22.44 -10.73 17.73
N ILE L 235 23.46 -11.59 17.64
CA ILE L 235 24.40 -11.63 16.50
C ILE L 235 24.26 -12.98 15.78
N LEU L 236 24.09 -12.91 14.45
CA LEU L 236 23.94 -14.04 13.52
C LEU L 236 25.13 -14.04 12.61
N MET L 237 25.83 -15.15 12.54
CA MET L 237 27.01 -15.22 11.70
C MET L 237 27.18 -16.59 11.07
N PRO L 238 27.54 -16.66 9.76
CA PRO L 238 27.82 -17.98 9.16
C PRO L 238 29.09 -18.57 9.78
N HIS L 239 29.22 -19.91 9.70
CA HIS L 239 30.38 -20.61 10.22
C HIS L 239 31.65 -20.16 9.48
N HIS L 240 31.55 -20.12 8.14
CA HIS L 240 32.64 -19.77 7.24
C HIS L 240 32.54 -18.32 6.72
N VAL L 241 33.69 -17.76 6.22
CA VAL L 241 33.68 -16.44 5.58
C VAL L 241 32.94 -16.59 4.27
N GLU L 242 31.75 -16.00 4.20
CA GLU L 242 30.91 -16.04 3.01
C GLU L 242 30.03 -14.79 2.95
N PRO L 243 29.54 -14.39 1.75
CA PRO L 243 28.61 -13.25 1.70
C PRO L 243 27.32 -13.61 2.46
N LEU L 244 26.76 -12.62 3.14
CA LEU L 244 25.56 -12.74 3.97
C LEU L 244 24.26 -13.15 3.28
N GLU L 245 24.24 -13.11 1.93
CA GLU L 245 23.11 -13.43 1.06
C GLU L 245 22.36 -14.71 1.48
N ARG L 246 23.10 -15.81 1.65
CA ARG L 246 22.54 -17.11 2.01
C ARG L 246 21.80 -17.07 3.35
N LEU L 247 22.45 -16.47 4.35
CA LEU L 247 21.91 -16.30 5.69
C LEU L 247 20.70 -15.33 5.72
N GLU L 248 20.76 -14.27 4.89
CA GLU L 248 19.69 -13.28 4.78
C GLU L 248 18.41 -13.88 4.23
N LYS L 249 18.54 -14.93 3.41
CA LYS L 249 17.41 -15.66 2.84
C LYS L 249 16.64 -16.39 3.97
N LEU L 250 17.37 -16.82 5.02
CA LEU L 250 16.83 -17.52 6.20
C LEU L 250 16.24 -16.55 7.22
N LEU L 251 16.74 -15.32 7.27
CA LEU L 251 16.32 -14.30 8.23
C LEU L 251 14.89 -13.79 8.07
N THR L 252 13.95 -14.39 8.83
CA THR L 252 12.55 -14.01 8.89
C THR L 252 12.16 -13.85 10.35
N LYS L 253 11.01 -13.20 10.64
CA LYS L 253 10.50 -13.00 12.02
C LYS L 253 10.27 -14.37 12.68
N GLU L 254 9.73 -15.33 11.89
CA GLU L 254 9.42 -16.69 12.32
C GLU L 254 10.66 -17.54 12.57
N GLN L 255 11.68 -17.43 11.69
CA GLN L 255 12.93 -18.19 11.82
C GLN L 255 13.75 -17.68 13.00
N LEU L 256 13.71 -16.36 13.26
CA LEU L 256 14.40 -15.77 14.41
C LEU L 256 13.78 -16.30 15.71
N LYS L 257 12.44 -16.44 15.75
CA LYS L 257 11.71 -16.99 16.88
C LYS L 257 12.12 -18.46 17.10
N ILE L 258 12.29 -19.24 16.01
CA ILE L 258 12.72 -20.64 16.06
C ILE L 258 14.12 -20.74 16.68
N TRP L 259 15.08 -19.97 16.15
CA TRP L 259 16.47 -19.93 16.60
C TRP L 259 16.60 -19.55 18.07
N MET L 260 15.83 -18.54 18.49
CA MET L 260 15.87 -18.06 19.87
C MET L 260 15.33 -19.04 20.91
N GLY L 261 14.39 -19.88 20.52
CA GLY L 261 13.84 -20.93 21.37
C GLY L 261 14.79 -22.09 21.50
N LYS L 262 15.68 -22.28 20.50
CA LYS L 262 16.68 -23.35 20.44
C LYS L 262 17.97 -22.99 21.19
N MET L 263 18.15 -21.68 21.53
CA MET L 263 19.33 -21.19 22.25
C MET L 263 19.40 -21.74 23.65
N GLN L 264 20.63 -22.00 24.13
CA GLN L 264 20.93 -22.50 25.47
C GLN L 264 22.10 -21.74 26.03
N LYS L 265 22.12 -21.50 27.36
CA LYS L 265 23.22 -20.82 28.02
C LYS L 265 24.44 -21.71 28.03
N LYS L 266 25.50 -21.27 27.33
CA LYS L 266 26.75 -21.98 27.19
C LYS L 266 27.91 -21.04 27.42
N ALA L 267 29.10 -21.59 27.68
CA ALA L 267 30.31 -20.79 27.79
C ALA L 267 30.67 -20.43 26.35
N VAL L 268 30.76 -19.12 26.07
CA VAL L 268 31.06 -18.61 24.72
C VAL L 268 32.21 -17.63 24.81
N ALA L 269 33.20 -17.79 23.92
CA ALA L 269 34.34 -16.87 23.82
C ALA L 269 34.03 -15.93 22.65
N ILE L 270 33.64 -14.71 22.99
CA ILE L 270 33.22 -13.70 22.03
C ILE L 270 34.40 -12.80 21.67
N SER L 271 34.54 -12.50 20.36
CA SER L 271 35.49 -11.54 19.81
C SER L 271 34.72 -10.67 18.83
N LEU L 272 34.64 -9.38 19.15
CA LEU L 272 33.88 -8.42 18.33
C LEU L 272 34.72 -7.25 17.92
N PRO L 273 34.49 -6.69 16.72
CA PRO L 273 35.21 -5.46 16.36
C PRO L 273 34.79 -4.33 17.32
N LYS L 274 35.75 -3.51 17.73
CA LYS L 274 35.56 -2.41 18.65
C LYS L 274 35.71 -1.10 17.87
N GLY L 275 34.77 -0.20 18.11
CA GLY L 275 34.76 1.10 17.47
C GLY L 275 33.37 1.53 17.03
N VAL L 276 33.33 2.72 16.46
CA VAL L 276 32.10 3.32 15.98
C VAL L 276 31.93 2.93 14.52
N VAL L 277 30.72 2.45 14.18
CA VAL L 277 30.34 2.14 12.80
C VAL L 277 29.39 3.25 12.38
N GLU L 278 29.76 4.01 11.33
CA GLU L 278 28.96 5.13 10.81
C GLU L 278 28.28 4.74 9.51
N VAL L 279 26.94 4.72 9.49
CA VAL L 279 26.18 4.35 8.29
C VAL L 279 25.12 5.40 7.96
N THR L 280 25.06 5.83 6.70
CA THR L 280 24.02 6.73 6.22
C THR L 280 23.28 6.09 5.07
N HIS L 281 21.97 5.93 5.23
CA HIS L 281 21.10 5.36 4.20
C HIS L 281 20.12 6.42 3.73
N ASP L 282 19.81 6.41 2.44
CA ASP L 282 18.73 7.23 1.90
C ASP L 282 17.64 6.20 1.64
N LEU L 283 16.63 6.19 2.52
CA LEU L 283 15.56 5.21 2.49
C LEU L 283 14.52 5.47 1.42
N GLN L 284 14.64 6.61 0.71
CA GLN L 284 13.72 7.08 -0.34
C GLN L 284 13.29 6.02 -1.36
N LYS L 285 14.24 5.40 -2.09
CA LYS L 285 13.89 4.39 -3.10
C LYS L 285 13.36 3.09 -2.50
N HIS L 286 13.84 2.77 -1.28
CA HIS L 286 13.47 1.56 -0.57
C HIS L 286 12.05 1.64 0.00
N LEU L 287 11.67 2.80 0.55
CA LEU L 287 10.32 3.03 1.08
C LEU L 287 9.31 3.08 -0.06
N ALA L 288 9.76 3.58 -1.24
CA ALA L 288 8.95 3.64 -2.45
C ALA L 288 8.64 2.24 -2.93
N GLY L 289 9.64 1.37 -2.90
CA GLY L 289 9.52 -0.03 -3.29
C GLY L 289 8.60 -0.81 -2.35
N LEU L 290 8.47 -0.36 -1.09
CA LEU L 290 7.61 -0.94 -0.06
C LEU L 290 6.17 -0.41 -0.13
N GLY L 291 5.93 0.60 -0.98
CA GLY L 291 4.60 1.17 -1.19
C GLY L 291 4.44 2.69 -1.06
N LEU L 292 5.53 3.43 -0.71
CA LEU L 292 5.46 4.90 -0.58
C LEU L 292 5.93 5.58 -1.89
N THR L 293 5.14 5.38 -2.97
CA THR L 293 5.45 5.88 -4.31
C THR L 293 5.03 7.32 -4.56
N GLU L 294 3.87 7.73 -4.02
CA GLU L 294 3.32 9.08 -4.22
C GLU L 294 4.09 10.18 -3.54
N ALA L 295 4.50 9.96 -2.27
CA ALA L 295 5.25 10.93 -1.48
C ALA L 295 6.60 11.34 -2.10
N ILE L 296 7.28 10.40 -2.79
CA ILE L 296 8.60 10.62 -3.40
C ILE L 296 8.59 11.15 -4.86
N ASP L 297 7.41 11.16 -5.51
CA ASP L 297 7.25 11.65 -6.88
C ASP L 297 6.70 13.07 -6.86
N LYS L 298 7.45 14.03 -7.45
CA LYS L 298 7.14 15.45 -7.54
C LYS L 298 5.73 15.78 -8.08
N ASN L 299 5.25 14.99 -9.06
CA ASN L 299 3.95 15.21 -9.69
C ASN L 299 2.76 14.73 -8.87
N LYS L 300 2.88 13.54 -8.23
CA LYS L 300 1.81 12.92 -7.45
C LYS L 300 1.76 13.33 -5.97
N ALA L 301 2.89 13.80 -5.40
CA ALA L 301 2.99 14.17 -3.99
C ALA L 301 2.03 15.23 -3.52
N ASP L 302 1.38 14.94 -2.39
CA ASP L 302 0.43 15.83 -1.73
C ASP L 302 0.92 16.06 -0.32
N LEU L 303 1.78 17.09 -0.18
CA LEU L 303 2.36 17.51 1.09
C LEU L 303 1.87 18.94 1.38
N SER L 304 0.53 19.09 1.28
CA SER L 304 -0.21 20.33 1.48
C SER L 304 -0.41 20.65 2.96
N ARG L 305 -0.51 19.62 3.83
CA ARG L 305 -0.67 19.81 5.27
C ARG L 305 0.64 20.25 5.92
N MET L 306 1.74 19.97 5.23
CA MET L 306 3.11 20.30 5.64
C MET L 306 3.46 21.78 5.42
N SER L 307 3.01 22.37 4.29
CA SER L 307 3.32 23.75 3.93
C SER L 307 2.14 24.54 3.33
N GLY L 308 1.56 23.99 2.27
CA GLY L 308 0.48 24.61 1.51
C GLY L 308 0.75 24.60 0.02
N LYS L 309 1.87 23.95 -0.40
CA LYS L 309 2.27 23.82 -1.81
C LYS L 309 2.36 22.36 -2.27
N LYS L 310 1.65 22.04 -3.38
CA LYS L 310 1.56 20.70 -4.00
C LYS L 310 2.91 20.25 -4.60
N ASP L 311 3.69 21.20 -5.16
CA ASP L 311 5.02 20.99 -5.76
C ASP L 311 6.06 20.40 -4.81
N LEU L 312 5.82 20.51 -3.48
CA LEU L 312 6.68 19.99 -2.42
C LEU L 312 6.52 18.46 -2.35
N TYR L 313 7.65 17.75 -2.41
CA TYR L 313 7.72 16.30 -2.39
C TYR L 313 8.85 15.81 -1.48
N LEU L 314 8.87 14.51 -1.17
CA LEU L 314 9.89 13.92 -0.32
C LEU L 314 11.08 13.46 -1.16
N ALA L 315 12.13 14.29 -1.20
CA ALA L 315 13.34 14.06 -1.97
C ALA L 315 14.21 12.94 -1.38
N SER L 316 14.43 12.96 -0.05
CA SER L 316 15.24 11.96 0.66
C SER L 316 14.74 11.71 2.07
N VAL L 317 15.09 10.52 2.59
CA VAL L 317 14.83 10.07 3.95
C VAL L 317 16.17 9.52 4.43
N PHE L 318 16.99 10.41 4.99
CA PHE L 318 18.29 10.03 5.51
C PHE L 318 18.18 9.40 6.88
N HIS L 319 18.70 8.18 6.99
CA HIS L 319 18.76 7.40 8.21
C HIS L 319 20.24 7.25 8.49
N ALA L 320 20.79 8.18 9.29
CA ALA L 320 22.20 8.22 9.62
C ALA L 320 22.41 7.78 11.06
N THR L 321 23.24 6.74 11.25
CA THR L 321 23.49 6.13 12.55
C THR L 321 24.99 5.96 12.83
N ALA L 322 25.37 6.18 14.09
CA ALA L 322 26.70 5.95 14.63
C ALA L 322 26.47 4.91 15.73
N PHE L 323 26.88 3.68 15.47
CA PHE L 323 26.71 2.59 16.39
C PHE L 323 28.08 2.24 16.97
N GLU L 324 28.26 2.47 18.27
CA GLU L 324 29.52 2.20 18.94
C GLU L 324 29.59 0.86 19.69
N TRP L 325 30.61 0.07 19.34
CA TRP L 325 30.95 -1.18 19.96
C TRP L 325 32.10 -0.85 20.91
N ASP L 326 31.83 -0.99 22.22
CA ASP L 326 32.80 -0.70 23.27
C ASP L 326 32.75 -1.75 24.36
N THR L 327 33.78 -1.78 25.24
CA THR L 327 33.92 -2.74 26.35
C THR L 327 32.97 -2.45 27.53
N GLU L 328 32.56 -1.18 27.70
CA GLU L 328 31.74 -0.70 28.80
C GLU L 328 30.39 -1.39 29.00
N GLY L 329 30.11 -1.70 30.25
CA GLY L 329 28.89 -2.37 30.70
C GLY L 329 28.84 -2.46 32.19
N ASN L 330 27.90 -3.22 32.74
CA ASN L 330 27.77 -3.38 34.19
C ASN L 330 28.87 -4.29 34.71
N PRO L 331 29.38 -4.05 35.95
CA PRO L 331 30.41 -4.94 36.49
C PRO L 331 29.89 -6.34 36.79
N PHE L 332 30.81 -7.28 36.68
CA PHE L 332 30.52 -8.68 36.89
C PHE L 332 31.65 -9.37 37.68
N ASP L 333 31.26 -10.12 38.74
CA ASP L 333 32.18 -10.90 39.59
C ASP L 333 32.54 -12.22 38.88
N GLN L 334 33.84 -12.41 38.58
CA GLN L 334 34.44 -13.55 37.88
C GLN L 334 34.31 -14.94 38.59
N ASP L 335 33.63 -15.02 39.76
CA ASP L 335 33.45 -16.27 40.53
C ASP L 335 32.57 -17.38 39.86
N ILE L 336 32.15 -17.18 38.59
CA ILE L 336 31.34 -18.13 37.84
C ILE L 336 32.11 -19.35 37.27
N PRO L 345 32.47 -25.05 25.59
CA PRO L 345 33.21 -23.82 25.23
C PRO L 345 33.00 -23.51 23.74
N LYS L 346 32.52 -22.30 23.38
CA LYS L 346 32.24 -22.08 21.95
C LYS L 346 32.89 -20.82 21.49
N LEU L 347 33.29 -20.75 20.25
CA LEU L 347 33.89 -19.53 19.75
C LEU L 347 32.85 -18.76 18.98
N PHE L 348 32.78 -17.45 19.23
CA PHE L 348 31.98 -16.52 18.45
C PHE L 348 32.97 -15.44 18.03
N TYR L 349 33.79 -15.79 17.03
CA TYR L 349 34.87 -14.95 16.52
C TYR L 349 34.39 -14.14 15.31
N ALA L 350 33.90 -12.94 15.56
CA ALA L 350 33.34 -12.06 14.55
C ALA L 350 34.38 -11.28 13.72
N ASP L 351 35.17 -12.01 12.92
CA ASP L 351 36.21 -11.45 12.04
C ASP L 351 35.80 -11.52 10.55
N HIS L 352 34.50 -11.74 10.29
CA HIS L 352 33.92 -11.81 8.96
C HIS L 352 32.47 -11.26 9.06
N PRO L 353 31.83 -10.87 7.93
CA PRO L 353 30.48 -10.27 8.04
C PRO L 353 29.42 -11.02 8.87
N PHE L 354 28.68 -10.25 9.67
CA PHE L 354 27.61 -10.74 10.53
C PHE L 354 26.38 -9.81 10.53
N ILE L 355 25.24 -10.35 10.95
CA ILE L 355 23.96 -9.65 11.11
C ILE L 355 23.75 -9.47 12.62
N PHE L 356 23.17 -8.34 13.01
CA PHE L 356 22.85 -8.10 14.41
C PHE L 356 21.50 -7.42 14.56
N LEU L 357 20.86 -7.64 15.73
CA LEU L 357 19.57 -7.07 16.08
C LEU L 357 19.64 -6.64 17.54
N VAL L 358 18.95 -5.56 17.89
CA VAL L 358 18.78 -5.09 19.28
C VAL L 358 17.30 -5.21 19.52
N ARG L 359 16.93 -6.07 20.47
CA ARG L 359 15.56 -6.42 20.77
C ARG L 359 15.22 -6.11 22.22
N ASP L 360 14.07 -5.46 22.44
CA ASP L 360 13.55 -5.18 23.79
C ASP L 360 13.04 -6.51 24.35
N THR L 361 13.65 -7.00 25.45
CA THR L 361 13.31 -8.27 26.09
C THR L 361 11.82 -8.41 26.46
N GLN L 362 11.21 -7.33 26.96
CA GLN L 362 9.80 -7.32 27.37
C GLN L 362 8.81 -7.32 26.19
N SER L 363 8.81 -6.25 25.38
CA SER L 363 7.90 -6.07 24.26
C SER L 363 8.22 -6.93 23.04
N GLY L 364 9.51 -7.20 22.82
CA GLY L 364 9.98 -7.96 21.66
C GLY L 364 10.26 -7.02 20.49
N SER L 365 10.02 -5.70 20.70
CA SER L 365 10.22 -4.65 19.71
C SER L 365 11.68 -4.59 19.29
N LEU L 366 11.88 -4.45 17.98
CA LEU L 366 13.20 -4.33 17.38
C LEU L 366 13.64 -2.88 17.44
N LEU L 367 14.73 -2.64 18.18
CA LEU L 367 15.31 -1.32 18.35
C LEU L 367 16.24 -1.09 17.17
N PHE L 368 16.97 -2.16 16.75
CA PHE L 368 17.90 -2.12 15.64
C PHE L 368 17.97 -3.41 14.88
N ILE L 369 18.28 -3.28 13.61
CA ILE L 369 18.55 -4.36 12.68
C ILE L 369 19.64 -3.85 11.76
N GLY L 370 20.68 -4.64 11.60
CA GLY L 370 21.80 -4.25 10.75
C GLY L 370 22.75 -5.37 10.40
N ARG L 371 23.83 -5.00 9.74
CA ARG L 371 24.89 -5.91 9.36
C ARG L 371 26.21 -5.19 9.26
N LEU L 372 27.28 -5.86 9.69
CA LEU L 372 28.62 -5.32 9.56
C LEU L 372 29.33 -6.14 8.50
N VAL L 373 29.58 -5.50 7.38
CA VAL L 373 30.20 -6.08 6.21
C VAL L 373 31.63 -5.52 6.01
N ARG L 374 31.78 -4.20 6.15
CA ARG L 374 33.04 -3.51 5.95
C ARG L 374 33.30 -2.51 7.08
N PRO L 375 34.09 -2.90 8.10
CA PRO L 375 34.45 -1.92 9.14
C PRO L 375 35.51 -0.94 8.65
N LYS L 376 35.63 0.21 9.32
CA LYS L 376 36.64 1.23 9.00
C LYS L 376 38.03 0.74 9.45
N GLY L 377 39.00 0.87 8.55
CA GLY L 377 40.37 0.44 8.81
C GLY L 377 41.18 0.28 7.54
N ASP L 378 42.50 0.10 7.68
CA ASP L 378 43.44 -0.05 6.56
C ASP L 378 43.57 -1.49 6.08
N LYS L 379 43.69 -1.66 4.75
CA LYS L 379 43.85 -2.97 4.10
C LYS L 379 45.18 -3.63 4.51
N MET L 380 45.13 -4.94 4.82
CA MET L 380 46.28 -5.75 5.22
C MET L 380 46.74 -6.65 4.06
C ACE M 1 47.93 -7.59 48.20
O ACE M 1 47.47 -6.74 47.42
CH3 ACE M 1 47.59 -7.47 49.66
N PRO M 2 48.74 -8.60 47.83
CA PRO M 2 49.14 -8.78 46.42
C PRO M 2 47.99 -9.16 45.48
N PRO M 3 48.05 -8.74 44.20
CA PRO M 3 46.97 -9.11 43.27
C PRO M 3 46.96 -10.60 42.95
N GLY M 4 45.83 -11.06 42.43
CA GLY M 4 45.67 -12.44 42.02
C GLY M 4 46.51 -12.82 40.82
N PRO M 5 46.63 -14.12 40.50
CA PRO M 5 47.46 -14.51 39.36
C PRO M 5 46.83 -14.13 38.03
N PRO M 6 47.63 -14.01 36.92
CA PRO M 6 47.03 -13.82 35.59
C PRO M 6 46.04 -14.94 35.31
N GLY M 7 44.99 -14.64 34.56
CA GLY M 7 43.98 -15.63 34.23
C GLY M 7 44.46 -16.73 33.30
N PRO M 8 43.58 -17.70 33.00
CA PRO M 8 43.94 -18.77 32.07
C PRO M 8 44.23 -18.24 30.67
N THR M 9 45.03 -18.99 29.90
CA THR M 9 45.33 -18.65 28.52
C THR M 9 43.99 -18.67 27.76
N GLY M 10 43.79 -17.74 26.84
CA GLY M 10 42.62 -17.67 25.99
C GLY M 10 42.47 -18.91 25.13
N PRO M 11 41.26 -19.20 24.60
CA PRO M 11 41.10 -20.43 23.80
C PRO M 11 41.83 -20.32 22.47
N ARG M 12 42.15 -21.47 21.83
CA ARG M 12 42.75 -21.51 20.48
C ARG M 12 41.81 -20.80 19.47
N GLY M 13 42.41 -20.05 18.54
CA GLY M 13 41.67 -19.32 17.52
C GLY M 13 40.89 -20.20 16.58
N PRO M 14 39.99 -19.61 15.75
CA PRO M 14 39.24 -20.43 14.80
C PRO M 14 40.11 -20.93 13.65
N PRO M 15 39.70 -22.00 12.91
CA PRO M 15 40.53 -22.47 11.79
C PRO M 15 40.56 -21.47 10.65
N GLY M 16 41.63 -21.54 9.84
CA GLY M 16 41.75 -20.71 8.66
C GLY M 16 40.81 -21.15 7.55
N PRO M 17 40.58 -20.30 6.52
CA PRO M 17 39.70 -20.71 5.40
C PRO M 17 40.36 -21.76 4.47
N PRO M 18 39.60 -22.53 3.67
CA PRO M 18 40.24 -23.48 2.74
C PRO M 18 40.85 -22.77 1.55
C ACE N 1 42.85 -8.42 45.81
O ACE N 1 41.77 -8.99 45.56
CH3 ACE N 1 43.60 -8.69 47.17
N PRO N 2 43.42 -7.55 44.98
CA PRO N 2 42.80 -7.23 43.68
C PRO N 2 42.84 -8.42 42.70
N PRO N 3 41.89 -8.51 41.74
CA PRO N 3 41.96 -9.61 40.76
C PRO N 3 43.17 -9.49 39.86
N GLY N 4 43.62 -10.64 39.37
CA GLY N 4 44.74 -10.69 38.46
C GLY N 4 44.44 -10.10 37.09
N PRO N 5 45.50 -9.89 36.28
CA PRO N 5 45.29 -9.39 34.92
C PRO N 5 44.65 -10.49 34.04
N PRO N 6 44.07 -10.15 32.85
CA PRO N 6 43.57 -11.22 31.97
C PRO N 6 44.73 -12.12 31.55
N GLY N 7 44.42 -13.38 31.30
CA GLY N 7 45.42 -14.33 30.87
C GLY N 7 45.97 -14.06 29.49
N PRO N 8 46.96 -14.84 29.04
CA PRO N 8 47.53 -14.58 27.70
C PRO N 8 46.54 -14.90 26.60
N THR N 9 46.72 -14.26 25.43
CA THR N 9 45.91 -14.55 24.24
C THR N 9 46.17 -16.00 23.88
N GLY N 10 45.13 -16.69 23.44
CA GLY N 10 45.25 -18.09 23.04
C GLY N 10 46.16 -18.30 21.84
N PRO N 11 46.53 -19.58 21.57
CA PRO N 11 47.37 -19.84 20.38
C PRO N 11 46.57 -19.68 19.09
N ARG N 12 47.31 -19.49 17.97
CA ARG N 12 46.74 -19.30 16.63
C ARG N 12 45.94 -20.55 16.24
N GLY N 13 44.84 -20.35 15.53
CA GLY N 13 43.98 -21.42 15.07
C GLY N 13 44.68 -22.39 14.12
N PRO N 14 44.12 -23.59 13.88
CA PRO N 14 44.78 -24.52 12.94
C PRO N 14 44.69 -24.03 11.50
N PRO N 15 45.53 -24.51 10.56
CA PRO N 15 45.38 -24.06 9.15
C PRO N 15 44.07 -24.56 8.56
N GLY N 16 43.63 -23.91 7.49
CA GLY N 16 42.42 -24.32 6.78
C GLY N 16 42.59 -25.62 6.02
N PRO N 17 41.47 -26.25 5.57
CA PRO N 17 41.62 -27.49 4.79
C PRO N 17 42.09 -27.22 3.34
N PRO N 18 42.62 -28.20 2.58
CA PRO N 18 43.02 -27.90 1.20
C PRO N 18 41.82 -27.79 0.26
C ACE O 1 42.99 -13.23 44.16
O ACE O 1 43.67 -14.25 43.88
CH3 ACE O 1 43.54 -12.17 45.14
N PRO O 2 41.78 -12.99 43.63
CA PRO O 2 41.20 -13.96 42.67
C PRO O 2 41.97 -13.99 41.33
N PRO O 3 41.97 -15.12 40.60
CA PRO O 3 42.64 -15.12 39.28
C PRO O 3 41.91 -14.22 38.30
N GLY O 4 42.64 -13.69 37.32
CA GLY O 4 42.09 -12.87 36.27
C GLY O 4 41.20 -13.66 35.31
N PRO O 5 40.48 -12.96 34.40
CA PRO O 5 39.66 -13.69 33.41
C PRO O 5 40.52 -14.44 32.39
N PRO O 6 39.98 -15.47 31.69
CA PRO O 6 40.78 -16.11 30.63
C PRO O 6 41.10 -15.09 29.55
N GLY O 7 42.24 -15.27 28.90
CA GLY O 7 42.69 -14.35 27.88
C GLY O 7 41.86 -14.31 26.61
N PRO O 8 42.25 -13.41 25.69
CA PRO O 8 41.53 -13.30 24.42
C PRO O 8 41.70 -14.55 23.56
N THR O 9 40.72 -14.79 22.67
CA THR O 9 40.77 -15.90 21.73
C THR O 9 42.02 -15.69 20.85
N GLY O 10 42.71 -16.76 20.47
CA GLY O 10 43.87 -16.67 19.58
C GLY O 10 43.47 -16.17 18.20
N PRO O 11 44.42 -15.74 17.35
CA PRO O 11 44.02 -15.27 16.01
C PRO O 11 43.59 -16.42 15.10
N ARG O 12 42.85 -16.12 14.01
CA ARG O 12 42.38 -17.13 13.05
C ARG O 12 43.59 -17.85 12.44
N GLY O 13 43.46 -19.15 12.20
CA GLY O 13 44.51 -19.95 11.59
C GLY O 13 44.85 -19.52 10.18
N PRO O 14 46.00 -19.95 9.63
CA PRO O 14 46.34 -19.57 8.24
C PRO O 14 45.44 -20.27 7.22
N PRO O 15 45.28 -19.73 5.99
CA PRO O 15 44.46 -20.45 4.99
C PRO O 15 45.08 -21.78 4.60
N GLY O 16 44.24 -22.71 4.13
CA GLY O 16 44.66 -24.02 3.68
C GLY O 16 45.49 -23.94 2.41
N PRO O 17 46.22 -25.02 2.04
CA PRO O 17 47.03 -24.96 0.81
C PRO O 17 46.19 -24.94 -0.48
N PRO O 18 46.71 -24.40 -1.61
CA PRO O 18 45.92 -24.42 -2.85
C PRO O 18 45.85 -25.82 -3.50
N SER P 3 -12.37 -30.36 45.65
CA SER P 3 -11.20 -31.21 45.54
C SER P 3 -10.69 -31.29 44.09
N PRO P 4 -9.40 -31.63 43.81
CA PRO P 4 -8.93 -31.69 42.41
C PRO P 4 -9.69 -32.66 41.50
N LYS P 5 -10.16 -33.79 42.07
CA LYS P 5 -10.94 -34.81 41.34
C LYS P 5 -12.34 -34.28 40.99
N ALA P 6 -13.00 -33.61 41.95
CA ALA P 6 -14.31 -33.01 41.76
C ALA P 6 -14.22 -31.92 40.69
N ALA P 7 -13.17 -31.06 40.80
CA ALA P 7 -12.86 -29.96 39.88
C ALA P 7 -12.71 -30.44 38.44
N THR P 8 -12.03 -31.59 38.24
CA THR P 8 -11.82 -32.19 36.93
C THR P 8 -13.13 -32.69 36.33
N LEU P 9 -13.99 -33.30 37.17
CA LEU P 9 -15.30 -33.80 36.76
C LEU P 9 -16.27 -32.66 36.43
N ALA P 10 -16.08 -31.48 37.06
CA ALA P 10 -16.86 -30.26 36.79
C ALA P 10 -16.62 -29.81 35.34
N GLU P 11 -15.37 -29.92 34.86
CA GLU P 11 -14.96 -29.58 33.49
C GLU P 11 -15.61 -30.54 32.49
N ARG P 12 -15.50 -31.87 32.77
CA ARG P 12 -16.05 -32.97 31.98
C ARG P 12 -17.57 -32.89 31.85
N SER P 13 -18.27 -32.52 32.93
CA SER P 13 -19.73 -32.36 32.95
C SER P 13 -20.21 -31.19 32.09
N ALA P 14 -19.47 -30.07 32.13
CA ALA P 14 -19.71 -28.87 31.32
C ALA P 14 -19.48 -29.19 29.83
N GLY P 15 -18.39 -29.93 29.53
CA GLY P 15 -18.09 -30.37 28.18
C GLY P 15 -19.21 -31.22 27.61
N LEU P 16 -19.72 -32.14 28.43
CA LEU P 16 -20.82 -33.04 28.12
C LEU P 16 -22.12 -32.24 27.93
N ALA P 17 -22.31 -31.17 28.73
CA ALA P 17 -23.49 -30.29 28.64
C ALA P 17 -23.56 -29.65 27.27
N PHE P 18 -22.41 -29.09 26.77
CA PHE P 18 -22.36 -28.48 25.45
C PHE P 18 -22.66 -29.53 24.38
N SER P 19 -22.09 -30.74 24.51
CA SER P 19 -22.27 -31.87 23.58
C SER P 19 -23.72 -32.34 23.57
N LEU P 20 -24.34 -32.44 24.75
CA LEU P 20 -25.71 -32.88 24.88
C LEU P 20 -26.67 -31.79 24.41
N TYR P 21 -26.42 -30.51 24.78
CA TYR P 21 -27.24 -29.38 24.34
C TYR P 21 -27.30 -29.36 22.80
N GLN P 22 -26.13 -29.49 22.14
CA GLN P 22 -26.00 -29.47 20.68
C GLN P 22 -26.77 -30.59 20.00
N ALA P 23 -26.72 -31.81 20.57
CA ALA P 23 -27.41 -33.00 20.05
C ALA P 23 -28.92 -32.81 20.08
N MET P 24 -29.42 -32.32 21.21
CA MET P 24 -30.84 -32.04 21.42
C MET P 24 -31.33 -30.87 20.57
N ALA P 25 -30.49 -29.83 20.42
CA ALA P 25 -30.83 -28.64 19.62
C ALA P 25 -31.01 -29.00 18.13
N LYS P 26 -30.31 -30.06 17.67
CA LYS P 26 -30.39 -30.61 16.31
C LYS P 26 -31.70 -31.38 16.09
N ASP P 27 -32.26 -31.96 17.17
CA ASP P 27 -33.52 -32.70 17.15
C ASP P 27 -34.69 -31.70 17.02
N GLN P 28 -35.38 -31.76 15.88
CA GLN P 28 -36.50 -30.88 15.51
C GLN P 28 -37.73 -30.99 16.42
N ALA P 29 -37.87 -32.10 17.16
CA ALA P 29 -38.97 -32.34 18.08
C ALA P 29 -38.79 -31.60 19.42
N VAL P 30 -37.53 -31.17 19.71
CA VAL P 30 -37.16 -30.46 20.94
C VAL P 30 -37.41 -28.95 20.80
N GLU P 31 -38.20 -28.37 21.73
CA GLU P 31 -38.47 -26.92 21.75
C GLU P 31 -37.55 -26.32 22.80
N ASN P 32 -37.99 -26.25 24.06
CA ASN P 32 -37.16 -25.72 25.14
C ASN P 32 -36.14 -26.75 25.62
N ILE P 33 -34.99 -26.27 26.12
CA ILE P 33 -33.92 -27.11 26.66
C ILE P 33 -33.64 -26.65 28.06
N LEU P 34 -33.45 -27.59 28.97
CA LEU P 34 -33.08 -27.31 30.35
C LEU P 34 -32.24 -28.48 30.82
N LEU P 35 -30.92 -28.26 30.94
CA LEU P 35 -29.99 -29.30 31.35
C LEU P 35 -29.11 -28.86 32.51
N SER P 36 -28.97 -29.77 33.50
CA SER P 36 -28.06 -29.59 34.63
C SER P 36 -26.88 -30.54 34.42
N PRO P 37 -25.74 -29.95 33.99
CA PRO P 37 -24.56 -30.79 33.69
C PRO P 37 -24.17 -31.85 34.72
N VAL P 38 -24.13 -31.47 36.01
CA VAL P 38 -23.78 -32.38 37.12
C VAL P 38 -24.78 -33.52 37.23
N VAL P 39 -26.08 -33.18 37.11
CA VAL P 39 -27.18 -34.15 37.18
C VAL P 39 -27.10 -35.13 35.98
N VAL P 40 -26.78 -34.61 34.77
CA VAL P 40 -26.60 -35.44 33.58
C VAL P 40 -25.39 -36.39 33.76
N ALA P 41 -24.30 -35.87 34.33
CA ALA P 41 -23.07 -36.59 34.58
C ALA P 41 -23.32 -37.71 35.61
N SER P 42 -24.10 -37.40 36.68
CA SER P 42 -24.47 -38.33 37.75
C SER P 42 -25.21 -39.55 37.22
N SER P 43 -26.05 -39.32 36.21
CA SER P 43 -26.84 -40.36 35.57
C SER P 43 -25.91 -41.38 34.93
N LEU P 44 -24.81 -40.90 34.31
CA LEU P 44 -23.81 -41.78 33.70
C LEU P 44 -23.03 -42.51 34.81
N GLY P 45 -22.77 -41.79 35.92
CA GLY P 45 -22.10 -42.33 37.09
C GLY P 45 -22.83 -43.53 37.67
N LEU P 46 -24.17 -43.45 37.72
CA LEU P 46 -25.06 -44.51 38.18
C LEU P 46 -25.00 -45.73 37.25
N VAL P 47 -24.89 -45.49 35.92
CA VAL P 47 -24.77 -46.56 34.90
C VAL P 47 -23.43 -47.28 35.10
N SER P 48 -22.36 -46.52 35.40
CA SER P 48 -21.04 -47.07 35.69
C SER P 48 -21.06 -47.87 37.01
N LEU P 49 -21.86 -47.42 37.98
CA LEU P 49 -21.99 -48.04 39.29
C LEU P 49 -22.78 -49.36 39.23
N GLY P 50 -23.91 -49.34 38.52
CA GLY P 50 -24.77 -50.52 38.39
C GLY P 50 -24.48 -51.46 37.24
N GLY P 51 -23.54 -51.08 36.39
CA GLY P 51 -23.18 -51.90 35.24
C GLY P 51 -21.76 -52.40 35.25
N LYS P 52 -21.49 -53.39 34.43
CA LYS P 52 -20.16 -53.94 34.27
C LYS P 52 -19.73 -54.09 32.80
N ALA P 53 -18.41 -54.25 32.59
CA ALA P 53 -17.76 -54.35 31.28
C ALA P 53 -18.07 -53.14 30.38
N THR P 54 -18.57 -53.42 29.16
CA THR P 54 -18.86 -52.44 28.11
C THR P 54 -20.00 -51.47 28.43
N THR P 55 -20.98 -51.90 29.23
CA THR P 55 -22.10 -51.04 29.65
C THR P 55 -21.54 -49.90 30.51
N ALA P 56 -20.68 -50.24 31.50
CA ALA P 56 -20.04 -49.32 32.43
C ALA P 56 -18.96 -48.45 31.79
N SER P 57 -18.08 -49.05 30.96
CA SER P 57 -16.99 -48.34 30.29
C SER P 57 -17.49 -47.29 29.29
N GLN P 58 -18.61 -47.58 28.59
CA GLN P 58 -19.24 -46.65 27.65
C GLN P 58 -19.72 -45.39 28.41
N ALA P 59 -20.31 -45.56 29.61
CA ALA P 59 -20.79 -44.47 30.49
C ALA P 59 -19.64 -43.54 30.86
N LYS P 60 -18.48 -44.14 31.22
CA LYS P 60 -17.25 -43.45 31.59
C LYS P 60 -16.69 -42.66 30.40
N ALA P 61 -16.77 -43.26 29.20
CA ALA P 61 -16.30 -42.68 27.94
C ALA P 61 -17.16 -41.48 27.51
N VAL P 62 -18.50 -41.57 27.66
CA VAL P 62 -19.46 -40.49 27.33
C VAL P 62 -19.14 -39.27 28.22
N LEU P 63 -18.79 -39.55 29.48
CA LEU P 63 -18.42 -38.57 30.48
C LEU P 63 -17.01 -38.03 30.23
N SER P 64 -16.21 -38.74 29.41
CA SER P 64 -14.82 -38.43 29.08
C SER P 64 -13.89 -38.59 30.30
N ALA P 65 -14.35 -39.40 31.29
CA ALA P 65 -13.65 -39.71 32.53
C ALA P 65 -12.99 -41.09 32.49
N GLU P 66 -12.44 -41.43 31.31
CA GLU P 66 -11.72 -42.67 31.04
C GLU P 66 -10.47 -42.74 31.95
N GLN P 67 -9.75 -41.60 32.09
CA GLN P 67 -8.53 -41.43 32.89
C GLN P 67 -8.67 -41.72 34.37
N LEU P 68 -9.82 -41.37 34.95
CA LEU P 68 -10.09 -41.55 36.37
C LEU P 68 -10.69 -42.92 36.65
N ARG P 69 -10.35 -43.50 37.82
CA ARG P 69 -10.88 -44.80 38.26
C ARG P 69 -12.34 -44.65 38.70
N ASP P 70 -13.11 -45.76 38.65
CA ASP P 70 -14.52 -45.81 39.02
C ASP P 70 -14.80 -45.12 40.36
N GLU P 71 -14.01 -45.44 41.40
CA GLU P 71 -14.11 -44.91 42.77
C GLU P 71 -14.13 -43.37 42.86
N GLU P 72 -13.17 -42.69 42.23
CA GLU P 72 -13.08 -41.21 42.27
C GLU P 72 -14.17 -40.53 41.45
N VAL P 73 -14.69 -41.22 40.42
CA VAL P 73 -15.77 -40.71 39.57
C VAL P 73 -17.03 -40.62 40.40
N HIS P 74 -17.35 -41.68 41.18
CA HIS P 74 -18.51 -41.66 42.07
C HIS P 74 -18.33 -40.67 43.22
N ALA P 75 -17.09 -40.55 43.75
CA ALA P 75 -16.76 -39.64 44.85
C ALA P 75 -16.73 -38.17 44.42
N GLY P 76 -16.21 -37.90 43.22
CA GLY P 76 -16.14 -36.55 42.66
C GLY P 76 -17.49 -36.02 42.25
N LEU P 77 -18.30 -36.89 41.60
CA LEU P 77 -19.64 -36.48 41.18
C LEU P 77 -20.50 -36.25 42.41
N GLY P 78 -20.32 -37.09 43.42
CA GLY P 78 -21.01 -37.02 44.69
C GLY P 78 -20.74 -35.72 45.42
N GLU P 79 -19.47 -35.28 45.41
CA GLU P 79 -18.99 -34.03 46.01
C GLU P 79 -19.61 -32.83 45.29
N LEU P 80 -19.64 -32.89 43.93
CA LEU P 80 -20.19 -31.85 43.06
C LEU P 80 -21.68 -31.63 43.33
N LEU P 81 -22.45 -32.74 43.40
CA LEU P 81 -23.88 -32.72 43.69
C LEU P 81 -24.16 -32.10 45.06
N ARG P 82 -23.38 -32.50 46.08
CA ARG P 82 -23.50 -32.01 47.45
C ARG P 82 -23.16 -30.53 47.56
N SER P 83 -22.16 -30.05 46.77
CA SER P 83 -21.73 -28.65 46.72
C SER P 83 -22.85 -27.70 46.30
N LEU P 84 -23.81 -28.18 45.48
CA LEU P 84 -24.97 -27.41 44.99
C LEU P 84 -26.04 -27.26 46.07
N SER P 85 -25.84 -27.84 47.27
CA SER P 85 -26.82 -27.79 48.36
C SER P 85 -26.24 -27.26 49.70
N ASN P 86 -25.55 -26.08 49.64
CA ASN P 86 -24.90 -25.35 50.75
C ASN P 86 -25.77 -25.22 52.00
N THR P 93 -34.40 -21.79 46.07
CA THR P 93 -33.32 -21.69 45.08
C THR P 93 -33.01 -22.96 44.28
N TRP P 94 -32.71 -24.12 44.94
CA TRP P 94 -32.37 -25.36 44.24
C TRP P 94 -32.81 -26.61 44.98
N LYS P 95 -33.63 -27.43 44.31
CA LYS P 95 -34.18 -28.69 44.84
C LYS P 95 -33.89 -29.76 43.80
N LEU P 96 -33.36 -30.89 44.26
CA LEU P 96 -33.04 -32.00 43.37
C LEU P 96 -33.39 -33.34 43.99
N GLY P 97 -33.97 -34.21 43.17
CA GLY P 97 -34.31 -35.58 43.54
C GLY P 97 -33.91 -36.54 42.45
N SER P 98 -33.39 -37.72 42.84
CA SER P 98 -32.99 -38.79 41.95
C SER P 98 -33.61 -40.10 42.42
N ARG P 99 -34.36 -40.75 41.50
CA ARG P 99 -35.04 -42.00 41.81
C ARG P 99 -34.96 -42.98 40.67
N LEU P 100 -34.59 -44.22 41.00
CA LEU P 100 -34.50 -45.32 40.06
C LEU P 100 -35.75 -46.17 40.19
N TYR P 101 -36.53 -46.24 39.11
CA TYR P 101 -37.75 -47.02 39.01
C TYR P 101 -37.50 -48.31 38.20
N GLY P 102 -37.72 -49.45 38.82
CA GLY P 102 -37.56 -50.74 38.18
C GLY P 102 -38.87 -51.51 38.23
N PRO P 103 -39.02 -52.57 37.38
CA PRO P 103 -40.26 -53.36 37.41
C PRO P 103 -40.51 -54.00 38.77
N SER P 104 -41.80 -54.26 39.09
CA SER P 104 -42.23 -54.88 40.37
C SER P 104 -41.50 -56.19 40.70
N SER P 105 -41.21 -56.99 39.65
CA SER P 105 -40.53 -58.27 39.73
C SER P 105 -39.09 -58.17 40.26
N VAL P 106 -38.32 -57.17 39.77
CA VAL P 106 -36.93 -56.96 40.13
C VAL P 106 -36.70 -56.46 41.57
N SER P 107 -35.58 -56.88 42.16
CA SER P 107 -35.10 -56.49 43.48
C SER P 107 -33.68 -55.97 43.29
N PHE P 108 -33.44 -54.70 43.63
CA PHE P 108 -32.13 -54.04 43.48
C PHE P 108 -31.10 -54.66 44.43
N ALA P 109 -29.82 -54.73 44.00
CA ALA P 109 -28.72 -55.26 44.81
C ALA P 109 -28.41 -54.31 45.97
N GLU P 110 -28.32 -54.90 47.18
CA GLU P 110 -28.07 -54.24 48.47
C GLU P 110 -26.87 -53.29 48.44
N ASP P 111 -25.75 -53.74 47.83
CA ASP P 111 -24.50 -53.00 47.72
C ASP P 111 -24.67 -51.78 46.82
N PHE P 112 -25.43 -51.93 45.69
CA PHE P 112 -25.72 -50.87 44.73
C PHE P 112 -26.57 -49.79 45.40
N VAL P 113 -27.62 -50.23 46.13
CA VAL P 113 -28.54 -49.34 46.87
C VAL P 113 -27.74 -48.46 47.86
N ARG P 114 -26.77 -49.04 48.58
CA ARG P 114 -25.93 -48.30 49.53
C ARG P 114 -25.06 -47.27 48.82
N SER P 115 -24.37 -47.66 47.73
CA SER P 115 -23.47 -46.80 46.95
C SER P 115 -24.18 -45.68 46.20
N SER P 116 -25.35 -45.96 45.57
CA SER P 116 -26.13 -44.96 44.84
C SER P 116 -26.74 -43.93 45.77
N LYS P 117 -27.08 -44.34 47.01
CA LYS P 117 -27.60 -43.44 48.02
C LYS P 117 -26.46 -42.60 48.61
N GLN P 118 -25.25 -43.22 48.76
CA GLN P 118 -24.06 -42.59 49.30
C GLN P 118 -23.51 -41.48 48.40
N HIS P 119 -23.27 -41.79 47.12
CA HIS P 119 -22.70 -40.85 46.16
C HIS P 119 -23.71 -40.01 45.41
N TYR P 120 -24.82 -40.61 45.00
CA TYR P 120 -25.78 -39.90 44.16
C TYR P 120 -27.11 -39.50 44.84
N ASN P 121 -27.29 -39.85 46.13
CA ASN P 121 -28.52 -39.64 46.89
C ASN P 121 -29.71 -40.16 46.08
N CYS P 122 -29.49 -41.35 45.49
CA CYS P 122 -30.45 -42.04 44.65
C CYS P 122 -31.40 -42.87 45.48
N GLU P 123 -32.68 -42.71 45.19
CA GLU P 123 -33.78 -43.41 45.83
C GLU P 123 -34.14 -44.59 44.93
N HIS P 124 -34.73 -45.65 45.49
CA HIS P 124 -35.05 -46.84 44.69
C HIS P 124 -36.48 -47.25 44.89
N SER P 125 -37.21 -47.44 43.78
CA SER P 125 -38.62 -47.76 43.83
C SER P 125 -39.01 -48.82 42.82
N LYS P 126 -39.78 -49.81 43.27
CA LYS P 126 -40.28 -50.89 42.42
C LYS P 126 -41.66 -50.44 41.96
N ILE P 127 -41.91 -50.44 40.63
CA ILE P 127 -43.22 -50.04 40.11
C ILE P 127 -43.81 -51.00 39.11
N ASN P 128 -45.14 -51.18 39.16
CA ASN P 128 -45.83 -52.03 38.21
C ASN P 128 -46.31 -51.16 37.06
N PHE P 129 -45.59 -51.23 35.94
CA PHE P 129 -45.84 -50.45 34.73
C PHE P 129 -47.16 -50.81 34.03
N ARG P 130 -47.72 -52.01 34.32
CA ARG P 130 -48.98 -52.48 33.76
C ARG P 130 -50.16 -51.59 34.17
N ASP P 131 -50.12 -51.03 35.40
CA ASP P 131 -51.12 -50.10 35.91
C ASP P 131 -50.57 -48.70 35.60
N LYS P 132 -50.63 -48.34 34.32
CA LYS P 132 -50.11 -47.11 33.72
C LYS P 132 -50.45 -45.83 34.48
N ARG P 133 -51.74 -45.61 34.79
CA ARG P 133 -52.21 -44.43 35.51
C ARG P 133 -51.58 -44.29 36.91
N SER P 134 -51.53 -45.41 37.66
CA SER P 134 -50.95 -45.50 39.00
C SER P 134 -49.44 -45.26 38.96
N ALA P 135 -48.74 -45.85 37.96
CA ALA P 135 -47.29 -45.70 37.78
C ALA P 135 -46.94 -44.24 37.52
N LEU P 136 -47.66 -43.58 36.58
CA LEU P 136 -47.43 -42.16 36.26
C LEU P 136 -47.75 -41.26 37.46
N GLN P 137 -48.81 -41.59 38.23
CA GLN P 137 -49.22 -40.87 39.43
C GLN P 137 -48.09 -40.92 40.48
N SER P 138 -47.48 -42.10 40.67
CA SER P 138 -46.38 -42.30 41.61
C SER P 138 -45.17 -41.44 41.27
N ILE P 139 -44.74 -41.47 39.98
CA ILE P 139 -43.61 -40.69 39.47
C ILE P 139 -43.88 -39.18 39.63
N ASN P 140 -45.07 -38.74 39.21
CA ASN P 140 -45.47 -37.33 39.27
C ASN P 140 -45.62 -36.79 40.71
N GLU P 141 -46.16 -37.61 41.65
CA GLU P 141 -46.30 -37.25 43.07
C GLU P 141 -44.92 -37.10 43.70
N TRP P 142 -43.99 -38.02 43.36
CA TRP P 142 -42.62 -37.98 43.86
C TRP P 142 -41.92 -36.70 43.38
N ALA P 143 -42.05 -36.35 42.09
CA ALA P 143 -41.46 -35.15 41.52
C ALA P 143 -42.04 -33.89 42.13
N ALA P 144 -43.37 -33.87 42.36
CA ALA P 144 -44.07 -32.74 43.00
C ALA P 144 -43.58 -32.52 44.42
N GLN P 145 -43.45 -33.59 45.22
CA GLN P 145 -42.99 -33.43 46.60
C GLN P 145 -41.55 -32.95 46.68
N THR P 146 -40.70 -33.42 45.75
CA THR P 146 -39.28 -33.09 45.61
C THR P 146 -39.11 -31.61 45.33
N THR P 147 -39.98 -31.03 44.49
CA THR P 147 -39.95 -29.63 44.04
C THR P 147 -40.99 -28.76 44.73
N ASP P 148 -41.69 -29.30 45.76
CA ASP P 148 -42.75 -28.60 46.50
C ASP P 148 -43.86 -28.05 45.58
N GLY P 149 -44.27 -28.89 44.63
CA GLY P 149 -45.33 -28.60 43.66
C GLY P 149 -44.95 -27.76 42.46
N LYS P 150 -43.70 -27.30 42.37
CA LYS P 150 -43.21 -26.48 41.27
C LYS P 150 -43.13 -27.25 39.96
N LEU P 151 -42.90 -28.57 40.07
CA LEU P 151 -42.85 -29.48 38.93
C LEU P 151 -43.88 -30.58 39.26
N PRO P 152 -45.15 -30.34 38.88
CA PRO P 152 -46.21 -31.30 39.27
C PRO P 152 -46.30 -32.55 38.40
N GLU P 153 -45.67 -32.55 37.22
CA GLU P 153 -45.73 -33.66 36.29
C GLU P 153 -44.39 -33.86 35.57
N VAL P 154 -43.96 -35.12 35.44
CA VAL P 154 -42.73 -35.46 34.72
C VAL P 154 -43.12 -35.78 33.28
N THR P 155 -43.79 -36.94 33.05
CA THR P 155 -44.23 -37.37 31.73
C THR P 155 -45.69 -37.84 31.78
N LYS P 156 -46.38 -37.71 30.64
CA LYS P 156 -47.77 -38.14 30.50
C LYS P 156 -47.81 -39.60 30.03
N ASP P 157 -46.65 -40.13 29.59
CA ASP P 157 -46.51 -41.50 29.09
C ASP P 157 -45.10 -42.07 29.21
N VAL P 158 -45.04 -43.35 29.63
CA VAL P 158 -43.84 -44.18 29.73
C VAL P 158 -43.90 -45.21 28.59
N GLU P 159 -43.02 -45.03 27.58
CA GLU P 159 -42.96 -45.89 26.40
C GLU P 159 -42.42 -47.28 26.73
N ARG P 160 -41.19 -47.36 27.26
CA ARG P 160 -40.52 -48.61 27.63
C ARG P 160 -40.88 -48.99 29.08
N THR P 161 -41.65 -50.08 29.20
CA THR P 161 -42.25 -50.62 30.42
C THR P 161 -41.54 -51.85 31.01
N ASP P 162 -40.46 -52.31 30.37
CA ASP P 162 -39.71 -53.51 30.78
C ASP P 162 -38.32 -53.27 31.37
N GLY P 163 -37.90 -52.00 31.42
CA GLY P 163 -36.58 -51.65 31.94
C GLY P 163 -36.60 -50.66 33.08
N ALA P 164 -35.40 -50.23 33.47
CA ALA P 164 -35.17 -49.26 34.54
C ALA P 164 -35.32 -47.85 34.02
N LEU P 165 -35.93 -47.01 34.85
CA LEU P 165 -36.23 -45.62 34.58
C LEU P 165 -35.50 -44.78 35.59
N LEU P 166 -34.65 -43.86 35.14
CA LEU P 166 -33.98 -42.96 36.06
C LEU P 166 -34.67 -41.62 35.93
N VAL P 167 -35.18 -41.09 37.05
CA VAL P 167 -35.89 -39.81 37.09
C VAL P 167 -35.14 -38.81 37.95
N ASN P 168 -34.86 -37.64 37.36
CA ASN P 168 -34.23 -36.51 38.04
C ASN P 168 -35.22 -35.39 37.99
N ALA P 169 -35.72 -34.97 39.17
CA ALA P 169 -36.70 -33.90 39.30
C ALA P 169 -36.02 -32.70 39.94
N MET P 170 -36.09 -31.53 39.27
CA MET P 170 -35.41 -30.32 39.73
C MET P 170 -36.22 -29.06 39.75
N PHE P 171 -35.87 -28.19 40.68
CA PHE P 171 -36.43 -26.84 40.78
C PHE P 171 -35.27 -25.90 40.97
N PHE P 172 -35.17 -24.90 40.10
CA PHE P 172 -34.14 -23.88 40.18
C PHE P 172 -34.71 -22.50 40.02
N LYS P 173 -34.40 -21.61 40.95
CA LYS P 173 -34.87 -20.24 40.91
C LYS P 173 -33.70 -19.27 41.12
N PRO P 174 -33.20 -18.61 40.03
CA PRO P 174 -32.08 -17.65 40.22
C PRO P 174 -32.48 -16.48 41.12
N HIS P 175 -31.64 -16.19 42.10
CA HIS P 175 -31.81 -15.08 43.03
C HIS P 175 -30.79 -14.01 42.61
N TRP P 176 -31.27 -12.89 42.08
CA TRP P 176 -30.42 -11.83 41.53
C TRP P 176 -29.60 -11.11 42.57
N ASP P 177 -28.43 -10.61 42.17
CA ASP P 177 -27.59 -9.82 43.07
C ASP P 177 -28.24 -8.43 43.26
N GLU P 178 -28.99 -8.00 42.24
CA GLU P 178 -29.75 -6.76 42.22
C GLU P 178 -31.15 -7.13 41.76
N LYS P 179 -32.07 -7.16 42.71
CA LYS P 179 -33.46 -7.54 42.50
C LYS P 179 -34.20 -6.64 41.51
N PHE P 180 -35.27 -7.18 40.93
CA PHE P 180 -36.20 -6.42 40.08
C PHE P 180 -37.27 -5.88 41.04
N HIS P 181 -37.84 -4.72 40.75
CA HIS P 181 -38.92 -4.16 41.59
C HIS P 181 -40.12 -5.07 41.38
N HIS P 182 -40.74 -5.54 42.49
CA HIS P 182 -41.88 -6.48 42.46
C HIS P 182 -43.08 -5.99 41.64
N LYS P 183 -43.20 -4.66 41.44
CA LYS P 183 -44.28 -4.05 40.68
C LYS P 183 -43.94 -3.83 39.21
N MET P 184 -42.66 -4.03 38.81
CA MET P 184 -42.20 -3.83 37.43
C MET P 184 -42.42 -5.05 36.54
N VAL P 185 -43.67 -5.48 36.53
CA VAL P 185 -44.18 -6.69 35.90
C VAL P 185 -45.42 -6.34 35.10
N ASP P 186 -45.50 -6.81 33.85
CA ASP P 186 -46.63 -6.57 32.95
C ASP P 186 -46.75 -7.63 31.84
N ASN P 187 -47.81 -7.54 31.02
CA ASN P 187 -48.06 -8.51 29.96
C ASN P 187 -47.57 -8.03 28.63
N ARG P 188 -46.78 -8.88 27.97
CA ARG P 188 -46.20 -8.63 26.65
C ARG P 188 -46.40 -9.86 25.76
N GLY P 189 -46.13 -9.69 24.48
CA GLY P 189 -46.20 -10.75 23.50
C GLY P 189 -44.81 -11.30 23.22
N PHE P 190 -44.66 -12.62 23.30
CA PHE P 190 -43.40 -13.31 23.02
C PHE P 190 -43.48 -13.91 21.63
N MET P 191 -42.55 -13.53 20.77
CA MET P 191 -42.50 -14.00 19.40
C MET P 191 -41.74 -15.31 19.29
N VAL P 192 -42.47 -16.43 19.25
CA VAL P 192 -41.93 -17.79 19.12
C VAL P 192 -41.29 -17.87 17.74
N THR P 193 -42.02 -17.37 16.72
CA THR P 193 -41.58 -17.19 15.34
C THR P 193 -42.09 -15.81 14.92
N ARG P 194 -41.75 -15.36 13.72
CA ARG P 194 -42.24 -14.09 13.18
C ARG P 194 -43.78 -14.10 13.02
N SER P 195 -44.37 -15.30 12.85
CA SER P 195 -45.79 -15.53 12.64
C SER P 195 -46.53 -16.08 13.87
N TYR P 196 -45.79 -16.46 14.91
CA TYR P 196 -46.40 -17.02 16.12
C TYR P 196 -46.03 -16.23 17.38
N THR P 197 -47.05 -15.61 18.03
CA THR P 197 -46.90 -14.81 19.26
C THR P 197 -47.71 -15.43 20.40
N VAL P 198 -47.08 -15.52 21.56
CA VAL P 198 -47.66 -16.07 22.78
C VAL P 198 -47.65 -14.97 23.87
N GLY P 199 -48.74 -14.86 24.59
CA GLY P 199 -48.88 -13.89 25.68
C GLY P 199 -48.13 -14.34 26.91
N VAL P 200 -47.15 -13.52 27.37
CA VAL P 200 -46.33 -13.80 28.55
C VAL P 200 -46.37 -12.66 29.56
N THR P 201 -45.89 -12.94 30.77
CA THR P 201 -45.72 -11.93 31.80
C THR P 201 -44.24 -11.54 31.72
N MET P 202 -43.95 -10.23 31.71
CA MET P 202 -42.56 -9.78 31.66
C MET P 202 -42.18 -8.98 32.88
N MET P 203 -40.93 -9.15 33.32
CA MET P 203 -40.34 -8.40 34.42
C MET P 203 -39.28 -7.51 33.83
N HIS P 204 -39.18 -6.27 34.35
CA HIS P 204 -38.27 -5.26 33.79
C HIS P 204 -37.35 -4.64 34.83
N ARG P 205 -36.14 -4.26 34.38
CA ARG P 205 -35.15 -3.59 35.22
C ARG P 205 -34.06 -2.88 34.42
N THR P 206 -33.75 -1.64 34.83
CA THR P 206 -32.61 -0.90 34.28
C THR P 206 -31.51 -0.95 35.33
N GLY P 207 -30.34 -1.40 34.95
CA GLY P 207 -29.20 -1.46 35.83
C GLY P 207 -27.89 -1.49 35.07
N LEU P 208 -26.80 -1.55 35.82
CA LEU P 208 -25.46 -1.66 35.26
C LEU P 208 -25.15 -3.14 35.11
N TYR P 209 -24.91 -3.58 33.87
CA TYR P 209 -24.63 -4.98 33.58
C TYR P 209 -23.51 -5.10 32.59
N ASN P 210 -22.80 -6.25 32.65
CA ASN P 210 -21.76 -6.62 31.71
C ASN P 210 -22.52 -6.99 30.44
N TYR P 211 -22.20 -6.27 29.38
CA TYR P 211 -22.93 -6.37 28.12
C TYR P 211 -22.00 -6.28 26.93
N TYR P 212 -22.41 -6.97 25.86
CA TYR P 212 -21.72 -6.98 24.59
C TYR P 212 -22.70 -7.20 23.45
N ASP P 213 -22.58 -6.35 22.44
CA ASP P 213 -23.39 -6.40 21.24
C ASP P 213 -22.45 -6.71 20.05
N ASP P 214 -22.58 -7.92 19.47
CA ASP P 214 -21.77 -8.38 18.35
C ASP P 214 -22.47 -7.96 17.06
N GLU P 215 -22.00 -6.85 16.46
CA GLU P 215 -22.58 -6.31 15.23
C GLU P 215 -22.36 -7.26 14.06
N LYS P 216 -21.25 -8.00 14.10
CA LYS P 216 -20.83 -8.99 13.08
C LYS P 216 -21.73 -10.24 13.16
N GLU P 217 -21.85 -10.84 14.34
CA GLU P 217 -22.65 -12.05 14.50
C GLU P 217 -24.14 -11.80 14.81
N LYS P 218 -24.57 -10.52 14.85
CA LYS P 218 -25.94 -10.05 15.06
C LYS P 218 -26.63 -10.65 16.28
N LEU P 219 -25.96 -10.54 17.43
CA LEU P 219 -26.44 -11.05 18.70
C LEU P 219 -26.08 -10.11 19.87
N GLN P 220 -26.76 -10.27 20.99
CA GLN P 220 -26.49 -9.54 22.22
C GLN P 220 -26.23 -10.56 23.30
N ILE P 221 -25.34 -10.20 24.22
CA ILE P 221 -25.00 -11.04 25.35
C ILE P 221 -24.93 -10.19 26.62
N VAL P 222 -25.67 -10.62 27.65
CA VAL P 222 -25.74 -9.94 28.94
C VAL P 222 -25.43 -10.92 30.07
N GLU P 223 -24.70 -10.44 31.08
CA GLU P 223 -24.34 -11.18 32.27
C GLU P 223 -25.12 -10.61 33.44
N MET P 224 -25.96 -11.46 34.06
CA MET P 224 -26.77 -11.09 35.20
C MET P 224 -26.23 -11.80 36.43
N PRO P 225 -25.47 -11.07 37.29
CA PRO P 225 -24.91 -11.70 38.49
C PRO P 225 -25.99 -12.17 39.44
N LEU P 226 -25.72 -13.33 40.07
CA LEU P 226 -26.63 -13.96 41.01
C LEU P 226 -26.18 -13.59 42.41
N ALA P 227 -27.06 -13.78 43.42
CA ALA P 227 -26.80 -13.40 44.81
C ALA P 227 -25.36 -13.61 45.25
N HIS P 228 -24.77 -12.51 45.73
CA HIS P 228 -23.40 -12.45 46.24
C HIS P 228 -22.31 -12.73 45.22
N LYS P 229 -22.63 -12.52 43.92
CA LYS P 229 -21.76 -12.68 42.76
C LYS P 229 -21.01 -14.03 42.70
N LEU P 230 -21.64 -15.09 43.24
CA LEU P 230 -21.05 -16.43 43.30
C LEU P 230 -21.18 -17.18 41.97
N SER P 231 -22.24 -16.83 41.22
CA SER P 231 -22.55 -17.32 39.90
C SER P 231 -23.24 -16.21 39.10
N SER P 232 -23.41 -16.44 37.78
CA SER P 232 -24.05 -15.49 36.88
C SER P 232 -24.87 -16.18 35.83
N LEU P 233 -26.01 -15.58 35.52
CA LEU P 233 -26.83 -16.06 34.45
C LEU P 233 -26.46 -15.25 33.22
N ILE P 234 -25.98 -15.96 32.19
CA ILE P 234 -25.60 -15.32 30.93
C ILE P 234 -26.70 -15.58 29.90
N ILE P 235 -27.20 -14.53 29.24
CA ILE P 235 -28.23 -14.64 28.20
C ILE P 235 -27.68 -14.21 26.86
N LEU P 236 -27.87 -15.07 25.84
CA LEU P 236 -27.44 -14.91 24.45
C LEU P 236 -28.68 -14.83 23.59
N MET P 237 -28.82 -13.74 22.84
CA MET P 237 -30.01 -13.56 22.04
C MET P 237 -29.70 -12.91 20.70
N PRO P 238 -30.29 -13.43 19.58
CA PRO P 238 -30.07 -12.76 18.28
C PRO P 238 -30.75 -11.40 18.26
N HIS P 239 -30.29 -10.54 17.34
CA HIS P 239 -30.89 -9.20 17.16
C HIS P 239 -32.35 -9.35 16.62
N HIS P 240 -32.52 -10.18 15.58
CA HIS P 240 -33.79 -10.48 14.92
C HIS P 240 -34.42 -11.77 15.49
N VAL P 241 -35.76 -11.93 15.35
CA VAL P 241 -36.49 -13.17 15.72
C VAL P 241 -36.08 -14.18 14.63
N GLU P 242 -35.31 -15.18 15.01
CA GLU P 242 -34.81 -16.20 14.08
C GLU P 242 -34.62 -17.50 14.83
N PRO P 243 -34.58 -18.67 14.12
CA PRO P 243 -34.31 -19.94 14.83
C PRO P 243 -32.91 -19.90 15.42
N LEU P 244 -32.76 -20.45 16.62
CA LEU P 244 -31.50 -20.43 17.36
C LEU P 244 -30.35 -21.21 16.74
N GLU P 245 -30.62 -22.02 15.69
CA GLU P 245 -29.65 -22.84 14.94
C GLU P 245 -28.33 -22.10 14.62
N ARG P 246 -28.43 -20.90 14.02
CA ARG P 246 -27.28 -20.08 13.65
C ARG P 246 -26.44 -19.72 14.87
N LEU P 247 -27.12 -19.28 15.97
CA LEU P 247 -26.46 -18.93 17.23
C LEU P 247 -25.87 -20.12 17.97
N GLU P 248 -26.49 -21.31 17.83
CA GLU P 248 -26.06 -22.56 18.42
C GLU P 248 -24.77 -23.08 17.78
N LYS P 249 -24.57 -22.76 16.49
CA LYS P 249 -23.36 -23.11 15.72
C LYS P 249 -22.15 -22.37 16.32
N LEU P 250 -22.39 -21.14 16.83
CA LEU P 250 -21.38 -20.26 17.46
C LEU P 250 -21.11 -20.62 18.92
N LEU P 251 -22.10 -21.21 19.60
CA LEU P 251 -21.99 -21.55 21.01
C LEU P 251 -21.02 -22.70 21.34
N THR P 252 -19.78 -22.31 21.69
CA THR P 252 -18.72 -23.21 22.11
C THR P 252 -18.15 -22.67 23.42
N LYS P 253 -17.38 -23.50 24.15
CA LYS P 253 -16.73 -23.10 25.40
C LYS P 253 -15.75 -21.92 25.14
N GLU P 254 -15.04 -21.98 23.99
CA GLU P 254 -14.05 -21.01 23.53
C GLU P 254 -14.69 -19.68 23.11
N GLN P 255 -15.81 -19.75 22.37
CA GLN P 255 -16.52 -18.56 21.88
C GLN P 255 -17.18 -17.81 23.02
N LEU P 256 -17.69 -18.54 24.03
CA LEU P 256 -18.29 -17.96 25.22
C LEU P 256 -17.22 -17.16 25.98
N LYS P 257 -15.99 -17.72 26.06
CA LYS P 257 -14.85 -17.08 26.70
C LYS P 257 -14.48 -15.78 25.95
N ILE P 258 -14.53 -15.79 24.59
CA ILE P 258 -14.24 -14.63 23.74
C ILE P 258 -15.27 -13.51 24.02
N TRP P 259 -16.56 -13.85 23.98
CA TRP P 259 -17.67 -12.93 24.23
C TRP P 259 -17.58 -12.29 25.60
N MET P 260 -17.26 -13.08 26.62
CA MET P 260 -17.15 -12.62 28.00
C MET P 260 -16.04 -11.65 28.28
N GLY P 261 -14.95 -11.76 27.52
CA GLY P 261 -13.82 -10.85 27.59
C GLY P 261 -14.10 -9.53 26.90
N LYS P 262 -15.06 -9.55 25.94
CA LYS P 262 -15.47 -8.37 25.19
C LYS P 262 -16.56 -7.56 25.90
N MET P 263 -17.20 -8.16 26.93
CA MET P 263 -18.27 -7.52 27.72
C MET P 263 -17.75 -6.35 28.53
N GLN P 264 -18.58 -5.32 28.66
CA GLN P 264 -18.29 -4.10 29.42
C GLN P 264 -19.53 -3.73 30.24
N LYS P 265 -19.31 -3.17 31.44
CA LYS P 265 -20.40 -2.74 32.29
C LYS P 265 -21.05 -1.50 31.70
N LYS P 266 -22.30 -1.62 31.30
CA LYS P 266 -23.09 -0.56 30.69
C LYS P 266 -24.45 -0.51 31.34
N ALA P 267 -25.19 0.59 31.12
CA ALA P 267 -26.57 0.72 31.55
C ALA P 267 -27.38 -0.15 30.57
N VAL P 268 -28.11 -1.14 31.08
CA VAL P 268 -28.91 -2.05 30.25
C VAL P 268 -30.33 -2.10 30.81
N ALA P 269 -31.33 -1.97 29.92
CA ALA P 269 -32.75 -2.09 30.27
C ALA P 269 -33.17 -3.50 29.88
N ILE P 270 -33.27 -4.38 30.88
CA ILE P 270 -33.60 -5.80 30.72
C ILE P 270 -35.09 -6.03 30.86
N SER P 271 -35.65 -6.85 29.97
CA SER P 271 -37.04 -7.31 30.00
C SER P 271 -37.00 -8.81 29.74
N LEU P 272 -37.43 -9.59 30.73
CA LEU P 272 -37.40 -11.06 30.67
C LEU P 272 -38.76 -11.63 30.94
N PRO P 273 -39.09 -12.79 30.31
CA PRO P 273 -40.35 -13.45 30.67
C PRO P 273 -40.29 -13.91 32.14
N LYS P 274 -41.39 -13.74 32.86
CA LYS P 274 -41.53 -14.07 34.27
C LYS P 274 -42.45 -15.29 34.41
N GLY P 275 -42.02 -16.22 35.24
CA GLY P 275 -42.78 -17.44 35.45
C GLY P 275 -41.91 -18.67 35.45
N VAL P 276 -42.57 -19.79 35.68
CA VAL P 276 -41.92 -21.08 35.74
C VAL P 276 -41.93 -21.69 34.34
N VAL P 277 -40.78 -22.19 33.91
CA VAL P 277 -40.63 -22.92 32.64
C VAL P 277 -40.44 -24.38 33.05
N GLU P 278 -41.35 -25.27 32.63
CA GLU P 278 -41.30 -26.70 32.94
C GLU P 278 -40.83 -27.48 31.71
N VAL P 279 -39.70 -28.19 31.83
CA VAL P 279 -39.14 -28.99 30.73
C VAL P 279 -38.80 -30.38 31.19
N THR P 280 -39.28 -31.40 30.44
CA THR P 280 -38.95 -32.80 30.70
C THR P 280 -38.30 -33.37 29.46
N HIS P 281 -37.08 -33.85 29.63
CA HIS P 281 -36.29 -34.48 28.58
C HIS P 281 -36.09 -35.93 28.92
N ASP P 282 -36.14 -36.79 27.91
CA ASP P 282 -35.76 -38.20 28.06
C ASP P 282 -34.43 -38.24 27.33
N LEU P 283 -33.35 -38.28 28.12
CA LEU P 283 -31.99 -38.21 27.61
C LEU P 283 -31.50 -39.50 26.99
N GLN P 284 -32.31 -40.58 27.09
CA GLN P 284 -32.02 -41.91 26.57
C GLN P 284 -31.44 -41.99 25.16
N LYS P 285 -32.14 -41.47 24.13
CA LYS P 285 -31.62 -41.53 22.76
C LYS P 285 -30.42 -40.62 22.52
N HIS P 286 -30.36 -39.50 23.25
CA HIS P 286 -29.30 -38.51 23.15
C HIS P 286 -28.00 -39.01 23.74
N LEU P 287 -28.07 -39.69 24.90
CA LEU P 287 -26.90 -40.28 25.54
C LEU P 287 -26.38 -41.45 24.71
N ALA P 288 -27.29 -42.20 24.04
CA ALA P 288 -26.93 -43.33 23.18
C ALA P 288 -26.20 -42.87 21.93
N GLY P 289 -26.60 -41.68 21.43
CA GLY P 289 -25.97 -41.01 20.29
C GLY P 289 -24.58 -40.49 20.62
N LEU P 290 -24.34 -40.18 21.91
CA LEU P 290 -23.07 -39.70 22.44
C LEU P 290 -22.12 -40.87 22.80
N GLY P 291 -22.62 -42.12 22.70
CA GLY P 291 -21.83 -43.32 22.98
C GLY P 291 -22.37 -44.33 23.97
N LEU P 292 -23.53 -44.07 24.60
CA LEU P 292 -24.14 -44.99 25.59
C LEU P 292 -25.17 -45.90 24.89
N THR P 293 -24.68 -46.75 23.97
CA THR P 293 -25.53 -47.65 23.16
C THR P 293 -25.93 -48.95 23.84
N GLU P 294 -25.00 -49.57 24.60
CA GLU P 294 -25.21 -50.85 25.28
C GLU P 294 -26.21 -50.78 26.43
N ALA P 295 -26.10 -49.74 27.28
CA ALA P 295 -26.98 -49.57 28.43
C ALA P 295 -28.46 -49.46 28.07
N ILE P 296 -28.77 -48.86 26.91
CA ILE P 296 -30.16 -48.62 26.45
C ILE P 296 -30.79 -49.75 25.61
N ASP P 297 -29.98 -50.73 25.18
CA ASP P 297 -30.46 -51.87 24.39
C ASP P 297 -30.64 -53.08 25.31
N LYS P 298 -31.88 -53.61 25.36
CA LYS P 298 -32.28 -54.76 26.17
C LYS P 298 -31.40 -56.03 26.02
N ASN P 299 -30.90 -56.29 24.80
CA ASN P 299 -30.07 -57.46 24.50
C ASN P 299 -28.61 -57.32 24.96
N LYS P 300 -28.00 -56.13 24.77
CA LYS P 300 -26.59 -55.88 25.11
C LYS P 300 -26.34 -55.40 26.54
N ALA P 301 -27.36 -54.80 27.18
CA ALA P 301 -27.25 -54.24 28.53
C ALA P 301 -26.78 -55.20 29.59
N ASP P 302 -25.83 -54.74 30.41
CA ASP P 302 -25.26 -55.48 31.52
C ASP P 302 -25.40 -54.62 32.77
N LEU P 303 -26.53 -54.77 33.47
CA LEU P 303 -26.81 -54.04 34.72
C LEU P 303 -26.95 -55.07 35.84
N SER P 304 -26.04 -56.05 35.84
CA SER P 304 -25.95 -57.15 36.80
C SER P 304 -25.55 -56.68 38.19
N ARG P 305 -24.75 -55.56 38.29
CA ARG P 305 -24.31 -54.98 39.57
C ARG P 305 -25.47 -54.28 40.28
N MET P 306 -26.47 -53.86 39.47
CA MET P 306 -27.65 -53.13 39.87
C MET P 306 -28.71 -54.03 40.53
N SER P 307 -28.88 -55.26 40.02
CA SER P 307 -29.89 -56.20 40.52
C SER P 307 -29.44 -57.65 40.60
N GLY P 308 -28.95 -58.17 39.47
CA GLY P 308 -28.51 -59.56 39.32
C GLY P 308 -29.15 -60.21 38.09
N LYS P 309 -29.92 -59.40 37.32
CA LYS P 309 -30.59 -59.84 36.09
C LYS P 309 -30.10 -59.12 34.84
N LYS P 310 -29.69 -59.96 33.87
CA LYS P 310 -29.14 -59.67 32.55
C LYS P 310 -30.14 -58.90 31.68
N ASP P 311 -31.46 -59.23 31.81
CA ASP P 311 -32.57 -58.63 31.07
C ASP P 311 -32.79 -57.12 31.35
N LEU P 312 -32.39 -56.64 32.55
CA LEU P 312 -32.53 -55.25 32.99
C LEU P 312 -31.71 -54.28 32.14
N TYR P 313 -32.37 -53.26 31.59
CA TYR P 313 -31.76 -52.25 30.74
C TYR P 313 -32.24 -50.84 31.11
N LEU P 314 -31.57 -49.80 30.57
CA LEU P 314 -31.94 -48.42 30.82
C LEU P 314 -32.96 -47.93 29.80
N ALA P 315 -34.24 -47.93 30.22
CA ALA P 315 -35.38 -47.56 29.40
C ALA P 315 -35.46 -46.06 29.16
N SER P 316 -35.30 -45.26 30.23
CA SER P 316 -35.35 -43.79 30.16
C SER P 316 -34.44 -43.13 31.16
N VAL P 317 -34.08 -41.87 30.87
CA VAL P 317 -33.30 -40.97 31.72
C VAL P 317 -34.06 -39.66 31.68
N PHE P 318 -35.05 -39.52 32.57
CA PHE P 318 -35.85 -38.30 32.65
C PHE P 318 -35.14 -37.20 33.41
N HIS P 319 -34.95 -36.08 32.73
CA HIS P 319 -34.33 -34.87 33.25
C HIS P 319 -35.45 -33.82 33.22
N ALA P 320 -36.16 -33.72 34.35
CA ALA P 320 -37.32 -32.84 34.51
C ALA P 320 -36.98 -31.67 35.39
N THR P 321 -37.14 -30.46 34.84
CA THR P 321 -36.77 -29.22 35.52
C THR P 321 -37.89 -28.19 35.49
N ALA P 322 -38.05 -27.46 36.60
CA ALA P 322 -38.93 -26.32 36.75
C ALA P 322 -37.96 -25.16 37.03
N PHE P 323 -37.78 -24.30 36.03
CA PHE P 323 -36.89 -23.15 36.14
C PHE P 323 -37.75 -21.91 36.27
N GLU P 324 -37.68 -21.26 37.45
CA GLU P 324 -38.48 -20.07 37.71
C GLU P 324 -37.75 -18.75 37.52
N TRP P 325 -38.34 -17.88 36.69
CA TRP P 325 -37.86 -16.54 36.44
C TRP P 325 -38.75 -15.65 37.29
N ASP P 326 -38.16 -15.01 38.31
CA ASP P 326 -38.85 -14.14 39.25
C ASP P 326 -38.04 -12.88 39.52
N THR P 327 -38.69 -11.86 40.12
CA THR P 327 -38.10 -10.55 40.44
C THR P 327 -37.15 -10.56 41.63
N GLU P 328 -37.33 -11.54 42.55
CA GLU P 328 -36.59 -11.66 43.80
C GLU P 328 -35.08 -11.74 43.67
N GLY P 329 -34.42 -11.00 44.55
CA GLY P 329 -32.97 -10.90 44.63
C GLY P 329 -32.55 -10.05 45.83
N ASN P 330 -31.25 -9.73 45.93
CA ASN P 330 -30.74 -8.90 47.02
C ASN P 330 -31.12 -7.42 46.79
N PRO P 331 -31.34 -6.63 47.86
CA PRO P 331 -31.66 -5.22 47.65
C PRO P 331 -30.44 -4.43 47.22
N PHE P 332 -30.66 -3.25 46.64
CA PHE P 332 -29.56 -2.38 46.22
C PHE P 332 -29.85 -0.90 46.52
N ASP P 333 -28.84 -0.03 46.38
CA ASP P 333 -28.95 1.42 46.60
C ASP P 333 -29.77 2.11 45.49
N GLN P 334 -30.97 2.62 45.82
CA GLN P 334 -31.89 3.24 44.85
C GLN P 334 -31.47 4.61 44.26
N ASP P 335 -30.36 5.20 44.76
CA ASP P 335 -29.84 6.47 44.23
C ASP P 335 -28.98 6.28 42.96
N ILE P 336 -28.81 5.02 42.49
CA ILE P 336 -28.04 4.70 41.27
C ILE P 336 -28.69 5.33 40.03
N TYR P 337 -30.02 5.48 40.07
CA TYR P 337 -30.83 6.03 38.98
C TYR P 337 -30.60 7.51 38.68
N GLY P 338 -30.18 8.27 39.70
CA GLY P 338 -29.84 9.70 39.57
C GLY P 338 -28.48 9.95 38.93
N ARG P 339 -27.63 8.90 38.90
CA ARG P 339 -26.28 8.90 38.35
C ARG P 339 -26.25 8.87 36.81
N GLU P 340 -25.27 9.59 36.22
CA GLU P 340 -24.97 9.72 34.79
C GLU P 340 -24.83 8.34 34.08
N GLU P 341 -24.35 7.32 34.83
CA GLU P 341 -24.13 5.95 34.38
C GLU P 341 -25.40 5.29 33.89
N LEU P 342 -26.53 5.53 34.59
CA LEU P 342 -27.81 4.87 34.27
C LEU P 342 -28.68 5.49 33.19
N ARG P 343 -28.22 6.62 32.64
CA ARG P 343 -28.87 7.32 31.55
C ARG P 343 -28.58 6.54 30.23
N SER P 344 -29.51 6.67 29.25
CA SER P 344 -29.47 6.09 27.88
C SER P 344 -29.08 4.59 27.80
N PRO P 345 -29.88 3.71 28.41
CA PRO P 345 -29.53 2.29 28.42
C PRO P 345 -29.69 1.55 27.10
N LYS P 346 -28.94 0.44 26.97
CA LYS P 346 -29.04 -0.51 25.87
C LYS P 346 -30.28 -1.37 26.19
N LEU P 347 -30.94 -1.88 25.17
CA LEU P 347 -32.09 -2.72 25.43
C LEU P 347 -31.72 -4.17 25.34
N PHE P 348 -32.18 -4.95 26.30
CA PHE P 348 -32.08 -6.40 26.25
C PHE P 348 -33.50 -6.88 26.48
N TYR P 349 -34.29 -6.78 25.41
CA TYR P 349 -35.72 -7.09 25.38
C TYR P 349 -35.92 -8.52 24.88
N ALA P 350 -35.99 -9.45 25.83
CA ALA P 350 -36.14 -10.87 25.55
C ALA P 350 -37.57 -11.31 25.23
N ASP P 351 -38.08 -10.87 24.04
CA ASP P 351 -39.43 -11.22 23.58
C ASP P 351 -39.41 -12.20 22.41
N HIS P 352 -38.26 -12.88 22.23
CA HIS P 352 -38.03 -13.88 21.17
C HIS P 352 -37.01 -14.92 21.71
N PRO P 353 -36.88 -16.12 21.08
CA PRO P 353 -35.97 -17.15 21.63
C PRO P 353 -34.53 -16.75 21.96
N PHE P 354 -34.06 -17.22 23.11
CA PHE P 354 -32.72 -16.95 23.62
C PHE P 354 -32.11 -18.20 24.27
N ILE P 355 -30.78 -18.19 24.41
CA ILE P 355 -29.99 -19.22 25.08
C ILE P 355 -29.52 -18.61 26.39
N PHE P 356 -29.39 -19.44 27.40
CA PHE P 356 -28.92 -18.97 28.69
C PHE P 356 -28.12 -20.07 29.40
N LEU P 357 -27.11 -19.65 30.15
CA LEU P 357 -26.24 -20.52 30.97
C LEU P 357 -26.20 -19.95 32.36
N VAL P 358 -26.13 -20.85 33.36
CA VAL P 358 -25.88 -20.48 34.76
C VAL P 358 -24.49 -21.02 34.99
N ARG P 359 -23.56 -20.10 35.21
CA ARG P 359 -22.14 -20.40 35.33
C ARG P 359 -21.58 -19.95 36.69
N ASP P 360 -20.76 -20.80 37.33
CA ASP P 360 -20.06 -20.43 38.57
C ASP P 360 -18.96 -19.45 38.14
N THR P 361 -19.05 -18.17 38.60
CA THR P 361 -18.13 -17.08 38.24
C THR P 361 -16.65 -17.34 38.46
N GLN P 362 -16.31 -18.16 39.46
CA GLN P 362 -14.93 -18.51 39.73
C GLN P 362 -14.39 -19.69 38.90
N SER P 363 -14.95 -20.91 39.12
CA SER P 363 -14.55 -22.14 38.44
C SER P 363 -14.89 -22.19 36.96
N GLY P 364 -16.00 -21.57 36.59
CA GLY P 364 -16.48 -21.58 35.22
C GLY P 364 -17.40 -22.73 34.97
N SER P 365 -17.63 -23.57 36.01
CA SER P 365 -18.49 -24.74 35.99
C SER P 365 -19.93 -24.36 35.68
N LEU P 366 -20.52 -25.12 34.77
CA LEU P 366 -21.86 -24.92 34.28
C LEU P 366 -22.88 -25.59 35.20
N LEU P 367 -23.74 -24.75 35.79
CA LEU P 367 -24.81 -25.21 36.66
C LEU P 367 -26.03 -25.59 35.79
N PHE P 368 -26.24 -24.78 34.73
CA PHE P 368 -27.32 -24.94 33.78
C PHE P 368 -26.97 -24.49 32.39
N ILE P 369 -27.62 -25.10 31.42
CA ILE P 369 -27.55 -24.73 30.01
C ILE P 369 -28.93 -25.01 29.48
N GLY P 370 -29.48 -24.02 28.80
CA GLY P 370 -30.81 -24.16 28.25
C GLY P 370 -31.13 -23.12 27.22
N ARG P 371 -32.37 -23.16 26.76
CA ARG P 371 -32.91 -22.22 25.80
C ARG P 371 -34.41 -22.08 25.99
N LEU P 372 -34.90 -20.84 25.85
CA LEU P 372 -36.32 -20.58 25.91
C LEU P 372 -36.77 -20.26 24.51
N VAL P 373 -37.56 -21.16 23.94
CA VAL P 373 -38.07 -21.08 22.58
C VAL P 373 -39.59 -20.82 22.63
N ARG P 374 -40.30 -21.58 23.46
CA ARG P 374 -41.74 -21.51 23.58
C ARG P 374 -42.17 -21.44 25.05
N PRO P 375 -42.43 -20.23 25.58
CA PRO P 375 -42.89 -20.12 26.97
C PRO P 375 -44.36 -20.53 27.08
N LYS P 376 -44.82 -20.82 28.32
CA LYS P 376 -46.22 -21.18 28.54
C LYS P 376 -47.09 -19.93 28.43
N GLY P 377 -48.17 -20.05 27.67
CA GLY P 377 -49.11 -18.97 27.42
C GLY P 377 -49.93 -19.24 26.18
N ASP P 378 -50.98 -18.42 25.99
CA ASP P 378 -51.88 -18.59 24.87
C ASP P 378 -51.44 -17.81 23.64
N LYS P 379 -51.68 -18.40 22.44
CA LYS P 379 -51.39 -17.80 21.14
C LYS P 379 -52.22 -16.51 20.96
N MET P 380 -51.56 -15.43 20.50
CA MET P 380 -52.17 -14.12 20.24
C MET P 380 -52.34 -13.93 18.73
N ARG P 381 -52.99 -12.83 18.30
CA ARG P 381 -53.18 -12.53 16.88
C ARG P 381 -52.48 -11.24 16.47
N MET Q 1 -81.62 18.11 30.73
CA MET Q 1 -81.86 17.21 29.60
C MET Q 1 -82.33 17.94 28.34
N LEU Q 2 -81.91 17.44 27.16
CA LEU Q 2 -82.30 17.95 25.85
C LEU Q 2 -83.80 17.76 25.64
N SER Q 3 -84.44 18.76 24.99
CA SER Q 3 -85.86 18.75 24.63
C SER Q 3 -86.10 17.73 23.50
N PRO Q 4 -87.34 17.22 23.25
CA PRO Q 4 -87.53 16.21 22.18
C PRO Q 4 -87.11 16.68 20.78
N LYS Q 5 -87.31 17.97 20.48
CA LYS Q 5 -86.95 18.59 19.20
C LYS Q 5 -85.42 18.67 19.03
N ALA Q 6 -84.69 19.08 20.09
CA ALA Q 6 -83.24 19.17 20.08
C ALA Q 6 -82.62 17.77 19.96
N ALA Q 7 -83.23 16.78 20.64
CA ALA Q 7 -82.85 15.37 20.63
C ALA Q 7 -82.94 14.78 19.22
N THR Q 8 -84.04 15.10 18.49
CA THR Q 8 -84.26 14.65 17.12
C THR Q 8 -83.20 15.26 16.20
N LEU Q 9 -82.94 16.58 16.33
CA LEU Q 9 -81.95 17.27 15.51
C LEU Q 9 -80.52 16.74 15.79
N ALA Q 10 -80.25 16.24 17.02
CA ALA Q 10 -78.95 15.66 17.37
C ALA Q 10 -78.63 14.40 16.53
N GLU Q 11 -79.63 13.51 16.33
CA GLU Q 11 -79.43 12.34 15.46
C GLU Q 11 -79.39 12.72 13.96
N ARG Q 12 -80.22 13.69 13.55
CA ARG Q 12 -80.24 14.19 12.17
C ARG Q 12 -78.90 14.81 11.77
N SER Q 13 -78.27 15.59 12.69
CA SER Q 13 -76.97 16.25 12.50
C SER Q 13 -75.87 15.22 12.36
N ALA Q 14 -75.91 14.16 13.19
CA ALA Q 14 -74.96 13.05 13.17
C ALA Q 14 -75.10 12.29 11.84
N GLY Q 15 -76.34 12.04 11.41
CA GLY Q 15 -76.65 11.39 10.14
C GLY Q 15 -76.10 12.15 8.96
N LEU Q 16 -76.24 13.49 9.00
CA LEU Q 16 -75.74 14.42 8.01
C LEU Q 16 -74.23 14.45 8.03
N ALA Q 17 -73.61 14.33 9.23
CA ALA Q 17 -72.15 14.31 9.39
C ALA Q 17 -71.58 13.12 8.61
N PHE Q 18 -72.19 11.92 8.76
CA PHE Q 18 -71.75 10.73 8.03
C PHE Q 18 -71.90 10.90 6.53
N SER Q 19 -73.04 11.48 6.09
CA SER Q 19 -73.34 11.76 4.68
C SER Q 19 -72.36 12.75 4.10
N LEU Q 20 -72.04 13.82 4.86
CA LEU Q 20 -71.09 14.85 4.43
C LEU Q 20 -69.67 14.31 4.43
N TYR Q 21 -69.27 13.57 5.50
CA TYR Q 21 -67.94 12.97 5.61
C TYR Q 21 -67.67 12.11 4.37
N GLN Q 22 -68.64 11.24 4.02
CA GLN Q 22 -68.57 10.33 2.88
C GLN Q 22 -68.38 11.02 1.53
N ALA Q 23 -69.14 12.11 1.31
CA ALA Q 23 -69.09 12.91 0.09
C ALA Q 23 -67.71 13.53 -0.08
N MET Q 24 -67.19 14.15 0.99
CA MET Q 24 -65.86 14.78 1.02
C MET Q 24 -64.73 13.75 0.87
N ALA Q 25 -64.89 12.57 1.51
CA ALA Q 25 -63.90 11.50 1.45
C ALA Q 25 -63.72 10.95 0.02
N LYS Q 26 -64.78 11.02 -0.83
CA LYS Q 26 -64.59 10.57 -2.22
C LYS Q 26 -63.97 11.63 -3.12
N ASP Q 27 -64.07 12.92 -2.71
CA ASP Q 27 -63.42 14.02 -3.41
C ASP Q 27 -61.90 13.87 -3.19
N GLN Q 28 -61.19 13.56 -4.29
CA GLN Q 28 -59.75 13.33 -4.30
C GLN Q 28 -58.89 14.55 -3.96
N ALA Q 29 -59.47 15.76 -4.01
CA ALA Q 29 -58.78 17.02 -3.65
C ALA Q 29 -58.72 17.22 -2.11
N VAL Q 30 -59.59 16.49 -1.36
CA VAL Q 30 -59.69 16.57 0.09
C VAL Q 30 -58.67 15.64 0.77
N GLU Q 31 -57.84 16.20 1.67
CA GLU Q 31 -56.87 15.43 2.46
C GLU Q 31 -57.49 15.19 3.84
N ASN Q 32 -57.23 16.08 4.80
CA ASN Q 32 -57.79 15.97 6.14
C ASN Q 32 -59.24 16.42 6.16
N ILE Q 33 -60.03 15.82 7.07
CA ILE Q 33 -61.45 16.15 7.26
C ILE Q 33 -61.69 16.49 8.74
N LEU Q 34 -62.43 17.57 8.99
CA LEU Q 34 -62.76 18.00 10.35
C LEU Q 34 -64.13 18.64 10.28
N LEU Q 35 -65.15 17.93 10.75
CA LEU Q 35 -66.54 18.38 10.72
C LEU Q 35 -67.20 18.37 12.09
N SER Q 36 -67.93 19.46 12.41
CA SER Q 36 -68.71 19.57 13.63
C SER Q 36 -70.18 19.49 13.19
N PRO Q 37 -70.79 18.30 13.39
CA PRO Q 37 -72.18 18.08 12.94
C PRO Q 37 -73.19 19.18 13.28
N VAL Q 38 -73.18 19.67 14.54
CA VAL Q 38 -74.11 20.73 14.99
C VAL Q 38 -73.85 22.03 14.24
N VAL Q 39 -72.56 22.38 14.06
CA VAL Q 39 -72.16 23.58 13.33
C VAL Q 39 -72.57 23.48 11.84
N VAL Q 40 -72.41 22.29 11.24
CA VAL Q 40 -72.83 22.03 9.85
C VAL Q 40 -74.36 22.19 9.74
N ALA Q 41 -75.09 21.63 10.73
CA ALA Q 41 -76.53 21.67 10.80
C ALA Q 41 -77.03 23.09 10.93
N SER Q 42 -76.36 23.91 11.78
CA SER Q 42 -76.69 25.31 12.04
C SER Q 42 -76.57 26.16 10.78
N SER Q 43 -75.61 25.83 9.92
CA SER Q 43 -75.39 26.50 8.64
C SER Q 43 -76.61 26.31 7.74
N LEU Q 44 -77.21 25.11 7.76
CA LEU Q 44 -78.42 24.82 7.01
C LEU Q 44 -79.59 25.56 7.61
N GLY Q 45 -79.61 25.63 8.95
CA GLY Q 45 -80.62 26.36 9.72
C GLY Q 45 -80.68 27.82 9.34
N LEU Q 46 -79.50 28.45 9.13
CA LEU Q 46 -79.36 29.84 8.70
C LEU Q 46 -79.90 30.05 7.30
N VAL Q 47 -79.69 29.06 6.39
CA VAL Q 47 -80.20 29.11 5.02
C VAL Q 47 -81.73 29.06 5.07
N SER Q 48 -82.29 28.21 5.95
CA SER Q 48 -83.73 28.09 6.16
C SER Q 48 -84.30 29.39 6.75
N LEU Q 49 -83.47 30.09 7.57
CA LEU Q 49 -83.81 31.34 8.24
C LEU Q 49 -83.82 32.57 7.31
N GLY Q 50 -82.77 32.72 6.49
CA GLY Q 50 -82.63 33.82 5.54
C GLY Q 50 -83.23 33.55 4.17
N GLY Q 51 -83.68 32.31 3.96
CA GLY Q 51 -84.28 31.89 2.70
C GLY Q 51 -85.77 31.70 2.72
N LYS Q 52 -86.36 31.67 1.51
CA LYS Q 52 -87.78 31.47 1.24
C LYS Q 52 -87.97 30.33 0.24
N ALA Q 53 -89.19 29.74 0.21
CA ALA Q 53 -89.63 28.69 -0.71
C ALA Q 53 -88.67 27.50 -0.85
N THR Q 54 -88.20 27.20 -2.08
CA THR Q 54 -87.32 26.08 -2.42
C THR Q 54 -85.90 26.21 -1.85
N THR Q 55 -85.39 27.45 -1.67
CA THR Q 55 -84.07 27.68 -1.09
C THR Q 55 -84.07 27.16 0.37
N ALA Q 56 -85.12 27.53 1.13
CA ALA Q 56 -85.31 27.17 2.54
C ALA Q 56 -85.69 25.71 2.74
N SER Q 57 -86.65 25.19 1.93
CA SER Q 57 -87.13 23.80 2.02
C SER Q 57 -86.02 22.78 1.72
N GLN Q 58 -85.12 23.10 0.76
CA GLN Q 58 -83.98 22.25 0.39
C GLN Q 58 -83.07 22.04 1.60
N ALA Q 59 -82.76 23.10 2.37
CA ALA Q 59 -81.93 23.03 3.59
C ALA Q 59 -82.54 22.08 4.64
N LYS Q 60 -83.88 22.11 4.85
CA LYS Q 60 -84.57 21.23 5.81
C LYS Q 60 -84.44 19.76 5.37
N ALA Q 61 -84.58 19.53 4.04
CA ALA Q 61 -84.47 18.23 3.37
C ALA Q 61 -83.06 17.65 3.48
N VAL Q 62 -82.01 18.50 3.39
CA VAL Q 62 -80.58 18.12 3.52
C VAL Q 62 -80.32 17.68 4.96
N LEU Q 63 -80.93 18.39 5.92
CA LEU Q 63 -80.84 18.13 7.36
C LEU Q 63 -81.64 16.89 7.74
N SER Q 64 -82.56 16.45 6.83
CA SER Q 64 -83.50 15.32 7.00
C SER Q 64 -84.52 15.62 8.12
N ALA Q 65 -84.67 16.93 8.43
CA ALA Q 65 -85.52 17.47 9.48
C ALA Q 65 -86.90 17.95 8.96
N GLU Q 66 -87.38 17.35 7.84
CA GLU Q 66 -88.63 17.68 7.16
C GLU Q 66 -89.85 17.59 8.08
N GLN Q 67 -89.77 16.72 9.12
CA GLN Q 67 -90.77 16.44 10.16
C GLN Q 67 -91.00 17.60 11.10
N LEU Q 68 -89.97 18.42 11.30
CA LEU Q 68 -89.99 19.56 12.19
C LEU Q 68 -90.42 20.85 11.50
N ARG Q 69 -91.19 21.67 12.22
CA ARG Q 69 -91.59 23.01 11.76
C ARG Q 69 -90.33 23.86 11.76
N ASP Q 70 -90.31 24.98 11.02
CA ASP Q 70 -89.17 25.90 10.96
C ASP Q 70 -88.75 26.38 12.35
N GLU Q 71 -89.74 26.82 13.17
CA GLU Q 71 -89.55 27.26 14.56
C GLU Q 71 -88.82 26.19 15.41
N GLU Q 72 -89.20 24.91 15.24
CA GLU Q 72 -88.63 23.76 15.93
C GLU Q 72 -87.18 23.56 15.57
N VAL Q 73 -86.85 23.75 14.27
CA VAL Q 73 -85.52 23.59 13.70
C VAL Q 73 -84.60 24.66 14.29
N HIS Q 74 -84.99 25.94 14.23
CA HIS Q 74 -84.18 27.06 14.74
C HIS Q 74 -83.96 27.03 16.24
N ALA Q 75 -85.04 26.82 17.02
CA ALA Q 75 -84.97 26.73 18.48
C ALA Q 75 -84.23 25.47 18.93
N GLY Q 76 -84.48 24.35 18.23
CA GLY Q 76 -83.84 23.07 18.52
C GLY Q 76 -82.34 23.07 18.25
N LEU Q 77 -81.90 23.68 17.11
CA LEU Q 77 -80.48 23.78 16.74
C LEU Q 77 -79.78 24.76 17.68
N GLY Q 78 -80.50 25.82 18.07
CA GLY Q 78 -80.00 26.84 19.00
C GLY Q 78 -79.70 26.25 20.36
N GLU Q 79 -80.59 25.34 20.83
CA GLU Q 79 -80.48 24.59 22.10
C GLU Q 79 -79.27 23.64 22.05
N LEU Q 80 -79.09 22.96 20.89
CA LEU Q 80 -77.98 22.03 20.66
C LEU Q 80 -76.65 22.74 20.71
N LEU Q 81 -76.52 23.89 20.02
CA LEU Q 81 -75.32 24.72 20.01
C LEU Q 81 -74.94 25.16 21.43
N ARG Q 82 -75.94 25.61 22.20
CA ARG Q 82 -75.76 26.06 23.59
C ARG Q 82 -75.32 24.90 24.51
N SER Q 83 -75.87 23.69 24.27
CA SER Q 83 -75.56 22.48 25.04
C SER Q 83 -74.08 22.05 24.89
N LEU Q 84 -73.44 22.37 23.74
CA LEU Q 84 -72.03 22.07 23.55
C LEU Q 84 -71.07 23.12 24.14
N SER Q 85 -71.59 24.00 25.02
CA SER Q 85 -70.85 25.02 25.77
C SER Q 85 -71.22 24.99 27.29
N ASN Q 86 -71.19 23.77 27.87
CA ASN Q 86 -71.50 23.51 29.28
C ASN Q 86 -70.24 23.19 30.10
N ASN Q 91 -63.80 20.10 32.34
CA ASN Q 91 -64.29 20.68 31.09
C ASN Q 91 -63.18 20.78 30.01
N VAL Q 92 -63.56 20.44 28.77
CA VAL Q 92 -62.74 20.40 27.57
C VAL Q 92 -62.81 21.80 26.86
N THR Q 93 -61.71 22.23 26.19
CA THR Q 93 -61.62 23.52 25.50
C THR Q 93 -62.29 23.48 24.13
N TRP Q 94 -63.24 24.40 23.94
CA TRP Q 94 -64.04 24.55 22.74
C TRP Q 94 -64.43 26.00 22.52
N LYS Q 95 -64.04 26.53 21.37
CA LYS Q 95 -64.31 27.92 20.96
C LYS Q 95 -64.99 27.88 19.59
N LEU Q 96 -66.11 28.61 19.45
CA LEU Q 96 -66.88 28.67 18.21
C LEU Q 96 -67.34 30.08 17.85
N GLY Q 97 -67.21 30.42 16.57
CA GLY Q 97 -67.65 31.68 15.99
C GLY Q 97 -68.36 31.45 14.67
N SER Q 98 -69.44 32.22 14.43
CA SER Q 98 -70.23 32.20 13.18
C SER Q 98 -70.43 33.61 12.68
N ARG Q 99 -69.97 33.87 11.44
CA ARG Q 99 -70.08 35.20 10.84
C ARG Q 99 -70.51 35.13 9.39
N LEU Q 100 -71.49 35.96 9.02
CA LEU Q 100 -71.99 36.09 7.68
C LEU Q 100 -71.36 37.32 7.03
N TYR Q 101 -70.61 37.10 5.96
CA TYR Q 101 -69.95 38.15 5.20
C TYR Q 101 -70.70 38.38 3.88
N GLY Q 102 -71.17 39.59 3.69
CA GLY Q 102 -71.88 39.96 2.47
C GLY Q 102 -71.17 41.10 1.77
N PRO Q 103 -71.48 41.34 0.47
CA PRO Q 103 -70.83 42.47 -0.24
C PRO Q 103 -71.12 43.81 0.42
N SER Q 104 -70.21 44.78 0.22
CA SER Q 104 -70.31 46.14 0.77
C SER Q 104 -71.64 46.84 0.46
N SER Q 105 -72.18 46.58 -0.75
CA SER Q 105 -73.44 47.12 -1.25
C SER Q 105 -74.67 46.70 -0.44
N VAL Q 106 -74.73 45.40 -0.06
CA VAL Q 106 -75.84 44.82 0.68
C VAL Q 106 -75.93 45.23 2.15
N SER Q 107 -77.18 45.35 2.65
CA SER Q 107 -77.53 45.68 4.03
C SER Q 107 -78.44 44.54 4.51
N PHE Q 108 -78.04 43.83 5.56
CA PHE Q 108 -78.80 42.70 6.12
C PHE Q 108 -80.08 43.19 6.76
N ALA Q 109 -81.15 42.37 6.65
CA ALA Q 109 -82.46 42.70 7.22
C ALA Q 109 -82.36 42.67 8.75
N GLU Q 110 -82.92 43.71 9.42
CA GLU Q 110 -82.92 43.88 10.87
C GLU Q 110 -83.51 42.70 11.63
N ASP Q 111 -84.61 42.13 11.09
CA ASP Q 111 -85.29 40.96 11.65
C ASP Q 111 -84.43 39.70 11.53
N PHE Q 112 -83.72 39.53 10.37
CA PHE Q 112 -82.81 38.41 10.12
C PHE Q 112 -81.64 38.45 11.11
N VAL Q 113 -81.05 39.66 11.31
CA VAL Q 113 -79.93 39.92 12.23
C VAL Q 113 -80.32 39.52 13.66
N ARG Q 114 -81.56 39.85 14.07
CA ARG Q 114 -82.12 39.51 15.38
C ARG Q 114 -82.23 38.00 15.59
N SER Q 115 -82.83 37.28 14.64
CA SER Q 115 -83.05 35.84 14.69
C SER Q 115 -81.78 34.98 14.58
N SER Q 116 -80.86 35.34 13.67
CA SER Q 116 -79.59 34.63 13.45
C SER Q 116 -78.67 34.77 14.66
N LYS Q 117 -78.75 35.92 15.36
CA LYS Q 117 -77.99 36.17 16.58
C LYS Q 117 -78.63 35.43 17.77
N GLN Q 118 -79.97 35.34 17.79
CA GLN Q 118 -80.76 34.69 18.84
C GLN Q 118 -80.55 33.18 18.85
N HIS Q 119 -80.73 32.52 17.70
CA HIS Q 119 -80.62 31.06 17.58
C HIS Q 119 -79.22 30.55 17.29
N TYR Q 120 -78.51 31.23 16.37
CA TYR Q 120 -77.22 30.74 15.92
C TYR Q 120 -75.98 31.51 16.39
N ASN Q 121 -76.18 32.61 17.16
CA ASN Q 121 -75.10 33.51 17.62
C ASN Q 121 -74.26 33.95 16.41
N CYS Q 122 -74.98 34.26 15.31
CA CYS Q 122 -74.38 34.67 14.07
C CYS Q 122 -74.10 36.15 14.05
N GLU Q 123 -72.89 36.48 13.63
CA GLU Q 123 -72.38 37.85 13.52
C GLU Q 123 -72.56 38.28 12.06
N HIS Q 124 -72.63 39.59 11.79
CA HIS Q 124 -72.85 40.08 10.41
C HIS Q 124 -71.86 41.15 10.02
N SER Q 125 -71.20 40.96 8.87
CA SER Q 125 -70.17 41.88 8.40
C SER Q 125 -70.25 42.17 6.90
N LYS Q 126 -70.13 43.45 6.54
CA LYS Q 126 -70.14 43.88 5.14
C LYS Q 126 -68.68 43.94 4.70
N ILE Q 127 -68.32 43.29 3.60
CA ILE Q 127 -66.94 43.32 3.10
C ILE Q 127 -66.82 43.61 1.60
N ASN Q 128 -65.79 44.38 1.21
CA ASN Q 128 -65.53 44.64 -0.20
C ASN Q 128 -64.52 43.60 -0.67
N PHE Q 129 -65.03 42.62 -1.41
CA PHE Q 129 -64.27 41.49 -1.92
C PHE Q 129 -63.19 41.82 -2.93
N ARG Q 130 -63.35 42.94 -3.66
CA ARG Q 130 -62.36 43.35 -4.64
C ARG Q 130 -61.00 43.70 -3.99
N ASP Q 131 -60.99 44.21 -2.75
CA ASP Q 131 -59.75 44.45 -2.01
C ASP Q 131 -59.43 43.12 -1.31
N LYS Q 132 -59.00 42.10 -2.10
CA LYS Q 132 -58.71 40.72 -1.66
C LYS Q 132 -57.81 40.62 -0.44
N ARG Q 133 -56.65 41.30 -0.43
CA ARG Q 133 -55.77 41.21 0.73
C ARG Q 133 -56.42 41.69 2.02
N SER Q 134 -57.15 42.83 1.96
CA SER Q 134 -57.88 43.41 3.09
C SER Q 134 -59.04 42.49 3.53
N ALA Q 135 -59.81 41.95 2.55
CA ALA Q 135 -60.93 41.04 2.78
C ALA Q 135 -60.46 39.77 3.54
N LEU Q 136 -59.38 39.12 3.01
CA LEU Q 136 -58.80 37.92 3.62
C LEU Q 136 -58.25 38.22 5.01
N GLN Q 137 -57.59 39.40 5.19
CA GLN Q 137 -57.05 39.85 6.47
C GLN Q 137 -58.17 39.97 7.51
N SER Q 138 -59.33 40.56 7.13
CA SER Q 138 -60.49 40.73 8.00
C SER Q 138 -61.06 39.39 8.47
N ILE Q 139 -61.27 38.45 7.52
CA ILE Q 139 -61.78 37.11 7.81
C ILE Q 139 -60.82 36.35 8.73
N ASN Q 140 -59.51 36.38 8.40
CA ASN Q 140 -58.48 35.69 9.17
C ASN Q 140 -58.27 36.25 10.58
N GLU Q 141 -58.34 37.59 10.74
CA GLU Q 141 -58.23 38.26 12.04
C GLU Q 141 -59.42 37.88 12.92
N TRP Q 142 -60.64 37.83 12.32
CA TRP Q 142 -61.85 37.45 13.04
C TRP Q 142 -61.75 36.01 13.54
N ALA Q 143 -61.30 35.08 12.68
CA ALA Q 143 -61.13 33.67 13.03
C ALA Q 143 -60.07 33.50 14.11
N ALA Q 144 -58.95 34.23 13.99
CA ALA Q 144 -57.89 34.14 14.98
C ALA Q 144 -58.35 34.67 16.33
N GLN Q 145 -59.11 35.78 16.36
CA GLN Q 145 -59.65 36.35 17.59
C GLN Q 145 -60.57 35.37 18.32
N THR Q 146 -61.42 34.67 17.52
CA THR Q 146 -62.44 33.69 17.93
C THR Q 146 -61.81 32.45 18.60
N THR Q 147 -60.68 31.99 18.09
CA THR Q 147 -59.99 30.78 18.53
C THR Q 147 -58.70 31.10 19.33
N ASP Q 148 -58.55 32.36 19.79
CA ASP Q 148 -57.39 32.86 20.52
C ASP Q 148 -56.05 32.52 19.85
N GLY Q 149 -56.04 32.72 18.54
CA GLY Q 149 -54.88 32.53 17.66
C GLY Q 149 -54.58 31.11 17.26
N LYS Q 150 -55.38 30.13 17.73
CA LYS Q 150 -55.16 28.71 17.40
C LYS Q 150 -55.49 28.39 15.94
N LEU Q 151 -56.40 29.18 15.36
CA LEU Q 151 -56.76 29.10 13.95
C LEU Q 151 -56.48 30.50 13.37
N PRO Q 152 -55.22 30.75 12.93
CA PRO Q 152 -54.88 32.10 12.47
C PRO Q 152 -55.29 32.43 11.03
N GLU Q 153 -55.64 31.42 10.23
CA GLU Q 153 -56.03 31.62 8.84
C GLU Q 153 -57.18 30.72 8.44
N VAL Q 154 -58.17 31.26 7.71
CA VAL Q 154 -59.32 30.49 7.21
C VAL Q 154 -58.97 30.04 5.78
N THR Q 155 -58.97 30.97 4.82
CA THR Q 155 -58.62 30.67 3.44
C THR Q 155 -57.58 31.65 2.90
N LYS Q 156 -56.81 31.18 1.91
CA LYS Q 156 -55.79 31.98 1.24
C LYS Q 156 -56.41 32.70 0.06
N ASP Q 157 -57.64 32.30 -0.35
CA ASP Q 157 -58.36 32.89 -1.48
C ASP Q 157 -59.88 32.69 -1.42
N VAL Q 158 -60.61 33.75 -1.79
CA VAL Q 158 -62.07 33.78 -1.93
C VAL Q 158 -62.40 33.81 -3.46
N GLU Q 159 -62.91 32.68 -3.98
CA GLU Q 159 -63.23 32.51 -5.41
C GLU Q 159 -64.42 33.36 -5.86
N ARG Q 160 -65.62 33.06 -5.32
CA ARG Q 160 -66.88 33.76 -5.61
C ARG Q 160 -66.94 35.02 -4.74
N THR Q 161 -66.98 36.18 -5.40
CA THR Q 161 -66.90 37.51 -4.80
C THR Q 161 -68.20 38.35 -4.83
N ASP Q 162 -69.29 37.78 -5.36
CA ASP Q 162 -70.59 38.46 -5.51
C ASP Q 162 -71.71 37.97 -4.57
N GLY Q 163 -71.43 36.97 -3.74
CA GLY Q 163 -72.41 36.41 -2.83
C GLY Q 163 -72.02 36.45 -1.36
N ALA Q 164 -72.86 35.83 -0.52
CA ALA Q 164 -72.67 35.74 0.93
C ALA Q 164 -71.74 34.59 1.31
N LEU Q 165 -70.87 34.84 2.29
CA LEU Q 165 -69.94 33.84 2.83
C LEU Q 165 -70.33 33.58 4.26
N LEU Q 166 -70.48 32.31 4.60
CA LEU Q 166 -70.73 31.92 5.96
C LEU Q 166 -69.43 31.32 6.48
N VAL Q 167 -68.89 31.88 7.56
CA VAL Q 167 -67.63 31.40 8.13
C VAL Q 167 -67.88 30.88 9.54
N ASN Q 168 -67.43 29.65 9.80
CA ASN Q 168 -67.48 29.02 11.11
C ASN Q 168 -66.05 28.76 11.49
N ALA Q 169 -65.57 29.41 12.56
CA ALA Q 169 -64.21 29.25 13.07
C ALA Q 169 -64.27 28.50 14.40
N MET Q 170 -63.52 27.38 14.50
CA MET Q 170 -63.52 26.54 15.71
C MET Q 170 -62.16 26.13 16.24
N PHE Q 171 -62.08 25.98 17.57
CA PHE Q 171 -60.93 25.44 18.28
C PHE Q 171 -61.42 24.40 19.21
N PHE Q 172 -60.87 23.19 19.11
CA PHE Q 172 -61.22 22.09 19.98
C PHE Q 172 -59.97 21.36 20.50
N LYS Q 173 -59.88 21.23 21.83
CA LYS Q 173 -58.76 20.52 22.43
C LYS Q 173 -59.28 19.44 23.39
N PRO Q 174 -59.22 18.15 23.00
CA PRO Q 174 -59.65 17.09 23.94
C PRO Q 174 -58.78 17.04 25.19
N HIS Q 175 -59.43 17.02 26.35
CA HIS Q 175 -58.78 16.92 27.66
C HIS Q 175 -59.05 15.48 28.13
N TRP Q 176 -58.01 14.64 28.17
CA TRP Q 176 -58.12 13.22 28.49
C TRP Q 176 -58.54 12.96 29.92
N ASP Q 177 -59.23 11.82 30.15
CA ASP Q 177 -59.63 11.42 31.48
C ASP Q 177 -58.38 10.91 32.22
N GLU Q 178 -57.43 10.38 31.45
CA GLU Q 178 -56.14 9.90 31.93
C GLU Q 178 -55.10 10.53 31.01
N LYS Q 179 -54.43 11.55 31.55
CA LYS Q 179 -53.41 12.32 30.84
C LYS Q 179 -52.22 11.47 30.36
N PHE Q 180 -51.51 11.98 29.35
CA PHE Q 180 -50.28 11.38 28.86
C PHE Q 180 -49.17 12.05 29.68
N HIS Q 181 -48.07 11.31 29.96
CA HIS Q 181 -46.93 11.86 30.66
C HIS Q 181 -46.33 12.92 29.72
N HIS Q 182 -46.09 14.14 30.27
CA HIS Q 182 -45.55 15.28 29.50
C HIS Q 182 -44.22 15.00 28.81
N LYS Q 183 -43.45 14.02 29.29
CA LYS Q 183 -42.14 13.66 28.76
C LYS Q 183 -42.20 12.53 27.76
N MET Q 184 -43.35 11.84 27.65
CA MET Q 184 -43.52 10.70 26.73
C MET Q 184 -43.91 11.16 25.34
N VAL Q 185 -43.05 12.02 24.81
CA VAL Q 185 -43.20 12.73 23.53
C VAL Q 185 -41.89 12.63 22.80
N ASP Q 186 -41.93 12.20 21.53
CA ASP Q 186 -40.73 12.07 20.68
C ASP Q 186 -41.04 12.23 19.19
N ASN Q 187 -40.00 12.22 18.35
CA ASN Q 187 -40.15 12.38 16.92
C ASN Q 187 -40.19 11.08 16.18
N ARG Q 188 -41.26 10.91 15.38
CA ARG Q 188 -41.49 9.72 14.57
C ARG Q 188 -41.88 10.13 13.16
N GLY Q 189 -41.87 9.16 12.25
CA GLY Q 189 -42.29 9.32 10.86
C GLY Q 189 -43.73 8.92 10.69
N PHE Q 190 -44.54 9.82 10.12
CA PHE Q 190 -45.95 9.55 9.81
C PHE Q 190 -46.03 9.21 8.31
N MET Q 191 -46.56 8.04 7.99
CA MET Q 191 -46.68 7.59 6.60
C MET Q 191 -47.97 8.08 5.96
N VAL Q 192 -47.85 9.17 5.21
CA VAL Q 192 -48.97 9.79 4.49
C VAL Q 192 -49.38 8.80 3.40
N THR Q 193 -48.39 8.29 2.67
CA THR Q 193 -48.52 7.26 1.64
C THR Q 193 -47.34 6.32 1.82
N ARG Q 194 -47.28 5.27 0.96
CA ARG Q 194 -46.16 4.34 1.00
C ARG Q 194 -44.87 4.99 0.50
N SER Q 195 -44.98 6.10 -0.25
CA SER Q 195 -43.81 6.84 -0.76
C SER Q 195 -43.52 8.14 0.04
N TYR Q 196 -44.47 8.57 0.87
CA TYR Q 196 -44.37 9.84 1.58
C TYR Q 196 -44.48 9.71 3.08
N THR Q 197 -43.37 10.07 3.76
CA THR Q 197 -43.25 10.10 5.21
C THR Q 197 -42.95 11.52 5.69
N VAL Q 198 -43.71 11.96 6.67
CA VAL Q 198 -43.61 13.28 7.27
C VAL Q 198 -43.18 13.12 8.72
N GLY Q 199 -42.21 13.94 9.13
CA GLY Q 199 -41.74 14.00 10.51
C GLY Q 199 -42.75 14.66 11.43
N VAL Q 200 -43.23 13.91 12.42
CA VAL Q 200 -44.19 14.40 13.38
C VAL Q 200 -43.67 14.21 14.80
N THR Q 201 -44.32 14.87 15.76
CA THR Q 201 -44.07 14.67 17.17
C THR Q 201 -45.17 13.68 17.59
N MET Q 202 -44.78 12.62 18.32
CA MET Q 202 -45.75 11.66 18.80
C MET Q 202 -45.78 11.63 20.31
N MET Q 203 -46.98 11.45 20.86
CA MET Q 203 -47.20 11.30 22.29
C MET Q 203 -47.60 9.85 22.54
N HIS Q 204 -47.11 9.27 23.64
CA HIS Q 204 -47.33 7.85 23.95
C HIS Q 204 -47.93 7.60 25.32
N ARG Q 205 -48.73 6.53 25.42
CA ARG Q 205 -49.34 6.11 26.68
C ARG Q 205 -49.83 4.67 26.65
N THR Q 206 -49.52 3.91 27.70
CA THR Q 206 -50.07 2.57 27.90
C THR Q 206 -51.10 2.71 29.01
N GLY Q 207 -52.32 2.27 28.72
CA GLY Q 207 -53.42 2.29 29.67
C GLY Q 207 -54.51 1.31 29.34
N LEU Q 208 -55.56 1.30 30.15
CA LEU Q 208 -56.72 0.45 29.95
C LEU Q 208 -57.72 1.23 29.12
N TYR Q 209 -58.04 0.72 27.93
CA TYR Q 209 -58.96 1.37 27.01
C TYR Q 209 -59.91 0.37 26.39
N ASN Q 210 -61.11 0.85 26.00
CA ASN Q 210 -62.11 0.07 25.28
C ASN Q 210 -61.54 -0.08 23.90
N TYR Q 211 -61.38 -1.34 23.49
CA TYR Q 211 -60.71 -1.67 22.25
C TYR Q 211 -61.37 -2.84 21.56
N TYR Q 212 -61.29 -2.85 20.24
CA TYR Q 212 -61.78 -3.92 19.39
C TYR Q 212 -60.94 -4.04 18.14
N ASP Q 213 -60.63 -5.31 17.84
CA ASP Q 213 -59.91 -5.77 16.66
C ASP Q 213 -60.89 -6.51 15.79
N ASP Q 214 -61.12 -6.01 14.58
CA ASP Q 214 -61.96 -6.74 13.64
C ASP Q 214 -61.03 -7.52 12.74
N GLU Q 215 -60.89 -8.82 13.05
CA GLU Q 215 -60.02 -9.74 12.33
C GLU Q 215 -60.43 -9.90 10.88
N LYS Q 216 -61.75 -9.84 10.63
CA LYS Q 216 -62.36 -9.97 9.32
C LYS Q 216 -62.12 -8.72 8.47
N GLU Q 217 -62.46 -7.54 9.00
CA GLU Q 217 -62.32 -6.28 8.28
C GLU Q 217 -60.94 -5.61 8.38
N LYS Q 218 -60.00 -6.27 9.11
CA LYS Q 218 -58.62 -5.83 9.29
C LYS Q 218 -58.45 -4.37 9.74
N LEU Q 219 -59.13 -4.04 10.84
CA LEU Q 219 -59.09 -2.71 11.44
C LEU Q 219 -59.06 -2.76 12.98
N GLN Q 220 -58.64 -1.65 13.62
CA GLN Q 220 -58.64 -1.47 15.07
C GLN Q 220 -59.48 -0.25 15.40
N ILE Q 221 -60.14 -0.32 16.53
CA ILE Q 221 -60.97 0.75 17.04
C ILE Q 221 -60.72 0.90 18.53
N VAL Q 222 -60.37 2.12 18.96
CA VAL Q 222 -60.09 2.46 20.35
C VAL Q 222 -60.94 3.63 20.82
N GLU Q 223 -61.40 3.58 22.09
CA GLU Q 223 -62.19 4.63 22.72
C GLU Q 223 -61.34 5.27 23.79
N MET Q 224 -61.08 6.58 23.64
CA MET Q 224 -60.29 7.37 24.58
C MET Q 224 -61.22 8.33 25.33
N PRO Q 225 -61.57 7.98 26.59
CA PRO Q 225 -62.50 8.84 27.36
C PRO Q 225 -61.91 10.21 27.63
N LEU Q 226 -62.74 11.24 27.55
CA LEU Q 226 -62.34 12.60 27.82
C LEU Q 226 -62.65 12.92 29.28
N ALA Q 227 -62.17 14.07 29.79
CA ALA Q 227 -62.31 14.47 31.20
C ALA Q 227 -63.67 14.17 31.81
N HIS Q 228 -63.65 13.41 32.91
CA HIS Q 228 -64.81 13.01 33.71
C HIS Q 228 -65.81 12.12 32.95
N LYS Q 229 -65.33 11.41 31.91
CA LYS Q 229 -66.07 10.47 31.08
C LYS Q 229 -67.39 11.03 30.49
N LEU Q 230 -67.42 12.37 30.26
CA LEU Q 230 -68.57 13.09 29.72
C LEU Q 230 -68.69 12.96 28.21
N SER Q 231 -67.55 12.71 27.56
CA SER Q 231 -67.44 12.45 26.13
C SER Q 231 -66.25 11.51 25.90
N SER Q 232 -66.14 11.00 24.69
CA SER Q 232 -65.02 10.12 24.30
C SER Q 232 -64.57 10.42 22.88
N LEU Q 233 -63.28 10.18 22.62
CA LEU Q 233 -62.71 10.28 21.31
C LEU Q 233 -62.51 8.83 20.81
N ILE Q 234 -63.17 8.47 19.71
CA ILE Q 234 -63.08 7.14 19.11
C ILE Q 234 -62.17 7.23 17.88
N ILE Q 235 -61.15 6.37 17.80
CA ILE Q 235 -60.22 6.31 16.67
C ILE Q 235 -60.33 4.96 15.94
N LEU Q 236 -60.50 5.01 14.60
CA LEU Q 236 -60.63 3.87 13.70
C LEU Q 236 -59.42 3.86 12.79
N MET Q 237 -58.74 2.74 12.71
CA MET Q 237 -57.55 2.66 11.86
C MET Q 237 -57.37 1.27 11.26
N PRO Q 238 -56.99 1.17 9.96
CA PRO Q 238 -56.71 -0.16 9.38
C PRO Q 238 -55.48 -0.76 10.04
N HIS Q 239 -55.47 -2.10 10.19
CA HIS Q 239 -54.36 -2.81 10.81
C HIS Q 239 -53.11 -2.56 9.99
N HIS Q 240 -53.28 -2.70 8.67
CA HIS Q 240 -52.24 -2.50 7.68
C HIS Q 240 -52.23 -1.04 7.25
N VAL Q 241 -51.05 -0.52 6.87
CA VAL Q 241 -50.89 0.87 6.41
C VAL Q 241 -51.39 0.94 4.95
N GLU Q 242 -52.58 1.59 4.74
CA GLU Q 242 -53.34 1.66 3.48
C GLU Q 242 -54.26 2.89 3.41
N PRO Q 243 -54.70 3.32 2.20
CA PRO Q 243 -55.64 4.47 2.12
C PRO Q 243 -56.95 4.12 2.81
N LEU Q 244 -57.52 5.12 3.46
CA LEU Q 244 -58.77 5.05 4.25
C LEU Q 244 -60.05 4.62 3.50
N GLU Q 245 -60.03 4.66 2.16
CA GLU Q 245 -61.13 4.34 1.26
C GLU Q 245 -61.91 3.06 1.64
N ARG Q 246 -61.20 1.96 1.83
CA ARG Q 246 -61.77 0.66 2.16
C ARG Q 246 -62.55 0.69 3.49
N LEU Q 247 -61.92 1.29 4.51
CA LEU Q 247 -62.49 1.46 5.83
C LEU Q 247 -63.70 2.43 5.82
N GLU Q 248 -63.62 3.49 4.99
CA GLU Q 248 -64.67 4.50 4.85
C GLU Q 248 -65.94 3.89 4.29
N LYS Q 249 -65.80 2.83 3.46
CA LYS Q 249 -66.92 2.08 2.88
C LYS Q 249 -67.70 1.37 3.99
N LEU Q 250 -67.01 0.94 5.05
CA LEU Q 250 -67.60 0.26 6.22
C LEU Q 250 -68.22 1.23 7.24
N LEU Q 251 -67.71 2.47 7.29
CA LEU Q 251 -68.14 3.50 8.24
C LEU Q 251 -69.57 4.01 8.05
N THR Q 252 -70.51 3.44 8.82
CA THR Q 252 -71.92 3.84 8.86
C THR Q 252 -72.31 4.01 10.33
N LYS Q 253 -73.46 4.68 10.60
CA LYS Q 253 -73.97 4.89 11.97
C LYS Q 253 -74.22 3.55 12.65
N GLU Q 254 -74.75 2.57 11.88
CA GLU Q 254 -75.09 1.23 12.32
C GLU Q 254 -73.85 0.39 12.61
N GLN Q 255 -72.82 0.47 11.73
CA GLN Q 255 -71.57 -0.28 11.87
C GLN Q 255 -70.77 0.23 13.06
N LEU Q 256 -70.80 1.56 13.30
CA LEU Q 256 -70.12 2.17 14.45
C LEU Q 256 -70.74 1.66 15.75
N LYS Q 257 -72.08 1.51 15.78
CA LYS Q 257 -72.83 0.99 16.91
C LYS Q 257 -72.42 -0.47 17.17
N ILE Q 258 -72.24 -1.27 16.09
CA ILE Q 258 -71.83 -2.68 16.16
C ILE Q 258 -70.45 -2.77 16.80
N TRP Q 259 -69.47 -2.03 16.26
CA TRP Q 259 -68.10 -1.99 16.73
C TRP Q 259 -67.98 -1.59 18.19
N MET Q 260 -68.74 -0.56 18.60
CA MET Q 260 -68.70 -0.07 19.97
C MET Q 260 -69.24 -1.03 21.02
N GLY Q 261 -70.20 -1.88 20.62
CA GLY Q 261 -70.76 -2.92 21.48
C GLY Q 261 -69.82 -4.09 21.63
N LYS Q 262 -68.92 -4.28 20.64
CA LYS Q 262 -67.93 -5.35 20.61
C LYS Q 262 -66.64 -4.99 21.36
N MET Q 263 -66.46 -3.70 21.70
CA MET Q 263 -65.27 -3.20 22.41
C MET Q 263 -65.21 -3.74 23.82
N GLN Q 264 -63.97 -4.00 24.29
CA GLN Q 264 -63.67 -4.50 25.63
C GLN Q 264 -62.49 -3.73 26.19
N LYS Q 265 -62.47 -3.51 27.51
CA LYS Q 265 -61.37 -2.82 28.18
C LYS Q 265 -60.14 -3.70 28.20
N LYS Q 266 -59.09 -3.25 27.49
CA LYS Q 266 -57.83 -3.98 27.34
C LYS Q 266 -56.68 -3.03 27.57
N ALA Q 267 -55.49 -3.59 27.81
CA ALA Q 267 -54.27 -2.79 27.94
C ALA Q 267 -53.92 -2.43 26.51
N VAL Q 268 -53.82 -1.12 26.22
CA VAL Q 268 -53.52 -0.61 24.89
C VAL Q 268 -52.35 0.38 24.98
N ALA Q 269 -51.35 0.22 24.10
CA ALA Q 269 -50.22 1.13 23.99
C ALA Q 269 -50.54 2.06 22.81
N ILE Q 270 -50.94 3.27 23.14
CA ILE Q 270 -51.35 4.30 22.18
C ILE Q 270 -50.18 5.20 21.84
N SER Q 271 -50.04 5.53 20.56
CA SER Q 271 -49.08 6.49 20.04
C SER Q 271 -49.85 7.34 19.04
N LEU Q 272 -49.96 8.64 19.33
CA LEU Q 272 -50.71 9.59 18.51
C LEU Q 272 -49.88 10.77 18.11
N PRO Q 273 -50.09 11.33 16.90
CA PRO Q 273 -49.39 12.58 16.55
C PRO Q 273 -49.84 13.70 17.51
N LYS Q 274 -48.87 14.51 17.93
CA LYS Q 274 -49.07 15.63 18.85
C LYS Q 274 -48.94 16.95 18.09
N GLY Q 275 -49.90 17.83 18.32
CA GLY Q 275 -49.93 19.14 17.70
C GLY Q 275 -51.31 19.57 17.26
N VAL Q 276 -51.39 20.79 16.70
CA VAL Q 276 -52.62 21.35 16.19
C VAL Q 276 -52.78 20.95 14.73
N VAL Q 277 -53.98 20.46 14.38
CA VAL Q 277 -54.32 20.14 12.99
C VAL Q 277 -55.30 21.23 12.55
N GLU Q 278 -54.93 21.99 11.52
CA GLU Q 278 -55.74 23.09 10.98
C GLU Q 278 -56.40 22.65 9.68
N VAL Q 279 -57.73 22.64 9.65
CA VAL Q 279 -58.47 22.24 8.43
C VAL Q 279 -59.53 23.27 8.08
N THR Q 280 -59.56 23.70 6.83
CA THR Q 280 -60.58 24.60 6.31
C THR Q 280 -61.28 23.94 5.15
N HIS Q 281 -62.59 23.78 5.28
CA HIS Q 281 -63.42 23.18 4.23
C HIS Q 281 -64.37 24.22 3.74
N ASP Q 282 -64.64 24.19 2.43
CA ASP Q 282 -65.71 25.02 1.86
C ASP Q 282 -66.77 23.96 1.57
N LEU Q 283 -67.81 23.92 2.41
CA LEU Q 283 -68.86 22.93 2.33
C LEU Q 283 -69.86 23.17 1.22
N GLN Q 284 -69.73 24.32 0.53
CA GLN Q 284 -70.60 24.76 -0.56
C GLN Q 284 -70.97 23.69 -1.62
N LYS Q 285 -69.95 23.10 -2.29
CA LYS Q 285 -70.24 22.09 -3.33
C LYS Q 285 -70.76 20.78 -2.77
N HIS Q 286 -70.34 20.45 -1.54
CA HIS Q 286 -70.72 19.23 -0.84
C HIS Q 286 -72.14 19.25 -0.36
N LEU Q 287 -72.58 20.40 0.18
CA LEU Q 287 -73.96 20.58 0.63
C LEU Q 287 -74.89 20.61 -0.59
N ALA Q 288 -74.39 21.14 -1.73
CA ALA Q 288 -75.14 21.18 -2.99
C ALA Q 288 -75.38 19.77 -3.48
N GLY Q 289 -74.36 18.92 -3.40
CA GLY Q 289 -74.43 17.52 -3.78
C GLY Q 289 -75.38 16.70 -2.93
N LEU Q 290 -75.60 17.16 -1.68
CA LEU Q 290 -76.50 16.53 -0.70
C LEU Q 290 -77.95 17.04 -0.86
N GLY Q 291 -78.15 18.04 -1.71
CA GLY Q 291 -79.48 18.60 -1.99
C GLY Q 291 -79.67 20.11 -1.89
N LEU Q 292 -78.63 20.86 -1.50
CA LEU Q 292 -78.72 22.32 -1.37
C LEU Q 292 -78.22 23.02 -2.66
N THR Q 293 -78.94 22.80 -3.77
CA THR Q 293 -78.60 23.33 -5.10
C THR Q 293 -79.07 24.77 -5.37
N GLU Q 294 -80.31 25.11 -4.93
CA GLU Q 294 -80.93 26.43 -5.13
C GLU Q 294 -80.13 27.54 -4.44
N ALA Q 295 -79.78 27.31 -3.15
CA ALA Q 295 -79.06 28.25 -2.28
C ALA Q 295 -77.73 28.76 -2.84
N ILE Q 296 -76.98 27.88 -3.51
CA ILE Q 296 -75.64 28.15 -4.07
C ILE Q 296 -75.58 28.72 -5.53
N ASP Q 297 -76.74 28.85 -6.24
CA ASP Q 297 -76.83 29.38 -7.60
C ASP Q 297 -77.41 30.78 -7.60
N LYS Q 298 -76.64 31.77 -8.09
CA LYS Q 298 -77.03 33.19 -8.13
C LYS Q 298 -78.40 33.51 -8.74
N ASN Q 299 -78.80 32.76 -9.79
CA ASN Q 299 -80.09 32.96 -10.48
C ASN Q 299 -81.28 32.36 -9.75
N LYS Q 300 -81.10 31.18 -9.13
CA LYS Q 300 -82.16 30.43 -8.42
C LYS Q 300 -82.33 30.80 -6.93
N ALA Q 301 -81.24 31.29 -6.29
CA ALA Q 301 -81.23 31.63 -4.88
C ALA Q 301 -82.26 32.65 -4.44
N ASP Q 302 -82.92 32.36 -3.33
CA ASP Q 302 -83.92 33.22 -2.72
C ASP Q 302 -83.51 33.45 -1.26
N LEU Q 303 -82.72 34.51 -1.04
CA LEU Q 303 -82.26 34.90 0.30
C LEU Q 303 -82.79 36.32 0.59
N SER Q 304 -84.07 36.50 0.26
CA SER Q 304 -84.83 37.75 0.41
C SER Q 304 -85.11 38.10 1.86
N ARG Q 305 -85.25 37.08 2.74
CA ARG Q 305 -85.51 37.30 4.16
C ARG Q 305 -84.24 37.76 4.88
N MET Q 306 -83.09 37.44 4.29
CA MET Q 306 -81.74 37.75 4.78
C MET Q 306 -81.36 39.23 4.55
N SER Q 307 -81.76 39.83 3.40
CA SER Q 307 -81.43 41.21 3.06
C SER Q 307 -82.58 41.98 2.40
N GLY Q 308 -83.09 41.43 1.31
CA GLY Q 308 -84.14 42.04 0.49
C GLY Q 308 -83.78 42.05 -0.97
N LYS Q 309 -82.65 41.40 -1.33
CA LYS Q 309 -82.18 41.27 -2.71
C LYS Q 309 -82.07 39.81 -3.16
N LYS Q 310 -82.73 39.48 -4.30
CA LYS Q 310 -82.79 38.14 -4.91
C LYS Q 310 -81.43 37.68 -5.47
N ASP Q 311 -80.64 38.64 -6.01
CA ASP Q 311 -79.28 38.42 -6.56
C ASP Q 311 -78.29 37.79 -5.51
N LEU Q 312 -78.59 37.94 -4.19
CA LEU Q 312 -77.81 37.40 -3.07
C LEU Q 312 -77.92 35.89 -3.01
N TYR Q 313 -76.75 35.21 -3.01
CA TYR Q 313 -76.65 33.75 -2.98
C TYR Q 313 -75.57 33.31 -2.01
N LEU Q 314 -75.55 32.02 -1.65
CA LEU Q 314 -74.57 31.47 -0.75
C LEU Q 314 -73.33 31.04 -1.56
N ALA Q 315 -72.29 31.87 -1.51
CA ALA Q 315 -71.03 31.68 -2.23
C ALA Q 315 -70.14 30.60 -1.62
N SER Q 316 -70.01 30.61 -0.27
CA SER Q 316 -69.21 29.66 0.48
C SER Q 316 -69.75 29.40 1.87
N VAL Q 317 -69.39 28.23 2.41
CA VAL Q 317 -69.70 27.78 3.76
C VAL Q 317 -68.37 27.27 4.29
N PHE Q 318 -67.58 28.17 4.88
CA PHE Q 318 -66.30 27.82 5.45
C PHE Q 318 -66.43 27.21 6.83
N HIS Q 319 -65.93 25.99 6.96
CA HIS Q 319 -65.91 25.22 8.18
C HIS Q 319 -64.42 25.08 8.50
N ALA Q 320 -63.90 26.02 9.30
CA ALA Q 320 -62.49 26.08 9.67
C ALA Q 320 -62.32 25.65 11.11
N THR Q 321 -61.49 24.62 11.32
CA THR Q 321 -61.26 24.02 12.64
C THR Q 321 -59.77 23.88 12.94
N ALA Q 322 -59.41 24.10 14.21
CA ALA Q 322 -58.07 23.89 14.76
C ALA Q 322 -58.30 22.87 15.86
N PHE Q 323 -57.87 21.64 15.59
CA PHE Q 323 -58.02 20.55 16.53
C PHE Q 323 -56.65 20.22 17.13
N GLU Q 324 -56.50 20.46 18.45
CA GLU Q 324 -55.23 20.21 19.12
C GLU Q 324 -55.12 18.87 19.86
N TRP Q 325 -54.08 18.11 19.51
CA TRP Q 325 -53.72 16.84 20.14
C TRP Q 325 -52.57 17.17 21.09
N ASP Q 326 -52.84 17.06 22.40
CA ASP Q 326 -51.87 17.34 23.44
C ASP Q 326 -51.93 16.29 24.54
N THR Q 327 -50.91 16.26 25.42
CA THR Q 327 -50.75 15.30 26.53
C THR Q 327 -51.69 15.57 27.71
N GLU Q 328 -52.11 16.83 27.89
CA GLU Q 328 -52.94 17.30 28.99
C GLU Q 328 -54.27 16.60 29.19
N GLY Q 329 -54.55 16.29 30.44
CA GLY Q 329 -55.76 15.61 30.89
C GLY Q 329 -55.80 15.52 32.40
N ASN Q 330 -56.73 14.75 32.95
CA ASN Q 330 -56.82 14.57 34.40
C ASN Q 330 -55.72 13.65 34.91
N PRO Q 331 -55.21 13.87 36.15
CA PRO Q 331 -54.17 12.97 36.67
C PRO Q 331 -54.69 11.56 36.95
N PHE Q 332 -53.80 10.57 36.71
CA PHE Q 332 -54.03 9.15 36.93
C PHE Q 332 -52.96 8.54 37.84
N ASP Q 333 -53.38 7.81 38.90
CA ASP Q 333 -52.51 7.05 39.81
C ASP Q 333 -52.29 5.67 39.14
N GLN Q 334 -51.04 5.37 38.70
CA GLN Q 334 -50.65 4.13 37.97
C GLN Q 334 -51.38 2.78 38.25
N ASP Q 335 -51.72 2.48 39.55
CA ASP Q 335 -52.46 1.26 39.95
C ASP Q 335 -53.92 1.33 39.49
N SER Q 344 -53.14 -9.88 26.92
CA SER Q 344 -53.53 -8.56 27.40
C SER Q 344 -53.12 -7.26 26.56
N PRO Q 345 -51.84 -7.10 26.06
CA PRO Q 345 -51.44 -5.82 25.43
C PRO Q 345 -51.72 -5.58 23.94
N LYS Q 346 -52.07 -4.34 23.55
CA LYS Q 346 -52.35 -4.10 22.13
C LYS Q 346 -51.66 -2.84 21.67
N LEU Q 347 -51.25 -2.78 20.41
CA LEU Q 347 -50.68 -1.54 19.90
C LEU Q 347 -51.72 -0.75 19.15
N PHE Q 348 -51.79 0.55 19.40
CA PHE Q 348 -52.59 1.46 18.61
C PHE Q 348 -51.59 2.56 18.18
N TYR Q 349 -50.79 2.21 17.17
CA TYR Q 349 -49.70 3.07 16.67
C TYR Q 349 -50.16 3.89 15.48
N ALA Q 350 -50.67 5.09 15.75
CA ALA Q 350 -51.24 5.96 14.71
C ALA Q 350 -50.19 6.74 13.90
N ASP Q 351 -49.40 6.01 13.08
CA ASP Q 351 -48.36 6.59 12.21
C ASP Q 351 -48.76 6.57 10.71
N HIS Q 352 -50.02 6.28 10.45
CA HIS Q 352 -50.63 6.22 9.13
C HIS Q 352 -52.09 6.78 9.23
N PRO Q 353 -52.73 7.22 8.09
CA PRO Q 353 -54.09 7.78 8.17
C PRO Q 353 -55.13 7.03 8.99
N PHE Q 354 -55.90 7.79 9.80
CA PHE Q 354 -56.93 7.27 10.68
C PHE Q 354 -58.19 8.14 10.72
N ILE Q 355 -59.32 7.56 11.13
CA ILE Q 355 -60.59 8.27 11.26
C ILE Q 355 -60.85 8.46 12.77
N PHE Q 356 -61.43 9.58 13.16
CA PHE Q 356 -61.76 9.82 14.56
C PHE Q 356 -63.13 10.50 14.71
N LEU Q 357 -63.76 10.30 15.87
CA LEU Q 357 -65.07 10.86 16.22
C LEU Q 357 -65.02 11.28 17.67
N VAL Q 358 -65.72 12.37 18.01
CA VAL Q 358 -65.88 12.85 19.39
C VAL Q 358 -67.37 12.73 19.65
N ARG Q 359 -67.71 11.92 20.63
CA ARG Q 359 -69.09 11.58 20.95
C ARG Q 359 -69.41 11.92 22.39
N ASP Q 360 -70.57 12.57 22.63
CA ASP Q 360 -71.05 12.87 23.97
C ASP Q 360 -71.57 11.55 24.56
N THR Q 361 -70.96 11.07 25.66
CA THR Q 361 -71.32 9.79 26.30
C THR Q 361 -72.81 9.70 26.71
N GLN Q 362 -73.38 10.82 27.22
CA GLN Q 362 -74.77 10.88 27.66
C GLN Q 362 -75.79 10.86 26.48
N SER Q 363 -75.79 11.92 25.65
CA SER Q 363 -76.70 12.07 24.52
C SER Q 363 -76.40 11.17 23.33
N GLY Q 364 -75.12 10.88 23.09
CA GLY Q 364 -74.66 10.10 21.94
C GLY Q 364 -74.40 11.00 20.74
N SER Q 365 -74.64 12.32 20.93
CA SER Q 365 -74.46 13.34 19.91
C SER Q 365 -73.00 13.39 19.44
N LEU Q 366 -72.82 13.46 18.11
CA LEU Q 366 -71.52 13.57 17.48
C LEU Q 366 -71.06 15.02 17.54
N LEU Q 367 -69.96 15.26 18.26
CA LEU Q 367 -69.36 16.58 18.40
C LEU Q 367 -68.46 16.80 17.22
N PHE Q 368 -67.73 15.74 16.82
CA PHE Q 368 -66.78 15.76 15.71
C PHE Q 368 -66.70 14.47 14.96
N ILE Q 369 -66.38 14.58 13.68
CA ILE Q 369 -66.08 13.50 12.76
C ILE Q 369 -64.97 14.02 11.86
N GLY Q 370 -63.93 13.22 11.69
CA GLY Q 370 -62.81 13.63 10.85
C GLY Q 370 -61.84 12.53 10.53
N ARG Q 371 -60.76 12.91 9.88
CA ARG Q 371 -59.68 12.01 9.51
C ARG Q 371 -58.38 12.74 9.42
N LEU Q 372 -57.33 12.12 9.94
CA LEU Q 372 -56.00 12.68 9.84
C LEU Q 372 -55.25 11.85 8.80
N VAL Q 373 -54.96 12.51 7.67
CA VAL Q 373 -54.31 11.94 6.50
C VAL Q 373 -52.92 12.55 6.32
N ARG Q 374 -52.81 13.87 6.43
CA ARG Q 374 -51.56 14.60 6.24
C ARG Q 374 -51.33 15.60 7.36
N PRO Q 375 -50.54 15.21 8.39
CA PRO Q 375 -50.21 16.16 9.46
C PRO Q 375 -49.19 17.18 8.99
N LYS Q 376 -49.07 18.30 9.73
CA LYS Q 376 -48.09 19.34 9.37
C LYS Q 376 -46.64 18.89 9.71
N GLY Q 377 -45.75 19.14 8.77
CA GLY Q 377 -44.34 18.79 8.89
C GLY Q 377 -43.53 19.13 7.65
C ACE R 1 -36.10 9.80 48.32
O ACE R 1 -36.67 10.67 47.65
CH3 ACE R 1 -36.32 9.76 49.83
N PRO R 2 -35.29 8.88 47.79
CA PRO R 2 -34.98 8.84 46.35
C PRO R 2 -36.20 8.54 45.46
N PRO R 3 -36.21 9.08 44.22
CA PRO R 3 -37.33 8.77 43.30
C PRO R 3 -37.36 7.29 42.92
N GLY R 4 -38.51 6.84 42.44
CA GLY R 4 -38.71 5.47 41.99
C GLY R 4 -37.86 5.09 40.79
N PRO R 5 -37.72 3.78 40.47
CA PRO R 5 -36.90 3.40 39.32
C PRO R 5 -37.51 3.84 38.00
N PRO R 6 -36.73 3.94 36.89
CA PRO R 6 -37.36 4.21 35.57
C PRO R 6 -38.33 3.08 35.26
N GLY R 7 -39.40 3.39 34.54
CA GLY R 7 -40.42 2.41 34.22
C GLY R 7 -39.96 1.26 33.35
N PRO R 8 -40.86 0.29 33.11
CA PRO R 8 -40.54 -0.83 32.23
C PRO R 8 -40.24 -0.34 30.80
N THR R 9 -39.46 -1.12 30.03
CA THR R 9 -39.18 -0.79 28.64
C THR R 9 -40.52 -0.76 27.91
N GLY R 10 -40.69 0.18 26.98
CA GLY R 10 -41.91 0.27 26.19
C GLY R 10 -42.11 -0.96 25.32
N PRO R 11 -43.31 -1.18 24.77
CA PRO R 11 -43.52 -2.37 23.92
C PRO R 11 -42.74 -2.28 22.61
N ARG R 12 -42.52 -3.43 21.94
CA ARG R 12 -41.83 -3.43 20.63
C ARG R 12 -42.74 -2.73 19.60
N GLY R 13 -42.14 -1.99 18.69
CA GLY R 13 -42.88 -1.29 17.64
C GLY R 13 -43.70 -2.19 16.73
N PRO R 14 -44.62 -1.63 15.93
CA PRO R 14 -45.38 -2.46 14.97
C PRO R 14 -44.51 -2.97 13.82
N PRO R 15 -44.92 -4.03 13.06
CA PRO R 15 -44.09 -4.49 11.94
C PRO R 15 -44.05 -3.47 10.80
N GLY R 16 -42.98 -3.51 10.02
CA GLY R 16 -42.80 -2.65 8.86
C GLY R 16 -43.72 -3.07 7.72
N PRO R 17 -43.92 -2.20 6.71
CA PRO R 17 -44.78 -2.60 5.57
C PRO R 17 -44.13 -3.65 4.65
N PRO R 18 -44.93 -4.38 3.82
CA PRO R 18 -44.32 -5.37 2.90
C PRO R 18 -43.48 -4.71 1.81
C ACE S 1 -41.49 9.56 45.87
O ACE S 1 -42.53 8.95 45.56
CH3 ACE S 1 -40.78 9.28 47.24
N PRO S 2 -40.92 10.48 45.07
CA PRO S 2 -41.51 10.81 43.76
C PRO S 2 -41.48 9.64 42.76
N PRO S 3 -42.42 9.60 41.78
CA PRO S 3 -42.41 8.50 40.81
C PRO S 3 -41.17 8.55 39.93
N GLY S 4 -40.78 7.40 39.42
CA GLY S 4 -39.62 7.31 38.55
C GLY S 4 -39.89 7.89 37.17
N PRO S 5 -38.83 8.09 36.37
CA PRO S 5 -39.02 8.59 35.01
C PRO S 5 -39.73 7.56 34.12
N PRO S 6 -40.31 7.96 32.96
CA PRO S 6 -40.89 6.93 32.06
C PRO S 6 -39.80 5.91 31.69
N GLY S 7 -40.21 4.69 31.38
CA GLY S 7 -39.26 3.66 30.96
C GLY S 7 -38.64 3.96 29.61
N PRO S 8 -37.60 3.19 29.21
CA PRO S 8 -36.99 3.44 27.88
C PRO S 8 -37.97 3.09 26.76
N THR S 9 -37.75 3.72 25.58
CA THR S 9 -38.54 3.42 24.38
C THR S 9 -38.28 1.95 24.05
N GLY S 10 -39.33 1.27 23.60
CA GLY S 10 -39.24 -0.11 23.19
C GLY S 10 -38.37 -0.34 21.97
N PRO S 11 -38.01 -1.62 21.70
CA PRO S 11 -37.24 -1.93 20.49
C PRO S 11 -38.04 -1.73 19.21
N ARG S 12 -37.32 -1.59 18.07
CA ARG S 12 -37.96 -1.39 16.76
C ARG S 12 -38.74 -2.64 16.37
N GLY S 13 -39.86 -2.46 15.68
CA GLY S 13 -40.67 -3.57 15.19
C GLY S 13 -39.94 -4.45 14.17
N PRO S 14 -40.45 -5.66 13.90
CA PRO S 14 -39.74 -6.52 12.92
C PRO S 14 -39.90 -6.00 11.49
N PRO S 15 -39.06 -6.45 10.52
CA PRO S 15 -39.25 -6.02 9.13
C PRO S 15 -40.57 -6.53 8.55
N GLY S 16 -41.05 -5.87 7.51
CA GLY S 16 -42.26 -6.28 6.81
C GLY S 16 -42.09 -7.57 6.03
N PRO S 17 -43.20 -8.24 5.63
CA PRO S 17 -43.04 -9.48 4.85
C PRO S 17 -42.56 -9.24 3.42
N PRO S 18 -41.95 -10.25 2.74
CA PRO S 18 -41.52 -10.00 1.33
C PRO S 18 -42.70 -10.10 0.35
C ACE T 1 -41.39 4.78 44.28
O ACE T 1 -40.73 3.76 44.03
CH3 ACE T 1 -40.82 5.88 45.25
N PRO T 2 -42.59 5.03 43.73
CA PRO T 2 -43.18 4.06 42.78
C PRO T 2 -42.41 4.02 41.45
N PRO T 3 -42.40 2.88 40.72
CA PRO T 3 -41.71 2.88 39.40
C PRO T 3 -42.43 3.78 38.41
N GLY T 4 -41.68 4.27 37.41
CA GLY T 4 -42.23 5.12 36.37
C GLY T 4 -43.16 4.38 35.44
N PRO T 5 -43.90 5.10 34.57
CA PRO T 5 -44.78 4.43 33.59
C PRO T 5 -43.99 3.61 32.55
N PRO T 6 -44.60 2.63 31.84
CA PRO T 6 -43.87 1.94 30.77
C PRO T 6 -43.47 2.94 29.71
N GLY T 7 -42.38 2.68 29.02
CA GLY T 7 -41.86 3.59 28.03
C GLY T 7 -42.69 3.67 26.77
N PRO T 8 -42.32 4.59 25.86
CA PRO T 8 -43.05 4.70 24.59
C PRO T 8 -42.86 3.45 23.73
N THR T 9 -43.86 3.18 22.86
CA THR T 9 -43.79 2.08 21.91
C THR T 9 -42.55 2.33 21.01
N GLY T 10 -41.82 1.27 20.65
CA GLY T 10 -40.68 1.39 19.75
C GLY T 10 -41.12 1.83 18.34
N PRO T 11 -40.20 2.29 17.48
CA PRO T 11 -40.61 2.70 16.13
C PRO T 11 -41.03 1.53 15.24
N ARG T 12 -41.76 1.82 14.17
CA ARG T 12 -42.20 0.82 13.19
C ARG T 12 -40.98 0.10 12.57
N GLY T 13 -41.13 -1.17 12.25
CA GLY T 13 -40.07 -1.95 11.64
C GLY T 13 -39.73 -1.49 10.24
N PRO T 14 -38.59 -1.94 9.67
CA PRO T 14 -38.25 -1.54 8.30
C PRO T 14 -39.12 -2.26 7.26
N PRO T 15 -39.24 -1.75 6.02
CA PRO T 15 -40.04 -2.48 5.02
C PRO T 15 -39.35 -3.78 4.60
N GLY T 16 -40.13 -4.71 4.08
CA GLY T 16 -39.58 -5.96 3.57
C GLY T 16 -38.86 -5.76 2.24
N PRO T 17 -38.20 -6.79 1.72
CA PRO T 17 -37.54 -6.65 0.39
C PRO T 17 -38.52 -6.57 -0.79
C1 SIN U . 57.61 28.90 -20.28
O1 SIN U . 56.99 27.77 -20.07
O2 SIN U . 57.97 29.27 -21.40
C2 SIN U . 57.86 29.71 -19.04
C3 SIN U . 57.31 31.12 -19.14
C4 SIN U . 58.10 32.15 -18.39
O3 SIN U . 59.31 32.35 -18.53
O4 SIN U . 57.34 32.85 -17.58
C1 SIN V . -26.80 47.84 -19.19
O1 SIN V . -26.97 47.13 -20.30
O2 SIN V . -25.97 47.56 -18.35
C2 SIN V . -27.73 49.01 -19.05
C3 SIN V . -27.18 50.17 -18.21
C4 SIN V . -25.87 50.72 -18.70
O3 SIN V . -25.77 51.42 -19.69
O4 SIN V . -24.84 50.38 -17.96
C1 SIN W . 46.49 -50.27 24.42
O1 SIN W . 46.16 -51.14 23.50
O2 SIN W . 47.27 -50.52 25.34
C2 SIN W . 45.81 -48.95 24.20
C3 SIN W . 46.36 -47.81 25.05
C4 SIN W . 45.26 -46.93 25.59
O3 SIN W . 45.00 -45.83 25.13
O4 SIN W . 44.62 -47.48 26.61
C1 SIN X . -38.55 -32.06 24.55
O1 SIN X . -39.42 -32.52 23.67
O2 SIN X . -37.69 -32.76 25.07
C2 SIN X . -38.71 -30.59 24.83
C3 SIN X . -39.96 -30.25 25.63
C4 SIN X . -40.21 -28.78 25.81
O3 SIN X . -39.80 -27.92 25.03
O4 SIN X . -40.94 -28.49 26.86
H21 SIN X . -38.71 -30.04 23.89
H22 SIN X . -37.82 -30.22 25.34
H31 SIN X . -39.90 -30.72 26.62
H32 SIN X . -40.83 -30.71 25.16
C1 SIN Y . -57.01 19.85 4.36
O1 SIN Y . -56.05 18.98 4.50
O2 SIN Y . -57.09 20.87 5.03
C2 SIN Y . -58.00 19.50 3.27
C3 SIN Y . -59.13 20.52 3.13
C4 SIN Y . -59.83 20.50 1.81
O3 SIN Y . -59.28 20.23 0.75
O4 SIN Y . -61.12 20.82 1.89
H21 SIN Y . -58.40 18.51 3.45
H22 SIN Y . -57.45 19.39 2.33
H31 SIN Y . -58.76 21.53 3.29
H32 SIN Y . -59.85 20.38 3.94
#